data_3DBR
#
_entry.id   3DBR
#
_cell.length_a   134.322
_cell.length_b   198.531
_cell.length_c   208.795
_cell.angle_alpha   90.00
_cell.angle_beta   90.00
_cell.angle_gamma   90.00
#
_symmetry.space_group_name_H-M   'P 21 21 21'
#
loop_
_entity.id
_entity.type
_entity.pdbx_description
1 polymer 'NEDD8-activating enzyme E1 regulatory subunit'
2 polymer 'NEDD8-activating enzyme E1 catalytic subunit'
3 polymer NEDD8
4 non-polymer 'ZINC ION'
#
loop_
_entity_poly.entity_id
_entity_poly.type
_entity_poly.pdbx_seq_one_letter_code
_entity_poly.pdbx_strand_id
1 'polypeptide(L)'
;GSMAQLGKLLKEQKYDRQLRLWGDHGQEALESAHVCLINATATGTEILKNLVLPGIGSFTIIDGNQVSGEDAGNNFFLQR
SSIGKNRAEAAMEFLQELNSDVSGSFVEESPENLLDNDPSFFCRFTVVVATQLPESTSLRLADVLWNSQIPLLICRTYGL
VGYMRIIIKEHPVIESHPDNALEDLRLDKPFPELREHFQSYDLDHMEKKDHSHTPWIVIIAKYLAQWYSETNGRIPKTYK
EKEDFRDLIRQGILKPEDEENFEEAIKNVNTALNTTQIPSSIEDIFNDDRCINITKQTPSFWILARALKEFVAKEGQGNL
PVRGTIPDMIADSGKYIKLQNVYREKAKKDAAAVGNHVAKLLQSIGQAPESISEKELKLLCSNSAFLRVVRCRSLAEEYG
LDTINKDEIISSMDNPDNEIVLYLMLRAVDRFHKQQGRYPGVSNYQVEEDIGKLKSCLTGFLQEYGLSVMVKDDYVHEFC
RYGAAEPHTIAAFLGGAAAQEVIKIITKQFVIFNNTYIYSGMSQTSATFQL
;
A,C,E,G
2 'polypeptide(L)'
;MKLDWEGRWNHVKKFLERSGPFTHPDFEPSTESLQFLLDTCKVLVIGAGGLGCELLKNLALSGFRQIHVIDMDTIDVSNL
NRQFLFRPKDIGRPKAEVAAEFLNDRVPNCNVVPHFNKIQDFNDTFYRQFHIIVCGLDSIIARRWINGMLISLLNYEDGV
LDPSSIVPLIDGGTEGFKGNAQVILPGMTACIECTLELYPPQVNFPMATIASMPRLPEHCIEYVRMLQWPKEQPFGEGVP
LDGDDPEHIQWIFQKSLERASQYNIRGVTYRLTQGVVKRIIPAVASTNAVIAAVCATEVFKIATSAYIPLNNYLVFNDVD
GLYTYTFEAERKENCPACSQLPQNIQFSPSAKLQEVLDYLTNSASLQMKSPAITATLEGKNRTLYLQSVTSIEERTRPNL
SKTLKELGLVDGQELAVADVTTPQTVLFKLHFTS
;
B,D,F,H
3 'polypeptide(L)'
;GSRRASVGSGGSMLIKVKTLTGKEIEIDIEPTDKVERIKERVEEKEGIPPQQQRLIYSGKQMNDEKTAADYKILGGSVLH
LVLRLRGG
;
I,J,K,L
#
loop_
_chem_comp.id
_chem_comp.type
_chem_comp.name
_chem_comp.formula
ZN non-polymer 'ZINC ION' 'Zn 2'
#
# COMPACT_ATOMS: atom_id res chain seq x y z
N LYS A 8 17.10 -1.76 -6.29
CA LYS A 8 17.43 -1.23 -7.66
C LYS A 8 17.27 0.29 -7.67
N LEU A 9 16.02 0.75 -7.83
CA LEU A 9 15.70 2.18 -7.83
C LEU A 9 15.73 2.56 -6.35
N LEU A 10 15.92 1.53 -5.52
CA LEU A 10 16.00 1.68 -4.07
C LEU A 10 17.44 2.06 -3.69
N LYS A 11 18.39 1.60 -4.49
CA LYS A 11 19.79 1.92 -4.26
C LYS A 11 20.08 3.38 -4.63
N GLU A 12 19.59 3.81 -5.79
CA GLU A 12 19.80 5.19 -6.22
C GLU A 12 19.29 6.17 -5.17
N GLN A 13 18.28 5.74 -4.42
CA GLN A 13 17.66 6.56 -3.37
C GLN A 13 18.60 6.99 -2.25
N LYS A 14 19.49 6.09 -1.83
CA LYS A 14 20.40 6.39 -0.74
C LYS A 14 21.76 6.97 -1.13
N TYR A 15 21.99 7.18 -2.42
CA TYR A 15 23.25 7.77 -2.85
C TYR A 15 23.00 9.12 -3.55
N ASP A 16 21.76 9.59 -3.46
CA ASP A 16 21.37 10.84 -4.09
C ASP A 16 22.26 12.03 -3.75
N ARG A 17 22.85 12.04 -2.56
CA ARG A 17 23.70 13.16 -2.18
C ARG A 17 25.10 13.12 -2.79
N GLN A 18 25.61 11.92 -3.04
CA GLN A 18 26.93 11.78 -3.62
C GLN A 18 26.86 11.65 -5.12
N LEU A 19 25.67 11.31 -5.62
CA LEU A 19 25.47 11.18 -7.06
C LEU A 19 25.46 12.57 -7.66
N ARG A 20 25.11 13.52 -6.82
CA ARG A 20 25.05 14.92 -7.20
C ARG A 20 26.47 15.47 -7.31
N LEU A 21 27.46 14.68 -6.94
CA LEU A 21 28.85 15.12 -7.03
C LEU A 21 29.62 14.42 -8.16
N TRP A 22 29.70 13.09 -8.14
CA TRP A 22 30.42 12.37 -9.17
C TRP A 22 29.54 11.68 -10.22
N GLY A 23 28.22 11.73 -10.00
CA GLY A 23 27.28 11.15 -10.94
C GLY A 23 27.17 9.64 -11.02
N ASP A 24 26.28 9.19 -11.89
CA ASP A 24 26.04 7.78 -12.09
C ASP A 24 27.28 7.05 -12.58
N HIS A 25 27.99 7.63 -13.53
CA HIS A 25 29.20 7.00 -14.06
C HIS A 25 30.27 6.89 -12.98
N GLY A 26 30.40 7.92 -12.16
CA GLY A 26 31.38 7.85 -11.09
C GLY A 26 30.93 6.76 -10.14
N GLN A 27 29.69 6.87 -9.68
CA GLN A 27 29.09 5.92 -8.77
C GLN A 27 29.31 4.49 -9.28
N GLU A 28 29.12 4.33 -10.58
CA GLU A 28 29.28 3.04 -11.25
C GLU A 28 30.73 2.55 -11.26
N ALA A 29 31.67 3.48 -11.38
CA ALA A 29 33.09 3.12 -11.38
C ALA A 29 33.44 2.55 -10.01
N LEU A 30 32.90 3.22 -8.99
CA LEU A 30 33.13 2.82 -7.63
C LEU A 30 32.50 1.48 -7.30
N GLU A 31 31.23 1.31 -7.64
CA GLU A 31 30.54 0.05 -7.34
C GLU A 31 31.16 -1.11 -8.08
N SER A 32 32.17 -0.83 -8.89
CA SER A 32 32.87 -1.87 -9.62
C SER A 32 34.36 -1.67 -9.42
N ALA A 33 34.78 -1.75 -8.16
CA ALA A 33 36.17 -1.57 -7.80
C ALA A 33 36.45 -2.39 -6.56
N HIS A 34 37.71 -2.81 -6.41
CA HIS A 34 38.11 -3.61 -5.27
C HIS A 34 39.24 -2.92 -4.55
N VAL A 35 38.97 -2.58 -3.29
CA VAL A 35 39.93 -1.89 -2.46
C VAL A 35 40.64 -2.83 -1.49
N CYS A 36 41.91 -2.54 -1.22
CA CYS A 36 42.73 -3.34 -0.32
C CYS A 36 43.38 -2.50 0.78
N LEU A 37 42.97 -2.75 2.01
CA LEU A 37 43.47 -2.04 3.19
C LEU A 37 44.54 -2.89 3.79
N ILE A 38 45.76 -2.39 3.97
CA ILE A 38 46.65 -3.34 4.53
C ILE A 38 46.61 -3.43 6.06
N ASN A 39 46.56 -2.35 6.83
CA ASN A 39 46.39 -2.61 8.29
C ASN A 39 45.04 -2.13 8.83
N ALA A 40 44.39 -2.91 9.69
CA ALA A 40 43.10 -2.48 10.23
C ALA A 40 43.15 -1.82 11.61
N THR A 41 43.89 -0.72 11.70
CA THR A 41 44.00 0.04 12.94
C THR A 41 42.81 0.99 12.99
N ALA A 42 42.98 2.15 13.61
CA ALA A 42 41.90 3.13 13.67
C ALA A 42 41.90 3.88 12.35
N THR A 43 43.10 4.13 11.82
CA THR A 43 43.23 4.84 10.56
C THR A 43 42.65 3.96 9.48
N GLY A 44 43.25 2.80 9.28
CA GLY A 44 42.76 1.89 8.25
C GLY A 44 41.25 1.73 8.31
N THR A 45 40.74 1.48 9.49
CA THR A 45 39.32 1.28 9.66
C THR A 45 38.49 2.51 9.31
N GLU A 46 38.97 3.70 9.67
CA GLU A 46 38.24 4.94 9.36
C GLU A 46 38.21 5.24 7.86
N ILE A 47 39.36 5.14 7.20
CA ILE A 47 39.46 5.37 5.76
C ILE A 47 38.44 4.48 5.07
N LEU A 48 38.53 3.19 5.37
CA LEU A 48 37.65 2.17 4.81
C LEU A 48 36.17 2.45 5.02
N LYS A 49 35.82 2.96 6.19
CA LYS A 49 34.43 3.28 6.51
C LYS A 49 33.87 4.37 5.59
N ASN A 50 34.77 5.18 5.02
CA ASN A 50 34.37 6.27 4.12
C ASN A 50 34.38 5.81 2.66
N LEU A 51 34.46 4.50 2.46
CA LEU A 51 34.44 3.89 1.14
C LEU A 51 33.27 2.90 1.12
N VAL A 52 33.12 2.17 2.20
CA VAL A 52 32.03 1.23 2.32
C VAL A 52 30.72 2.02 2.21
N LEU A 53 30.59 3.05 3.05
CA LEU A 53 29.40 3.89 3.06
C LEU A 53 28.91 4.35 1.66
N PRO A 54 29.81 4.89 0.82
CA PRO A 54 29.44 5.35 -0.52
C PRO A 54 29.07 4.24 -1.52
N GLY A 55 29.33 3.00 -1.13
CA GLY A 55 29.00 1.88 -1.97
C GLY A 55 30.14 1.27 -2.77
N ILE A 56 31.36 1.34 -2.23
CA ILE A 56 32.51 0.75 -2.91
C ILE A 56 32.08 -0.65 -3.35
N GLY A 57 32.72 -1.21 -4.39
CA GLY A 57 32.38 -2.53 -4.87
C GLY A 57 32.62 -3.64 -3.86
N SER A 58 33.90 -3.82 -3.52
CA SER A 58 34.30 -4.82 -2.55
C SER A 58 35.66 -4.41 -1.94
N PHE A 59 35.97 -4.94 -0.77
CA PHE A 59 37.22 -4.61 -0.09
C PHE A 59 37.73 -5.85 0.63
N THR A 60 39.06 -5.96 0.72
CA THR A 60 39.71 -7.08 1.40
C THR A 60 40.78 -6.56 2.36
N ILE A 61 40.59 -6.79 3.66
CA ILE A 61 41.54 -6.32 4.66
C ILE A 61 42.64 -7.34 4.95
N ILE A 62 43.88 -7.01 4.59
CA ILE A 62 45.02 -7.90 4.84
C ILE A 62 45.61 -7.59 6.21
N ASP A 63 45.39 -8.43 7.21
CA ASP A 63 45.96 -8.14 8.51
C ASP A 63 46.04 -9.35 9.44
N GLY A 64 47.26 -9.75 9.74
CA GLY A 64 47.48 -10.88 10.62
C GLY A 64 47.88 -10.40 12.01
N ASN A 65 46.94 -9.76 12.69
CA ASN A 65 47.20 -9.25 14.02
C ASN A 65 46.06 -9.55 14.99
N GLN A 66 46.31 -9.23 16.25
CA GLN A 66 45.36 -9.46 17.31
C GLN A 66 44.77 -8.16 17.88
N VAL A 67 43.45 -8.14 18.01
CA VAL A 67 42.80 -6.97 18.57
C VAL A 67 43.40 -6.81 19.96
N SER A 68 44.20 -5.76 20.16
CA SER A 68 44.81 -5.53 21.46
C SER A 68 43.74 -4.95 22.38
N GLY A 69 44.15 -4.32 23.48
CA GLY A 69 43.18 -3.72 24.37
C GLY A 69 42.97 -2.29 23.95
N GLU A 70 44.07 -1.68 23.53
CA GLU A 70 44.09 -0.30 23.08
C GLU A 70 43.75 -0.22 21.60
N ASP A 71 43.33 -1.35 21.05
CA ASP A 71 42.94 -1.42 19.65
C ASP A 71 41.40 -1.38 19.61
N ALA A 72 40.78 -1.88 20.67
CA ALA A 72 39.31 -1.89 20.75
C ALA A 72 38.91 -0.58 21.36
N GLY A 73 39.90 0.12 21.88
CA GLY A 73 39.68 1.39 22.54
C GLY A 73 39.63 2.57 21.60
N ASN A 74 40.37 2.54 20.50
CA ASN A 74 40.34 3.68 19.58
C ASN A 74 39.87 3.33 18.17
N ASN A 75 39.09 2.26 18.07
CA ASN A 75 38.54 1.82 16.80
C ASN A 75 37.04 1.62 16.98
N PHE A 76 36.24 2.34 16.19
CA PHE A 76 34.78 2.27 16.29
C PHE A 76 34.23 0.99 15.69
N PHE A 77 35.11 0.16 15.15
CA PHE A 77 34.69 -1.09 14.54
C PHE A 77 35.24 -2.36 15.20
N LEU A 78 35.58 -2.25 16.48
CA LEU A 78 36.09 -3.37 17.27
C LEU A 78 35.57 -3.20 18.70
N GLN A 79 34.82 -4.19 19.17
CA GLN A 79 34.28 -4.17 20.53
C GLN A 79 35.22 -5.00 21.43
N ARG A 80 35.05 -4.92 22.74
CA ARG A 80 35.91 -5.68 23.64
C ARG A 80 35.63 -7.17 23.45
N SER A 81 34.40 -7.47 23.06
CA SER A 81 33.98 -8.86 22.84
C SER A 81 34.67 -9.47 21.62
N SER A 82 35.85 -8.97 21.28
CA SER A 82 36.62 -9.47 20.14
C SER A 82 38.11 -9.16 20.32
N ILE A 83 38.47 -8.75 21.53
CA ILE A 83 39.85 -8.41 21.88
C ILE A 83 40.72 -9.67 21.87
N GLY A 84 41.66 -9.75 20.92
CA GLY A 84 42.52 -10.90 20.87
C GLY A 84 42.11 -11.92 19.83
N LYS A 85 41.47 -11.42 18.78
CA LYS A 85 41.04 -12.26 17.66
C LYS A 85 41.78 -11.70 16.45
N ASN A 86 41.30 -11.98 15.24
CA ASN A 86 41.99 -11.45 14.08
C ASN A 86 41.53 -10.02 13.86
N ARG A 87 42.48 -9.08 13.98
CA ARG A 87 42.19 -7.66 13.83
C ARG A 87 41.55 -7.40 12.47
N ALA A 88 41.83 -8.26 11.49
CA ALA A 88 41.26 -8.09 10.16
C ALA A 88 39.86 -8.64 10.11
N GLU A 89 39.66 -9.83 10.66
CA GLU A 89 38.33 -10.41 10.64
C GLU A 89 37.36 -9.64 11.54
N ALA A 90 37.87 -9.12 12.66
CA ALA A 90 37.04 -8.38 13.61
C ALA A 90 36.43 -7.17 12.94
N ALA A 91 37.28 -6.42 12.25
CA ALA A 91 36.87 -5.23 11.53
C ALA A 91 35.87 -5.66 10.49
N MET A 92 36.37 -6.39 9.51
CA MET A 92 35.58 -6.89 8.41
C MET A 92 34.10 -7.04 8.74
N GLU A 93 33.82 -7.65 9.88
CA GLU A 93 32.44 -7.87 10.30
C GLU A 93 31.63 -6.61 10.58
N PHE A 94 32.19 -5.70 11.37
CA PHE A 94 31.50 -4.46 11.74
C PHE A 94 31.35 -3.49 10.57
N LEU A 95 32.37 -3.44 9.71
CA LEU A 95 32.33 -2.57 8.54
C LEU A 95 31.27 -3.09 7.58
N GLN A 96 31.30 -4.41 7.38
CA GLN A 96 30.36 -5.07 6.50
C GLN A 96 28.93 -4.62 6.79
N GLU A 97 28.65 -4.33 8.05
CA GLU A 97 27.32 -3.93 8.47
C GLU A 97 26.81 -2.55 8.02
N LEU A 98 27.72 -1.68 7.61
CA LEU A 98 27.32 -0.34 7.19
C LEU A 98 26.59 -0.33 5.87
N ASN A 99 27.04 -1.21 4.98
CA ASN A 99 26.47 -1.29 3.64
C ASN A 99 26.27 -2.73 3.17
N SER A 100 25.03 -3.17 3.18
CA SER A 100 24.69 -4.51 2.74
C SER A 100 24.94 -4.66 1.24
N ASP A 101 25.46 -3.63 0.59
CA ASP A 101 25.71 -3.69 -0.85
C ASP A 101 27.18 -3.79 -1.21
N VAL A 102 28.02 -3.83 -0.19
CA VAL A 102 29.47 -3.93 -0.37
C VAL A 102 29.83 -5.34 0.10
N SER A 103 30.81 -5.96 -0.53
CA SER A 103 31.20 -7.33 -0.13
C SER A 103 32.61 -7.42 0.44
N GLY A 104 32.68 -7.63 1.75
CA GLY A 104 33.96 -7.72 2.43
C GLY A 104 34.57 -9.10 2.45
N SER A 105 35.85 -9.13 2.81
CA SER A 105 36.61 -10.37 2.88
C SER A 105 38.01 -10.05 3.42
N PHE A 106 38.59 -10.98 4.16
CA PHE A 106 39.90 -10.75 4.73
C PHE A 106 40.96 -11.77 4.37
N VAL A 107 42.14 -11.60 4.94
CA VAL A 107 43.30 -12.45 4.71
C VAL A 107 44.14 -12.34 5.98
N GLU A 108 43.97 -13.30 6.88
CA GLU A 108 44.69 -13.31 8.15
C GLU A 108 46.20 -13.48 8.03
N GLU A 109 46.80 -12.86 7.01
CA GLU A 109 48.24 -12.93 6.80
C GLU A 109 48.94 -11.58 6.79
N SER A 110 49.94 -11.41 7.65
CA SER A 110 50.69 -10.17 7.72
C SER A 110 51.10 -9.72 6.31
N PRO A 111 51.23 -8.40 6.11
CA PRO A 111 51.61 -7.83 4.82
C PRO A 111 52.91 -8.44 4.36
N GLU A 112 53.81 -8.63 5.32
CA GLU A 112 55.12 -9.19 5.06
C GLU A 112 55.06 -10.55 4.36
N ASN A 113 54.12 -11.40 4.78
CA ASN A 113 53.96 -12.71 4.17
C ASN A 113 53.66 -12.61 2.67
N LEU A 114 52.51 -12.02 2.35
CA LEU A 114 52.10 -11.88 0.95
C LEU A 114 53.26 -11.40 0.08
N LEU A 115 54.13 -10.55 0.61
CA LEU A 115 55.26 -10.07 -0.17
C LEU A 115 56.35 -11.12 -0.40
N ASP A 116 56.07 -12.37 -0.01
CA ASP A 116 57.03 -13.47 -0.18
C ASP A 116 56.32 -14.71 -0.73
N ASN A 117 55.14 -14.98 -0.17
CA ASN A 117 54.29 -16.13 -0.51
C ASN A 117 53.41 -15.91 -1.74
N ASP A 118 53.27 -14.65 -2.13
CA ASP A 118 52.51 -14.29 -3.31
C ASP A 118 52.73 -12.82 -3.56
N PRO A 119 53.67 -12.48 -4.44
CA PRO A 119 53.97 -11.10 -4.77
C PRO A 119 52.83 -10.48 -5.57
N SER A 120 52.22 -11.28 -6.42
CA SER A 120 51.15 -10.83 -7.28
C SER A 120 49.72 -11.01 -6.77
N PHE A 121 49.53 -11.11 -5.46
CA PHE A 121 48.18 -11.27 -4.91
C PHE A 121 47.44 -9.95 -5.08
N PHE A 122 48.20 -8.87 -4.97
CA PHE A 122 47.73 -7.50 -5.06
C PHE A 122 47.09 -7.05 -6.36
N CYS A 123 47.60 -7.53 -7.48
CA CYS A 123 47.09 -7.15 -8.79
C CYS A 123 45.57 -7.28 -8.95
N ARG A 124 44.90 -7.91 -7.99
CA ARG A 124 43.45 -8.08 -8.05
C ARG A 124 42.76 -6.88 -7.43
N PHE A 125 43.49 -5.78 -7.26
CA PHE A 125 42.97 -4.58 -6.62
C PHE A 125 43.10 -3.27 -7.43
N THR A 126 42.05 -2.46 -7.36
CA THR A 126 42.02 -1.16 -8.01
C THR A 126 43.15 -0.34 -7.39
N VAL A 127 43.06 -0.11 -6.09
CA VAL A 127 44.10 0.62 -5.35
C VAL A 127 44.41 -0.08 -4.04
N VAL A 128 45.59 0.23 -3.49
CA VAL A 128 46.02 -0.35 -2.23
C VAL A 128 46.25 0.75 -1.23
N VAL A 129 45.64 0.61 -0.05
CA VAL A 129 45.78 1.58 1.01
C VAL A 129 46.49 0.89 2.18
N ALA A 130 47.75 1.26 2.42
CA ALA A 130 48.58 0.69 3.48
C ALA A 130 48.73 1.61 4.67
N THR A 131 48.17 1.21 5.81
CA THR A 131 48.22 2.04 7.01
C THR A 131 49.13 1.58 8.14
N GLN A 132 49.66 2.55 8.86
CA GLN A 132 50.54 2.33 10.01
C GLN A 132 51.68 1.36 9.74
N LEU A 133 52.28 1.45 8.57
CA LEU A 133 53.37 0.55 8.25
C LEU A 133 54.73 1.07 8.66
N PRO A 134 55.71 0.17 8.79
CA PRO A 134 57.08 0.47 9.18
C PRO A 134 57.90 0.65 7.90
N GLU A 135 58.90 1.53 7.90
CA GLU A 135 59.72 1.75 6.70
C GLU A 135 60.03 0.52 5.85
N SER A 136 60.34 -0.61 6.50
CA SER A 136 60.69 -1.85 5.77
C SER A 136 59.59 -2.37 4.85
N THR A 137 58.46 -2.78 5.43
CA THR A 137 57.33 -3.27 4.65
C THR A 137 56.93 -2.18 3.66
N SER A 138 56.88 -0.95 4.16
CA SER A 138 56.51 0.21 3.35
C SER A 138 57.29 0.23 2.04
N LEU A 139 58.61 0.39 2.13
CA LEU A 139 59.47 0.42 0.96
C LEU A 139 59.39 -0.82 0.08
N ARG A 140 59.27 -1.99 0.70
CA ARG A 140 59.17 -3.21 -0.08
C ARG A 140 57.88 -3.18 -0.89
N LEU A 141 56.77 -2.95 -0.18
CA LEU A 141 55.43 -2.89 -0.76
C LEU A 141 55.29 -1.86 -1.85
N ALA A 142 55.89 -0.69 -1.65
CA ALA A 142 55.82 0.36 -2.65
C ALA A 142 56.52 -0.13 -3.92
N ASP A 143 57.58 -0.88 -3.70
CA ASP A 143 58.39 -1.42 -4.79
C ASP A 143 57.69 -2.50 -5.59
N VAL A 144 57.05 -3.44 -4.93
CA VAL A 144 56.32 -4.48 -5.65
C VAL A 144 55.22 -3.80 -6.46
N LEU A 145 54.28 -3.18 -5.74
CA LEU A 145 53.15 -2.49 -6.36
C LEU A 145 53.57 -1.52 -7.46
N TRP A 146 54.73 -0.90 -7.34
CA TRP A 146 55.15 0.04 -8.36
C TRP A 146 55.41 -0.66 -9.69
N ASN A 147 55.96 -1.85 -9.64
CA ASN A 147 56.24 -2.59 -10.87
C ASN A 147 55.01 -3.32 -11.38
N SER A 148 53.94 -3.32 -10.60
CA SER A 148 52.72 -3.99 -10.99
C SER A 148 51.68 -2.98 -11.48
N GLN A 149 52.12 -1.71 -11.60
CA GLN A 149 51.26 -0.62 -12.06
C GLN A 149 50.09 -0.36 -11.10
N ILE A 150 50.13 -0.98 -9.93
CA ILE A 150 49.09 -0.82 -8.92
C ILE A 150 49.27 0.47 -8.08
N PRO A 151 48.19 1.27 -7.91
CA PRO A 151 48.22 2.52 -7.12
C PRO A 151 48.31 2.25 -5.62
N LEU A 152 49.29 2.88 -4.97
CA LEU A 152 49.49 2.72 -3.53
C LEU A 152 49.33 4.02 -2.77
N LEU A 153 48.66 3.96 -1.62
CA LEU A 153 48.46 5.13 -0.78
C LEU A 153 48.88 4.74 0.62
N ILE A 154 50.01 5.27 1.07
CA ILE A 154 50.49 4.96 2.41
C ILE A 154 49.96 6.00 3.39
N CYS A 155 49.38 5.52 4.48
CA CYS A 155 48.82 6.40 5.51
C CYS A 155 49.38 6.10 6.90
N ARG A 156 49.65 7.16 7.65
CA ARG A 156 50.23 7.04 8.97
C ARG A 156 49.67 8.05 9.95
N THR A 157 49.26 7.57 11.12
CA THR A 157 48.78 8.44 12.19
C THR A 157 49.71 8.22 13.37
N TYR A 158 50.69 9.10 13.52
CA TYR A 158 51.65 9.02 14.61
C TYR A 158 51.45 10.22 15.53
N GLY A 159 50.66 10.04 16.59
CA GLY A 159 50.40 11.10 17.54
C GLY A 159 49.34 12.08 17.03
N LEU A 160 49.70 13.35 16.94
CA LEU A 160 48.79 14.36 16.43
C LEU A 160 49.15 14.70 14.99
N VAL A 161 50.00 13.87 14.39
CA VAL A 161 50.39 14.10 13.01
C VAL A 161 49.80 13.01 12.11
N GLY A 162 49.21 13.44 11.00
CA GLY A 162 48.62 12.51 10.04
C GLY A 162 49.45 12.61 8.78
N TYR A 163 50.08 11.49 8.41
CA TYR A 163 50.96 11.44 7.24
C TYR A 163 50.24 10.77 6.08
N MET A 164 50.43 11.29 4.87
CA MET A 164 49.76 10.68 3.74
C MET A 164 50.61 10.74 2.48
N ARG A 165 50.89 9.59 1.87
CA ARG A 165 51.67 9.60 0.63
C ARG A 165 51.00 8.75 -0.44
N ILE A 166 50.93 9.33 -1.63
CA ILE A 166 50.29 8.71 -2.77
C ILE A 166 51.33 8.38 -3.85
N ILE A 167 51.40 7.12 -4.24
CA ILE A 167 52.32 6.72 -5.30
C ILE A 167 51.53 6.12 -6.48
N ILE A 168 51.67 6.76 -7.65
CA ILE A 168 51.02 6.33 -8.87
C ILE A 168 51.87 6.89 -9.98
N LYS A 169 52.49 6.02 -10.78
CA LYS A 169 53.39 6.46 -11.84
C LYS A 169 52.78 7.60 -12.62
N GLU A 170 51.52 7.41 -13.04
CA GLU A 170 50.85 8.45 -13.80
C GLU A 170 49.33 8.36 -13.66
N HIS A 171 48.71 9.50 -13.41
CA HIS A 171 47.27 9.55 -13.24
C HIS A 171 46.68 10.68 -14.07
N PRO A 172 46.24 10.40 -15.30
CA PRO A 172 45.66 11.47 -16.10
C PRO A 172 44.18 11.55 -15.80
N VAL A 173 43.65 12.76 -15.79
CA VAL A 173 42.21 12.98 -15.53
C VAL A 173 41.63 13.95 -16.55
N ILE A 174 40.42 13.65 -17.00
CA ILE A 174 39.71 14.48 -17.97
C ILE A 174 38.71 15.35 -17.25
N GLU A 175 37.84 14.72 -16.47
CA GLU A 175 36.80 15.44 -15.75
C GLU A 175 37.28 15.95 -14.42
N SER A 176 38.23 16.89 -14.43
CA SER A 176 38.82 17.46 -13.21
C SER A 176 37.95 18.34 -12.30
N HIS A 177 36.74 18.69 -12.76
CA HIS A 177 35.82 19.49 -11.93
C HIS A 177 36.37 20.78 -11.33
N PRO A 178 36.67 21.78 -12.15
CA PRO A 178 37.20 23.07 -11.69
C PRO A 178 36.24 23.83 -10.80
N ASP A 179 36.71 24.33 -9.65
CA ASP A 179 35.86 25.12 -8.77
C ASP A 179 35.36 26.34 -9.55
N ASN A 180 36.27 26.99 -10.26
CA ASN A 180 35.95 28.16 -11.07
C ASN A 180 36.71 28.10 -12.37
N ALA A 181 36.29 28.92 -13.34
CA ALA A 181 36.93 28.97 -14.63
C ALA A 181 36.26 30.03 -15.48
N LEU A 182 37.02 30.61 -16.40
CA LEU A 182 36.50 31.64 -17.27
C LEU A 182 35.69 30.97 -18.36
N GLU A 183 34.52 31.53 -18.65
CA GLU A 183 33.62 31.01 -19.68
C GLU A 183 34.33 31.01 -21.02
N ASP A 184 33.86 30.20 -21.95
CA ASP A 184 34.45 30.14 -23.28
C ASP A 184 33.47 30.80 -24.22
N LEU A 185 33.44 32.12 -24.20
CA LEU A 185 32.52 32.91 -25.00
C LEU A 185 33.01 33.24 -26.40
N ARG A 186 34.31 33.14 -26.63
CA ARG A 186 34.87 33.44 -27.94
C ARG A 186 34.52 34.82 -28.47
N LEU A 187 34.36 35.80 -27.58
CA LEU A 187 34.03 37.14 -28.05
C LEU A 187 35.23 37.80 -28.71
N ASP A 188 36.42 37.30 -28.39
CA ASP A 188 37.64 37.84 -28.96
C ASP A 188 37.90 37.16 -30.30
N LYS A 189 37.77 35.84 -30.36
CA LYS A 189 37.98 35.07 -31.61
C LYS A 189 36.70 34.30 -31.98
N PRO A 190 35.68 35.04 -32.43
CA PRO A 190 34.37 34.54 -32.83
C PRO A 190 34.41 33.51 -33.95
N PHE A 191 33.54 32.50 -33.90
CA PHE A 191 33.48 31.55 -35.00
C PHE A 191 32.38 32.09 -35.91
N PRO A 192 32.47 31.78 -37.21
CA PRO A 192 31.49 32.24 -38.20
C PRO A 192 30.02 32.22 -37.74
N GLU A 193 29.54 31.04 -37.36
CA GLU A 193 28.18 30.85 -36.91
C GLU A 193 27.77 31.86 -35.82
N LEU A 194 28.69 32.13 -34.91
CA LEU A 194 28.50 33.06 -33.80
C LEU A 194 28.46 34.48 -34.28
N ARG A 195 29.34 34.78 -35.24
CA ARG A 195 29.41 36.13 -35.81
C ARG A 195 28.14 36.44 -36.57
N GLU A 196 27.60 35.43 -37.24
CA GLU A 196 26.38 35.60 -37.99
C GLU A 196 25.20 35.76 -37.04
N HIS A 197 25.27 35.09 -35.88
CA HIS A 197 24.17 35.21 -34.92
C HIS A 197 24.06 36.67 -34.50
N PHE A 198 25.19 37.26 -34.11
CA PHE A 198 25.23 38.64 -33.68
C PHE A 198 24.71 39.60 -34.76
N GLN A 199 25.16 39.36 -36.00
CA GLN A 199 24.76 40.19 -37.12
C GLN A 199 23.26 40.23 -37.30
N SER A 200 22.57 39.14 -36.93
CA SER A 200 21.13 39.07 -37.09
C SER A 200 20.34 39.99 -36.16
N TYR A 201 20.96 41.06 -35.69
CA TYR A 201 20.28 42.03 -34.82
C TYR A 201 20.33 43.49 -35.32
N ASP A 202 19.29 44.22 -34.90
CA ASP A 202 19.10 45.64 -35.21
C ASP A 202 18.09 46.22 -34.22
N ASP A 210 13.11 42.00 -25.37
CA ASP A 210 13.22 43.40 -25.75
C ASP A 210 14.64 43.92 -25.66
N HIS A 211 14.76 45.23 -25.85
CA HIS A 211 16.04 45.91 -25.79
C HIS A 211 16.63 45.53 -24.42
N SER A 212 15.74 45.36 -23.43
CA SER A 212 16.14 44.98 -22.06
C SER A 212 15.94 43.48 -21.84
N HIS A 213 15.71 42.75 -22.92
CA HIS A 213 15.52 41.30 -22.87
C HIS A 213 16.43 40.62 -23.89
N THR A 214 17.60 41.22 -24.12
CA THR A 214 18.60 40.69 -25.03
C THR A 214 19.81 40.28 -24.20
N PRO A 215 20.37 39.09 -24.49
CA PRO A 215 21.54 38.59 -23.75
C PRO A 215 22.69 39.58 -23.75
N TRP A 216 23.35 39.70 -22.61
CA TRP A 216 24.46 40.62 -22.50
C TRP A 216 25.54 40.33 -23.52
N ILE A 217 25.74 39.05 -23.85
CA ILE A 217 26.76 38.68 -24.81
C ILE A 217 26.54 39.38 -26.13
N VAL A 218 25.28 39.48 -26.55
CA VAL A 218 24.97 40.15 -27.80
C VAL A 218 25.14 41.65 -27.60
N ILE A 219 24.66 42.16 -26.47
CA ILE A 219 24.81 43.58 -26.17
C ILE A 219 26.29 43.93 -26.33
N ILE A 220 27.15 43.19 -25.63
CA ILE A 220 28.58 43.45 -25.69
C ILE A 220 29.18 43.31 -27.08
N ALA A 221 28.81 42.26 -27.79
CA ALA A 221 29.34 42.05 -29.13
C ALA A 221 28.87 43.13 -30.11
N LYS A 222 27.72 43.74 -29.86
CA LYS A 222 27.23 44.78 -30.77
C LYS A 222 28.11 46.00 -30.66
N TYR A 223 28.32 46.47 -29.44
CA TYR A 223 29.17 47.64 -29.22
C TYR A 223 30.60 47.33 -29.58
N LEU A 224 30.99 46.07 -29.41
CA LEU A 224 32.33 45.64 -29.71
C LEU A 224 32.63 45.86 -31.21
N ALA A 225 31.62 45.67 -32.05
CA ALA A 225 31.83 45.84 -33.49
C ALA A 225 31.94 47.31 -33.82
N GLN A 226 31.21 48.14 -33.08
CA GLN A 226 31.24 49.59 -33.28
C GLN A 226 32.67 50.04 -33.03
N TRP A 227 33.20 49.54 -31.92
CA TRP A 227 34.55 49.84 -31.47
C TRP A 227 35.64 49.38 -32.47
N TYR A 228 35.48 48.18 -33.03
CA TYR A 228 36.48 47.69 -33.98
C TYR A 228 36.53 48.65 -35.16
N SER A 229 35.37 49.17 -35.53
CA SER A 229 35.27 50.12 -36.63
C SER A 229 36.09 51.38 -36.36
N GLU A 230 35.60 52.23 -35.46
CA GLU A 230 36.30 53.46 -35.13
C GLU A 230 37.65 53.22 -34.47
N THR A 231 38.22 52.05 -34.68
CA THR A 231 39.51 51.69 -34.08
C THR A 231 40.44 50.91 -35.00
N ASN A 232 39.87 50.33 -36.05
CA ASN A 232 40.63 49.52 -36.99
C ASN A 232 40.88 48.15 -36.36
N GLY A 233 39.79 47.50 -35.95
CA GLY A 233 39.83 46.17 -35.36
C GLY A 233 40.63 45.95 -34.10
N ARG A 234 40.68 46.93 -33.22
CA ARG A 234 41.43 46.76 -32.00
C ARG A 234 40.43 46.59 -30.86
N ILE A 235 40.62 45.53 -30.08
CA ILE A 235 39.72 45.23 -28.99
C ILE A 235 40.23 45.82 -27.68
N PRO A 236 39.31 46.36 -26.86
CA PRO A 236 39.67 46.95 -25.58
C PRO A 236 40.55 46.05 -24.73
N LYS A 237 41.83 46.40 -24.63
CA LYS A 237 42.80 45.64 -23.84
C LYS A 237 43.24 46.43 -22.61
N THR A 238 43.39 47.74 -22.78
CA THR A 238 43.82 48.64 -21.71
C THR A 238 42.75 48.76 -20.63
N TYR A 239 43.18 49.00 -19.40
CA TYR A 239 42.23 49.16 -18.32
C TYR A 239 41.48 50.44 -18.60
N LYS A 240 42.17 51.36 -19.26
CA LYS A 240 41.59 52.64 -19.66
C LYS A 240 40.54 52.39 -20.73
N GLU A 241 40.89 51.60 -21.74
CA GLU A 241 39.99 51.30 -22.85
C GLU A 241 38.72 50.60 -22.40
N LYS A 242 38.86 49.65 -21.47
CA LYS A 242 37.71 48.93 -20.98
C LYS A 242 36.74 49.89 -20.32
N GLU A 243 37.24 50.94 -19.68
CA GLU A 243 36.31 51.86 -19.04
C GLU A 243 35.63 52.70 -20.10
N ASP A 244 36.31 52.88 -21.23
CA ASP A 244 35.74 53.64 -22.31
C ASP A 244 34.70 52.77 -23.02
N PHE A 245 35.03 51.49 -23.21
CA PHE A 245 34.10 50.55 -23.86
C PHE A 245 32.80 50.52 -23.07
N ARG A 246 32.92 50.43 -21.74
CA ARG A 246 31.75 50.41 -20.89
C ARG A 246 30.92 51.66 -21.14
N ASP A 247 31.60 52.81 -21.12
CA ASP A 247 30.93 54.09 -21.34
C ASP A 247 30.18 54.06 -22.66
N LEU A 248 30.82 53.55 -23.69
CA LEU A 248 30.19 53.44 -25.01
C LEU A 248 28.89 52.64 -24.87
N ILE A 249 28.80 51.85 -23.81
CA ILE A 249 27.62 51.04 -23.59
C ILE A 249 26.53 51.80 -22.86
N ARG A 250 26.86 52.48 -21.76
CA ARG A 250 25.83 53.24 -21.04
C ARG A 250 25.21 54.22 -22.04
N GLN A 251 26.03 54.59 -23.02
CA GLN A 251 25.70 55.52 -24.10
C GLN A 251 24.73 54.83 -25.05
N GLY A 252 23.92 53.93 -24.49
CA GLY A 252 23.00 53.14 -25.28
C GLY A 252 21.76 52.79 -24.44
N ILE A 253 21.75 53.24 -23.19
CA ILE A 253 20.64 52.98 -22.28
C ILE A 253 19.91 54.31 -22.44
N LEU A 254 19.11 54.36 -23.50
CA LEU A 254 18.36 55.56 -23.83
C LEU A 254 16.90 55.65 -23.52
N LYS A 255 16.69 56.40 -22.43
CA LYS A 255 15.39 56.69 -21.89
C LYS A 255 14.81 55.55 -21.07
N PRO A 256 15.02 54.30 -21.50
CA PRO A 256 14.42 53.28 -20.67
C PRO A 256 14.73 53.26 -19.23
N GLU A 257 13.67 53.41 -18.47
CA GLU A 257 13.87 53.30 -17.07
C GLU A 257 13.83 51.76 -16.93
N ASP A 258 14.33 51.06 -17.94
CA ASP A 258 14.42 49.58 -17.94
C ASP A 258 15.57 49.01 -18.74
N GLU A 259 16.70 48.83 -18.09
CA GLU A 259 17.85 48.23 -18.71
C GLU A 259 18.90 47.94 -17.69
N GLU A 260 18.67 46.78 -17.08
CA GLU A 260 19.52 46.21 -16.06
C GLU A 260 20.49 45.30 -16.81
N ASN A 261 20.00 44.60 -17.83
CA ASN A 261 20.87 43.71 -18.60
C ASN A 261 22.02 44.49 -19.23
N PHE A 262 21.80 45.78 -19.50
CA PHE A 262 22.85 46.63 -20.08
C PHE A 262 23.94 46.79 -19.04
N GLU A 263 23.52 46.87 -17.78
CA GLU A 263 24.48 47.01 -16.70
C GLU A 263 25.19 45.68 -16.48
N GLU A 264 24.47 44.59 -16.73
CA GLU A 264 25.06 43.27 -16.58
C GLU A 264 26.11 43.16 -17.68
N ALA A 265 25.82 43.70 -18.85
CA ALA A 265 26.74 43.66 -19.97
C ALA A 265 28.02 44.44 -19.67
N ILE A 266 27.88 45.47 -18.84
CA ILE A 266 28.99 46.32 -18.46
C ILE A 266 29.87 45.66 -17.41
N LYS A 267 29.22 45.07 -16.42
CA LYS A 267 29.94 44.37 -15.36
C LYS A 267 30.88 43.38 -16.03
N ASN A 268 30.32 42.65 -17.00
CA ASN A 268 31.04 41.61 -17.71
C ASN A 268 32.15 42.03 -18.65
N VAL A 269 32.31 43.33 -18.87
CA VAL A 269 33.37 43.80 -19.74
C VAL A 269 34.71 43.40 -19.13
N ASN A 270 34.72 43.36 -17.80
CA ASN A 270 35.91 43.00 -17.01
C ASN A 270 36.43 41.59 -17.29
N THR A 271 35.55 40.74 -17.82
CA THR A 271 35.92 39.36 -18.05
C THR A 271 35.61 38.78 -19.43
N ALA A 272 34.68 39.36 -20.14
CA ALA A 272 34.31 38.83 -21.46
C ALA A 272 35.20 39.24 -22.62
N LEU A 273 36.13 40.17 -22.40
CA LEU A 273 37.00 40.62 -23.48
C LEU A 273 38.19 39.72 -23.82
N ASN A 274 38.47 38.74 -22.96
CA ASN A 274 39.50 37.77 -23.26
C ASN A 274 39.26 36.55 -22.42
N THR A 275 38.65 35.55 -23.06
CA THR A 275 38.29 34.25 -22.47
C THR A 275 38.98 33.11 -23.23
N THR A 276 39.21 33.33 -24.53
CA THR A 276 39.84 32.36 -25.42
C THR A 276 41.38 32.42 -25.44
N GLN A 277 41.99 31.29 -25.07
CA GLN A 277 43.44 31.12 -25.02
C GLN A 277 43.82 29.78 -24.38
N ILE A 278 44.70 29.02 -25.00
CA ILE A 278 45.12 27.72 -24.46
C ILE A 278 45.81 27.77 -23.10
N PRO A 279 45.31 26.96 -22.15
CA PRO A 279 45.84 26.86 -20.79
C PRO A 279 47.26 26.35 -20.77
N SER A 280 48.09 26.98 -19.94
CA SER A 280 49.49 26.62 -19.80
C SER A 280 49.66 25.15 -19.44
N SER A 281 48.75 24.61 -18.62
CA SER A 281 48.86 23.21 -18.22
C SER A 281 48.58 22.26 -19.37
N ILE A 282 47.72 22.69 -20.29
CA ILE A 282 47.40 21.86 -21.45
C ILE A 282 48.65 21.79 -22.31
N GLU A 283 49.26 22.94 -22.57
CA GLU A 283 50.49 23.03 -23.36
C GLU A 283 51.53 22.03 -22.87
N ASP A 284 51.58 21.84 -21.56
CA ASP A 284 52.53 20.90 -20.99
C ASP A 284 52.18 19.48 -21.39
N ILE A 285 50.89 19.20 -21.54
CA ILE A 285 50.46 17.86 -21.93
C ILE A 285 50.80 17.74 -23.40
N PHE A 286 50.25 18.64 -24.20
CA PHE A 286 50.50 18.66 -25.63
C PHE A 286 51.95 18.31 -25.96
N ASN A 287 52.87 19.05 -25.33
CA ASN A 287 54.30 18.85 -25.55
C ASN A 287 54.92 17.69 -24.79
N ASP A 288 54.14 17.09 -23.89
CA ASP A 288 54.67 15.97 -23.14
C ASP A 288 55.12 14.94 -24.15
N ASP A 289 56.11 14.16 -23.80
CA ASP A 289 56.59 13.16 -24.71
C ASP A 289 55.51 12.14 -25.04
N ARG A 290 54.86 11.61 -24.02
CA ARG A 290 53.82 10.61 -24.20
C ARG A 290 52.76 10.99 -25.25
N CYS A 291 52.59 12.29 -25.47
CA CYS A 291 51.62 12.83 -26.43
C CYS A 291 52.23 12.87 -27.82
N ILE A 292 53.49 13.32 -27.88
CA ILE A 292 54.24 13.43 -29.12
C ILE A 292 54.52 12.10 -29.84
N ASN A 293 54.87 11.07 -29.07
CA ASN A 293 55.15 9.75 -29.65
C ASN A 293 54.12 8.74 -29.20
N ILE A 294 53.38 8.22 -30.17
CA ILE A 294 52.34 7.24 -29.89
C ILE A 294 52.81 5.85 -30.25
N THR A 295 52.17 4.83 -29.67
CA THR A 295 52.51 3.43 -29.90
C THR A 295 51.26 2.63 -29.57
N LYS A 296 51.32 1.31 -29.73
CA LYS A 296 50.15 0.51 -29.37
C LYS A 296 50.10 0.54 -27.84
N GLN A 297 51.23 0.85 -27.22
CA GLN A 297 51.34 0.92 -25.76
C GLN A 297 50.62 2.15 -25.24
N THR A 298 50.69 3.25 -26.00
CA THR A 298 50.05 4.51 -25.64
C THR A 298 48.61 4.26 -25.22
N PRO A 299 48.23 4.70 -24.00
CA PRO A 299 46.88 4.51 -23.48
C PRO A 299 45.90 5.47 -24.12
N SER A 300 44.63 5.25 -23.79
CA SER A 300 43.56 6.07 -24.31
C SER A 300 43.71 7.55 -24.03
N PHE A 301 43.85 7.92 -22.75
CA PHE A 301 43.97 9.33 -22.41
C PHE A 301 44.96 10.08 -23.28
N TRP A 302 46.11 9.49 -23.57
CA TRP A 302 47.06 10.23 -24.37
C TRP A 302 46.64 10.38 -25.83
N ILE A 303 45.99 9.36 -26.39
CA ILE A 303 45.53 9.43 -27.78
C ILE A 303 44.54 10.58 -27.94
N LEU A 304 43.67 10.77 -26.96
CA LEU A 304 42.69 11.85 -26.98
C LEU A 304 43.42 13.19 -26.89
N ALA A 305 44.46 13.22 -26.06
CA ALA A 305 45.24 14.44 -25.88
C ALA A 305 45.87 14.80 -27.22
N ARG A 306 46.59 13.83 -27.77
CA ARG A 306 47.27 13.96 -29.04
C ARG A 306 46.34 14.36 -30.17
N ALA A 307 45.09 13.91 -30.11
CA ALA A 307 44.09 14.23 -31.14
C ALA A 307 43.74 15.69 -31.04
N LEU A 308 43.60 16.13 -29.79
CA LEU A 308 43.29 17.50 -29.46
C LEU A 308 44.40 18.43 -29.97
N LYS A 309 45.66 17.99 -29.85
CA LYS A 309 46.80 18.78 -30.31
C LYS A 309 46.65 19.00 -31.81
N GLU A 310 46.19 17.96 -32.50
CA GLU A 310 45.96 18.00 -33.95
C GLU A 310 44.82 18.96 -34.25
N PHE A 311 43.77 18.89 -33.45
CA PHE A 311 42.64 19.78 -33.65
C PHE A 311 43.13 21.22 -33.54
N VAL A 312 43.82 21.56 -32.45
CA VAL A 312 44.31 22.93 -32.24
C VAL A 312 45.07 23.45 -33.47
N ALA A 313 45.79 22.57 -34.16
CA ALA A 313 46.59 23.00 -35.31
C ALA A 313 45.86 23.14 -36.65
N LYS A 314 44.86 22.31 -36.93
CA LYS A 314 44.17 22.42 -38.21
C LYS A 314 42.83 23.15 -38.15
N GLU A 315 41.81 22.51 -37.59
CA GLU A 315 40.50 23.15 -37.54
C GLU A 315 40.23 23.91 -36.26
N GLY A 316 41.23 23.94 -35.38
CA GLY A 316 41.08 24.66 -34.13
C GLY A 316 41.62 26.06 -34.28
N GLN A 317 42.44 26.26 -35.29
CA GLN A 317 43.06 27.54 -35.58
C GLN A 317 43.72 28.19 -34.39
N GLY A 318 44.39 27.37 -33.60
CA GLY A 318 45.10 27.88 -32.44
C GLY A 318 44.46 27.56 -31.12
N ASN A 319 43.16 27.30 -31.10
CA ASN A 319 42.51 27.00 -29.84
C ASN A 319 41.77 25.69 -29.73
N LEU A 320 41.65 25.20 -28.50
CA LEU A 320 40.96 23.96 -28.20
C LEU A 320 39.53 24.12 -28.67
N PRO A 321 38.78 23.01 -28.79
CA PRO A 321 37.39 23.06 -29.24
C PRO A 321 36.48 23.94 -28.34
N VAL A 322 35.51 24.61 -28.95
CA VAL A 322 34.59 25.47 -28.20
C VAL A 322 33.86 24.63 -27.14
N ARG A 323 33.81 25.10 -25.90
CA ARG A 323 33.17 24.34 -24.82
C ARG A 323 31.74 23.93 -25.10
N GLY A 324 30.89 24.90 -25.46
CA GLY A 324 29.51 24.56 -25.76
C GLY A 324 28.51 25.04 -24.74
N THR A 325 28.99 25.42 -23.57
CA THR A 325 28.12 25.90 -22.52
C THR A 325 28.35 27.39 -22.39
N ILE A 326 27.42 28.09 -21.74
CA ILE A 326 27.56 29.52 -21.52
C ILE A 326 26.89 29.83 -20.21
N PRO A 327 27.20 30.98 -19.60
CA PRO A 327 26.54 31.24 -18.35
C PRO A 327 25.06 31.55 -18.57
N ASP A 328 24.29 31.64 -17.50
CA ASP A 328 22.91 32.01 -17.65
C ASP A 328 22.99 33.51 -17.73
N MET A 329 21.99 34.13 -18.32
CA MET A 329 22.00 35.58 -18.42
C MET A 329 20.64 36.15 -18.69
N ILE A 330 20.25 37.12 -17.88
CA ILE A 330 18.96 37.75 -18.06
C ILE A 330 18.73 38.04 -19.54
N ALA A 331 17.76 37.32 -20.09
CA ALA A 331 17.39 37.44 -21.48
C ALA A 331 16.03 36.81 -21.59
N ASP A 332 15.37 36.96 -22.74
CA ASP A 332 14.06 36.37 -22.89
C ASP A 332 14.22 34.99 -23.49
N SER A 333 13.55 34.04 -22.87
CA SER A 333 13.55 32.65 -23.29
C SER A 333 14.15 32.32 -24.67
N GLY A 334 13.45 32.71 -25.73
CA GLY A 334 13.90 32.43 -27.09
C GLY A 334 15.29 32.87 -27.54
N LYS A 335 15.64 34.14 -27.28
CA LYS A 335 16.95 34.67 -27.65
C LYS A 335 18.08 33.91 -26.92
N TYR A 336 17.81 33.53 -25.67
CA TYR A 336 18.79 32.79 -24.90
C TYR A 336 18.93 31.37 -25.43
N ILE A 337 17.82 30.69 -25.66
CA ILE A 337 17.91 29.32 -26.17
C ILE A 337 18.57 29.29 -27.55
N LYS A 338 18.36 30.36 -28.33
CA LYS A 338 18.92 30.43 -29.67
C LYS A 338 20.42 30.66 -29.60
N LEU A 339 20.83 31.55 -28.68
CA LEU A 339 22.23 31.86 -28.50
C LEU A 339 22.87 30.56 -28.01
N GLN A 340 22.22 29.95 -27.02
CA GLN A 340 22.69 28.69 -26.43
C GLN A 340 22.93 27.58 -27.45
N ASN A 341 22.21 27.59 -28.56
CA ASN A 341 22.42 26.54 -29.53
C ASN A 341 23.52 26.86 -30.50
N VAL A 342 23.80 28.15 -30.71
CA VAL A 342 24.88 28.51 -31.62
C VAL A 342 26.12 27.86 -31.04
N TYR A 343 26.32 28.09 -29.76
CA TYR A 343 27.46 27.52 -29.05
C TYR A 343 27.38 26.01 -29.00
N ARG A 344 26.20 25.47 -28.69
CA ARG A 344 26.00 24.02 -28.61
C ARG A 344 26.32 23.31 -29.93
N GLU A 345 25.78 23.82 -31.04
CA GLU A 345 26.04 23.19 -32.34
C GLU A 345 27.48 23.37 -32.82
N LYS A 346 28.19 24.35 -32.27
CA LYS A 346 29.59 24.55 -32.65
C LYS A 346 30.46 23.54 -31.89
N ALA A 347 30.23 23.44 -30.59
CA ALA A 347 30.98 22.51 -29.76
C ALA A 347 30.83 21.14 -30.36
N LYS A 348 29.61 20.85 -30.81
CA LYS A 348 29.23 19.57 -31.39
C LYS A 348 30.03 19.22 -32.63
N LYS A 349 30.36 20.23 -33.44
CA LYS A 349 31.14 19.99 -34.65
C LYS A 349 32.62 19.80 -34.32
N ASP A 350 33.12 20.62 -33.40
CA ASP A 350 34.51 20.53 -32.99
C ASP A 350 34.73 19.14 -32.41
N ALA A 351 33.68 18.58 -31.82
CA ALA A 351 33.77 17.24 -31.25
C ALA A 351 33.87 16.21 -32.36
N ALA A 352 33.11 16.43 -33.43
CA ALA A 352 33.18 15.49 -34.53
C ALA A 352 34.58 15.58 -35.13
N ALA A 353 35.11 16.80 -35.23
CA ALA A 353 36.42 17.02 -35.80
C ALA A 353 37.52 16.41 -34.96
N VAL A 354 37.36 16.44 -33.63
CA VAL A 354 38.36 15.84 -32.75
C VAL A 354 38.23 14.34 -32.89
N GLY A 355 37.00 13.87 -33.08
CA GLY A 355 36.75 12.45 -33.25
C GLY A 355 37.36 11.89 -34.52
N ASN A 356 37.49 12.73 -35.54
CA ASN A 356 38.08 12.30 -36.80
C ASN A 356 39.56 12.15 -36.63
N HIS A 357 40.14 12.97 -35.76
CA HIS A 357 41.56 12.91 -35.48
C HIS A 357 41.85 11.68 -34.60
N VAL A 358 40.87 11.29 -33.82
CA VAL A 358 41.02 10.12 -32.99
C VAL A 358 41.08 8.97 -33.98
N ALA A 359 39.99 8.75 -34.71
CA ALA A 359 39.90 7.67 -35.70
C ALA A 359 41.23 7.40 -36.37
N LYS A 360 41.74 8.37 -37.13
CA LYS A 360 43.03 8.22 -37.82
C LYS A 360 44.04 7.61 -36.86
N LEU A 361 44.33 8.33 -35.77
CA LEU A 361 45.27 7.89 -34.76
C LEU A 361 45.04 6.46 -34.29
N LEU A 362 43.80 6.12 -33.94
CA LEU A 362 43.52 4.77 -33.48
C LEU A 362 43.86 3.69 -34.51
N GLN A 363 43.87 4.07 -35.78
CA GLN A 363 44.20 3.10 -36.82
C GLN A 363 45.72 2.96 -36.93
N SER A 364 46.42 4.09 -37.05
CA SER A 364 47.87 4.06 -37.15
C SER A 364 48.51 3.47 -35.91
N ILE A 365 47.71 2.75 -35.13
CA ILE A 365 48.18 2.13 -33.89
C ILE A 365 47.69 0.69 -33.78
N GLY A 366 46.68 0.34 -34.56
CA GLY A 366 46.18 -1.02 -34.52
C GLY A 366 44.85 -1.17 -33.81
N GLN A 367 44.66 -0.44 -32.70
CA GLN A 367 43.41 -0.52 -31.95
C GLN A 367 42.19 -0.21 -32.83
N ALA A 368 41.06 -0.80 -32.47
CA ALA A 368 39.82 -0.59 -33.21
C ALA A 368 39.34 0.84 -33.08
N PRO A 369 38.89 1.46 -34.18
CA PRO A 369 38.41 2.84 -34.10
C PRO A 369 37.20 3.01 -33.18
N GLU A 370 37.02 2.06 -32.25
CA GLU A 370 35.91 2.07 -31.31
C GLU A 370 36.43 1.97 -29.87
N SER A 371 37.74 2.04 -29.71
CA SER A 371 38.40 1.97 -28.40
C SER A 371 37.94 3.14 -27.53
N ILE A 372 37.41 4.17 -28.20
CA ILE A 372 36.93 5.38 -27.55
C ILE A 372 35.50 5.63 -28.01
N SER A 373 34.62 5.93 -27.06
CA SER A 373 33.20 6.14 -27.35
C SER A 373 32.72 7.58 -27.54
N GLU A 374 31.51 7.70 -28.06
CA GLU A 374 30.91 9.00 -28.27
C GLU A 374 30.97 9.68 -26.92
N LYS A 375 30.56 8.94 -25.90
CA LYS A 375 30.56 9.45 -24.54
C LYS A 375 31.91 10.03 -24.18
N GLU A 376 32.94 9.21 -24.28
CA GLU A 376 34.29 9.65 -23.92
C GLU A 376 34.78 10.86 -24.70
N LEU A 377 34.44 10.93 -25.98
CA LEU A 377 34.86 12.05 -26.82
C LEU A 377 34.13 13.34 -26.43
N LYS A 378 32.82 13.23 -26.22
CA LYS A 378 32.02 14.39 -25.83
C LYS A 378 32.62 14.98 -24.56
N LEU A 379 32.78 14.14 -23.55
CA LEU A 379 33.35 14.58 -22.28
C LEU A 379 34.67 15.34 -22.48
N LEU A 380 35.66 14.66 -23.07
CA LEU A 380 36.97 15.25 -23.33
C LEU A 380 36.93 16.65 -23.93
N CYS A 381 36.09 16.86 -24.95
CA CYS A 381 36.01 18.18 -25.58
C CYS A 381 35.46 19.28 -24.69
N SER A 382 34.42 18.95 -23.94
CA SER A 382 33.82 19.91 -23.05
C SER A 382 34.75 20.15 -21.87
N ASN A 383 35.84 19.38 -21.81
CA ASN A 383 36.82 19.51 -20.74
C ASN A 383 38.22 19.74 -21.33
N SER A 384 38.28 19.98 -22.63
CA SER A 384 39.58 20.17 -23.26
C SER A 384 40.53 21.06 -22.47
N ALA A 385 39.98 22.03 -21.74
CA ALA A 385 40.82 22.97 -20.99
C ALA A 385 40.95 22.73 -19.49
N PHE A 386 40.56 21.55 -19.01
CA PHE A 386 40.66 21.27 -17.59
C PHE A 386 41.33 19.94 -17.45
N LEU A 387 42.03 19.52 -18.49
CA LEU A 387 42.70 18.24 -18.43
C LEU A 387 43.75 18.37 -17.37
N ARG A 388 44.09 17.25 -16.77
CA ARG A 388 45.11 17.22 -15.74
C ARG A 388 45.80 15.88 -15.73
N VAL A 389 47.13 15.91 -15.73
CA VAL A 389 47.92 14.69 -15.70
C VAL A 389 48.79 14.80 -14.47
N VAL A 390 48.62 13.89 -13.52
CA VAL A 390 49.41 13.90 -12.28
C VAL A 390 50.45 12.78 -12.28
N ARG A 391 51.64 13.10 -11.83
CA ARG A 391 52.69 12.10 -11.78
C ARG A 391 53.54 12.22 -10.53
N CYS A 392 53.27 11.38 -9.55
CA CYS A 392 54.07 11.42 -8.35
C CYS A 392 55.26 10.47 -8.50
N ARG A 393 56.40 10.91 -7.96
CA ARG A 393 57.65 10.15 -7.98
C ARG A 393 57.48 8.87 -7.18
N SER A 394 58.36 7.91 -7.39
CA SER A 394 58.26 6.65 -6.67
C SER A 394 58.65 6.81 -5.22
N LEU A 395 58.36 5.77 -4.43
CA LEU A 395 58.69 5.77 -3.01
C LEU A 395 60.18 5.54 -2.91
N ALA A 396 60.71 4.81 -3.89
CA ALA A 396 62.13 4.50 -3.96
C ALA A 396 62.98 5.75 -4.23
N GLU A 397 62.45 6.72 -4.97
CA GLU A 397 63.19 7.96 -5.26
C GLU A 397 63.21 8.95 -4.08
N GLU A 398 62.21 8.86 -3.21
CA GLU A 398 62.15 9.77 -2.05
C GLU A 398 63.22 9.39 -1.05
N TYR A 399 63.44 8.10 -0.90
CA TYR A 399 64.45 7.60 0.04
C TYR A 399 65.81 7.46 -0.61
N GLY A 400 65.86 7.62 -1.93
CA GLY A 400 67.12 7.51 -2.63
C GLY A 400 68.12 8.57 -2.19
N LEU A 401 69.23 8.12 -1.60
CA LEU A 401 70.27 9.00 -1.10
C LEU A 401 70.55 10.20 -2.01
N ASP A 402 70.56 9.99 -3.31
CA ASP A 402 70.81 11.09 -4.26
C ASP A 402 69.51 11.67 -4.81
N THR A 403 68.54 10.78 -5.03
CA THR A 403 67.24 11.14 -5.56
C THR A 403 66.33 11.81 -4.52
N ILE A 404 66.91 12.27 -3.41
CA ILE A 404 66.11 12.91 -2.37
C ILE A 404 66.02 14.40 -2.67
N ASN A 405 64.80 14.92 -2.66
CA ASN A 405 64.59 16.33 -2.94
C ASN A 405 65.03 17.17 -1.76
N LYS A 406 66.33 17.42 -1.65
CA LYS A 406 66.86 18.23 -0.55
C LYS A 406 66.27 19.64 -0.53
N ASP A 407 66.15 20.25 -1.71
CA ASP A 407 65.62 21.60 -1.82
C ASP A 407 64.28 21.79 -1.12
N GLU A 408 63.27 21.07 -1.60
CA GLU A 408 61.94 21.14 -1.01
C GLU A 408 62.04 21.14 0.51
N ILE A 409 62.84 20.22 1.05
CA ILE A 409 63.03 20.08 2.50
C ILE A 409 63.81 21.21 3.16
N ILE A 410 64.76 21.80 2.44
CA ILE A 410 65.57 22.88 3.00
C ILE A 410 64.86 24.21 2.91
N SER A 411 64.30 24.50 1.74
CA SER A 411 63.59 25.75 1.53
C SER A 411 62.31 25.78 2.36
N SER A 412 61.66 24.64 2.53
CA SER A 412 60.44 24.62 3.32
C SER A 412 60.80 24.90 4.77
N MET A 413 61.99 24.43 5.16
CA MET A 413 62.47 24.59 6.53
C MET A 413 62.87 26.01 6.93
N ASP A 414 62.69 26.98 6.04
CA ASP A 414 63.03 28.34 6.38
C ASP A 414 62.17 28.72 7.58
N ASN A 415 61.07 28.01 7.74
CA ASN A 415 60.20 28.23 8.88
C ASN A 415 60.53 27.06 9.79
N PRO A 416 60.96 27.34 11.03
CA PRO A 416 61.30 26.28 11.97
C PRO A 416 60.10 25.40 12.26
N ASP A 417 58.91 25.93 12.01
CA ASP A 417 57.68 25.21 12.26
C ASP A 417 56.92 24.78 11.01
N ASN A 418 57.58 24.79 9.86
CA ASN A 418 56.93 24.35 8.64
C ASN A 418 56.65 22.87 8.86
N GLU A 419 55.45 22.43 8.47
CA GLU A 419 55.04 21.03 8.65
C GLU A 419 55.94 19.97 8.05
N ILE A 420 56.95 20.37 7.29
CA ILE A 420 57.87 19.40 6.72
C ILE A 420 58.68 18.84 7.89
N VAL A 421 58.82 19.66 8.94
CA VAL A 421 59.53 19.30 10.17
C VAL A 421 58.93 18.03 10.72
N LEU A 422 57.61 17.98 10.73
CA LEU A 422 56.89 16.82 11.20
C LEU A 422 57.29 15.62 10.35
N TYR A 423 57.66 15.88 9.09
CA TYR A 423 58.06 14.80 8.19
C TYR A 423 59.41 14.24 8.61
N LEU A 424 60.42 15.11 8.69
CA LEU A 424 61.78 14.74 9.07
C LEU A 424 61.69 13.92 10.35
N MET A 425 61.08 14.50 11.37
CA MET A 425 60.91 13.79 12.62
C MET A 425 60.40 12.39 12.33
N LEU A 426 59.32 12.31 11.56
CA LEU A 426 58.70 11.05 11.19
C LEU A 426 59.66 9.99 10.67
N ARG A 427 60.69 10.42 9.93
CA ARG A 427 61.69 9.50 9.41
C ARG A 427 62.57 9.02 10.55
N ALA A 428 63.07 9.99 11.33
CA ALA A 428 63.92 9.72 12.48
C ALA A 428 63.29 8.68 13.39
N VAL A 429 62.01 8.86 13.69
CA VAL A 429 61.26 7.92 14.54
C VAL A 429 61.25 6.54 13.91
N ASP A 430 61.38 6.51 12.58
CA ASP A 430 61.41 5.25 11.83
C ASP A 430 62.82 4.66 11.90
N ARG A 431 63.82 5.52 12.09
CA ARG A 431 65.22 5.12 12.19
C ARG A 431 65.34 4.43 13.54
N PHE A 432 64.76 5.08 14.53
CA PHE A 432 64.72 4.58 15.89
C PHE A 432 64.14 3.17 15.83
N HIS A 433 62.83 3.05 15.66
CA HIS A 433 62.17 1.75 15.60
C HIS A 433 62.97 0.70 14.85
N LYS A 434 63.61 1.10 13.76
CA LYS A 434 64.43 0.16 13.01
C LYS A 434 65.60 -0.20 13.92
N GLN A 435 66.29 0.82 14.40
CA GLN A 435 67.44 0.69 15.29
C GLN A 435 67.15 0.02 16.65
N GLN A 436 66.25 0.60 17.45
CA GLN A 436 65.93 0.09 18.79
C GLN A 436 64.93 -1.06 18.92
N GLY A 437 64.23 -1.38 17.83
CA GLY A 437 63.28 -2.48 17.88
C GLY A 437 61.90 -2.15 18.43
N ARG A 438 61.67 -0.88 18.74
CA ARG A 438 60.37 -0.46 19.27
C ARG A 438 60.21 1.01 18.92
N TYR A 439 59.10 1.61 19.35
CA TYR A 439 58.89 3.03 19.07
C TYR A 439 59.22 3.90 20.28
N PRO A 440 59.65 5.14 20.02
CA PRO A 440 60.02 6.16 21.00
C PRO A 440 59.03 6.43 22.14
N GLY A 441 59.38 5.93 23.33
CA GLY A 441 58.58 6.13 24.52
C GLY A 441 57.17 5.60 24.56
N VAL A 442 56.98 4.30 24.34
CA VAL A 442 55.63 3.73 24.38
C VAL A 442 55.13 3.58 25.81
N SER A 443 56.03 3.16 26.70
CA SER A 443 55.71 3.00 28.11
C SER A 443 56.14 4.32 28.77
N ASN A 444 55.40 4.78 29.78
CA ASN A 444 55.67 6.08 30.36
C ASN A 444 57.02 6.49 30.92
N TYR A 445 57.85 5.51 31.23
CA TYR A 445 59.15 5.80 31.81
C TYR A 445 60.25 5.96 30.75
N GLN A 446 60.06 5.29 29.62
CA GLN A 446 61.02 5.33 28.52
C GLN A 446 61.22 6.75 28.00
N VAL A 447 60.13 7.51 27.93
CA VAL A 447 60.15 8.89 27.44
C VAL A 447 61.48 9.58 27.70
N GLU A 448 61.73 9.84 28.97
CA GLU A 448 62.94 10.53 29.44
C GLU A 448 64.20 10.09 28.71
N GLU A 449 64.42 8.79 28.73
CA GLU A 449 65.59 8.15 28.11
C GLU A 449 65.63 8.23 26.58
N ASP A 450 64.50 7.95 25.94
CA ASP A 450 64.39 7.95 24.49
C ASP A 450 64.55 9.33 23.84
N ILE A 451 64.16 10.39 24.56
CA ILE A 451 64.29 11.76 24.04
C ILE A 451 65.72 11.97 23.56
N GLY A 452 66.60 11.10 24.03
CA GLY A 452 68.00 11.18 23.64
C GLY A 452 68.23 10.30 22.42
N LYS A 453 67.80 9.04 22.53
CA LYS A 453 67.96 8.09 21.43
C LYS A 453 67.21 8.59 20.18
N LEU A 454 66.31 9.55 20.40
CA LEU A 454 65.56 10.12 19.29
C LEU A 454 66.41 11.22 18.67
N LYS A 455 66.79 12.19 19.51
CA LYS A 455 67.61 13.32 19.09
C LYS A 455 68.77 12.80 18.27
N SER A 456 69.26 11.63 18.64
CA SER A 456 70.38 11.01 17.94
C SER A 456 69.99 10.62 16.53
N CYS A 457 68.87 9.91 16.42
CA CYS A 457 68.39 9.47 15.10
C CYS A 457 68.13 10.65 14.18
N LEU A 458 67.44 11.66 14.69
CA LEU A 458 67.15 12.85 13.88
C LEU A 458 68.46 13.40 13.36
N THR A 459 69.53 13.21 14.12
CA THR A 459 70.84 13.70 13.72
C THR A 459 71.47 12.77 12.70
N GLY A 460 71.20 11.48 12.81
CA GLY A 460 71.74 10.51 11.88
C GLY A 460 71.09 10.65 10.52
N PHE A 461 69.77 10.89 10.55
CA PHE A 461 68.97 11.07 9.35
C PHE A 461 69.52 12.26 8.57
N LEU A 462 69.38 13.45 9.13
CA LEU A 462 69.85 14.69 8.51
C LEU A 462 71.23 14.58 7.87
N GLN A 463 72.12 13.82 8.50
CA GLN A 463 73.47 13.65 8.01
C GLN A 463 73.60 12.60 6.92
N GLU A 464 72.78 11.55 6.99
CA GLU A 464 72.82 10.50 5.99
C GLU A 464 72.38 11.01 4.62
N TYR A 465 71.84 12.24 4.59
CA TYR A 465 71.38 12.85 3.35
C TYR A 465 71.95 14.25 3.15
N GLY A 466 72.80 14.69 4.07
CA GLY A 466 73.38 16.01 3.93
C GLY A 466 72.32 17.09 3.92
N LEU A 467 71.41 17.01 4.89
CA LEU A 467 70.33 17.97 5.04
C LEU A 467 70.68 18.99 6.11
N SER A 468 71.26 20.08 5.67
CA SER A 468 71.66 21.13 6.60
C SER A 468 70.43 21.92 7.06
N VAL A 469 69.64 21.32 7.95
CA VAL A 469 68.44 21.98 8.48
C VAL A 469 68.40 21.98 10.01
N MET A 470 67.71 22.95 10.59
CA MET A 470 67.59 23.12 12.03
C MET A 470 66.23 22.61 12.54
N VAL A 471 66.26 21.73 13.55
CA VAL A 471 65.02 21.16 14.09
C VAL A 471 64.82 21.46 15.57
N LYS A 472 64.02 22.49 15.89
CA LYS A 472 63.77 22.83 17.30
C LYS A 472 63.65 21.56 18.11
N ASP A 473 64.48 21.42 19.14
CA ASP A 473 64.45 20.22 19.97
C ASP A 473 63.03 19.89 20.47
N ASP A 474 62.17 20.89 20.51
CA ASP A 474 60.81 20.69 20.97
C ASP A 474 60.11 19.52 20.28
N TYR A 475 60.41 19.34 19.00
CA TYR A 475 59.80 18.24 18.26
C TYR A 475 60.32 16.89 18.72
N VAL A 476 61.63 16.78 18.91
CA VAL A 476 62.22 15.53 19.37
C VAL A 476 61.58 15.25 20.72
N HIS A 477 61.16 16.32 21.39
CA HIS A 477 60.52 16.25 22.70
C HIS A 477 59.05 15.88 22.57
N GLU A 478 58.33 16.58 21.70
CA GLU A 478 56.92 16.32 21.50
C GLU A 478 56.66 14.90 21.04
N PHE A 479 57.38 14.45 20.03
CA PHE A 479 57.17 13.10 19.54
C PHE A 479 57.24 11.99 20.59
N CYS A 480 58.11 12.11 21.59
CA CYS A 480 58.19 11.06 22.59
C CYS A 480 56.93 11.08 23.41
N ARG A 481 56.32 12.25 23.49
CA ARG A 481 55.07 12.36 24.23
C ARG A 481 54.05 11.45 23.57
N TYR A 482 54.00 11.51 22.25
CA TYR A 482 53.07 10.69 21.48
C TYR A 482 53.19 9.20 21.82
N GLY A 483 54.42 8.67 21.77
CA GLY A 483 54.62 7.26 22.07
C GLY A 483 53.88 6.41 21.08
N ALA A 484 54.06 6.74 19.80
CA ALA A 484 53.43 6.03 18.70
C ALA A 484 51.91 5.94 18.82
N ALA A 485 51.35 6.73 19.74
CA ALA A 485 49.91 6.73 19.94
C ALA A 485 49.16 7.02 18.65
N GLU A 486 47.95 6.49 18.54
CA GLU A 486 47.12 6.68 17.36
C GLU A 486 45.77 7.28 17.75
N PRO A 487 45.75 8.57 18.08
CA PRO A 487 44.54 9.30 18.47
C PRO A 487 43.41 9.13 17.45
N HIS A 488 42.25 8.66 17.92
CA HIS A 488 41.13 8.43 17.03
C HIS A 488 40.68 9.62 16.18
N THR A 489 40.79 10.84 16.69
CA THR A 489 40.37 12.00 15.90
C THR A 489 41.37 12.29 14.79
N ILE A 490 42.63 11.99 15.01
CA ILE A 490 43.61 12.23 13.96
C ILE A 490 43.41 11.13 12.93
N ALA A 491 43.16 9.91 13.40
CA ALA A 491 42.93 8.82 12.48
C ALA A 491 41.67 9.12 11.66
N ALA A 492 40.67 9.71 12.30
CA ALA A 492 39.42 10.05 11.64
C ALA A 492 39.62 11.07 10.52
N PHE A 493 40.28 12.19 10.85
CA PHE A 493 40.57 13.27 9.89
C PHE A 493 41.21 12.63 8.65
N LEU A 494 42.39 12.08 8.89
CA LEU A 494 43.18 11.41 7.90
C LEU A 494 42.35 10.35 7.19
N GLY A 495 41.36 9.81 7.90
CA GLY A 495 40.49 8.80 7.33
C GLY A 495 39.61 9.32 6.20
N GLY A 496 39.14 10.55 6.33
CA GLY A 496 38.30 11.13 5.29
C GLY A 496 39.16 11.70 4.19
N ALA A 497 40.23 12.40 4.58
CA ALA A 497 41.12 12.98 3.61
C ALA A 497 41.58 11.90 2.65
N ALA A 498 42.00 10.77 3.22
CA ALA A 498 42.47 9.64 2.41
C ALA A 498 41.38 8.90 1.63
N ALA A 499 40.21 8.75 2.23
CA ALA A 499 39.13 8.06 1.55
C ALA A 499 38.83 8.78 0.24
N GLN A 500 38.79 10.11 0.29
CA GLN A 500 38.48 10.88 -0.89
C GLN A 500 39.51 10.80 -2.00
N GLU A 501 40.78 10.57 -1.65
CA GLU A 501 41.81 10.46 -2.68
C GLU A 501 41.69 9.09 -3.34
N VAL A 502 41.31 8.08 -2.57
CA VAL A 502 41.13 6.75 -3.12
C VAL A 502 40.00 6.81 -4.17
N ILE A 503 38.89 7.44 -3.79
CA ILE A 503 37.74 7.59 -4.68
C ILE A 503 38.10 8.36 -5.94
N LYS A 504 39.02 9.32 -5.81
CA LYS A 504 39.45 10.08 -6.99
C LYS A 504 40.12 9.13 -7.99
N ILE A 505 40.99 8.24 -7.49
CA ILE A 505 41.71 7.27 -8.32
C ILE A 505 40.73 6.30 -9.00
N ILE A 506 39.81 5.79 -8.20
CA ILE A 506 38.80 4.87 -8.68
C ILE A 506 37.92 5.51 -9.76
N THR A 507 37.41 6.73 -9.51
CA THR A 507 36.54 7.43 -10.46
C THR A 507 37.31 8.19 -11.54
N LYS A 508 38.58 8.48 -11.26
CA LYS A 508 39.39 9.24 -12.21
C LYS A 508 38.69 10.57 -12.42
N GLN A 509 37.99 11.06 -11.40
CA GLN A 509 37.28 12.31 -11.59
C GLN A 509 37.94 13.57 -11.09
N PHE A 510 38.09 13.77 -9.80
CA PHE A 510 38.71 15.03 -9.40
C PHE A 510 40.23 14.94 -9.55
N VAL A 511 40.96 15.85 -8.92
CA VAL A 511 42.41 15.83 -9.01
C VAL A 511 43.03 15.36 -7.68
N ILE A 512 44.07 14.55 -7.75
CA ILE A 512 44.71 14.07 -6.53
C ILE A 512 45.92 14.91 -6.16
N PHE A 513 46.34 14.88 -4.89
CA PHE A 513 47.49 15.65 -4.45
C PHE A 513 48.75 14.98 -4.99
N ASN A 514 49.81 15.75 -5.23
CA ASN A 514 51.02 15.16 -5.75
C ASN A 514 51.97 14.92 -4.60
N ASN A 515 52.27 13.64 -4.38
CA ASN A 515 53.15 13.18 -3.33
C ASN A 515 52.57 13.42 -1.93
N THR A 516 53.41 13.38 -0.91
CA THR A 516 53.06 13.54 0.50
C THR A 516 52.20 14.68 1.09
N TYR A 517 51.20 14.31 1.92
CA TYR A 517 50.31 15.26 2.60
C TYR A 517 50.59 15.17 4.10
N ILE A 518 50.91 16.32 4.71
CA ILE A 518 51.22 16.40 6.13
C ILE A 518 50.20 17.24 6.89
N TYR A 519 49.71 16.71 8.00
CA TYR A 519 48.70 17.40 8.80
C TYR A 519 49.07 17.44 10.28
N SER A 520 49.10 18.64 10.84
CA SER A 520 49.43 18.86 12.24
C SER A 520 48.20 19.05 13.11
N GLY A 521 47.99 18.18 14.06
CA GLY A 521 46.84 18.33 14.93
C GLY A 521 47.10 19.41 15.96
N MET A 522 48.37 19.63 16.27
CA MET A 522 48.76 20.63 17.25
C MET A 522 48.24 21.98 16.81
N SER A 523 48.66 22.40 15.62
CA SER A 523 48.27 23.71 15.09
C SER A 523 47.07 23.70 14.14
N GLN A 524 46.53 22.52 13.86
CA GLN A 524 45.40 22.41 12.94
C GLN A 524 45.71 23.09 11.60
N THR A 525 46.84 22.69 11.02
CA THR A 525 47.28 23.22 9.74
C THR A 525 47.79 22.04 8.93
N SER A 526 48.01 22.25 7.64
CA SER A 526 48.49 21.17 6.78
C SER A 526 49.28 21.76 5.62
N ALA A 527 49.79 20.88 4.75
CA ALA A 527 50.54 21.29 3.59
C ALA A 527 50.93 20.08 2.78
N THR A 528 51.11 20.29 1.49
CA THR A 528 51.48 19.20 0.58
C THR A 528 52.90 19.44 0.09
N PHE A 529 53.68 18.37 -0.05
CA PHE A 529 55.04 18.47 -0.55
C PHE A 529 55.27 17.44 -1.65
N GLN A 530 56.14 17.80 -2.59
CA GLN A 530 56.49 16.93 -3.71
C GLN A 530 57.87 16.35 -3.42
N LEU A 531 57.94 15.47 -2.43
CA LEU A 531 59.16 14.79 -2.00
C LEU A 531 59.65 13.68 -2.93
N LEU B 3 33.25 -1.97 33.89
CA LEU B 3 34.36 -0.95 33.98
C LEU B 3 35.06 -0.80 32.63
N ASP B 4 36.26 -0.24 32.67
CA ASP B 4 37.07 -0.05 31.47
C ASP B 4 38.13 -1.16 31.45
N TRP B 5 38.27 -1.84 30.32
CA TRP B 5 39.23 -2.94 30.18
C TRP B 5 40.69 -2.53 30.08
N GLU B 6 41.58 -3.52 30.20
CA GLU B 6 43.02 -3.30 30.17
C GLU B 6 43.60 -2.66 28.94
N GLY B 7 44.06 -1.42 29.08
CA GLY B 7 44.66 -0.72 27.95
C GLY B 7 43.70 0.04 27.06
N ARG B 8 42.45 0.17 27.49
CA ARG B 8 41.41 0.86 26.72
C ARG B 8 41.74 2.29 26.30
N TRP B 9 42.30 3.09 27.20
CA TRP B 9 42.59 4.47 26.82
C TRP B 9 44.06 4.78 26.68
N ASN B 10 44.86 3.76 26.40
CA ASN B 10 46.31 3.95 26.25
C ASN B 10 46.64 5.06 25.27
N HIS B 11 45.76 5.25 24.28
CA HIS B 11 45.97 6.28 23.27
C HIS B 11 45.63 7.69 23.74
N VAL B 12 44.86 7.81 24.82
CA VAL B 12 44.50 9.12 25.36
C VAL B 12 45.41 9.43 26.55
N LYS B 13 45.61 8.43 27.40
CA LYS B 13 46.46 8.60 28.58
C LYS B 13 47.76 9.29 28.21
N LYS B 14 48.37 8.89 27.09
CA LYS B 14 49.62 9.48 26.63
C LYS B 14 49.55 11.01 26.55
N PHE B 15 48.34 11.56 26.52
CA PHE B 15 48.17 13.01 26.42
C PHE B 15 47.80 13.70 27.72
N LEU B 16 47.21 12.96 28.64
CA LEU B 16 46.79 13.57 29.90
C LEU B 16 47.73 13.25 31.05
N GLU B 17 48.56 12.21 30.87
CA GLU B 17 49.51 11.80 31.90
C GLU B 17 50.86 12.47 31.64
N ARG B 18 51.38 12.35 30.43
CA ARG B 18 52.65 12.98 30.12
C ARG B 18 52.44 14.46 29.80
N SER B 19 53.51 15.23 29.80
CA SER B 19 53.40 16.65 29.48
C SER B 19 54.10 16.88 28.15
N GLY B 20 54.14 18.14 27.72
CA GLY B 20 54.77 18.46 26.46
C GLY B 20 55.10 19.93 26.31
N PRO B 21 55.84 20.29 25.26
CA PRO B 21 56.24 21.68 24.96
C PRO B 21 55.22 22.52 24.21
N PHE B 22 54.01 22.01 24.03
CA PHE B 22 52.98 22.74 23.32
C PHE B 22 51.69 22.73 24.11
N THR B 23 51.79 22.25 25.34
CA THR B 23 50.61 22.19 26.18
C THR B 23 50.14 23.58 26.56
N HIS B 24 48.83 23.73 26.67
CA HIS B 24 48.26 24.98 27.08
C HIS B 24 48.96 25.22 28.42
N PRO B 25 49.31 26.47 28.74
CA PRO B 25 49.99 26.77 30.01
C PRO B 25 49.31 26.21 31.26
N ASP B 26 47.99 26.21 31.29
CA ASP B 26 47.28 25.71 32.46
C ASP B 26 47.30 24.20 32.57
N PHE B 27 48.18 23.55 31.83
CA PHE B 27 48.23 22.09 31.85
C PHE B 27 48.98 21.47 33.01
N GLU B 28 48.35 20.45 33.59
CA GLU B 28 48.89 19.71 34.73
C GLU B 28 48.82 18.22 34.45
N PRO B 29 49.97 17.59 34.24
CA PRO B 29 50.01 16.15 33.98
C PRO B 29 49.37 15.42 35.14
N SER B 30 48.78 14.26 34.89
CA SER B 30 48.17 13.48 35.95
C SER B 30 47.46 12.24 35.46
N THR B 31 47.42 11.25 36.34
CA THR B 31 46.78 9.98 36.05
C THR B 31 45.27 10.07 36.33
N GLU B 32 44.88 11.00 37.21
CA GLU B 32 43.49 11.18 37.59
C GLU B 32 42.71 12.08 36.63
N SER B 33 43.39 12.54 35.59
CA SER B 33 42.79 13.42 34.59
C SER B 33 41.73 12.69 33.76
N LEU B 34 42.06 11.49 33.32
CA LEU B 34 41.13 10.71 32.50
C LEU B 34 39.79 10.42 33.15
N GLN B 35 39.82 9.84 34.34
CA GLN B 35 38.57 9.50 35.04
C GLN B 35 37.69 10.73 35.28
N PHE B 36 38.34 11.87 35.46
CA PHE B 36 37.65 13.13 35.71
C PHE B 36 36.96 13.63 34.43
N LEU B 37 37.58 13.34 33.29
CA LEU B 37 37.05 13.71 31.99
C LEU B 37 35.79 12.88 31.72
N LEU B 38 35.96 11.57 31.84
CA LEU B 38 34.89 10.61 31.64
C LEU B 38 33.73 10.88 32.56
N ASP B 39 34.07 11.12 33.82
CA ASP B 39 33.07 11.34 34.83
C ASP B 39 32.28 12.61 34.75
N THR B 40 32.96 13.75 34.61
CA THR B 40 32.25 15.02 34.63
C THR B 40 32.26 16.03 33.49
N CYS B 41 32.71 15.65 32.29
CA CYS B 41 32.69 16.64 31.23
C CYS B 41 31.42 16.53 30.38
N LYS B 42 30.53 17.50 30.57
CA LYS B 42 29.27 17.55 29.86
C LYS B 42 29.47 18.16 28.48
N VAL B 43 29.49 17.33 27.44
CA VAL B 43 29.65 17.85 26.09
C VAL B 43 28.33 17.65 25.34
N LEU B 44 27.81 18.74 24.77
CA LEU B 44 26.55 18.69 24.04
C LEU B 44 26.79 18.75 22.54
N VAL B 45 26.18 17.84 21.79
CA VAL B 45 26.33 17.83 20.34
C VAL B 45 25.01 18.27 19.71
N ILE B 46 25.07 19.27 18.84
CA ILE B 46 23.87 19.78 18.19
C ILE B 46 23.74 19.29 16.75
N GLY B 47 22.81 18.36 16.56
CA GLY B 47 22.56 17.76 15.26
C GLY B 47 23.22 16.39 15.13
N ALA B 48 22.52 15.46 14.51
CA ALA B 48 23.07 14.13 14.30
C ALA B 48 22.93 13.81 12.83
N GLY B 49 23.89 14.24 12.00
CA GLY B 49 23.76 13.96 10.59
C GLY B 49 25.01 14.01 9.75
N GLY B 50 26.01 13.24 10.12
CA GLY B 50 27.22 13.28 9.33
C GLY B 50 28.18 13.98 10.24
N LEU B 51 28.08 15.29 10.35
CA LEU B 51 28.96 15.99 11.27
C LEU B 51 28.59 15.43 12.64
N GLY B 52 27.29 15.46 12.93
CA GLY B 52 26.78 14.97 14.21
C GLY B 52 27.27 13.58 14.56
N CYS B 53 26.85 12.60 13.76
CA CYS B 53 27.25 11.22 14.02
C CYS B 53 28.76 11.09 14.19
N GLU B 54 29.51 11.74 13.32
CA GLU B 54 30.96 11.68 13.39
C GLU B 54 31.42 12.20 14.75
N LEU B 55 30.94 13.37 15.12
CA LEU B 55 31.28 14.00 16.40
C LEU B 55 31.15 13.05 17.59
N LEU B 56 29.97 12.47 17.74
CA LEU B 56 29.70 11.55 18.82
C LEU B 56 30.74 10.45 18.86
N LYS B 57 30.93 9.77 17.73
CA LYS B 57 31.93 8.71 17.64
C LYS B 57 33.32 9.24 18.03
N ASN B 58 33.68 10.42 17.55
CA ASN B 58 34.97 11.00 17.86
C ASN B 58 35.19 11.32 19.34
N LEU B 59 34.22 11.98 19.97
CA LEU B 59 34.37 12.32 21.38
C LEU B 59 34.33 11.06 22.25
N ALA B 60 33.36 10.18 21.96
CA ALA B 60 33.16 8.94 22.70
C ALA B 60 34.42 8.13 22.81
N LEU B 61 35.24 8.14 21.76
CA LEU B 61 36.51 7.42 21.70
C LEU B 61 37.69 8.33 22.05
N SER B 62 37.37 9.55 22.46
CA SER B 62 38.39 10.52 22.82
C SER B 62 38.41 10.73 24.33
N GLY B 63 37.58 9.98 25.03
CA GLY B 63 37.55 10.09 26.48
C GLY B 63 36.34 10.77 27.09
N PHE B 64 35.37 11.17 26.28
CA PHE B 64 34.19 11.81 26.82
C PHE B 64 33.13 10.75 27.05
N ARG B 65 32.14 11.08 27.84
CA ARG B 65 31.10 10.11 28.16
C ARG B 65 29.76 10.77 28.46
N GLN B 66 29.78 11.92 29.12
CA GLN B 66 28.54 12.61 29.43
C GLN B 66 28.18 13.47 28.22
N ILE B 67 27.63 12.82 27.20
CA ILE B 67 27.28 13.49 25.96
C ILE B 67 25.78 13.59 25.73
N HIS B 68 25.31 14.79 25.39
CA HIS B 68 23.90 14.99 25.11
C HIS B 68 23.81 15.32 23.62
N VAL B 69 22.70 14.94 22.99
CA VAL B 69 22.49 15.18 21.55
C VAL B 69 21.12 15.76 21.24
N ILE B 70 21.08 16.88 20.53
CA ILE B 70 19.80 17.48 20.18
C ILE B 70 19.66 17.33 18.69
N ASP B 71 18.44 17.09 18.21
CA ASP B 71 18.17 16.97 16.78
C ASP B 71 16.67 16.69 16.61
N MET B 72 16.05 17.49 15.75
CA MET B 72 14.62 17.40 15.50
C MET B 72 14.27 16.49 14.35
N ASP B 73 15.26 15.91 13.70
CA ASP B 73 14.96 15.07 12.54
C ASP B 73 14.74 13.59 12.77
N THR B 74 14.09 13.00 11.77
CA THR B 74 13.77 11.58 11.69
C THR B 74 14.63 11.04 10.53
N ILE B 75 14.99 9.77 10.57
CA ILE B 75 15.81 9.21 9.51
C ILE B 75 15.10 9.16 8.17
N ASP B 76 15.86 9.42 7.12
CA ASP B 76 15.38 9.39 5.74
C ASP B 76 16.37 8.49 5.03
N VAL B 77 15.96 7.83 3.96
CA VAL B 77 16.88 6.96 3.26
C VAL B 77 18.13 7.69 2.75
N SER B 78 17.95 8.92 2.29
CA SER B 78 19.05 9.75 1.75
C SER B 78 20.01 10.25 2.82
N ASN B 79 20.23 9.45 3.85
CA ASN B 79 21.12 9.81 4.94
C ASN B 79 22.17 8.75 5.06
N LEU B 80 21.83 7.57 4.58
CA LEU B 80 22.68 6.39 4.67
C LEU B 80 24.02 6.44 3.95
N ASN B 81 24.24 7.39 3.06
CA ASN B 81 25.52 7.40 2.38
C ASN B 81 26.59 8.05 3.27
N ARG B 82 26.17 8.71 4.34
CA ARG B 82 27.10 9.39 5.24
C ARG B 82 26.81 9.27 6.74
N GLN B 83 25.53 9.15 7.12
CA GLN B 83 25.15 9.03 8.53
C GLN B 83 25.15 7.58 9.04
N PHE B 84 26.34 7.04 9.19
CA PHE B 84 26.59 5.68 9.61
C PHE B 84 25.97 5.16 10.91
N LEU B 85 25.20 5.94 11.65
CA LEU B 85 24.60 5.37 12.85
C LEU B 85 23.21 4.86 12.53
N PHE B 86 22.74 5.19 11.34
CA PHE B 86 21.41 4.78 10.90
C PHE B 86 21.48 3.74 9.80
N ARG B 87 20.60 2.75 9.89
CA ARG B 87 20.53 1.69 8.90
C ARG B 87 19.13 1.70 8.33
N PRO B 88 18.94 1.09 7.15
CA PRO B 88 17.65 1.02 6.43
C PRO B 88 16.46 0.77 7.35
N LYS B 89 16.64 -0.17 8.29
CA LYS B 89 15.59 -0.55 9.23
C LYS B 89 15.29 0.51 10.30
N ASP B 90 16.13 1.54 10.40
CA ASP B 90 15.94 2.59 11.40
C ASP B 90 15.14 3.75 10.84
N ILE B 91 15.01 3.80 9.52
CA ILE B 91 14.30 4.90 8.87
C ILE B 91 12.98 5.21 9.56
N GLY B 92 12.57 6.47 9.50
CA GLY B 92 11.33 6.87 10.15
C GLY B 92 11.53 7.25 11.61
N ARG B 93 12.48 6.58 12.26
CA ARG B 93 12.82 6.84 13.67
C ARG B 93 13.57 8.16 13.86
N PRO B 94 13.50 8.74 15.07
CA PRO B 94 14.17 10.00 15.39
C PRO B 94 15.69 9.86 15.52
N LYS B 95 16.38 10.61 14.67
CA LYS B 95 17.83 10.59 14.61
C LYS B 95 18.51 10.66 15.96
N ALA B 96 18.20 11.68 16.73
CA ALA B 96 18.82 11.83 18.04
C ALA B 96 18.71 10.53 18.84
N GLU B 97 17.50 9.95 18.89
CA GLU B 97 17.26 8.71 19.64
C GLU B 97 18.05 7.53 19.10
N VAL B 98 18.00 7.32 17.79
CA VAL B 98 18.71 6.21 17.19
C VAL B 98 20.22 6.40 17.33
N ALA B 99 20.69 7.62 17.11
CA ALA B 99 22.11 7.90 17.23
C ALA B 99 22.59 7.54 18.63
N ALA B 100 21.80 7.91 19.64
CA ALA B 100 22.16 7.62 21.02
C ALA B 100 22.23 6.10 21.25
N GLU B 101 21.16 5.41 20.84
CA GLU B 101 21.02 3.96 20.95
C GLU B 101 22.25 3.25 20.45
N PHE B 102 22.62 3.60 19.23
CA PHE B 102 23.77 3.01 18.59
C PHE B 102 25.02 3.17 19.41
N LEU B 103 25.41 4.42 19.65
CA LEU B 103 26.61 4.70 20.40
C LEU B 103 26.73 4.05 21.75
N ASN B 104 25.68 4.15 22.56
CA ASN B 104 25.72 3.58 23.89
C ASN B 104 25.88 2.07 23.86
N ASP B 105 25.64 1.50 22.69
CA ASP B 105 25.74 0.05 22.50
C ASP B 105 27.09 -0.40 21.93
N ARG B 106 27.72 0.47 21.14
CA ARG B 106 29.00 0.17 20.50
C ARG B 106 30.21 0.50 21.37
N VAL B 107 30.12 1.62 22.07
CA VAL B 107 31.17 2.08 22.96
C VAL B 107 30.74 1.81 24.40
N PRO B 108 31.18 0.68 24.96
CA PRO B 108 30.88 0.23 26.32
C PRO B 108 30.15 1.14 27.28
N ASN B 109 30.85 2.00 28.00
CA ASN B 109 30.11 2.81 28.95
C ASN B 109 29.80 4.24 28.60
N CYS B 110 29.50 4.45 27.33
CA CYS B 110 29.16 5.80 26.89
C CYS B 110 27.86 6.09 27.59
N ASN B 111 27.40 7.32 27.49
CA ASN B 111 26.17 7.69 28.16
C ASN B 111 25.47 8.76 27.35
N VAL B 112 25.44 8.59 26.03
CA VAL B 112 24.78 9.57 25.20
C VAL B 112 23.31 9.72 25.57
N VAL B 113 22.86 10.96 25.76
CA VAL B 113 21.48 11.26 26.12
C VAL B 113 20.88 11.96 24.92
N PRO B 114 19.86 11.37 24.32
CA PRO B 114 19.29 12.05 23.17
C PRO B 114 18.28 13.12 23.57
N HIS B 115 17.92 13.95 22.61
CA HIS B 115 16.92 15.00 22.82
C HIS B 115 16.21 15.19 21.49
N PHE B 116 15.03 14.59 21.38
CA PHE B 116 14.25 14.72 20.15
C PHE B 116 13.59 16.09 20.25
N ASN B 117 14.41 17.12 20.09
CA ASN B 117 13.98 18.51 20.14
C ASN B 117 14.65 19.34 19.05
N LYS B 118 14.52 20.65 19.17
CA LYS B 118 15.17 21.57 18.26
C LYS B 118 15.69 22.65 19.20
N ILE B 119 16.97 22.94 19.10
CA ILE B 119 17.60 23.91 19.97
C ILE B 119 16.72 25.01 20.57
N GLN B 120 15.74 25.52 19.83
CA GLN B 120 14.91 26.58 20.39
C GLN B 120 13.82 26.12 21.37
N ASP B 121 13.75 24.83 21.66
CA ASP B 121 12.75 24.37 22.63
C ASP B 121 13.30 24.72 24.00
N PHE B 122 14.63 24.69 24.10
CA PHE B 122 15.34 24.97 25.35
C PHE B 122 15.65 26.44 25.61
N ASN B 123 16.16 26.72 26.81
CA ASN B 123 16.53 28.07 27.20
C ASN B 123 17.84 28.04 28.02
N ASP B 124 18.27 29.20 28.51
CA ASP B 124 19.50 29.29 29.30
C ASP B 124 19.69 28.13 30.24
N THR B 125 18.91 28.10 31.31
CA THR B 125 18.99 27.03 32.30
C THR B 125 19.58 25.74 31.72
N PHE B 126 19.05 25.29 30.59
CA PHE B 126 19.51 24.08 29.94
C PHE B 126 20.95 24.13 29.48
N TYR B 127 21.22 25.01 28.51
CA TYR B 127 22.56 25.15 27.94
C TYR B 127 23.61 25.49 28.97
N ARG B 128 23.21 26.20 30.01
CA ARG B 128 24.14 26.62 31.05
C ARG B 128 24.81 25.46 31.76
N GLN B 129 24.22 24.27 31.66
CA GLN B 129 24.75 23.08 32.32
C GLN B 129 25.87 22.34 31.59
N PHE B 130 26.32 22.84 30.44
CA PHE B 130 27.38 22.15 29.67
C PHE B 130 28.71 22.86 29.68
N HIS B 131 29.80 22.10 29.60
CA HIS B 131 31.14 22.68 29.60
C HIS B 131 31.56 23.09 28.20
N ILE B 132 31.14 22.31 27.22
CA ILE B 132 31.51 22.60 25.84
C ILE B 132 30.38 22.21 24.91
N ILE B 133 30.18 23.00 23.86
CA ILE B 133 29.15 22.69 22.88
C ILE B 133 29.73 22.62 21.47
N VAL B 134 29.40 21.55 20.75
CA VAL B 134 29.87 21.33 19.38
C VAL B 134 28.68 21.46 18.45
N CYS B 135 28.93 21.95 17.24
CA CYS B 135 27.86 22.10 16.28
C CYS B 135 28.03 21.35 14.96
N GLY B 136 26.95 20.67 14.59
CA GLY B 136 26.92 19.92 13.34
C GLY B 136 25.63 20.38 12.70
N LEU B 137 25.31 21.66 12.90
CA LEU B 137 24.11 22.23 12.34
C LEU B 137 24.13 22.25 10.81
N ASP B 138 23.02 22.65 10.19
CA ASP B 138 22.91 22.62 8.75
C ASP B 138 22.32 23.87 8.15
N SER B 139 21.96 24.82 9.02
CA SER B 139 21.40 26.07 8.55
C SER B 139 22.10 27.22 9.24
N ILE B 140 22.04 28.37 8.61
CA ILE B 140 22.66 29.54 9.18
C ILE B 140 21.83 30.07 10.35
N ILE B 141 20.51 30.11 10.21
CA ILE B 141 19.70 30.63 11.31
C ILE B 141 20.05 29.88 12.60
N ALA B 142 20.04 28.56 12.54
CA ALA B 142 20.36 27.74 13.70
C ALA B 142 21.68 28.13 14.31
N ARG B 143 22.70 28.28 13.47
CA ARG B 143 24.00 28.66 14.01
C ARG B 143 23.95 30.06 14.67
N ARG B 144 23.14 30.95 14.11
CA ARG B 144 23.01 32.29 14.67
C ARG B 144 22.24 32.27 15.96
N TRP B 145 21.29 31.36 16.08
CA TRP B 145 20.50 31.26 17.31
C TRP B 145 21.35 30.76 18.47
N ILE B 146 21.98 29.62 18.29
CA ILE B 146 22.81 29.06 19.33
C ILE B 146 23.84 30.10 19.77
N ASN B 147 24.26 30.95 18.83
CA ASN B 147 25.24 32.02 19.10
C ASN B 147 24.75 32.98 20.20
N GLY B 148 23.66 33.69 19.94
CA GLY B 148 23.10 34.61 20.92
C GLY B 148 22.88 33.98 22.29
N MET B 149 22.46 32.73 22.28
CA MET B 149 22.21 32.00 23.51
C MET B 149 23.51 31.93 24.31
N LEU B 150 24.53 31.26 23.76
CA LEU B 150 25.79 31.14 24.49
C LEU B 150 26.43 32.47 24.87
N ILE B 151 26.01 33.55 24.20
CA ILE B 151 26.51 34.88 24.51
C ILE B 151 25.70 35.47 25.66
N SER B 152 24.44 35.06 25.77
CA SER B 152 23.58 35.56 26.84
C SER B 152 23.98 34.95 28.18
N LEU B 153 24.68 33.83 28.13
CA LEU B 153 25.14 33.14 29.34
C LEU B 153 26.26 33.91 30.01
N LEU B 154 26.90 34.77 29.24
CA LEU B 154 28.01 35.55 29.75
C LEU B 154 27.55 36.47 30.84
N ASN B 155 28.30 36.47 31.93
CA ASN B 155 28.00 37.31 33.08
C ASN B 155 29.06 38.40 33.20
N TYR B 156 28.63 39.66 33.04
CA TYR B 156 29.53 40.82 33.16
C TYR B 156 29.37 41.52 34.50
N GLU B 157 30.40 41.45 35.32
CA GLU B 157 30.36 42.12 36.60
C GLU B 157 31.14 43.42 36.46
N ASP B 158 30.42 44.53 36.40
CA ASP B 158 31.04 45.84 36.25
C ASP B 158 32.05 45.86 35.11
N GLY B 159 31.54 45.88 33.88
CA GLY B 159 32.42 45.93 32.72
C GLY B 159 33.31 44.72 32.54
N VAL B 160 33.78 44.15 33.64
CA VAL B 160 34.63 42.96 33.58
C VAL B 160 33.78 41.73 33.32
N LEU B 161 34.36 40.78 32.58
CA LEU B 161 33.65 39.56 32.24
C LEU B 161 34.00 38.37 33.11
N ASP B 162 32.96 37.64 33.50
CA ASP B 162 33.13 36.45 34.32
C ASP B 162 33.64 35.36 33.39
N PRO B 163 34.88 34.88 33.61
CA PRO B 163 35.53 33.83 32.81
C PRO B 163 34.91 32.45 32.95
N SER B 164 33.97 32.31 33.88
CA SER B 164 33.32 31.03 34.08
C SER B 164 31.95 31.00 33.40
N SER B 165 31.47 32.15 32.92
CA SER B 165 30.17 32.20 32.25
C SER B 165 30.34 31.93 30.77
N ILE B 166 31.57 31.63 30.39
CA ILE B 166 31.89 31.38 28.99
C ILE B 166 31.75 29.90 28.65
N VAL B 167 30.96 29.59 27.62
CA VAL B 167 30.84 28.20 27.22
C VAL B 167 31.34 28.13 25.80
N PRO B 168 32.50 27.48 25.62
CA PRO B 168 33.15 27.30 24.32
C PRO B 168 32.20 26.65 23.32
N LEU B 169 32.09 27.26 22.14
CA LEU B 169 31.25 26.73 21.08
C LEU B 169 32.06 26.42 19.83
N ILE B 170 32.28 25.14 19.53
CA ILE B 170 33.02 24.79 18.32
C ILE B 170 31.99 24.53 17.20
N ASP B 171 32.17 25.19 16.04
CA ASP B 171 31.26 25.02 14.90
C ASP B 171 31.83 24.50 13.58
N GLY B 172 31.19 23.47 13.05
CA GLY B 172 31.63 22.87 11.80
C GLY B 172 30.54 22.99 10.77
N GLY B 173 30.96 23.17 9.53
CA GLY B 173 30.03 23.32 8.43
C GLY B 173 30.62 22.58 7.26
N THR B 174 29.74 22.02 6.45
CA THR B 174 30.21 21.27 5.32
C THR B 174 29.29 21.42 4.12
N GLU B 175 29.87 21.27 2.92
CA GLU B 175 29.12 21.33 1.65
C GLU B 175 29.94 20.61 0.60
N GLY B 176 29.41 19.50 0.11
CA GLY B 176 30.13 18.75 -0.91
C GLY B 176 31.50 18.38 -0.43
N PHE B 177 32.52 18.88 -1.12
CA PHE B 177 33.92 18.59 -0.78
C PHE B 177 34.61 19.73 -0.09
N LYS B 178 33.83 20.60 0.55
CA LYS B 178 34.40 21.72 1.27
C LYS B 178 33.83 21.77 2.67
N GLY B 179 34.59 22.37 3.58
CA GLY B 179 34.11 22.48 4.95
C GLY B 179 34.92 23.43 5.77
N ASN B 180 34.40 23.77 6.93
CA ASN B 180 35.11 24.65 7.83
C ASN B 180 34.83 24.35 9.28
N ALA B 181 35.72 24.82 10.15
CA ALA B 181 35.58 24.61 11.56
C ALA B 181 36.04 25.87 12.20
N GLN B 182 35.28 26.35 13.16
CA GLN B 182 35.64 27.55 13.87
C GLN B 182 35.51 27.24 15.37
N VAL B 183 36.30 27.92 16.18
CA VAL B 183 36.25 27.73 17.61
C VAL B 183 35.87 29.10 18.18
N ILE B 184 34.72 29.16 18.83
CA ILE B 184 34.23 30.39 19.39
C ILE B 184 34.30 30.36 20.91
N LEU B 185 34.73 31.47 21.51
CA LEU B 185 34.78 31.59 22.96
C LEU B 185 33.98 32.86 23.21
N PRO B 186 32.65 32.73 23.36
CA PRO B 186 31.77 33.87 23.60
C PRO B 186 32.34 34.89 24.55
N GLY B 187 32.46 36.13 24.10
CA GLY B 187 32.99 37.15 24.97
C GLY B 187 34.33 37.61 24.50
N MET B 188 35.25 36.66 24.33
CA MET B 188 36.62 36.94 23.87
C MET B 188 36.76 36.82 22.35
N THR B 189 36.86 35.59 21.87
CA THR B 189 36.99 35.28 20.46
C THR B 189 35.85 35.77 19.58
N ALA B 190 36.06 35.77 18.26
CA ALA B 190 35.03 36.19 17.31
C ALA B 190 33.94 35.14 17.28
N CYS B 191 32.68 35.58 17.27
CA CYS B 191 31.57 34.65 17.26
C CYS B 191 30.98 34.39 15.87
N ILE B 192 29.91 33.60 15.82
CA ILE B 192 29.25 33.29 14.55
C ILE B 192 28.80 34.58 13.84
N GLU B 193 28.35 35.55 14.61
CA GLU B 193 27.87 36.80 14.02
C GLU B 193 29.01 37.61 13.42
N CYS B 194 30.12 37.71 14.15
CA CYS B 194 31.28 38.45 13.63
C CYS B 194 31.57 37.92 12.24
N THR B 195 31.91 36.65 12.16
CA THR B 195 32.24 36.00 10.90
C THR B 195 31.07 35.73 9.92
N LEU B 196 29.88 36.28 10.22
CA LEU B 196 28.69 36.07 9.39
C LEU B 196 28.87 36.31 7.91
N GLU B 197 29.54 37.40 7.54
CA GLU B 197 29.73 37.73 6.13
C GLU B 197 30.63 36.83 5.29
N LEU B 198 31.07 35.73 5.86
CA LEU B 198 31.91 34.78 5.15
C LEU B 198 31.06 33.77 4.39
N TYR B 199 29.74 33.85 4.57
CA TYR B 199 28.86 32.90 3.92
C TYR B 199 28.62 33.26 2.46
N PRO B 200 28.33 32.25 1.63
CA PRO B 200 28.09 32.50 0.21
C PRO B 200 26.86 33.37 0.03
N PRO B 201 26.76 34.02 -1.14
CA PRO B 201 25.62 34.90 -1.46
C PRO B 201 24.39 34.04 -1.78
N GLN B 202 23.22 34.47 -1.32
CA GLN B 202 22.01 33.71 -1.58
C GLN B 202 21.55 33.85 -3.03
N VAL B 203 21.71 32.77 -3.79
CA VAL B 203 21.32 32.74 -5.21
C VAL B 203 19.79 32.67 -5.31
N ASN B 204 19.17 33.78 -5.73
CA ASN B 204 17.72 33.80 -5.88
C ASN B 204 17.27 34.15 -7.28
N PHE B 205 16.40 33.32 -7.85
CA PHE B 205 15.91 33.54 -9.19
C PHE B 205 14.93 34.69 -9.14
N PRO B 206 15.16 35.72 -9.94
CA PRO B 206 14.26 36.87 -9.94
C PRO B 206 12.91 36.52 -10.58
N MET B 207 11.84 36.83 -9.86
CA MET B 207 10.48 36.57 -10.31
C MET B 207 10.29 36.71 -11.81
N ALA B 208 10.68 37.87 -12.35
CA ALA B 208 10.57 38.17 -13.77
C ALA B 208 10.95 36.97 -14.62
N THR B 209 12.22 36.59 -14.57
CA THR B 209 12.69 35.47 -15.35
C THR B 209 11.85 34.22 -15.07
N ILE B 210 11.67 33.92 -13.78
CA ILE B 210 10.92 32.74 -13.36
C ILE B 210 9.50 32.62 -13.88
N ALA B 211 8.75 33.71 -13.80
CA ALA B 211 7.37 33.69 -14.23
C ALA B 211 7.19 33.95 -15.72
N SER B 212 8.08 34.72 -16.31
CA SER B 212 7.92 35.04 -17.74
C SER B 212 8.97 34.59 -18.71
N MET B 213 10.24 34.65 -18.32
CA MET B 213 11.32 34.29 -19.24
C MET B 213 12.35 33.28 -18.74
N PRO B 214 11.94 32.03 -18.55
CA PRO B 214 12.85 31.00 -18.08
C PRO B 214 13.84 30.58 -19.16
N ARG B 215 15.03 30.18 -18.73
CA ARG B 215 16.10 29.77 -19.64
C ARG B 215 16.73 28.42 -19.25
N LEU B 216 16.68 28.12 -17.95
CA LEU B 216 17.28 26.89 -17.44
C LEU B 216 16.20 25.97 -16.93
N PRO B 217 16.47 24.65 -16.88
CA PRO B 217 15.40 23.79 -16.39
C PRO B 217 14.95 24.05 -14.95
N GLU B 218 15.78 24.72 -14.14
CA GLU B 218 15.38 24.98 -12.75
C GLU B 218 14.47 26.17 -12.64
N HIS B 219 14.37 26.94 -13.70
CA HIS B 219 13.48 28.09 -13.74
C HIS B 219 12.06 27.55 -13.88
N CYS B 220 11.97 26.38 -14.50
CA CYS B 220 10.71 25.70 -14.73
C CYS B 220 10.29 24.98 -13.47
N ILE B 221 11.21 24.27 -12.85
CA ILE B 221 10.90 23.55 -11.63
C ILE B 221 10.51 24.57 -10.54
N GLU B 222 11.18 25.71 -10.53
CA GLU B 222 10.89 26.74 -9.54
C GLU B 222 9.51 27.31 -9.80
N TYR B 223 9.21 27.61 -11.06
CA TYR B 223 7.90 28.16 -11.42
C TYR B 223 6.80 27.22 -10.93
N VAL B 224 6.99 25.93 -11.08
CA VAL B 224 5.99 24.99 -10.62
C VAL B 224 5.92 24.97 -9.09
N ARG B 225 7.07 24.91 -8.44
CA ARG B 225 7.11 24.85 -6.98
C ARG B 225 6.61 26.09 -6.27
N MET B 226 6.99 27.25 -6.77
CA MET B 226 6.64 28.53 -6.16
C MET B 226 5.37 29.22 -6.66
N LEU B 227 5.06 29.08 -7.94
CA LEU B 227 3.88 29.73 -8.49
C LEU B 227 2.71 28.82 -8.82
N GLN B 228 2.98 27.70 -9.50
CA GLN B 228 1.90 26.80 -9.91
C GLN B 228 1.20 26.07 -8.77
N TRP B 229 1.97 25.42 -7.92
CA TRP B 229 1.40 24.67 -6.81
C TRP B 229 0.41 25.46 -5.98
N PRO B 230 0.76 26.70 -5.63
CA PRO B 230 -0.19 27.48 -4.83
C PRO B 230 -1.50 27.75 -5.59
N LYS B 231 -1.37 28.29 -6.80
CA LYS B 231 -2.51 28.66 -7.64
C LYS B 231 -3.53 27.58 -7.97
N GLU B 232 -3.23 26.34 -7.65
CA GLU B 232 -4.15 25.23 -7.86
C GLU B 232 -3.54 24.33 -6.84
N GLN B 233 -4.21 24.09 -5.72
CA GLN B 233 -3.59 23.27 -4.71
C GLN B 233 -3.65 21.81 -5.14
N PRO B 234 -2.88 21.43 -6.19
CA PRO B 234 -2.95 20.03 -6.63
C PRO B 234 -3.47 18.98 -5.63
N PHE B 235 -2.84 18.86 -4.47
CA PHE B 235 -3.28 17.86 -3.49
C PHE B 235 -4.34 18.25 -2.48
N GLY B 236 -5.26 19.12 -2.86
CA GLY B 236 -6.31 19.55 -1.94
C GLY B 236 -6.04 20.91 -1.32
N GLU B 237 -7.09 21.73 -1.14
CA GLU B 237 -6.91 23.05 -0.58
C GLU B 237 -6.27 22.99 0.80
N GLY B 238 -5.36 23.92 1.03
CA GLY B 238 -4.65 23.99 2.29
C GLY B 238 -3.44 23.08 2.37
N VAL B 239 -3.48 21.94 1.68
CA VAL B 239 -2.37 21.00 1.73
C VAL B 239 -1.11 21.60 1.12
N PRO B 240 -0.08 21.83 1.95
CA PRO B 240 1.18 22.41 1.46
C PRO B 240 2.13 21.37 0.91
N LEU B 241 2.86 21.77 -0.12
CA LEU B 241 3.84 20.92 -0.81
C LEU B 241 4.90 20.40 0.13
N ASP B 242 5.24 19.13 0.01
CA ASP B 242 6.23 18.53 0.87
C ASP B 242 7.36 17.96 0.02
N GLY B 243 8.57 18.45 0.23
CA GLY B 243 9.70 17.97 -0.56
C GLY B 243 10.11 16.52 -0.43
N ASP B 244 9.52 15.83 0.55
CA ASP B 244 9.86 14.44 0.79
C ASP B 244 8.74 13.50 0.34
N ASP B 245 7.63 14.09 -0.07
CA ASP B 245 6.49 13.33 -0.56
C ASP B 245 6.78 13.06 -2.04
N PRO B 246 7.14 11.80 -2.38
CA PRO B 246 7.44 11.46 -3.77
C PRO B 246 6.30 11.77 -4.72
N GLU B 247 5.07 11.52 -4.26
CA GLU B 247 3.91 11.80 -5.09
C GLU B 247 3.89 13.28 -5.37
N HIS B 248 4.30 14.06 -4.37
CA HIS B 248 4.33 15.52 -4.49
C HIS B 248 5.37 15.94 -5.52
N ILE B 249 6.60 15.42 -5.35
CA ILE B 249 7.69 15.72 -6.26
C ILE B 249 7.32 15.21 -7.65
N GLN B 250 6.97 13.94 -7.73
CA GLN B 250 6.58 13.35 -9.00
C GLN B 250 5.63 14.28 -9.77
N TRP B 251 4.80 15.02 -9.03
CA TRP B 251 3.87 15.96 -9.65
C TRP B 251 4.64 17.14 -10.23
N ILE B 252 5.53 17.71 -9.42
CA ILE B 252 6.32 18.85 -9.86
C ILE B 252 7.26 18.47 -10.98
N PHE B 253 7.70 17.22 -11.00
CA PHE B 253 8.59 16.76 -12.06
C PHE B 253 7.81 16.80 -13.37
N GLN B 254 6.55 16.41 -13.29
CA GLN B 254 5.67 16.38 -14.45
C GLN B 254 5.38 17.79 -14.94
N LYS B 255 4.79 18.63 -14.08
CA LYS B 255 4.45 19.99 -14.47
C LYS B 255 5.67 20.82 -14.92
N SER B 256 6.87 20.35 -14.56
CA SER B 256 8.11 21.03 -14.94
C SER B 256 8.46 20.65 -16.35
N LEU B 257 8.20 19.39 -16.70
CA LEU B 257 8.46 18.88 -18.04
C LEU B 257 7.57 19.63 -19.00
N GLU B 258 6.30 19.75 -18.62
CA GLU B 258 5.36 20.44 -19.46
C GLU B 258 5.88 21.84 -19.79
N ARG B 259 6.11 22.66 -18.76
CA ARG B 259 6.63 24.02 -18.91
C ARG B 259 8.00 24.11 -19.57
N ALA B 260 8.84 23.10 -19.37
CA ALA B 260 10.17 23.08 -19.98
C ALA B 260 9.93 23.04 -21.46
N SER B 261 9.06 22.12 -21.85
CA SER B 261 8.71 21.95 -23.23
C SER B 261 8.14 23.25 -23.79
N GLN B 262 7.20 23.87 -23.07
CA GLN B 262 6.61 25.13 -23.52
C GLN B 262 7.67 26.06 -24.11
N TYR B 263 8.82 26.15 -23.44
CA TYR B 263 9.90 27.04 -23.85
C TYR B 263 11.14 26.38 -24.46
N ASN B 264 11.01 25.13 -24.88
CA ASN B 264 12.13 24.39 -25.49
C ASN B 264 13.39 24.32 -24.64
N ILE B 265 13.18 24.25 -23.33
CA ILE B 265 14.25 24.13 -22.36
C ILE B 265 14.34 22.65 -22.07
N ARG B 266 15.55 22.11 -22.00
CA ARG B 266 15.67 20.68 -21.69
C ARG B 266 16.58 20.52 -20.50
N GLY B 267 16.50 19.37 -19.85
CA GLY B 267 17.35 19.12 -18.71
C GLY B 267 16.56 18.79 -17.47
N VAL B 268 15.24 18.88 -17.54
CA VAL B 268 14.46 18.58 -16.36
C VAL B 268 14.55 17.10 -16.07
N THR B 269 14.94 16.76 -14.85
CA THR B 269 15.07 15.37 -14.42
C THR B 269 14.52 15.23 -13.01
N TYR B 270 14.18 14.01 -12.62
CA TYR B 270 13.64 13.80 -11.29
C TYR B 270 14.63 14.28 -10.25
N ARG B 271 15.89 13.95 -10.47
CA ARG B 271 16.96 14.33 -9.56
C ARG B 271 17.11 15.85 -9.47
N LEU B 272 17.20 16.51 -10.62
CA LEU B 272 17.32 17.96 -10.62
C LEU B 272 16.09 18.58 -9.93
N THR B 273 14.93 17.94 -10.10
CA THR B 273 13.69 18.45 -9.50
C THR B 273 13.74 18.40 -7.98
N GLN B 274 14.16 17.27 -7.43
CA GLN B 274 14.26 17.16 -5.98
C GLN B 274 15.16 18.27 -5.47
N GLY B 275 16.34 18.37 -6.07
CA GLY B 275 17.32 19.37 -5.70
C GLY B 275 16.81 20.82 -5.62
N VAL B 276 16.04 21.26 -6.60
CA VAL B 276 15.50 22.60 -6.58
C VAL B 276 14.47 22.76 -5.47
N VAL B 277 13.56 21.80 -5.34
CA VAL B 277 12.51 21.90 -4.32
C VAL B 277 13.02 21.81 -2.90
N LYS B 278 13.95 20.89 -2.63
CA LYS B 278 14.50 20.75 -1.29
C LYS B 278 15.69 21.65 -1.06
N ARG B 279 16.18 22.27 -2.14
CA ARG B 279 17.35 23.15 -2.04
C ARG B 279 18.50 22.30 -1.44
N ILE B 280 18.67 21.11 -2.01
CA ILE B 280 19.68 20.13 -1.59
C ILE B 280 21.13 20.53 -1.74
N ILE B 281 21.94 20.13 -0.77
CA ILE B 281 23.39 20.38 -0.78
C ILE B 281 24.08 19.03 -0.90
N PRO B 282 24.90 18.84 -1.94
CA PRO B 282 25.60 17.57 -2.11
C PRO B 282 26.37 17.23 -0.85
N ALA B 283 26.59 15.95 -0.62
CA ALA B 283 27.28 15.56 0.58
C ALA B 283 27.86 14.16 0.48
N VAL B 284 28.98 13.97 1.16
CA VAL B 284 29.61 12.66 1.22
C VAL B 284 30.13 12.43 2.65
N ALA B 285 30.78 11.31 2.87
CA ALA B 285 31.30 10.99 4.18
C ALA B 285 32.64 11.67 4.43
N SER B 286 33.62 11.38 3.57
CA SER B 286 34.99 11.90 3.68
C SER B 286 35.11 13.30 4.25
N THR B 287 34.39 14.24 3.65
CA THR B 287 34.40 15.63 4.07
C THR B 287 33.85 15.78 5.48
N ASN B 288 32.68 15.20 5.74
CA ASN B 288 32.13 15.30 7.09
C ASN B 288 33.11 14.73 8.11
N ALA B 289 33.75 13.62 7.75
CA ALA B 289 34.73 12.97 8.63
C ALA B 289 35.85 13.94 8.99
N VAL B 290 36.40 14.61 7.98
CA VAL B 290 37.48 15.59 8.15
C VAL B 290 37.06 16.68 9.13
N ILE B 291 36.08 17.48 8.74
CA ILE B 291 35.61 18.57 9.60
C ILE B 291 35.23 18.15 11.02
N ALA B 292 34.46 17.08 11.15
CA ALA B 292 34.04 16.64 12.48
C ALA B 292 35.24 16.21 13.28
N ALA B 293 36.21 15.60 12.62
CA ALA B 293 37.41 15.15 13.31
C ALA B 293 38.17 16.38 13.84
N VAL B 294 38.18 17.46 13.08
CA VAL B 294 38.85 18.70 13.50
C VAL B 294 38.11 19.29 14.69
N CYS B 295 36.80 19.45 14.57
CA CYS B 295 36.01 20.02 15.65
C CYS B 295 36.22 19.30 16.96
N ALA B 296 36.15 17.97 16.91
CA ALA B 296 36.31 17.13 18.10
C ALA B 296 37.72 17.19 18.69
N THR B 297 38.74 17.28 17.84
CA THR B 297 40.12 17.37 18.34
C THR B 297 40.29 18.64 19.17
N GLU B 298 39.45 19.64 18.91
CA GLU B 298 39.51 20.92 19.61
C GLU B 298 38.73 20.83 20.89
N VAL B 299 37.64 20.08 20.86
CA VAL B 299 36.81 19.92 22.04
C VAL B 299 37.68 19.28 23.11
N PHE B 300 38.52 18.34 22.70
CA PHE B 300 39.42 17.64 23.60
C PHE B 300 40.51 18.61 24.06
N LYS B 301 41.03 19.39 23.12
CA LYS B 301 42.06 20.37 23.41
C LYS B 301 41.55 21.26 24.53
N ILE B 302 40.32 21.75 24.34
CA ILE B 302 39.64 22.64 25.28
C ILE B 302 39.33 22.10 26.67
N ALA B 303 38.93 20.84 26.78
CA ALA B 303 38.62 20.29 28.08
C ALA B 303 39.87 19.77 28.78
N THR B 304 40.87 19.39 28.00
CA THR B 304 42.07 18.83 28.58
C THR B 304 43.25 19.76 28.56
N SER B 305 43.07 20.93 27.96
CA SER B 305 44.17 21.88 27.88
C SER B 305 45.48 21.19 27.50
N ALA B 306 45.39 20.01 26.89
CA ALA B 306 46.59 19.30 26.50
C ALA B 306 47.31 20.08 25.40
N TYR B 307 46.58 20.90 24.65
CA TYR B 307 47.17 21.73 23.60
C TYR B 307 46.39 23.02 23.49
N ILE B 308 46.95 24.00 22.81
CA ILE B 308 46.27 25.27 22.66
C ILE B 308 45.18 25.11 21.60
N PRO B 309 43.96 25.57 21.90
CA PRO B 309 42.82 25.48 20.97
C PRO B 309 43.03 26.31 19.69
N LEU B 310 42.57 25.84 18.55
CA LEU B 310 42.77 26.60 17.33
C LEU B 310 42.34 28.06 17.50
N ASN B 311 42.99 29.01 16.80
CA ASN B 311 42.51 30.37 16.92
C ASN B 311 41.30 30.35 15.96
N ASN B 312 40.60 31.40 15.76
CA ASN B 312 39.39 31.20 15.01
C ASN B 312 38.98 30.27 13.83
N TYR B 313 39.49 30.40 12.61
CA TYR B 313 38.97 29.60 11.52
C TYR B 313 39.85 28.54 10.86
N LEU B 314 39.20 27.65 10.08
CA LEU B 314 39.89 26.59 9.29
C LEU B 314 39.01 26.18 8.10
N VAL B 315 39.49 26.41 6.88
CA VAL B 315 38.73 26.01 5.70
C VAL B 315 39.48 24.87 5.05
N PHE B 316 38.74 23.90 4.54
CA PHE B 316 39.35 22.74 3.90
C PHE B 316 38.66 22.47 2.56
N ASN B 317 39.47 22.19 1.54
CA ASN B 317 38.95 21.90 0.20
C ASN B 317 39.78 20.79 -0.48
N ASP B 318 39.11 19.68 -0.85
CA ASP B 318 39.82 18.58 -1.50
C ASP B 318 39.40 18.20 -2.94
N VAL B 319 38.95 19.17 -3.74
CA VAL B 319 38.58 18.86 -5.11
C VAL B 319 39.91 18.68 -5.80
N ASP B 320 40.62 19.78 -5.98
CA ASP B 320 41.94 19.74 -6.59
C ASP B 320 42.92 19.64 -5.43
N GLY B 321 43.48 18.45 -5.24
CA GLY B 321 44.42 18.19 -4.16
C GLY B 321 43.76 18.19 -2.80
N LEU B 322 44.47 18.73 -1.82
CA LEU B 322 43.98 18.85 -0.45
C LEU B 322 44.61 20.16 0.01
N TYR B 323 43.75 21.14 0.34
CA TYR B 323 44.21 22.43 0.80
C TYR B 323 43.43 22.83 2.05
N THR B 324 44.12 23.47 2.99
CA THR B 324 43.47 23.96 4.21
C THR B 324 44.08 25.32 4.53
N TYR B 325 43.25 26.24 5.01
CA TYR B 325 43.76 27.53 5.41
C TYR B 325 43.23 27.76 6.81
N THR B 326 44.13 28.13 7.70
CA THR B 326 43.79 28.36 9.08
C THR B 326 44.12 29.81 9.38
N PHE B 327 43.24 30.51 10.08
CA PHE B 327 43.54 31.89 10.39
C PHE B 327 42.81 32.38 11.64
N GLU B 328 42.97 33.65 11.98
CA GLU B 328 42.35 34.19 13.19
C GLU B 328 41.34 35.27 12.87
N ALA B 329 40.07 34.89 12.76
CA ALA B 329 39.02 35.85 12.44
C ALA B 329 38.93 36.96 13.47
N GLU B 330 39.07 38.20 13.03
CA GLU B 330 39.01 39.32 13.97
C GLU B 330 37.62 39.44 14.54
N ARG B 331 37.55 39.77 15.82
CA ARG B 331 36.28 39.95 16.48
C ARG B 331 35.80 41.37 16.23
N LYS B 332 34.92 41.56 15.26
CA LYS B 332 34.40 42.89 14.97
C LYS B 332 34.04 43.54 16.31
N GLU B 333 34.41 44.81 16.50
CA GLU B 333 34.15 45.50 17.76
C GLU B 333 32.74 46.06 17.81
N ASN B 334 32.19 46.29 16.63
CA ASN B 334 30.86 46.85 16.52
C ASN B 334 29.89 45.71 16.29
N CYS B 335 30.27 44.52 16.73
CA CYS B 335 29.39 43.37 16.54
C CYS B 335 28.10 43.47 17.32
N PRO B 336 26.96 43.40 16.62
CA PRO B 336 25.70 43.49 17.34
C PRO B 336 25.51 42.31 18.28
N ALA B 337 26.25 41.24 18.04
CA ALA B 337 26.14 40.04 18.86
C ALA B 337 26.95 39.99 20.14
N CYS B 338 28.26 39.82 20.03
CA CYS B 338 29.10 39.73 21.21
C CYS B 338 29.68 41.06 21.69
N SER B 339 28.91 42.13 21.49
CA SER B 339 29.35 43.45 21.90
C SER B 339 28.38 44.12 22.87
N GLN B 340 28.93 44.60 23.98
CA GLN B 340 28.16 45.28 25.03
C GLN B 340 27.35 46.49 24.58
N LEU B 341 28.04 47.59 24.33
CA LEU B 341 27.39 48.82 23.90
C LEU B 341 26.42 48.58 22.74
N PRO B 342 25.24 49.20 22.79
CA PRO B 342 24.25 49.03 21.71
C PRO B 342 24.73 49.46 20.32
N GLN B 343 23.87 49.20 19.33
CA GLN B 343 24.14 49.48 17.94
C GLN B 343 23.80 50.94 17.56
N ASN B 344 24.83 51.77 17.48
CA ASN B 344 24.67 53.19 17.16
C ASN B 344 24.16 53.40 15.74
N ILE B 345 22.98 54.00 15.65
CA ILE B 345 22.34 54.26 14.36
C ILE B 345 22.25 55.75 13.97
N GLN B 346 22.22 56.01 12.65
CA GLN B 346 22.14 57.37 12.13
C GLN B 346 20.89 57.59 11.28
N PHE B 347 19.94 58.38 11.78
CA PHE B 347 18.70 58.69 11.07
C PHE B 347 18.08 60.06 11.38
N SER B 348 17.54 60.70 10.34
CA SER B 348 16.89 62.00 10.45
C SER B 348 15.49 61.85 10.99
N PRO B 349 14.90 62.94 11.49
CA PRO B 349 13.55 62.92 12.01
C PRO B 349 12.62 62.58 10.86
N SER B 350 13.08 62.83 9.64
CA SER B 350 12.30 62.57 8.42
C SER B 350 12.26 61.08 8.08
N ALA B 351 13.16 60.32 8.69
CA ALA B 351 13.26 58.89 8.45
C ALA B 351 12.00 58.09 8.75
N LYS B 352 11.34 57.66 7.68
CA LYS B 352 10.11 56.85 7.74
C LYS B 352 10.48 55.45 8.32
N LEU B 353 9.70 54.89 9.26
CA LEU B 353 10.00 53.58 9.87
C LEU B 353 10.78 52.60 8.98
N GLN B 354 10.36 52.49 7.72
CA GLN B 354 11.02 51.63 6.72
C GLN B 354 12.51 51.96 6.63
N GLU B 355 12.85 53.19 7.00
CA GLU B 355 14.22 53.70 6.98
C GLU B 355 15.06 52.88 7.96
N VAL B 356 14.42 52.39 9.01
CA VAL B 356 15.10 51.60 10.02
C VAL B 356 14.86 50.10 9.79
N LEU B 357 13.61 49.74 9.48
CA LEU B 357 13.25 48.35 9.26
C LEU B 357 14.06 47.69 8.13
N ASP B 358 14.22 48.41 7.02
CA ASP B 358 14.98 47.86 5.90
C ASP B 358 16.48 47.89 6.14
N TYR B 359 16.92 48.75 7.06
CA TYR B 359 18.34 48.84 7.37
C TYR B 359 18.72 47.64 8.23
N LEU B 360 17.76 47.14 9.01
CA LEU B 360 17.98 46.00 9.88
C LEU B 360 17.84 44.71 9.12
N THR B 361 17.03 44.76 8.07
CA THR B 361 16.79 43.58 7.26
C THR B 361 17.81 43.40 6.14
N ASN B 362 18.21 44.51 5.52
CA ASN B 362 19.13 44.43 4.41
C ASN B 362 20.61 44.69 4.69
N SER B 363 20.91 45.26 5.85
CA SER B 363 22.31 45.53 6.18
C SER B 363 23.10 44.23 6.29
N ALA B 364 23.97 43.99 5.31
CA ALA B 364 24.78 42.76 5.29
C ALA B 364 25.54 42.56 6.59
N SER B 365 25.67 43.64 7.34
CA SER B 365 26.35 43.60 8.61
C SER B 365 25.52 42.86 9.65
N LEU B 366 24.21 43.07 9.63
CA LEU B 366 23.33 42.43 10.60
C LEU B 366 22.03 41.92 10.00
N GLN B 367 22.11 41.49 8.74
CA GLN B 367 20.96 40.97 8.02
C GLN B 367 20.05 40.09 8.87
N MET B 368 18.88 40.63 9.21
CA MET B 368 17.90 39.93 10.02
C MET B 368 16.70 39.55 9.16
N LYS B 369 16.09 38.41 9.50
CA LYS B 369 14.95 37.87 8.78
C LYS B 369 13.68 38.71 8.91
N SER B 370 13.17 38.81 10.11
CA SER B 370 11.96 39.58 10.35
C SER B 370 12.07 40.23 11.71
N PRO B 371 12.78 41.37 11.78
CA PRO B 371 12.95 42.10 13.04
C PRO B 371 11.66 42.55 13.68
N ALA B 372 11.80 43.19 14.84
CA ALA B 372 10.68 43.72 15.61
C ALA B 372 11.23 44.71 16.65
N ILE B 373 11.05 46.01 16.37
CA ILE B 373 11.56 47.08 17.23
C ILE B 373 10.65 47.40 18.42
N THR B 374 11.26 47.96 19.47
CA THR B 374 10.54 48.33 20.68
C THR B 374 11.33 49.41 21.40
N ALA B 375 10.62 50.44 21.84
CA ALA B 375 11.26 51.55 22.55
C ALA B 375 10.50 51.88 23.83
N THR B 376 10.95 52.94 24.51
CA THR B 376 10.32 53.40 25.74
C THR B 376 9.70 54.73 25.31
N LEU B 377 8.47 54.68 24.79
CA LEU B 377 7.85 55.92 24.33
C LEU B 377 7.81 57.01 25.39
N GLU B 378 7.49 56.62 26.61
CA GLU B 378 7.44 57.55 27.73
C GLU B 378 7.14 56.50 28.75
N GLY B 379 7.43 56.76 30.03
CA GLY B 379 7.16 55.78 31.07
C GLY B 379 6.87 54.34 30.64
N LYS B 380 5.93 54.16 29.72
CA LYS B 380 5.52 52.85 29.18
C LYS B 380 6.15 52.39 27.85
N ASN B 381 6.50 51.11 27.79
CA ASN B 381 7.12 50.48 26.60
C ASN B 381 6.15 50.12 25.49
N ARG B 382 6.24 50.82 24.36
CA ARG B 382 5.36 50.56 23.24
C ARG B 382 6.07 49.74 22.15
N THR B 383 5.28 48.99 21.37
CA THR B 383 5.77 48.15 20.30
C THR B 383 5.86 48.93 18.99
N LEU B 384 6.89 49.73 18.82
CA LEU B 384 7.06 50.48 17.59
C LEU B 384 6.58 49.70 16.37
N TYR B 385 7.08 48.43 16.25
CA TYR B 385 6.76 47.48 15.17
C TYR B 385 7.23 45.97 15.31
N LEU B 386 6.30 45.07 15.00
CA LEU B 386 6.51 43.59 15.08
C LEU B 386 5.82 42.87 13.93
N GLN B 387 6.47 41.78 13.53
CA GLN B 387 5.99 40.98 12.44
C GLN B 387 5.68 39.56 12.86
N SER B 388 6.28 39.09 13.94
CA SER B 388 6.01 37.69 14.34
C SER B 388 4.56 37.27 14.60
N VAL B 389 3.68 38.22 14.87
CA VAL B 389 2.26 37.92 15.13
C VAL B 389 1.32 38.82 14.34
N THR B 390 0.54 38.21 13.44
CA THR B 390 -0.42 38.94 12.61
C THR B 390 -1.19 39.99 13.41
N SER B 391 -1.39 39.71 14.70
CA SER B 391 -2.10 40.60 15.61
C SER B 391 -1.49 42.01 15.69
N ILE B 392 -0.28 42.10 16.27
CA ILE B 392 0.41 43.38 16.43
C ILE B 392 0.90 44.00 15.11
N GLU B 393 1.12 43.15 14.10
CA GLU B 393 1.58 43.64 12.79
C GLU B 393 0.63 44.75 12.34
N GLU B 394 -0.65 44.45 12.43
CA GLU B 394 -1.70 45.38 12.05
C GLU B 394 -1.79 46.53 13.03
N ARG B 395 -1.87 46.20 14.32
CA ARG B 395 -1.96 47.21 15.37
C ARG B 395 -0.82 48.23 15.35
N THR B 396 0.07 48.14 14.38
CA THR B 396 1.21 49.05 14.29
C THR B 396 1.69 49.43 12.90
N ARG B 397 1.47 48.56 11.92
CA ARG B 397 1.93 48.80 10.54
C ARG B 397 1.98 50.24 10.04
N PRO B 398 0.85 50.97 10.08
CA PRO B 398 0.87 52.35 9.60
C PRO B 398 2.14 53.13 9.96
N ASN B 399 2.75 52.76 11.08
CA ASN B 399 3.97 53.41 11.55
C ASN B 399 5.14 53.22 10.57
N LEU B 400 4.94 52.34 9.59
CA LEU B 400 5.97 52.05 8.57
C LEU B 400 6.23 53.28 7.72
N SER B 401 5.25 54.19 7.71
CA SER B 401 5.33 55.43 6.95
C SER B 401 5.57 56.65 7.85
N LYS B 402 5.12 56.55 9.10
CA LYS B 402 5.29 57.63 10.07
C LYS B 402 6.76 57.75 10.45
N THR B 403 7.30 58.96 10.35
CA THR B 403 8.70 59.22 10.66
C THR B 403 9.03 59.06 12.14
N LEU B 404 10.23 59.52 12.49
CA LEU B 404 10.74 59.47 13.86
C LEU B 404 10.03 60.49 14.74
N LYS B 405 9.43 61.50 14.12
CA LYS B 405 8.71 62.49 14.89
C LYS B 405 7.21 62.30 14.74
N GLU B 406 6.81 61.41 13.84
CA GLU B 406 5.40 61.11 13.63
C GLU B 406 5.01 60.08 14.71
N LEU B 407 6.02 59.36 15.21
CA LEU B 407 5.80 58.33 16.24
C LEU B 407 6.40 58.74 17.58
N GLY B 408 6.76 60.01 17.70
CA GLY B 408 7.32 60.54 18.93
C GLY B 408 8.66 59.96 19.34
N LEU B 409 9.59 59.93 18.39
CA LEU B 409 10.91 59.40 18.69
C LEU B 409 11.89 60.55 18.91
N VAL B 410 12.37 60.66 20.15
CA VAL B 410 13.33 61.70 20.54
C VAL B 410 14.75 61.15 20.34
N ASP B 411 15.74 62.04 20.25
CA ASP B 411 17.13 61.62 20.06
C ASP B 411 17.67 61.02 21.36
N GLY B 412 18.80 60.32 21.25
CA GLY B 412 19.41 59.69 22.40
C GLY B 412 18.73 58.38 22.76
N GLN B 413 17.47 58.24 22.34
CA GLN B 413 16.67 57.06 22.61
C GLN B 413 17.45 55.79 22.31
N GLU B 414 17.07 54.72 22.99
CA GLU B 414 17.70 53.42 22.78
C GLU B 414 16.66 52.60 22.02
N LEU B 415 17.07 51.43 21.52
CA LEU B 415 16.13 50.61 20.78
C LEU B 415 16.36 49.13 20.98
N ALA B 416 15.28 48.41 21.24
CA ALA B 416 15.37 46.98 21.46
C ALA B 416 14.84 46.22 20.26
N VAL B 417 15.69 45.36 19.70
CA VAL B 417 15.32 44.58 18.54
C VAL B 417 15.35 43.11 18.89
N ALA B 418 14.30 42.41 18.50
CA ALA B 418 14.16 40.98 18.74
C ALA B 418 13.96 40.33 17.39
N ASP B 419 14.59 39.19 17.16
CA ASP B 419 14.43 38.53 15.89
C ASP B 419 14.43 37.02 16.05
N VAL B 420 13.84 36.33 15.08
CA VAL B 420 13.79 34.89 15.10
C VAL B 420 15.20 34.36 14.95
N THR B 421 16.09 35.25 14.55
CA THR B 421 17.48 34.90 14.35
C THR B 421 18.31 34.81 15.64
N THR B 422 17.79 35.31 16.77
CA THR B 422 18.55 35.27 18.03
C THR B 422 17.66 35.30 19.27
N PRO B 423 18.12 34.65 20.36
CA PRO B 423 17.38 34.61 21.64
C PRO B 423 17.47 35.99 22.24
N GLN B 424 18.65 36.60 22.08
CA GLN B 424 18.95 37.93 22.58
C GLN B 424 18.10 39.04 21.98
N THR B 425 18.07 40.16 22.69
CA THR B 425 17.38 41.36 22.23
C THR B 425 18.57 42.24 21.94
N VAL B 426 18.82 42.50 20.65
CA VAL B 426 19.94 43.32 20.27
C VAL B 426 19.57 44.78 20.51
N LEU B 427 20.42 45.47 21.27
CA LEU B 427 20.23 46.87 21.63
C LEU B 427 20.90 47.86 20.69
N PHE B 428 20.23 48.97 20.45
CA PHE B 428 20.73 50.02 19.59
C PHE B 428 20.75 51.33 20.39
N LYS B 429 21.14 52.44 19.76
CA LYS B 429 21.19 53.74 20.42
C LYS B 429 21.31 54.80 19.35
N LEU B 430 20.20 55.04 18.65
CA LEU B 430 20.15 55.98 17.54
C LEU B 430 20.63 57.41 17.82
N HIS B 431 20.91 58.11 16.72
CA HIS B 431 21.39 59.51 16.68
C HIS B 431 20.85 60.11 15.35
N PHE B 432 20.23 61.29 15.37
CA PHE B 432 19.64 61.90 14.15
C PHE B 432 20.57 62.43 13.03
N THR B 433 19.99 62.66 11.82
CA THR B 433 20.66 63.16 10.63
C THR B 433 20.11 64.60 10.32
N SER B 434 19.06 64.78 9.45
CA SER B 434 18.38 66.09 9.18
C SER B 434 17.64 65.81 10.42
N ARG C 3 53.81 55.46 -20.15
CA ARG C 3 52.88 56.05 -19.15
C ARG C 3 52.87 57.59 -19.32
N ARG C 4 52.46 58.29 -18.27
CA ARG C 4 52.39 59.75 -18.24
C ARG C 4 53.00 60.19 -16.89
N ALA C 5 53.46 61.43 -16.80
CA ALA C 5 54.02 61.95 -15.56
C ALA C 5 52.90 62.09 -14.53
N SER C 6 53.24 62.25 -13.26
CA SER C 6 52.16 62.36 -12.27
C SER C 6 52.43 63.24 -11.07
N VAL C 7 51.34 63.62 -10.40
CA VAL C 7 51.44 64.41 -9.19
C VAL C 7 50.73 63.61 -8.09
N GLY C 8 51.46 63.32 -7.01
CA GLY C 8 50.89 62.59 -5.88
C GLY C 8 50.03 61.38 -6.18
N SER C 9 50.63 60.40 -6.85
CA SER C 9 49.94 59.18 -7.20
C SER C 9 50.34 58.10 -6.21
N GLY C 11 51.92 54.91 -8.01
CA GLY C 11 51.03 54.34 -7.01
C GLY C 11 50.50 52.91 -7.46
N SER C 12 51.33 52.03 -7.96
CA SER C 12 50.84 50.70 -8.32
C SER C 12 51.94 49.82 -7.74
N MET C 13 51.47 48.68 -7.29
CA MET C 13 52.28 47.63 -6.64
C MET C 13 51.69 46.25 -6.98
N LEU C 14 52.43 45.16 -6.79
CA LEU C 14 51.88 43.85 -7.14
C LEU C 14 51.83 42.77 -6.04
N ILE C 15 50.61 42.39 -5.67
CA ILE C 15 50.37 41.42 -4.60
C ILE C 15 49.90 40.06 -5.07
N LYS C 16 49.86 39.10 -4.14
CA LYS C 16 49.44 37.74 -4.47
C LYS C 16 48.23 37.30 -3.64
N VAL C 17 47.28 36.64 -4.28
CA VAL C 17 46.09 36.13 -3.58
C VAL C 17 45.97 34.63 -3.81
N LYS C 18 45.71 33.88 -2.75
CA LYS C 18 45.58 32.44 -2.85
C LYS C 18 44.14 31.99 -3.04
N THR C 19 43.97 31.11 -4.02
CA THR C 19 42.70 30.54 -4.37
C THR C 19 42.25 29.61 -3.25
N LEU C 20 40.97 29.27 -3.24
CA LEU C 20 40.45 28.40 -2.22
C LEU C 20 40.93 26.96 -2.38
N THR C 21 41.82 26.74 -3.34
CA THR C 21 42.38 25.40 -3.59
C THR C 21 43.88 25.49 -3.43
N GLY C 22 44.34 26.62 -2.93
CA GLY C 22 45.76 26.82 -2.72
C GLY C 22 46.55 27.42 -3.86
N LYS C 23 45.94 27.58 -5.03
CA LYS C 23 46.66 28.16 -6.15
C LYS C 23 47.01 29.59 -5.83
N GLU C 24 48.05 30.12 -6.47
CA GLU C 24 48.43 31.48 -6.20
C GLU C 24 48.52 32.30 -7.46
N ILE C 25 47.83 33.43 -7.46
CA ILE C 25 47.84 34.30 -8.62
C ILE C 25 48.30 35.68 -8.14
N GLU C 26 48.98 36.41 -9.01
CA GLU C 26 49.50 37.73 -8.68
C GLU C 26 48.79 38.80 -9.50
N ILE C 27 48.34 39.86 -8.82
CA ILE C 27 47.68 40.97 -9.51
C ILE C 27 48.29 42.30 -9.10
N ASP C 28 48.19 43.27 -10.00
CA ASP C 28 48.73 44.62 -9.80
C ASP C 28 47.74 45.59 -9.19
N ILE C 29 48.18 46.29 -8.16
CA ILE C 29 47.31 47.22 -7.47
C ILE C 29 48.03 48.48 -7.06
N GLU C 30 47.25 49.51 -6.78
CA GLU C 30 47.75 50.79 -6.34
C GLU C 30 47.02 51.10 -5.04
N PRO C 31 47.75 51.31 -3.94
CA PRO C 31 47.17 51.61 -2.63
C PRO C 31 45.80 52.26 -2.62
N THR C 32 45.54 53.14 -3.57
CA THR C 32 44.24 53.81 -3.61
C THR C 32 43.16 52.99 -4.30
N ASP C 33 43.37 51.68 -4.37
CA ASP C 33 42.42 50.77 -5.01
C ASP C 33 41.48 50.15 -3.99
N LYS C 34 40.19 50.13 -4.32
CA LYS C 34 39.17 49.51 -3.46
C LYS C 34 39.26 47.98 -3.49
N VAL C 35 38.95 47.34 -2.37
CA VAL C 35 38.97 45.88 -2.29
C VAL C 35 38.16 45.37 -3.49
N GLU C 36 37.01 45.99 -3.65
CA GLU C 36 36.05 45.74 -4.73
C GLU C 36 36.76 45.57 -6.08
N ARG C 37 37.89 46.23 -6.25
CA ARG C 37 38.58 46.09 -7.52
C ARG C 37 39.63 45.02 -7.42
N ILE C 38 40.02 44.64 -6.21
CA ILE C 38 41.03 43.59 -6.13
C ILE C 38 40.34 42.33 -6.59
N LYS C 39 39.05 42.25 -6.27
CA LYS C 39 38.23 41.08 -6.65
C LYS C 39 37.94 41.04 -8.15
N GLU C 40 37.94 42.20 -8.80
CA GLU C 40 37.72 42.26 -10.24
C GLU C 40 38.95 41.69 -10.96
N ARG C 41 40.15 42.02 -10.46
CA ARG C 41 41.41 41.55 -11.05
C ARG C 41 41.51 40.05 -10.88
N VAL C 42 40.92 39.56 -9.80
CA VAL C 42 40.91 38.14 -9.48
C VAL C 42 39.99 37.36 -10.44
N GLU C 43 38.82 37.94 -10.72
CA GLU C 43 37.89 37.30 -11.65
C GLU C 43 38.41 37.39 -13.07
N GLU C 44 39.03 38.50 -13.39
CA GLU C 44 39.57 38.68 -14.72
C GLU C 44 40.55 37.53 -15.00
N LYS C 45 41.20 37.04 -13.95
CA LYS C 45 42.17 35.95 -14.10
C LYS C 45 41.65 34.53 -13.88
N GLU C 46 41.06 34.25 -12.72
CA GLU C 46 40.56 32.91 -12.42
C GLU C 46 39.07 32.63 -12.68
N GLY C 47 38.34 33.62 -13.14
CA GLY C 47 36.93 33.43 -13.44
C GLY C 47 36.06 33.26 -12.22
N ILE C 48 36.58 33.59 -11.05
CA ILE C 48 35.82 33.47 -9.81
C ILE C 48 34.93 34.69 -9.65
N PRO C 49 33.62 34.49 -9.62
CA PRO C 49 32.70 35.64 -9.45
C PRO C 49 32.95 36.39 -8.14
N PRO C 50 33.11 37.70 -8.23
CA PRO C 50 33.36 38.51 -7.04
C PRO C 50 32.34 38.33 -5.91
N GLN C 51 31.13 37.88 -6.24
CA GLN C 51 30.08 37.69 -5.24
C GLN C 51 30.55 36.72 -4.19
N GLN C 52 31.15 35.63 -4.63
CA GLN C 52 31.60 34.61 -3.72
C GLN C 52 33.02 34.74 -3.19
N GLN C 53 33.70 35.80 -3.57
CA GLN C 53 35.05 36.00 -3.08
C GLN C 53 35.05 36.59 -1.70
N ARG C 54 35.75 35.95 -0.78
CA ARG C 54 35.88 36.45 0.59
C ARG C 54 37.37 36.51 0.87
N LEU C 55 37.93 37.71 0.78
CA LEU C 55 39.36 37.90 0.98
C LEU C 55 39.73 38.13 2.45
N ILE C 56 40.80 37.49 2.90
CA ILE C 56 41.26 37.67 4.27
C ILE C 56 42.72 38.10 4.25
N TYR C 57 43.01 39.23 4.90
CA TYR C 57 44.38 39.68 5.01
C TYR C 57 44.61 39.75 6.51
N SER C 58 45.49 38.90 7.01
CA SER C 58 45.79 38.84 8.43
C SER C 58 44.49 38.97 9.22
N GLY C 59 43.77 37.87 9.33
CA GLY C 59 42.53 37.82 10.10
C GLY C 59 41.37 38.77 9.84
N LYS C 60 41.60 39.90 9.20
CA LYS C 60 40.51 40.83 8.94
C LYS C 60 39.96 40.51 7.58
N GLN C 61 38.63 40.55 7.41
CA GLN C 61 38.09 40.27 6.10
C GLN C 61 37.81 41.58 5.41
N MET C 62 38.52 41.78 4.31
CA MET C 62 38.44 42.99 3.49
C MET C 62 37.07 43.41 2.99
N ASN C 63 36.67 44.62 3.39
CA ASN C 63 35.40 45.18 3.01
C ASN C 63 35.54 45.70 1.59
N ASP C 64 34.54 45.44 0.75
CA ASP C 64 34.58 45.89 -0.64
C ASP C 64 34.79 47.40 -0.84
N GLU C 65 34.21 48.22 0.05
CA GLU C 65 34.29 49.67 -0.05
C GLU C 65 35.62 50.32 0.31
N LYS C 66 36.38 49.69 1.19
CA LYS C 66 37.68 50.26 1.59
C LYS C 66 38.79 49.99 0.57
N THR C 67 39.95 50.60 0.79
CA THR C 67 41.07 50.45 -0.10
C THR C 67 42.10 49.46 0.39
N ALA C 68 43.05 49.16 -0.47
CA ALA C 68 44.13 48.22 -0.18
C ALA C 68 45.08 48.84 0.85
N ALA C 69 45.03 50.16 0.94
CA ALA C 69 45.86 50.89 1.87
C ALA C 69 45.29 50.68 3.25
N ASP C 70 43.98 50.89 3.36
CA ASP C 70 43.26 50.74 4.62
C ASP C 70 43.50 49.39 5.33
N TYR C 71 44.30 48.53 4.72
CA TYR C 71 44.63 47.23 5.29
C TYR C 71 46.15 47.06 5.31
N LYS C 72 46.85 48.13 4.91
CA LYS C 72 48.30 48.17 4.87
C LYS C 72 48.85 47.04 4.01
N ILE C 73 48.37 47.00 2.77
CA ILE C 73 48.79 45.99 1.80
C ILE C 73 49.98 46.52 1.01
N LEU C 74 51.04 45.71 0.92
CA LEU C 74 52.25 46.11 0.21
C LEU C 74 52.76 45.05 -0.76
N GLY C 75 53.86 45.38 -1.44
CA GLY C 75 54.47 44.50 -2.41
C GLY C 75 54.11 43.03 -2.42
N GLY C 76 54.65 42.27 -1.47
CA GLY C 76 54.39 40.84 -1.46
C GLY C 76 53.19 40.37 -0.66
N SER C 77 52.36 41.30 -0.20
CA SER C 77 51.18 40.94 0.57
C SER C 77 50.44 39.76 -0.06
N VAL C 78 50.05 38.80 0.79
CA VAL C 78 49.35 37.60 0.36
C VAL C 78 47.96 37.54 0.96
N LEU C 79 46.96 37.81 0.12
CA LEU C 79 45.55 37.76 0.54
C LEU C 79 45.07 36.32 0.34
N HIS C 80 44.13 35.87 1.16
CA HIS C 80 43.60 34.50 1.04
C HIS C 80 42.11 34.42 0.76
N LEU C 81 41.73 33.69 -0.29
CA LEU C 81 40.32 33.54 -0.63
C LEU C 81 39.79 32.49 0.31
N VAL C 82 38.75 32.82 1.06
CA VAL C 82 38.24 31.86 2.03
C VAL C 82 36.75 31.59 1.84
N LEU C 83 36.16 30.80 2.74
CA LEU C 83 34.75 30.49 2.59
C LEU C 83 34.13 29.88 3.84
N ARG C 84 32.83 30.06 4.00
CA ARG C 84 32.14 29.44 5.12
C ARG C 84 31.07 28.58 4.48
N LEU C 85 30.74 27.47 5.13
CA LEU C 85 29.77 26.50 4.60
C LEU C 85 28.56 26.18 5.48
N ARG C 86 27.41 26.05 4.82
CA ARG C 86 26.11 25.81 5.45
C ARG C 86 25.75 24.45 6.04
N GLY C 87 25.67 23.43 5.19
CA GLY C 87 25.28 22.11 5.64
C GLY C 87 26.13 21.40 6.68
N GLY C 88 25.63 20.25 7.14
CA GLY C 88 26.31 19.44 8.13
C GLY C 88 25.81 17.99 8.28
N LYS D 8 15.52 -11.32 51.59
CA LYS D 8 14.55 -10.81 52.61
C LYS D 8 14.44 -9.31 52.46
N LEU D 9 15.37 -8.62 53.10
CA LEU D 9 15.46 -7.16 53.13
C LEU D 9 15.29 -6.48 51.78
N LEU D 10 15.55 -7.18 50.68
CA LEU D 10 15.41 -6.57 49.35
C LEU D 10 14.02 -5.95 49.14
N LYS D 11 13.01 -6.47 49.83
CA LYS D 11 11.64 -5.97 49.68
C LYS D 11 11.27 -4.90 50.71
N GLU D 12 11.92 -4.97 51.87
CA GLU D 12 11.66 -4.02 52.93
C GLU D 12 11.93 -2.60 52.38
N GLN D 13 12.70 -2.54 51.30
CA GLN D 13 13.07 -1.30 50.64
C GLN D 13 12.30 -1.08 49.34
N LYS D 14 11.71 -2.14 48.82
CA LYS D 14 10.91 -2.07 47.59
C LYS D 14 9.52 -1.61 47.98
N TYR D 15 9.01 -2.15 49.09
CA TYR D 15 7.69 -1.82 49.60
C TYR D 15 7.76 -0.80 50.73
N ASP D 16 8.83 -0.03 50.79
CA ASP D 16 9.00 0.97 51.84
C ASP D 16 7.85 1.98 51.89
N ARG D 17 7.63 2.66 50.77
CA ARG D 17 6.59 3.67 50.69
C ARG D 17 5.20 3.27 51.20
N GLN D 18 4.90 1.97 51.18
CA GLN D 18 3.60 1.50 51.67
C GLN D 18 3.67 0.95 53.09
N LEU D 19 4.85 0.52 53.50
CA LEU D 19 5.05 -0.01 54.84
C LEU D 19 4.85 1.12 55.83
N ARG D 20 5.07 2.34 55.36
CA ARG D 20 4.90 3.54 56.19
C ARG D 20 3.42 3.83 56.44
N LEU D 21 2.56 3.05 55.80
CA LEU D 21 1.12 3.21 55.92
C LEU D 21 0.45 2.13 56.78
N TRP D 22 0.62 0.88 56.40
CA TRP D 22 0.01 -0.20 57.15
C TRP D 22 1.01 -1.05 57.92
N GLY D 23 2.20 -0.50 58.13
CA GLY D 23 3.25 -1.19 58.86
C GLY D 23 3.60 -2.57 58.36
N ASP D 24 4.48 -3.25 59.08
CA ASP D 24 4.91 -4.58 58.70
C ASP D 24 3.77 -5.59 58.80
N HIS D 25 3.10 -5.63 59.94
CA HIS D 25 1.97 -6.55 60.12
C HIS D 25 0.97 -6.41 58.98
N GLY D 26 0.76 -5.17 58.55
CA GLY D 26 -0.15 -4.95 57.44
C GLY D 26 0.38 -5.72 56.25
N GLN D 27 1.65 -5.50 55.94
CA GLN D 27 2.30 -6.18 54.81
C GLN D 27 2.19 -7.70 54.94
N GLU D 28 2.73 -8.20 56.05
CA GLU D 28 2.71 -9.62 56.41
C GLU D 28 1.35 -10.23 56.10
N ALA D 29 0.29 -9.59 56.60
CA ALA D 29 -1.08 -10.05 56.40
C ALA D 29 -1.43 -10.06 54.92
N LEU D 30 -1.17 -8.94 54.26
CA LEU D 30 -1.44 -8.83 52.84
C LEU D 30 -0.67 -9.92 52.10
N GLU D 31 0.59 -10.12 52.50
CA GLU D 31 1.45 -11.11 51.86
C GLU D 31 0.97 -12.54 52.09
N SER D 32 0.08 -12.74 53.06
CA SER D 32 -0.40 -14.08 53.35
C SER D 32 -1.78 -14.36 52.75
N ALA D 33 -2.37 -13.34 52.16
CA ALA D 33 -3.70 -13.49 51.58
C ALA D 33 -3.65 -14.25 50.26
N HIS D 34 -4.83 -14.37 49.65
CA HIS D 34 -5.03 -15.02 48.36
C HIS D 34 -6.39 -14.58 47.83
N VAL D 35 -6.38 -13.55 46.99
CA VAL D 35 -7.61 -13.03 46.43
C VAL D 35 -7.98 -13.83 45.20
N CYS D 36 -9.19 -13.64 44.70
CA CYS D 36 -9.66 -14.34 43.52
C CYS D 36 -10.41 -13.39 42.62
N LEU D 37 -9.86 -13.09 41.45
CA LEU D 37 -10.54 -12.18 40.53
C LEU D 37 -11.41 -13.01 39.62
N ILE D 38 -12.72 -12.73 39.64
CA ILE D 38 -13.65 -13.47 38.82
C ILE D 38 -13.45 -13.10 37.37
N ASN D 39 -14.20 -12.14 36.86
CA ASN D 39 -13.96 -11.84 35.45
C ASN D 39 -12.69 -11.02 35.27
N ALA D 40 -11.91 -11.30 34.23
CA ALA D 40 -10.69 -10.55 34.01
C ALA D 40 -10.79 -9.60 32.83
N THR D 41 -11.54 -8.52 33.02
CA THR D 41 -11.72 -7.48 32.00
C THR D 41 -10.85 -6.33 32.45
N ALA D 42 -11.11 -5.14 31.91
CA ALA D 42 -10.34 -3.97 32.29
C ALA D 42 -10.48 -3.70 33.78
N THR D 43 -11.73 -3.70 34.23
CA THR D 43 -12.04 -3.44 35.62
C THR D 43 -11.33 -4.45 36.49
N GLY D 44 -11.54 -5.72 36.16
CA GLY D 44 -10.90 -6.77 36.94
C GLY D 44 -9.40 -6.72 36.89
N THR D 45 -8.88 -6.69 35.67
CA THR D 45 -7.46 -6.67 35.45
C THR D 45 -6.76 -5.50 36.17
N GLU D 46 -7.43 -4.35 36.27
CA GLU D 46 -6.85 -3.18 36.93
C GLU D 46 -6.81 -3.28 38.45
N ILE D 47 -7.85 -3.86 39.05
CA ILE D 47 -7.90 -4.03 40.50
C ILE D 47 -6.70 -4.88 40.92
N LEU D 48 -6.52 -5.98 40.22
CA LEU D 48 -5.45 -6.91 40.48
C LEU D 48 -4.07 -6.25 40.39
N LYS D 49 -3.92 -5.34 39.44
CA LYS D 49 -2.67 -4.62 39.23
C LYS D 49 -2.29 -3.87 40.51
N ASN D 50 -3.29 -3.39 41.22
CA ASN D 50 -3.06 -2.65 42.46
C ASN D 50 -2.93 -3.55 43.68
N LEU D 51 -3.05 -4.85 43.46
CA LEU D 51 -2.91 -5.81 44.56
C LEU D 51 -1.60 -6.56 44.39
N VAL D 52 -1.22 -6.79 43.14
CA VAL D 52 0.01 -7.50 42.79
C VAL D 52 1.21 -6.63 43.19
N LEU D 53 1.24 -5.40 42.69
CA LEU D 53 2.32 -4.47 42.98
C LEU D 53 2.63 -4.36 44.48
N PRO D 54 1.60 -4.24 45.33
CA PRO D 54 1.77 -4.12 46.79
C PRO D 54 2.27 -5.41 47.42
N GLY D 55 2.10 -6.51 46.72
CA GLY D 55 2.59 -7.78 47.25
C GLY D 55 1.56 -8.76 47.78
N ILE D 56 0.40 -8.83 47.11
CA ILE D 56 -0.67 -9.73 47.48
C ILE D 56 -0.13 -11.17 47.47
N GLY D 57 -0.35 -11.90 48.57
CA GLY D 57 0.13 -13.28 48.66
C GLY D 57 0.09 -14.11 47.38
N SER D 58 -1.03 -14.06 46.66
CA SER D 58 -1.18 -14.81 45.42
C SER D 58 -2.59 -14.59 44.88
N PHE D 59 -2.81 -14.96 43.64
CA PHE D 59 -4.13 -14.79 43.08
C PHE D 59 -4.55 -15.92 42.17
N THR D 60 -5.79 -15.86 41.69
CA THR D 60 -6.36 -16.87 40.79
C THR D 60 -7.42 -16.18 39.96
N ILE D 61 -7.35 -16.32 38.64
CA ILE D 61 -8.36 -15.70 37.78
C ILE D 61 -9.44 -16.73 37.54
N ILE D 62 -10.56 -16.31 36.94
CA ILE D 62 -11.67 -17.21 36.65
C ILE D 62 -12.44 -16.69 35.46
N ASP D 63 -12.07 -17.16 34.26
CA ASP D 63 -12.72 -16.68 33.06
C ASP D 63 -12.91 -17.78 32.03
N GLY D 64 -14.14 -17.98 31.60
CA GLY D 64 -14.40 -19.00 30.59
C GLY D 64 -14.20 -18.33 29.26
N ASN D 65 -14.49 -17.03 29.24
CA ASN D 65 -14.38 -16.18 28.04
C ASN D 65 -13.04 -16.24 27.31
N GLN D 66 -13.05 -15.74 26.08
CA GLN D 66 -11.88 -15.66 25.23
C GLN D 66 -11.65 -14.17 25.03
N VAL D 67 -10.45 -13.79 24.60
CA VAL D 67 -10.15 -12.39 24.39
C VAL D 67 -10.77 -11.85 23.10
N SER D 68 -11.37 -10.67 23.17
CA SER D 68 -12.00 -10.06 22.00
C SER D 68 -11.12 -8.95 21.45
N GLY D 69 -11.56 -8.34 20.36
CA GLY D 69 -10.81 -7.26 19.77
C GLY D 69 -10.79 -6.14 20.79
N GLU D 70 -11.96 -5.83 21.30
CA GLU D 70 -12.14 -4.79 22.30
C GLU D 70 -11.53 -5.17 23.64
N ASP D 71 -11.30 -6.46 23.88
CA ASP D 71 -10.71 -6.85 25.14
C ASP D 71 -9.21 -6.56 25.20
N ALA D 72 -8.59 -6.37 24.04
CA ALA D 72 -7.19 -6.05 23.97
C ALA D 72 -7.09 -4.54 23.76
N GLY D 73 -8.25 -3.94 23.49
CA GLY D 73 -8.34 -2.51 23.27
C GLY D 73 -9.00 -1.80 24.44
N ASN D 74 -8.73 -2.32 25.63
CA ASN D 74 -9.28 -1.75 26.83
C ASN D 74 -8.49 -2.32 27.97
N ASN D 75 -7.58 -3.23 27.67
CA ASN D 75 -6.83 -3.92 28.73
C ASN D 75 -5.32 -3.75 28.70
N PHE D 76 -4.72 -3.28 29.77
CA PHE D 76 -3.26 -3.11 29.75
C PHE D 76 -2.53 -4.43 30.03
N PHE D 77 -3.27 -5.52 30.16
CA PHE D 77 -2.66 -6.81 30.42
C PHE D 77 -3.10 -7.90 29.46
N LEU D 78 -3.54 -7.47 28.30
CA LEU D 78 -3.95 -8.35 27.23
C LEU D 78 -3.43 -7.67 25.96
N GLN D 79 -2.66 -8.41 25.16
CA GLN D 79 -2.12 -7.86 23.91
C GLN D 79 -2.71 -8.56 22.69
N ARG D 80 -2.68 -7.88 21.55
CA ARG D 80 -3.19 -8.41 20.29
C ARG D 80 -2.83 -9.89 20.16
N SER D 81 -1.58 -10.20 20.48
CA SER D 81 -1.03 -11.55 20.42
C SER D 81 -1.70 -12.57 21.35
N SER D 82 -2.97 -12.35 21.67
CA SER D 82 -3.74 -13.28 22.51
C SER D 82 -5.24 -13.13 22.24
N ILE D 83 -5.58 -12.47 21.14
CA ILE D 83 -6.98 -12.29 20.75
C ILE D 83 -7.56 -13.63 20.29
N GLY D 84 -7.98 -14.45 21.24
CA GLY D 84 -8.56 -15.73 20.90
C GLY D 84 -8.29 -16.78 21.97
N LYS D 85 -7.23 -16.56 22.74
CA LYS D 85 -6.85 -17.45 23.81
C LYS D 85 -7.83 -17.29 24.97
N ASN D 86 -7.40 -17.76 26.13
CA ASN D 86 -8.18 -17.69 27.36
C ASN D 86 -8.03 -16.29 27.94
N ARG D 87 -9.12 -15.52 28.00
CA ARG D 87 -9.04 -14.17 28.56
C ARG D 87 -8.43 -14.21 29.97
N ALA D 88 -8.40 -15.38 30.57
CA ALA D 88 -7.86 -15.53 31.91
C ALA D 88 -6.44 -16.10 31.91
N GLU D 89 -6.14 -16.93 30.93
CA GLU D 89 -4.81 -17.52 30.82
C GLU D 89 -3.83 -16.40 30.47
N ALA D 90 -4.26 -15.54 29.54
CA ALA D 90 -3.47 -14.42 29.06
C ALA D 90 -3.19 -13.37 30.13
N ALA D 91 -4.26 -12.76 30.60
CA ALA D 91 -4.14 -11.73 31.63
C ALA D 91 -3.15 -12.13 32.73
N MET D 92 -3.15 -13.38 33.15
CA MET D 92 -2.24 -13.80 34.18
C MET D 92 -0.79 -13.62 33.74
N GLU D 93 -0.55 -13.84 32.47
CA GLU D 93 0.79 -13.72 31.92
C GLU D 93 1.46 -12.40 32.25
N PHE D 94 0.83 -11.30 31.86
CA PHE D 94 1.39 -9.98 32.08
C PHE D 94 1.36 -9.48 33.53
N LEU D 95 0.34 -9.88 34.27
CA LEU D 95 0.21 -9.47 35.67
C LEU D 95 1.34 -10.13 36.42
N GLN D 96 1.64 -11.35 36.00
CA GLN D 96 2.70 -12.14 36.60
C GLN D 96 4.01 -11.35 36.68
N GLU D 97 4.29 -10.58 35.62
CA GLU D 97 5.49 -9.76 35.48
C GLU D 97 5.68 -8.61 36.47
N LEU D 98 4.58 -8.03 36.94
CA LEU D 98 4.61 -6.90 37.88
C LEU D 98 5.28 -7.20 39.21
N ASN D 99 5.15 -8.44 39.69
CA ASN D 99 5.78 -8.83 40.94
C ASN D 99 6.13 -10.30 40.94
N SER D 100 7.39 -10.59 41.29
CA SER D 100 7.89 -11.96 41.30
C SER D 100 7.55 -12.66 42.61
N ASP D 101 7.08 -11.89 43.58
CA ASP D 101 6.73 -12.45 44.88
C ASP D 101 5.27 -12.90 44.90
N VAL D 102 4.52 -12.52 43.87
CA VAL D 102 3.11 -12.88 43.73
C VAL D 102 2.97 -14.15 42.89
N SER D 103 2.17 -15.09 43.38
CA SER D 103 1.98 -16.35 42.66
C SER D 103 0.59 -16.51 42.06
N GLY D 104 0.49 -16.29 40.75
CA GLY D 104 -0.79 -16.39 40.07
C GLY D 104 -1.26 -17.80 39.74
N SER D 105 -2.51 -17.90 39.28
CA SER D 105 -3.13 -19.18 38.93
C SER D 105 -4.42 -18.86 38.18
N PHE D 106 -4.86 -19.73 37.29
CA PHE D 106 -6.10 -19.47 36.56
C PHE D 106 -7.07 -20.65 36.45
N VAL D 107 -8.21 -20.41 35.82
CA VAL D 107 -9.26 -21.41 35.63
C VAL D 107 -10.07 -21.09 34.37
N GLU D 108 -9.86 -21.88 33.33
CA GLU D 108 -10.52 -21.68 32.04
C GLU D 108 -12.03 -21.87 31.98
N GLU D 109 -12.70 -21.92 33.14
CA GLU D 109 -14.14 -22.13 33.14
C GLU D 109 -14.95 -20.88 33.42
N SER D 110 -16.24 -20.94 33.12
CA SER D 110 -17.14 -19.82 33.33
C SER D 110 -17.55 -19.65 34.80
N PRO D 111 -18.22 -18.54 35.13
CA PRO D 111 -18.66 -18.24 36.49
C PRO D 111 -19.70 -19.25 36.96
N GLU D 112 -20.85 -19.25 36.30
CA GLU D 112 -21.93 -20.17 36.64
C GLU D 112 -21.39 -21.60 36.59
N ASN D 113 -20.76 -21.96 35.47
CA ASN D 113 -20.22 -23.29 35.30
C ASN D 113 -19.54 -23.83 36.56
N LEU D 114 -18.74 -23.00 37.21
CA LEU D 114 -18.05 -23.42 38.42
C LEU D 114 -19.04 -23.58 39.58
N LEU D 115 -20.11 -22.80 39.54
CA LEU D 115 -21.16 -22.85 40.55
C LEU D 115 -22.05 -24.07 40.26
N ASP D 116 -22.26 -24.34 38.97
CA ASP D 116 -23.07 -25.48 38.53
C ASP D 116 -22.37 -26.80 38.83
N ASN D 117 -21.04 -26.75 38.99
CA ASN D 117 -20.30 -27.96 39.26
C ASN D 117 -19.73 -27.96 40.67
N ASP D 118 -18.57 -27.33 40.84
CA ASP D 118 -17.92 -27.27 42.13
C ASP D 118 -18.11 -25.92 42.80
N PRO D 119 -19.14 -25.80 43.66
CA PRO D 119 -19.37 -24.53 44.35
C PRO D 119 -18.41 -24.37 45.54
N SER D 120 -18.07 -25.47 46.18
CA SER D 120 -17.17 -25.48 47.34
C SER D 120 -15.75 -25.01 47.03
N PHE D 121 -15.50 -24.67 45.78
CA PHE D 121 -14.19 -24.21 45.35
C PHE D 121 -13.79 -22.90 46.03
N PHE D 122 -14.66 -21.91 45.93
CA PHE D 122 -14.43 -20.59 46.48
C PHE D 122 -14.11 -20.50 47.97
N CYS D 123 -14.49 -21.51 48.74
CA CYS D 123 -14.21 -21.48 50.18
C CYS D 123 -12.73 -21.50 50.50
N ARG D 124 -11.92 -21.12 49.53
CA ARG D 124 -10.48 -21.10 49.70
C ARG D 124 -9.89 -19.70 49.62
N PHE D 125 -10.56 -18.80 48.91
CA PHE D 125 -10.08 -17.43 48.76
C PHE D 125 -10.35 -16.55 49.97
N THR D 126 -9.38 -15.69 50.29
CA THR D 126 -9.49 -14.76 51.40
C THR D 126 -10.56 -13.70 51.08
N VAL D 127 -10.58 -13.28 49.81
CA VAL D 127 -11.54 -12.29 49.32
C VAL D 127 -11.88 -12.62 47.87
N VAL D 128 -13.12 -12.38 47.48
CA VAL D 128 -13.53 -12.67 46.11
C VAL D 128 -14.11 -11.47 45.39
N VAL D 129 -13.32 -10.96 44.46
CA VAL D 129 -13.71 -9.83 43.66
C VAL D 129 -14.27 -10.34 42.32
N ALA D 130 -15.53 -10.05 42.02
CA ALA D 130 -16.14 -10.47 40.76
C ALA D 130 -16.03 -9.26 39.84
N THR D 131 -15.33 -9.36 38.71
CA THR D 131 -15.26 -8.10 37.98
C THR D 131 -16.44 -7.67 37.11
N GLN D 132 -16.78 -8.13 35.93
CA GLN D 132 -18.06 -7.56 35.42
C GLN D 132 -19.11 -8.59 35.03
N LEU D 133 -20.02 -8.87 36.01
CA LEU D 133 -21.11 -9.88 35.97
C LEU D 133 -22.60 -9.53 35.87
N PRO D 134 -23.41 -10.45 35.29
CA PRO D 134 -24.85 -10.30 35.08
C PRO D 134 -25.63 -10.55 36.37
N GLU D 135 -26.60 -9.68 36.59
CA GLU D 135 -27.46 -9.76 37.76
C GLU D 135 -27.71 -11.21 38.22
N SER D 136 -28.15 -12.07 37.30
CA SER D 136 -28.43 -13.45 37.66
C SER D 136 -27.23 -14.13 38.34
N THR D 137 -26.10 -14.21 37.63
CA THR D 137 -24.90 -14.85 38.18
C THR D 137 -24.40 -14.19 39.48
N SER D 138 -24.60 -12.88 39.60
CA SER D 138 -24.18 -12.15 40.80
C SER D 138 -24.95 -12.65 42.00
N LEU D 139 -26.27 -12.49 41.94
CA LEU D 139 -27.17 -12.92 43.00
C LEU D 139 -26.83 -14.32 43.47
N ARG D 140 -26.52 -15.19 42.53
CA ARG D 140 -26.18 -16.56 42.88
C ARG D 140 -24.88 -16.61 43.66
N LEU D 141 -23.80 -16.12 43.06
CA LEU D 141 -22.50 -16.14 43.74
C LEU D 141 -22.51 -15.46 45.10
N ALA D 142 -23.16 -14.31 45.19
CA ALA D 142 -23.26 -13.57 46.44
C ALA D 142 -23.83 -14.46 47.53
N ASP D 143 -24.72 -15.36 47.14
CA ASP D 143 -25.34 -16.27 48.09
C ASP D 143 -24.40 -17.42 48.42
N VAL D 144 -23.94 -18.11 47.39
CA VAL D 144 -23.03 -19.23 47.60
C VAL D 144 -21.87 -18.82 48.47
N LEU D 145 -21.55 -17.52 48.46
CA LEU D 145 -20.44 -16.98 49.23
C LEU D 145 -20.84 -16.39 50.59
N TRP D 146 -22.08 -15.94 50.71
CA TRP D 146 -22.54 -15.37 51.97
C TRP D 146 -22.69 -16.48 53.00
N ASN D 147 -23.22 -17.61 52.54
CA ASN D 147 -23.41 -18.76 53.41
C ASN D 147 -22.01 -19.22 53.84
N SER D 148 -21.16 -19.42 52.84
CA SER D 148 -19.80 -19.91 53.07
C SER D 148 -18.92 -19.11 54.00
N GLN D 149 -19.22 -17.81 54.19
CA GLN D 149 -18.42 -16.92 55.06
C GLN D 149 -17.26 -16.23 54.34
N ILE D 150 -17.39 -16.00 53.04
CA ILE D 150 -16.33 -15.37 52.24
C ILE D 150 -16.66 -13.94 51.83
N PRO D 151 -15.74 -12.98 52.10
CA PRO D 151 -15.98 -11.58 51.71
C PRO D 151 -16.06 -11.47 50.19
N LEU D 152 -17.03 -10.71 49.70
CA LEU D 152 -17.23 -10.56 48.28
C LEU D 152 -17.38 -9.10 47.89
N LEU D 153 -16.69 -8.70 46.84
CA LEU D 153 -16.74 -7.33 46.35
C LEU D 153 -17.13 -7.44 44.88
N ILE D 154 -18.32 -6.95 44.55
CA ILE D 154 -18.81 -7.02 43.19
C ILE D 154 -18.64 -5.67 42.53
N CYS D 155 -17.79 -5.64 41.51
CA CYS D 155 -17.51 -4.41 40.79
C CYS D 155 -18.04 -4.46 39.38
N ARG D 156 -18.46 -3.32 38.86
CA ARG D 156 -19.00 -3.26 37.52
C ARG D 156 -18.62 -1.93 36.91
N THR D 157 -18.39 -1.94 35.61
CA THR D 157 -18.08 -0.74 34.87
C THR D 157 -19.12 -0.72 33.75
N TYR D 158 -19.72 0.44 33.55
CA TYR D 158 -20.73 0.58 32.52
C TYR D 158 -20.64 2.03 32.10
N GLY D 159 -20.10 2.27 30.90
CA GLY D 159 -19.95 3.62 30.44
C GLY D 159 -19.07 4.40 31.41
N LEU D 160 -19.56 5.54 31.88
CA LEU D 160 -18.80 6.35 32.81
C LEU D 160 -19.27 6.15 34.24
N VAL D 161 -19.91 5.02 34.50
CA VAL D 161 -20.41 4.77 35.84
C VAL D 161 -19.76 3.56 36.49
N GLY D 162 -19.14 3.76 37.64
CA GLY D 162 -18.50 2.66 38.31
C GLY D 162 -19.38 2.13 39.43
N TYR D 163 -19.52 0.81 39.52
CA TYR D 163 -20.35 0.19 40.57
C TYR D 163 -19.48 -0.69 41.48
N MET D 164 -19.76 -0.64 42.77
CA MET D 164 -18.98 -1.39 43.72
C MET D 164 -19.81 -1.77 44.96
N ARG D 165 -20.06 -3.06 45.11
CA ARG D 165 -20.82 -3.55 46.25
C ARG D 165 -19.91 -4.42 47.09
N ILE D 166 -19.87 -4.14 48.39
CA ILE D 166 -19.06 -4.92 49.30
C ILE D 166 -20.01 -5.75 50.14
N ILE D 167 -19.65 -7.01 50.36
CA ILE D 167 -20.50 -7.90 51.13
C ILE D 167 -19.74 -8.72 52.17
N ILE D 168 -19.75 -8.26 53.42
CA ILE D 168 -19.09 -8.98 54.50
C ILE D 168 -20.14 -8.93 55.61
N LYS D 169 -20.51 -10.10 56.16
CA LYS D 169 -21.51 -10.15 57.23
C LYS D 169 -21.05 -9.28 58.41
N GLU D 170 -19.88 -9.57 58.95
CA GLU D 170 -19.37 -8.79 60.06
C GLU D 170 -17.89 -8.52 59.85
N HIS D 171 -17.50 -7.26 59.93
CA HIS D 171 -16.09 -6.88 59.77
C HIS D 171 -15.64 -5.90 60.87
N PRO D 172 -15.13 -6.44 61.99
CA PRO D 172 -14.65 -5.63 63.12
C PRO D 172 -13.17 -5.24 62.96
N VAL D 173 -12.84 -3.99 63.27
CA VAL D 173 -11.46 -3.55 63.15
C VAL D 173 -11.05 -2.73 64.35
N ILE D 174 -9.80 -2.88 64.74
CA ILE D 174 -9.27 -2.15 65.90
C ILE D 174 -8.46 -0.93 65.47
N GLU D 175 -7.50 -1.15 64.58
CA GLU D 175 -6.62 -0.09 64.08
C GLU D 175 -7.35 0.65 62.97
N SER D 176 -8.29 1.53 63.32
CA SER D 176 -9.05 2.23 62.32
C SER D 176 -8.33 3.39 61.66
N HIS D 177 -7.19 3.80 62.20
CA HIS D 177 -6.43 4.89 61.60
C HIS D 177 -7.24 6.15 61.39
N PRO D 178 -7.86 6.67 62.45
CA PRO D 178 -8.65 7.87 62.30
C PRO D 178 -7.77 9.00 61.78
N ASP D 179 -8.29 9.79 60.84
CA ASP D 179 -7.52 10.91 60.27
C ASP D 179 -7.17 11.91 61.36
N ASN D 180 -8.16 12.26 62.18
CA ASN D 180 -7.95 13.19 63.27
C ASN D 180 -8.82 12.73 64.45
N ALA D 181 -8.34 13.03 65.65
CA ALA D 181 -9.01 12.67 66.89
C ALA D 181 -8.62 13.61 68.03
N LEU D 182 -9.41 13.60 69.08
CA LEU D 182 -9.16 14.43 70.23
C LEU D 182 -8.21 13.74 71.20
N GLU D 183 -7.15 14.44 71.57
CA GLU D 183 -6.13 13.92 72.48
C GLU D 183 -6.69 13.44 73.81
N ASP D 184 -6.13 12.37 74.35
CA ASP D 184 -6.60 11.83 75.63
C ASP D 184 -5.73 12.48 76.69
N LEU D 185 -6.08 13.71 77.06
CA LEU D 185 -5.31 14.44 78.06
C LEU D 185 -5.77 14.23 79.49
N ARG D 186 -7.06 13.97 79.67
CA ARG D 186 -7.63 13.73 81.01
C ARG D 186 -7.52 14.91 81.95
N LEU D 187 -7.69 16.13 81.45
CA LEU D 187 -7.59 17.30 82.32
C LEU D 187 -8.81 17.46 83.19
N ASP D 188 -9.97 17.08 82.66
CA ASP D 188 -11.25 17.17 83.36
C ASP D 188 -11.37 16.10 84.44
N LYS D 189 -10.97 14.89 84.10
CA LYS D 189 -11.02 13.74 84.99
C LYS D 189 -9.62 13.15 85.15
N PRO D 190 -8.67 13.92 85.71
CA PRO D 190 -7.28 13.49 85.91
C PRO D 190 -7.13 12.24 86.77
N PHE D 191 -6.05 11.49 86.55
CA PHE D 191 -5.81 10.30 87.34
C PHE D 191 -4.81 10.64 88.43
N PRO D 192 -4.92 9.98 89.60
CA PRO D 192 -4.03 10.22 90.73
C PRO D 192 -2.59 10.55 90.34
N GLU D 193 -1.99 9.74 89.48
CA GLU D 193 -0.62 9.97 89.07
C GLU D 193 -0.48 11.27 88.26
N LEU D 194 -1.52 11.67 87.53
CA LEU D 194 -1.44 12.90 86.75
C LEU D 194 -1.55 14.07 87.70
N ARG D 195 -2.49 13.98 88.62
CA ARG D 195 -2.69 15.03 89.60
C ARG D 195 -1.40 15.23 90.41
N GLU D 196 -0.74 14.12 90.77
CA GLU D 196 0.50 14.21 91.54
C GLU D 196 1.53 15.07 90.82
N HIS D 197 1.66 14.83 89.51
CA HIS D 197 2.59 15.56 88.66
C HIS D 197 2.31 17.05 88.72
N PHE D 198 1.09 17.45 88.32
CA PHE D 198 0.70 18.85 88.36
C PHE D 198 1.01 19.50 89.71
N GLN D 199 0.83 18.73 90.80
CA GLN D 199 1.09 19.25 92.13
C GLN D 199 2.55 19.59 92.34
N SER D 200 3.45 18.78 91.80
CA SER D 200 4.88 19.02 91.96
C SER D 200 5.22 20.43 91.42
N TYR D 201 4.45 20.88 90.44
CA TYR D 201 4.64 22.21 89.81
C TYR D 201 4.05 23.41 90.47
N ASP D 202 4.73 24.52 90.19
CA ASP D 202 4.30 25.82 90.67
C ASP D 202 4.52 26.12 92.12
N HIS D 211 10.68 29.48 86.24
CA HIS D 211 10.16 28.91 84.99
C HIS D 211 11.23 28.81 83.92
N SER D 212 11.01 27.87 83.03
CA SER D 212 11.92 27.70 81.94
C SER D 212 10.84 27.58 80.87
N HIS D 213 10.61 26.43 80.33
CA HIS D 213 9.57 26.53 79.36
C HIS D 213 8.76 25.26 79.63
N THR D 214 7.67 25.53 80.33
CA THR D 214 6.74 24.54 80.82
C THR D 214 5.63 24.06 79.92
N PRO D 215 5.46 22.74 79.82
CA PRO D 215 4.43 22.11 78.99
C PRO D 215 3.11 22.84 79.17
N TRP D 216 2.42 23.12 78.07
CA TRP D 216 1.16 23.82 78.16
C TRP D 216 0.14 23.12 79.06
N ILE D 217 0.08 21.79 78.98
CA ILE D 217 -0.86 21.02 79.79
C ILE D 217 -0.76 21.37 81.25
N VAL D 218 0.45 21.66 81.71
CA VAL D 218 0.64 22.02 83.11
C VAL D 218 0.18 23.46 83.36
N ILE D 219 0.33 24.32 82.34
CA ILE D 219 -0.08 25.72 82.43
C ILE D 219 -1.60 25.78 82.66
N ILE D 220 -2.35 25.08 81.81
CA ILE D 220 -3.81 25.01 81.90
C ILE D 220 -4.19 24.31 83.20
N ALA D 221 -3.60 23.15 83.42
CA ALA D 221 -3.88 22.38 84.60
C ALA D 221 -3.90 23.28 85.84
N LYS D 222 -2.89 24.13 85.97
CA LYS D 222 -2.82 25.03 87.11
C LYS D 222 -3.95 26.04 87.16
N TYR D 223 -4.05 26.92 86.16
CA TYR D 223 -5.11 27.91 86.14
C TYR D 223 -6.48 27.27 86.24
N LEU D 224 -6.53 25.97 85.95
CA LEU D 224 -7.79 25.23 86.01
C LEU D 224 -8.09 24.85 87.47
N ALA D 225 -7.04 24.52 88.21
CA ALA D 225 -7.19 24.14 89.63
C ALA D 225 -7.55 25.37 90.42
N GLN D 226 -7.08 26.51 89.94
CA GLN D 226 -7.34 27.78 90.60
C GLN D 226 -8.77 28.22 90.29
N TRP D 227 -9.22 27.98 89.07
CA TRP D 227 -10.58 28.34 88.71
C TRP D 227 -11.51 27.42 89.52
N TYR D 228 -11.09 26.17 89.68
CA TYR D 228 -11.87 25.18 90.42
C TYR D 228 -12.14 25.65 91.85
N SER D 229 -11.29 26.53 92.36
CA SER D 229 -11.42 27.05 93.72
C SER D 229 -12.34 28.27 93.87
N GLU D 230 -12.24 29.21 92.94
CA GLU D 230 -13.08 30.41 92.98
C GLU D 230 -14.46 30.08 92.42
N THR D 231 -14.64 28.85 91.94
CA THR D 231 -15.91 28.43 91.37
C THR D 231 -16.54 27.35 92.22
N ASN D 232 -15.82 26.96 93.27
CA ASN D 232 -16.30 25.92 94.17
C ASN D 232 -16.61 24.66 93.35
N GLY D 233 -15.59 24.14 92.67
CA GLY D 233 -15.77 22.91 91.91
C GLY D 233 -16.30 22.90 90.50
N ARG D 234 -16.16 23.99 89.75
CA ARG D 234 -16.66 23.98 88.39
C ARG D 234 -15.52 24.11 87.40
N ILE D 235 -15.81 23.78 86.14
CA ILE D 235 -14.83 23.85 85.06
C ILE D 235 -15.44 24.66 83.92
N PRO D 236 -14.68 25.61 83.37
CA PRO D 236 -15.23 26.40 82.26
C PRO D 236 -16.02 25.58 81.25
N LYS D 237 -17.26 25.99 80.98
CA LYS D 237 -18.10 25.29 80.02
C LYS D 237 -18.65 26.20 78.92
N THR D 238 -19.20 27.35 79.31
CA THR D 238 -19.75 28.27 78.31
C THR D 238 -18.60 28.74 77.45
N TYR D 239 -18.86 28.95 76.17
CA TYR D 239 -17.79 29.47 75.32
C TYR D 239 -17.38 30.74 76.02
N LYS D 240 -18.35 31.38 76.64
CA LYS D 240 -18.14 32.62 77.39
C LYS D 240 -17.18 32.40 78.54
N GLU D 241 -17.27 31.24 79.18
CA GLU D 241 -16.43 30.90 80.32
C GLU D 241 -15.01 30.54 79.91
N LYS D 242 -14.88 29.79 78.81
CA LYS D 242 -13.58 29.40 78.31
C LYS D 242 -12.87 30.67 77.86
N GLU D 243 -13.67 31.66 77.47
CA GLU D 243 -13.15 32.95 77.03
C GLU D 243 -12.57 33.75 78.19
N ASP D 244 -13.08 33.49 79.39
CA ASP D 244 -12.61 34.17 80.58
C ASP D 244 -11.46 33.38 81.19
N PHE D 245 -11.54 32.06 81.07
CA PHE D 245 -10.49 31.20 81.57
C PHE D 245 -9.23 31.64 80.83
N ARG D 246 -9.40 31.95 79.55
CA ARG D 246 -8.28 32.41 78.74
C ARG D 246 -7.67 33.66 79.36
N ASP D 247 -8.49 34.68 79.53
CA ASP D 247 -8.02 35.93 80.13
C ASP D 247 -7.42 35.62 81.48
N LEU D 248 -7.89 34.54 82.10
CA LEU D 248 -7.34 34.17 83.39
C LEU D 248 -5.89 33.75 83.19
N ILE D 249 -5.63 33.02 82.09
CA ILE D 249 -4.27 32.58 81.79
C ILE D 249 -3.41 33.76 81.37
N ARG D 250 -4.00 34.69 80.62
CA ARG D 250 -3.28 35.89 80.19
C ARG D 250 -2.82 36.70 81.38
N GLN D 251 -3.72 36.91 82.34
CA GLN D 251 -3.39 37.67 83.56
C GLN D 251 -2.25 37.01 84.32
N GLY D 252 -1.53 36.14 83.63
CA GLY D 252 -0.42 35.43 84.23
C GLY D 252 0.85 35.47 83.40
N ILE D 253 0.81 36.07 82.21
CA ILE D 253 2.00 36.17 81.35
C ILE D 253 2.90 37.30 81.89
N LEU D 254 3.02 37.37 83.20
CA LEU D 254 3.77 38.42 83.90
C LEU D 254 5.13 38.94 83.57
N LYS D 255 5.24 40.06 82.89
CA LYS D 255 6.55 40.58 82.57
C LYS D 255 7.09 39.83 81.38
N PRO D 256 7.09 38.49 81.41
CA PRO D 256 7.61 37.82 80.25
C PRO D 256 7.28 38.20 78.85
N GLU D 257 8.28 38.86 78.28
CA GLU D 257 8.20 39.16 76.90
C GLU D 257 8.50 37.75 76.37
N ASP D 258 8.53 36.75 77.26
CA ASP D 258 8.78 35.41 76.78
C ASP D 258 7.71 34.38 77.12
N GLU D 259 6.67 34.38 76.28
CA GLU D 259 5.57 33.46 76.43
C GLU D 259 4.76 33.10 75.20
N GLU D 260 5.32 32.25 74.35
CA GLU D 260 4.61 31.79 73.18
C GLU D 260 3.96 30.46 73.52
N ASN D 261 4.22 29.93 74.72
CA ASN D 261 3.62 28.68 75.14
C ASN D 261 2.37 29.02 75.98
N PHE D 262 2.44 30.14 76.69
CA PHE D 262 1.30 30.58 77.47
C PHE D 262 0.21 30.85 76.46
N GLU D 263 0.63 31.32 75.28
CA GLU D 263 -0.30 31.62 74.20
C GLU D 263 -0.75 30.27 73.60
N GLU D 264 0.18 29.31 73.57
CA GLU D 264 -0.11 27.98 73.04
C GLU D 264 -1.08 27.31 74.00
N ALA D 265 -1.12 27.82 75.23
CA ALA D 265 -2.02 27.30 76.25
C ALA D 265 -3.42 27.84 75.99
N ILE D 266 -3.49 29.11 75.62
CA ILE D 266 -4.77 29.75 75.34
C ILE D 266 -5.44 29.15 74.11
N LYS D 267 -4.66 28.88 73.07
CA LYS D 267 -5.22 28.32 71.86
C LYS D 267 -5.73 26.90 72.10
N ASN D 268 -5.13 26.22 73.07
CA ASN D 268 -5.54 24.86 73.38
C ASN D 268 -6.67 24.76 74.37
N VAL D 269 -7.03 25.88 74.99
CA VAL D 269 -8.13 25.86 75.95
C VAL D 269 -9.39 25.44 75.21
N ASN D 270 -9.45 25.79 73.94
CA ASN D 270 -10.62 25.46 73.13
C ASN D 270 -10.93 23.96 73.00
N THR D 271 -10.04 23.11 73.50
CA THR D 271 -10.23 21.65 73.44
C THR D 271 -9.90 20.94 74.75
N ALA D 272 -8.71 21.21 75.29
CA ALA D 272 -8.27 20.58 76.51
C ALA D 272 -9.35 20.49 77.60
N LEU D 273 -10.52 21.14 77.28
CA LEU D 273 -11.70 21.22 78.17
C LEU D 273 -13.05 20.38 78.15
N ASN D 274 -13.17 19.38 77.28
CA ASN D 274 -14.27 18.36 77.38
C ASN D 274 -13.80 17.12 76.53
N THR D 275 -12.60 16.61 76.82
CA THR D 275 -11.95 15.46 76.07
C THR D 275 -11.85 14.01 76.62
N THR D 276 -12.74 13.71 77.56
CA THR D 276 -12.81 12.41 78.18
C THR D 276 -14.27 12.02 78.25
N GLN D 277 -14.65 11.04 77.43
CA GLN D 277 -16.03 10.56 77.34
C GLN D 277 -16.11 9.42 76.30
N ILE D 278 -16.84 8.35 76.61
CA ILE D 278 -16.95 7.24 75.66
C ILE D 278 -17.59 7.63 74.34
N PRO D 279 -16.89 7.42 73.22
CA PRO D 279 -17.47 7.76 71.93
C PRO D 279 -18.72 6.95 71.66
N SER D 280 -19.63 7.52 70.88
CA SER D 280 -20.89 6.89 70.53
C SER D 280 -20.75 5.48 69.98
N SER D 281 -19.90 5.33 68.96
CA SER D 281 -19.69 4.05 68.32
C SER D 281 -19.24 2.98 69.29
N ILE D 282 -18.53 3.39 70.33
CA ILE D 282 -18.04 2.45 71.30
C ILE D 282 -19.21 1.99 72.15
N GLU D 283 -20.18 2.87 72.37
CA GLU D 283 -21.35 2.50 73.15
C GLU D 283 -22.09 1.44 72.35
N ASP D 284 -22.30 1.75 71.08
CA ASP D 284 -23.01 0.85 70.19
C ASP D 284 -22.37 -0.53 70.15
N ILE D 285 -21.10 -0.62 70.50
CA ILE D 285 -20.42 -1.92 70.50
C ILE D 285 -20.62 -2.59 71.84
N PHE D 286 -20.53 -1.80 72.91
CA PHE D 286 -20.73 -2.32 74.25
C PHE D 286 -22.13 -2.93 74.40
N ASN D 287 -23.11 -2.31 73.76
CA ASN D 287 -24.48 -2.79 73.84
C ASN D 287 -24.90 -3.68 72.69
N ASP D 288 -23.96 -4.42 72.12
CA ASP D 288 -24.28 -5.29 71.01
C ASP D 288 -24.49 -6.70 71.58
N ASP D 289 -25.30 -7.50 70.89
CA ASP D 289 -25.54 -8.87 71.35
C ASP D 289 -24.19 -9.57 71.51
N ARG D 290 -23.40 -9.51 70.46
CA ARG D 290 -22.10 -10.15 70.41
C ARG D 290 -21.24 -9.85 71.61
N CYS D 291 -21.40 -8.65 72.14
CA CYS D 291 -20.60 -8.21 73.28
C CYS D 291 -21.14 -8.74 74.60
N ILE D 292 -22.37 -8.39 74.93
CA ILE D 292 -22.98 -8.84 76.19
C ILE D 292 -22.85 -10.35 76.38
N ASN D 293 -23.45 -11.10 75.46
CA ASN D 293 -23.47 -12.56 75.50
C ASN D 293 -22.30 -13.20 74.80
N ILE D 294 -21.20 -13.42 75.53
CA ILE D 294 -20.04 -14.07 74.94
C ILE D 294 -20.33 -15.55 75.00
N THR D 295 -19.60 -16.33 74.23
CA THR D 295 -19.80 -17.78 74.19
C THR D 295 -18.49 -18.44 73.75
N LYS D 296 -18.53 -19.74 73.49
CA LYS D 296 -17.34 -20.43 73.05
C LYS D 296 -17.06 -20.10 71.60
N GLN D 297 -17.97 -19.32 71.00
CA GLN D 297 -17.83 -18.92 69.61
C GLN D 297 -17.39 -17.46 69.50
N THR D 298 -17.67 -16.69 70.54
CA THR D 298 -17.29 -15.28 70.53
C THR D 298 -15.85 -15.10 70.04
N PRO D 299 -15.67 -14.31 68.97
CA PRO D 299 -14.38 -14.00 68.36
C PRO D 299 -13.57 -13.07 69.25
N SER D 300 -12.27 -13.29 69.32
CA SER D 300 -11.40 -12.46 70.16
C SER D 300 -11.75 -10.98 70.09
N PHE D 301 -12.35 -10.53 68.99
CA PHE D 301 -12.69 -9.11 68.92
C PHE D 301 -13.65 -8.72 70.03
N TRP D 302 -14.74 -9.48 70.13
CA TRP D 302 -15.75 -9.18 71.13
C TRP D 302 -15.34 -9.47 72.56
N ILE D 303 -14.48 -10.47 72.75
CA ILE D 303 -13.97 -10.82 74.08
C ILE D 303 -13.13 -9.63 74.53
N LEU D 304 -12.58 -8.90 73.56
CA LEU D 304 -11.77 -7.72 73.83
C LEU D 304 -12.69 -6.55 74.14
N ALA D 305 -13.73 -6.39 73.32
CA ALA D 305 -14.69 -5.32 73.52
C ALA D 305 -15.31 -5.49 74.91
N ARG D 306 -15.65 -6.75 75.22
CA ARG D 306 -16.24 -7.08 76.50
C ARG D 306 -15.32 -6.59 77.61
N ALA D 307 -14.06 -7.00 77.53
CA ALA D 307 -13.05 -6.62 78.51
C ALA D 307 -13.01 -5.11 78.68
N LEU D 308 -13.17 -4.37 77.59
CA LEU D 308 -13.17 -2.92 77.67
C LEU D 308 -14.33 -2.43 78.54
N LYS D 309 -15.53 -2.94 78.25
CA LYS D 309 -16.72 -2.57 79.02
C LYS D 309 -16.51 -2.92 80.48
N GLU D 310 -15.91 -4.09 80.72
CA GLU D 310 -15.60 -4.55 82.07
C GLU D 310 -14.70 -3.54 82.75
N PHE D 311 -13.69 -3.08 82.02
CA PHE D 311 -12.75 -2.09 82.51
C PHE D 311 -13.52 -0.82 82.87
N VAL D 312 -14.23 -0.26 81.87
CA VAL D 312 -15.00 0.96 82.05
C VAL D 312 -15.88 0.87 83.30
N ALA D 313 -16.55 -0.25 83.46
CA ALA D 313 -17.43 -0.44 84.60
C ALA D 313 -16.67 -0.51 85.92
N LYS D 314 -15.53 -1.20 85.93
CA LYS D 314 -14.77 -1.33 87.17
C LYS D 314 -13.61 -0.33 87.30
N GLU D 315 -12.38 -0.82 87.23
CA GLU D 315 -11.21 0.05 87.40
C GLU D 315 -11.12 1.27 86.49
N GLY D 316 -11.77 1.22 85.34
CA GLY D 316 -11.73 2.35 84.41
C GLY D 316 -12.55 3.56 84.85
N GLN D 317 -13.49 3.32 85.76
CA GLN D 317 -14.37 4.36 86.32
C GLN D 317 -15.12 5.25 85.34
N GLY D 318 -15.83 4.63 84.40
CA GLY D 318 -16.59 5.42 83.45
C GLY D 318 -16.02 5.62 82.06
N ASN D 319 -14.70 5.57 81.91
CA ASN D 319 -14.13 5.74 80.58
C ASN D 319 -13.14 4.66 80.21
N LEU D 320 -12.82 4.62 78.93
CA LEU D 320 -11.90 3.66 78.38
C LEU D 320 -10.49 3.87 78.95
N PRO D 321 -9.54 2.96 78.66
CA PRO D 321 -8.17 3.07 79.15
C PRO D 321 -7.47 4.35 78.69
N VAL D 322 -6.59 4.91 79.51
CA VAL D 322 -5.87 6.10 79.10
C VAL D 322 -5.07 5.75 77.86
N ARG D 323 -5.20 6.54 76.80
CA ARG D 323 -4.51 6.28 75.53
C ARG D 323 -3.00 6.15 75.70
N GLY D 324 -2.42 7.03 76.50
CA GLY D 324 -0.99 6.97 76.76
C GLY D 324 -0.16 7.88 75.87
N THR D 325 -0.77 8.58 74.92
CA THR D 325 -0.02 9.45 74.03
C THR D 325 -0.45 10.91 74.11
N ILE D 326 0.53 11.81 74.05
CA ILE D 326 0.24 13.23 74.08
C ILE D 326 0.88 13.89 72.89
N PRO D 327 0.34 15.05 72.48
CA PRO D 327 0.86 15.78 71.34
C PRO D 327 2.13 16.52 71.72
N ASP D 328 2.89 16.93 70.73
CA ASP D 328 4.10 17.66 71.05
C ASP D 328 3.65 19.01 71.53
N MET D 329 4.48 19.64 72.35
CA MET D 329 4.17 20.96 72.86
C MET D 329 5.46 21.64 73.24
N ILE D 330 5.54 22.94 72.95
CA ILE D 330 6.75 23.68 73.29
C ILE D 330 6.94 23.57 74.78
N ALA D 331 8.15 23.19 75.16
CA ALA D 331 8.48 23.03 76.56
C ALA D 331 9.86 22.47 76.72
N ASP D 332 10.35 22.57 77.95
CA ASP D 332 11.66 22.08 78.31
C ASP D 332 11.79 20.59 77.99
N SER D 333 12.90 20.25 77.35
CA SER D 333 13.21 18.88 76.94
C SER D 333 13.12 17.87 78.08
N GLY D 334 13.41 18.30 79.30
CA GLY D 334 13.38 17.39 80.42
C GLY D 334 11.99 17.23 81.00
N LYS D 335 11.25 18.32 81.08
CA LYS D 335 9.92 18.26 81.65
C LYS D 335 8.96 17.47 80.73
N TYR D 336 8.96 17.77 79.43
CA TYR D 336 8.07 17.09 78.51
C TYR D 336 8.18 15.58 78.66
N ILE D 337 9.40 15.08 78.64
CA ILE D 337 9.63 13.64 78.77
C ILE D 337 9.11 13.07 80.09
N LYS D 338 9.11 13.86 81.15
CA LYS D 338 8.60 13.38 82.43
C LYS D 338 7.08 13.30 82.35
N LEU D 339 6.46 14.32 81.76
CA LEU D 339 5.00 14.34 81.61
C LEU D 339 4.61 13.17 80.70
N GLN D 340 5.35 13.00 79.60
CA GLN D 340 5.04 11.93 78.66
C GLN D 340 5.08 10.56 79.33
N ASN D 341 5.96 10.42 80.32
CA ASN D 341 6.09 9.17 81.07
C ASN D 341 4.87 8.92 81.92
N VAL D 342 4.39 9.99 82.57
CA VAL D 342 3.22 9.92 83.44
C VAL D 342 2.07 9.26 82.70
N TYR D 343 1.85 9.68 81.46
CA TYR D 343 0.78 9.13 80.66
C TYR D 343 1.06 7.71 80.18
N ARG D 344 2.29 7.41 79.80
CA ARG D 344 2.57 6.06 79.31
C ARG D 344 2.52 5.04 80.43
N GLU D 345 3.10 5.34 81.57
CA GLU D 345 3.06 4.40 82.68
C GLU D 345 1.60 4.07 83.01
N LYS D 346 0.74 5.09 82.98
CA LYS D 346 -0.67 4.89 83.24
C LYS D 346 -1.17 3.92 82.21
N ALA D 347 -1.19 4.35 80.96
CA ALA D 347 -1.66 3.55 79.85
C ALA D 347 -1.34 2.08 80.07
N LYS D 348 -0.08 1.78 80.39
CA LYS D 348 0.35 0.41 80.64
C LYS D 348 -0.52 -0.23 81.72
N LYS D 349 -0.65 0.44 82.86
CA LYS D 349 -1.48 -0.04 83.97
C LYS D 349 -2.88 -0.46 83.54
N ASP D 350 -3.55 0.42 82.80
CA ASP D 350 -4.89 0.17 82.30
C ASP D 350 -4.92 -1.01 81.31
N ALA D 351 -3.86 -1.16 80.50
CA ALA D 351 -3.76 -2.26 79.54
C ALA D 351 -3.69 -3.56 80.33
N ALA D 352 -3.07 -3.46 81.49
CA ALA D 352 -2.93 -4.60 82.38
C ALA D 352 -4.30 -4.98 82.95
N ALA D 353 -5.08 -3.98 83.36
CA ALA D 353 -6.42 -4.23 83.90
C ALA D 353 -7.30 -4.88 82.82
N VAL D 354 -7.41 -4.24 81.66
CA VAL D 354 -8.20 -4.80 80.57
C VAL D 354 -7.69 -6.22 80.33
N GLY D 355 -6.38 -6.41 80.48
CA GLY D 355 -5.83 -7.73 80.28
C GLY D 355 -6.50 -8.77 81.18
N ASN D 356 -6.45 -8.51 82.49
CA ASN D 356 -7.05 -9.40 83.48
C ASN D 356 -8.52 -9.70 83.24
N HIS D 357 -9.22 -8.79 82.57
CA HIS D 357 -10.63 -8.99 82.27
C HIS D 357 -10.68 -9.96 81.12
N VAL D 358 -9.81 -9.75 80.14
CA VAL D 358 -9.75 -10.63 78.99
C VAL D 358 -9.31 -12.00 79.50
N ALA D 359 -8.43 -12.04 80.49
CA ALA D 359 -7.98 -13.32 81.02
C ALA D 359 -9.19 -14.10 81.48
N LYS D 360 -9.91 -13.56 82.46
CA LYS D 360 -11.10 -14.19 83.02
C LYS D 360 -12.07 -14.57 81.91
N LEU D 361 -12.48 -13.60 81.10
CA LEU D 361 -13.40 -13.85 80.00
C LEU D 361 -12.99 -15.12 79.26
N LEU D 362 -11.72 -15.19 78.90
CA LEU D 362 -11.22 -16.35 78.17
C LEU D 362 -11.37 -17.66 78.92
N GLN D 363 -11.37 -17.59 80.25
CA GLN D 363 -11.52 -18.80 81.03
C GLN D 363 -12.98 -19.20 81.13
N SER D 364 -13.88 -18.23 81.20
CA SER D 364 -15.29 -18.58 81.27
C SER D 364 -15.63 -19.33 79.98
N ILE D 365 -15.18 -18.79 78.86
CA ILE D 365 -15.41 -19.39 77.54
C ILE D 365 -14.74 -20.75 77.42
N GLY D 366 -13.89 -21.07 78.37
CA GLY D 366 -13.18 -22.33 78.36
C GLY D 366 -11.96 -22.30 77.46
N GLN D 367 -11.23 -21.19 77.50
CA GLN D 367 -10.03 -21.03 76.70
C GLN D 367 -8.84 -20.46 77.47
N ALA D 368 -7.65 -20.68 76.93
CA ALA D 368 -6.41 -20.24 77.54
C ALA D 368 -6.22 -18.74 77.52
N PRO D 369 -5.86 -18.15 78.68
CA PRO D 369 -5.66 -16.70 78.76
C PRO D 369 -4.67 -16.29 77.69
N GLU D 370 -3.68 -17.15 77.47
CA GLU D 370 -2.64 -16.88 76.48
C GLU D 370 -3.20 -16.88 75.05
N SER D 371 -4.48 -17.19 74.89
CA SER D 371 -5.10 -17.22 73.56
C SER D 371 -5.02 -15.91 72.79
N ILE D 372 -5.06 -14.80 73.50
CA ILE D 372 -4.96 -13.49 72.87
C ILE D 372 -3.61 -12.88 73.22
N SER D 373 -2.84 -12.56 72.19
CA SER D 373 -1.50 -12.01 72.37
C SER D 373 -1.41 -10.73 73.17
N GLU D 374 -0.26 -10.59 73.82
CA GLU D 374 0.09 -9.45 74.63
C GLU D 374 0.27 -8.24 73.71
N LYS D 375 0.29 -8.51 72.41
CA LYS D 375 0.44 -7.45 71.41
C LYS D 375 -0.93 -6.98 70.97
N GLU D 376 -1.90 -7.89 70.89
CA GLU D 376 -3.24 -7.51 70.50
C GLU D 376 -3.73 -6.57 71.59
N LEU D 377 -3.50 -6.97 72.83
CA LEU D 377 -3.92 -6.17 73.96
C LEU D 377 -3.37 -4.77 73.94
N LYS D 378 -2.06 -4.64 73.71
CA LYS D 378 -1.45 -3.32 73.69
C LYS D 378 -2.00 -2.48 72.56
N LEU D 379 -2.38 -3.12 71.44
CA LEU D 379 -2.92 -2.41 70.28
C LEU D 379 -4.38 -2.00 70.54
N LEU D 380 -5.14 -2.90 71.15
CA LEU D 380 -6.53 -2.63 71.48
C LEU D 380 -6.63 -1.42 72.41
N CYS D 381 -5.93 -1.49 73.54
CA CYS D 381 -5.97 -0.42 74.50
C CYS D 381 -5.69 0.96 73.94
N SER D 382 -4.86 1.03 72.92
CA SER D 382 -4.53 2.31 72.31
C SER D 382 -5.60 2.80 71.31
N ASN D 383 -6.34 1.85 70.75
CA ASN D 383 -7.41 2.17 69.81
C ASN D 383 -8.78 1.90 70.44
N SER D 384 -8.81 1.87 71.77
CA SER D 384 -10.07 1.64 72.46
C SER D 384 -11.12 2.61 71.92
N ALA D 385 -10.72 3.86 71.72
CA ALA D 385 -11.62 4.88 71.22
C ALA D 385 -11.83 4.91 69.71
N PHE D 386 -11.28 3.93 68.99
CA PHE D 386 -11.41 3.93 67.52
C PHE D 386 -11.92 2.63 66.96
N LEU D 387 -12.42 1.76 67.83
CA LEU D 387 -12.93 0.48 67.35
C LEU D 387 -14.08 0.80 66.40
N ARG D 388 -14.21 0.02 65.34
CA ARG D 388 -15.28 0.21 64.39
C ARG D 388 -15.72 -1.17 63.99
N VAL D 389 -17.01 -1.32 63.73
CA VAL D 389 -17.54 -2.59 63.29
C VAL D 389 -18.43 -2.28 62.13
N VAL D 390 -18.19 -2.93 61.01
CA VAL D 390 -19.02 -2.73 59.84
C VAL D 390 -19.71 -4.04 59.53
N ARG D 391 -20.97 -3.94 59.12
CA ARG D 391 -21.75 -5.11 58.76
C ARG D 391 -22.54 -4.82 57.50
N CYS D 392 -22.30 -5.61 56.47
CA CYS D 392 -23.01 -5.44 55.23
C CYS D 392 -24.22 -6.35 55.26
N ARG D 393 -25.29 -5.93 54.60
CA ARG D 393 -26.48 -6.76 54.53
C ARG D 393 -26.38 -7.51 53.21
N SER D 394 -26.72 -8.79 53.25
CA SER D 394 -26.64 -9.66 52.07
C SER D 394 -27.16 -9.05 50.77
N LEU D 395 -26.72 -9.62 49.66
CA LEU D 395 -27.15 -9.15 48.36
C LEU D 395 -28.63 -9.51 48.23
N ALA D 396 -28.99 -10.69 48.72
CA ALA D 396 -30.36 -11.17 48.68
C ALA D 396 -31.32 -10.13 49.29
N GLU D 397 -30.91 -9.56 50.42
CA GLU D 397 -31.74 -8.56 51.09
C GLU D 397 -31.96 -7.35 50.23
N GLU D 398 -30.88 -6.74 49.76
CA GLU D 398 -30.99 -5.55 48.91
C GLU D 398 -31.88 -5.84 47.71
N TYR D 399 -31.97 -7.11 47.33
CA TYR D 399 -32.79 -7.52 46.19
C TYR D 399 -34.19 -8.03 46.52
N GLY D 400 -34.34 -8.70 47.65
CA GLY D 400 -35.65 -9.19 48.04
C GLY D 400 -36.72 -8.11 47.95
N LEU D 401 -37.90 -8.47 47.46
CA LEU D 401 -39.01 -7.51 47.31
C LEU D 401 -39.39 -6.83 48.62
N ASP D 402 -39.46 -7.61 49.71
CA ASP D 402 -39.85 -7.08 51.02
C ASP D 402 -38.74 -6.30 51.74
N THR D 403 -37.54 -6.86 51.76
CA THR D 403 -36.40 -6.25 52.42
C THR D 403 -35.71 -5.11 51.65
N ILE D 404 -36.24 -4.74 50.49
CA ILE D 404 -35.67 -3.65 49.71
C ILE D 404 -35.50 -2.47 50.65
N ASN D 405 -34.77 -1.46 50.21
CA ASN D 405 -34.55 -0.30 51.05
C ASN D 405 -35.17 0.96 50.45
N LYS D 406 -36.44 0.86 50.06
CA LYS D 406 -37.14 1.99 49.46
C LYS D 406 -36.80 3.31 50.12
N ASP D 407 -36.87 3.35 51.45
CA ASP D 407 -36.58 4.59 52.16
C ASP D 407 -35.36 5.26 51.53
N GLU D 408 -34.20 4.64 51.76
CA GLU D 408 -32.92 5.12 51.25
C GLU D 408 -32.96 5.62 49.81
N ILE D 409 -33.43 4.77 48.89
CA ILE D 409 -33.51 5.14 47.49
C ILE D 409 -34.28 6.42 47.25
N ILE D 410 -35.48 6.48 47.77
CA ILE D 410 -36.35 7.64 47.55
C ILE D 410 -35.83 8.93 48.17
N SER D 411 -35.30 8.83 49.39
CA SER D 411 -34.77 9.97 50.13
C SER D 411 -33.71 10.76 49.37
N SER D 412 -32.72 10.03 48.84
CA SER D 412 -31.64 10.65 48.11
C SER D 412 -32.01 10.86 46.66
N MET D 413 -33.15 10.30 46.27
CA MET D 413 -33.60 10.43 44.89
C MET D 413 -34.25 11.78 44.64
N ASP D 414 -34.13 12.68 45.62
CA ASP D 414 -34.70 14.02 45.45
C ASP D 414 -33.93 14.68 44.32
N ASN D 415 -32.68 15.08 44.56
CA ASN D 415 -31.91 15.68 43.47
C ASN D 415 -31.98 14.63 42.38
N PRO D 416 -32.60 14.97 41.24
CA PRO D 416 -32.72 14.01 40.14
C PRO D 416 -31.37 13.59 39.59
N ASP D 417 -30.31 14.23 40.08
CA ASP D 417 -28.95 13.95 39.63
C ASP D 417 -28.09 13.21 40.68
N ASN D 418 -28.73 12.76 41.76
CA ASN D 418 -28.03 12.03 42.81
C ASN D 418 -27.48 10.78 42.15
N GLU D 419 -26.35 10.28 42.63
CA GLU D 419 -25.75 9.11 42.04
C GLU D 419 -26.64 7.89 42.12
N ILE D 420 -27.62 7.92 43.00
CA ILE D 420 -28.50 6.77 43.14
C ILE D 420 -29.30 6.53 41.87
N VAL D 421 -29.41 7.55 41.02
CA VAL D 421 -30.13 7.40 39.75
C VAL D 421 -29.40 6.40 38.88
N LEU D 422 -28.09 6.31 39.06
CA LEU D 422 -27.27 5.40 38.26
C LEU D 422 -27.39 3.96 38.77
N TYR D 423 -27.85 3.80 40.02
CA TYR D 423 -28.03 2.48 40.57
C TYR D 423 -29.28 1.92 39.92
N LEU D 424 -30.32 2.76 39.92
CA LEU D 424 -31.62 2.42 39.33
C LEU D 424 -31.45 2.03 37.86
N MET D 425 -30.79 2.89 37.08
CA MET D 425 -30.57 2.60 35.67
C MET D 425 -29.78 1.30 35.54
N LEU D 426 -28.79 1.11 36.41
CA LEU D 426 -28.00 -0.10 36.37
C LEU D 426 -28.92 -1.31 36.56
N ARG D 427 -29.95 -1.12 37.38
CA ARG D 427 -30.94 -2.17 37.64
C ARG D 427 -31.84 -2.33 36.42
N ALA D 428 -32.24 -1.19 35.84
CA ALA D 428 -33.09 -1.15 34.65
C ALA D 428 -32.38 -1.79 33.45
N VAL D 429 -31.07 -1.57 33.37
CA VAL D 429 -30.27 -2.14 32.31
C VAL D 429 -30.19 -3.65 32.57
N ASP D 430 -29.99 -4.03 33.82
CA ASP D 430 -29.92 -5.44 34.17
C ASP D 430 -31.26 -6.17 34.01
N ARG D 431 -32.36 -5.42 34.10
CA ARG D 431 -33.71 -5.96 33.93
C ARG D 431 -33.92 -6.17 32.44
N PHE D 432 -33.22 -5.34 31.67
CA PHE D 432 -33.25 -5.39 30.21
C PHE D 432 -32.36 -6.55 29.74
N HIS D 433 -31.31 -6.85 30.51
CA HIS D 433 -30.39 -7.92 30.15
C HIS D 433 -31.08 -9.28 30.15
N LYS D 434 -32.16 -9.41 30.91
CA LYS D 434 -32.84 -10.69 30.93
C LYS D 434 -33.98 -10.60 29.94
N GLN D 435 -34.76 -9.55 30.07
CA GLN D 435 -35.90 -9.31 29.20
C GLN D 435 -35.49 -8.98 27.75
N GLN D 436 -34.24 -9.25 27.40
CA GLN D 436 -33.76 -8.97 26.04
C GLN D 436 -32.59 -9.83 25.62
N GLY D 437 -31.91 -10.45 26.59
CA GLY D 437 -30.77 -11.31 26.28
C GLY D 437 -29.51 -10.56 25.87
N ARG D 438 -29.61 -9.23 25.83
CA ARG D 438 -28.50 -8.36 25.45
C ARG D 438 -28.60 -6.98 26.13
N TYR D 439 -27.46 -6.30 26.28
CA TYR D 439 -27.46 -4.98 26.89
C TYR D 439 -27.92 -3.95 25.87
N PRO D 440 -28.50 -2.84 26.33
CA PRO D 440 -29.01 -1.75 25.50
C PRO D 440 -28.01 -0.81 24.84
N GLY D 441 -28.07 -0.74 23.50
CA GLY D 441 -27.21 0.16 22.77
C GLY D 441 -25.92 -0.32 22.12
N VAL D 442 -25.59 -1.61 22.23
CA VAL D 442 -24.35 -2.09 21.63
C VAL D 442 -24.14 -1.58 20.21
N SER D 443 -25.00 -1.99 19.28
CA SER D 443 -24.88 -1.55 17.89
C SER D 443 -25.34 -0.11 17.74
N ASN D 444 -24.85 0.56 16.70
CA ASN D 444 -25.22 1.94 16.47
C ASN D 444 -26.67 2.08 16.02
N TYR D 445 -27.05 1.30 15.02
CA TYR D 445 -28.42 1.35 14.52
C TYR D 445 -29.36 0.93 15.65
N GLN D 446 -28.85 0.07 16.52
CA GLN D 446 -29.59 -0.48 17.65
C GLN D 446 -29.93 0.46 18.82
N VAL D 447 -29.44 1.70 18.76
CA VAL D 447 -29.73 2.66 19.82
C VAL D 447 -31.18 3.14 19.72
N GLU D 448 -31.44 4.00 18.74
CA GLU D 448 -32.76 4.58 18.44
C GLU D 448 -33.93 3.89 19.14
N GLU D 449 -34.25 2.67 18.72
CA GLU D 449 -35.38 1.94 19.30
C GLU D 449 -35.18 1.37 20.69
N ASP D 450 -33.96 0.96 21.01
CA ASP D 450 -33.66 0.40 22.33
C ASP D 450 -33.81 1.39 23.48
N ILE D 451 -33.83 2.67 23.17
CA ILE D 451 -33.96 3.70 24.20
C ILE D 451 -35.36 3.70 24.76
N GLY D 452 -36.32 3.25 23.97
CA GLY D 452 -37.69 3.20 24.45
C GLY D 452 -37.91 1.96 25.29
N LYS D 453 -37.34 0.85 24.84
CA LYS D 453 -37.47 -0.43 25.52
C LYS D 453 -36.91 -0.40 26.95
N LEU D 454 -35.91 0.45 27.16
CA LEU D 454 -35.28 0.58 28.48
C LEU D 454 -36.16 1.36 29.44
N LYS D 455 -36.79 2.42 28.95
CA LYS D 455 -37.67 3.24 29.78
C LYS D 455 -38.92 2.41 30.11
N SER D 456 -38.90 1.16 29.64
CA SER D 456 -39.98 0.21 29.87
C SER D 456 -39.59 -0.53 31.13
N CYS D 457 -38.41 -1.15 31.06
CA CYS D 457 -37.86 -1.90 32.17
C CYS D 457 -37.61 -0.98 33.37
N LEU D 458 -37.43 0.31 33.12
CA LEU D 458 -37.23 1.25 34.22
C LEU D 458 -38.48 1.26 35.07
N THR D 459 -39.62 1.54 34.44
CA THR D 459 -40.90 1.56 35.13
C THR D 459 -41.20 0.15 35.61
N GLY D 460 -40.90 -0.85 34.77
CA GLY D 460 -41.14 -2.22 35.14
C GLY D 460 -40.40 -2.51 36.43
N PHE D 461 -39.22 -1.95 36.54
CA PHE D 461 -38.39 -2.11 37.72
C PHE D 461 -39.01 -1.38 38.89
N LEU D 462 -39.10 -0.06 38.76
CA LEU D 462 -39.66 0.81 39.77
C LEU D 462 -41.04 0.36 40.24
N GLN D 463 -41.73 -0.35 39.36
CA GLN D 463 -43.07 -0.83 39.66
C GLN D 463 -42.95 -2.05 40.55
N GLU D 464 -42.36 -3.10 40.01
CA GLU D 464 -42.20 -4.33 40.76
C GLU D 464 -41.76 -4.11 42.22
N TYR D 465 -41.11 -2.99 42.50
CA TYR D 465 -40.66 -2.70 43.86
C TYR D 465 -41.45 -1.60 44.54
N GLY D 466 -42.38 -1.01 43.81
CA GLY D 466 -43.14 0.06 44.40
C GLY D 466 -42.20 1.20 44.73
N LEU D 467 -41.57 1.73 43.69
CA LEU D 467 -40.65 2.85 43.85
C LEU D 467 -41.24 4.06 43.14
N SER D 468 -41.61 5.05 43.94
CA SER D 468 -42.23 6.26 43.44
C SER D 468 -41.16 7.34 43.26
N VAL D 469 -40.42 7.23 42.15
CA VAL D 469 -39.36 8.18 41.87
C VAL D 469 -39.30 8.59 40.40
N MET D 470 -38.97 9.85 40.16
CA MET D 470 -38.86 10.37 38.81
C MET D 470 -37.41 10.25 38.33
N VAL D 471 -37.23 9.81 37.08
CA VAL D 471 -35.88 9.66 36.53
C VAL D 471 -35.78 10.24 35.15
N LYS D 472 -35.30 11.49 35.06
CA LYS D 472 -35.14 12.18 33.79
C LYS D 472 -34.86 11.22 32.63
N ASP D 473 -35.47 11.47 31.47
CA ASP D 473 -35.26 10.60 30.31
C ASP D 473 -33.85 10.69 29.78
N ASP D 474 -33.16 11.77 30.15
CA ASP D 474 -31.79 12.00 29.73
C ASP D 474 -30.84 10.90 30.21
N TYR D 475 -31.28 10.10 31.18
CA TYR D 475 -30.45 9.01 31.69
C TYR D 475 -30.67 7.71 30.92
N VAL D 476 -31.91 7.47 30.49
CA VAL D 476 -32.22 6.27 29.72
C VAL D 476 -31.47 6.45 28.42
N HIS D 477 -31.18 7.71 28.11
CA HIS D 477 -30.45 8.09 26.92
C HIS D 477 -28.97 7.75 27.06
N GLU D 478 -28.36 8.36 28.06
CA GLU D 478 -26.94 8.17 28.31
C GLU D 478 -26.59 6.71 28.62
N PHE D 479 -27.56 5.91 29.04
CA PHE D 479 -27.24 4.51 29.34
C PHE D 479 -27.25 3.60 28.12
N CYS D 480 -27.84 4.09 27.04
CA CYS D 480 -27.88 3.33 25.80
C CYS D 480 -26.75 3.86 24.95
N ARG D 481 -26.35 5.10 25.22
CA ARG D 481 -25.24 5.69 24.50
C ARG D 481 -24.03 4.83 24.83
N TYR D 482 -23.85 4.56 26.11
CA TYR D 482 -22.73 3.74 26.57
C TYR D 482 -22.67 2.40 25.87
N GLY D 483 -23.81 1.75 25.70
CA GLY D 483 -23.82 0.46 25.04
C GLY D 483 -22.91 -0.52 25.77
N ALA D 484 -23.13 -0.64 27.07
CA ALA D 484 -22.34 -1.52 27.93
C ALA D 484 -20.86 -1.45 27.63
N ALA D 485 -20.32 -0.24 27.49
CA ALA D 485 -18.91 -0.04 27.21
C ALA D 485 -18.06 -0.09 28.47
N GLU D 486 -16.77 -0.37 28.31
CA GLU D 486 -15.88 -0.44 29.46
C GLU D 486 -14.68 0.48 29.32
N PRO D 487 -14.91 1.81 29.31
CA PRO D 487 -13.81 2.77 29.17
C PRO D 487 -12.71 2.50 30.19
N HIS D 488 -11.46 2.46 29.73
CA HIS D 488 -10.36 2.17 30.61
C HIS D 488 -10.30 3.13 31.79
N THR D 489 -10.37 4.44 31.52
CA THR D 489 -10.29 5.43 32.59
C THR D 489 -11.27 5.15 33.73
N ILE D 490 -12.48 4.72 33.39
CA ILE D 490 -13.50 4.43 34.39
C ILE D 490 -13.19 3.16 35.19
N ALA D 491 -12.50 2.22 34.55
CA ALA D 491 -12.15 0.98 35.22
C ALA D 491 -10.92 1.20 36.08
N ALA D 492 -9.97 1.99 35.58
CA ALA D 492 -8.76 2.26 36.32
C ALA D 492 -9.13 2.92 37.65
N PHE D 493 -10.18 3.74 37.63
CA PHE D 493 -10.63 4.39 38.87
C PHE D 493 -11.00 3.25 39.84
N LEU D 494 -12.01 2.46 39.46
CA LEU D 494 -12.45 1.33 40.26
C LEU D 494 -11.23 0.51 40.66
N GLY D 495 -10.36 0.28 39.69
CA GLY D 495 -9.16 -0.49 39.95
C GLY D 495 -8.52 -0.14 41.28
N GLY D 496 -8.25 1.15 41.49
CA GLY D 496 -7.62 1.56 42.72
C GLY D 496 -8.55 1.64 43.91
N ALA D 497 -9.77 2.14 43.65
CA ALA D 497 -10.79 2.29 44.68
C ALA D 497 -11.16 0.98 45.36
N ALA D 498 -11.36 -0.05 44.54
CA ALA D 498 -11.68 -1.37 45.03
C ALA D 498 -10.45 -1.94 45.73
N ALA D 499 -9.39 -2.17 44.95
CA ALA D 499 -8.16 -2.73 45.48
C ALA D 499 -7.87 -2.29 46.90
N GLN D 500 -8.01 -1.00 47.17
CA GLN D 500 -7.73 -0.53 48.51
C GLN D 500 -8.72 -1.09 49.53
N GLU D 501 -9.95 -1.36 49.09
CA GLU D 501 -10.98 -1.91 49.97
C GLU D 501 -10.62 -3.34 50.30
N VAL D 502 -10.25 -4.08 49.27
CA VAL D 502 -9.81 -5.46 49.42
C VAL D 502 -8.70 -5.51 50.48
N ILE D 503 -7.73 -4.60 50.37
CA ILE D 503 -6.60 -4.51 51.31
C ILE D 503 -7.09 -4.21 52.72
N LYS D 504 -8.09 -3.35 52.84
CA LYS D 504 -8.62 -3.04 54.15
C LYS D 504 -9.11 -4.35 54.72
N ILE D 505 -9.87 -5.10 53.91
CA ILE D 505 -10.41 -6.38 54.34
C ILE D 505 -9.30 -7.33 54.77
N ILE D 506 -8.36 -7.59 53.86
CA ILE D 506 -7.23 -8.48 54.17
C ILE D 506 -6.43 -8.06 55.41
N THR D 507 -6.32 -6.77 55.69
CA THR D 507 -5.57 -6.34 56.87
C THR D 507 -6.43 -5.99 58.06
N LYS D 508 -7.71 -5.73 57.82
CA LYS D 508 -8.60 -5.35 58.92
C LYS D 508 -7.91 -4.15 59.54
N GLN D 509 -7.19 -3.42 58.69
CA GLN D 509 -6.43 -2.28 59.15
C GLN D 509 -7.04 -0.91 58.87
N PHE D 510 -8.09 -0.83 58.07
CA PHE D 510 -8.71 0.48 57.88
C PHE D 510 -10.21 0.30 57.94
N VAL D 511 -10.97 1.28 57.48
CA VAL D 511 -12.41 1.11 57.55
C VAL D 511 -13.05 1.01 56.17
N ILE D 512 -13.61 -0.15 55.86
CA ILE D 512 -14.24 -0.39 54.57
C ILE D 512 -15.54 0.40 54.46
N PHE D 513 -16.00 0.66 53.24
CA PHE D 513 -17.25 1.41 53.01
C PHE D 513 -18.48 0.56 53.26
N ASN D 514 -19.63 1.15 53.58
CA ASN D 514 -20.76 0.24 53.74
C ASN D 514 -21.42 -0.14 52.40
N ASN D 515 -22.65 -0.64 52.37
CA ASN D 515 -23.21 -1.11 51.13
C ASN D 515 -22.86 -0.89 49.72
N THR D 516 -22.90 0.31 49.23
CA THR D 516 -22.62 0.49 47.82
C THR D 516 -21.89 1.78 47.47
N TYR D 517 -20.95 1.70 46.53
CA TYR D 517 -20.18 2.88 46.11
C TYR D 517 -20.46 3.18 44.65
N ILE D 518 -20.86 4.40 44.34
CA ILE D 518 -21.18 4.76 42.96
C ILE D 518 -20.43 5.99 42.49
N TYR D 519 -19.60 5.81 41.47
CA TYR D 519 -18.79 6.89 40.89
C TYR D 519 -19.36 7.24 39.51
N SER D 520 -19.55 8.53 39.28
CA SER D 520 -20.07 9.05 38.01
C SER D 520 -19.03 9.92 37.30
N GLY D 521 -18.40 9.37 36.27
CA GLY D 521 -17.39 10.09 35.53
C GLY D 521 -17.96 11.31 34.80
N MET D 522 -19.21 11.19 34.37
CA MET D 522 -19.85 12.29 33.67
C MET D 522 -19.68 13.56 34.45
N SER D 523 -19.77 13.43 35.77
CA SER D 523 -19.65 14.58 36.67
C SER D 523 -18.46 14.58 37.59
N GLN D 524 -17.92 13.40 37.89
CA GLN D 524 -16.80 13.28 38.80
C GLN D 524 -17.32 13.55 40.22
N THR D 525 -18.35 12.81 40.59
CA THR D 525 -18.95 12.89 41.91
C THR D 525 -19.12 11.45 42.31
N SER D 526 -19.48 11.19 43.55
CA SER D 526 -19.64 9.82 43.98
C SER D 526 -20.15 9.80 45.39
N ALA D 527 -20.98 8.81 45.71
CA ALA D 527 -21.52 8.68 47.06
C ALA D 527 -21.61 7.23 47.45
N THR D 528 -21.84 7.01 48.74
CA THR D 528 -21.95 5.67 49.28
C THR D 528 -23.36 5.56 49.81
N PHE D 529 -23.95 4.37 49.70
CA PHE D 529 -25.29 4.12 50.19
C PHE D 529 -25.31 2.79 50.93
N GLN D 530 -26.37 2.59 51.71
CA GLN D 530 -26.56 1.36 52.47
C GLN D 530 -27.80 0.67 51.96
N LEU D 531 -27.81 0.34 50.68
CA LEU D 531 -28.95 -0.33 50.06
C LEU D 531 -29.17 -1.72 50.67
N LEU E 3 -3.48 -2.50 10.50
CA LEU E 3 -3.12 -1.07 10.68
C LEU E 3 -3.60 -0.56 12.03
N ASP E 4 -4.72 -1.10 12.48
CA ASP E 4 -5.35 -0.70 13.74
C ASP E 4 -6.42 -1.80 14.00
N TRP E 5 -5.97 -3.03 14.21
CA TRP E 5 -6.84 -4.19 14.41
C TRP E 5 -8.32 -3.96 14.83
N GLU E 6 -9.20 -4.80 14.29
CA GLU E 6 -10.64 -4.76 14.54
C GLU E 6 -11.05 -4.86 16.01
N GLY E 7 -11.88 -3.91 16.44
CA GLY E 7 -12.36 -3.91 17.81
C GLY E 7 -11.63 -2.93 18.72
N ARG E 8 -10.31 -3.10 18.80
CA ARG E 8 -9.43 -2.27 19.63
C ARG E 8 -10.04 -1.01 20.20
N TRP E 9 -10.60 -0.14 19.35
CA TRP E 9 -11.16 1.12 19.86
C TRP E 9 -12.68 1.19 19.94
N ASN E 10 -13.30 0.06 20.29
CA ASN E 10 -14.76 -0.01 20.40
C ASN E 10 -15.33 0.76 21.58
N HIS E 11 -14.60 0.75 22.68
CA HIS E 11 -15.04 1.40 23.91
C HIS E 11 -14.98 2.91 23.82
N VAL E 12 -14.14 3.41 22.93
CA VAL E 12 -14.00 4.84 22.77
C VAL E 12 -14.85 5.27 21.59
N LYS E 13 -14.87 4.40 20.57
CA LYS E 13 -15.62 4.64 19.35
C LYS E 13 -17.09 4.99 19.68
N LYS E 14 -17.54 4.51 20.83
CA LYS E 14 -18.91 4.75 21.26
C LYS E 14 -19.21 6.18 21.76
N PHE E 15 -18.24 6.82 22.39
CA PHE E 15 -18.47 8.17 22.91
C PHE E 15 -18.20 9.28 21.90
N LEU E 16 -17.62 8.92 20.76
CA LEU E 16 -17.29 9.92 19.75
C LEU E 16 -18.25 9.90 18.56
N GLU E 17 -18.78 8.72 18.25
CA GLU E 17 -19.73 8.55 17.13
C GLU E 17 -21.18 8.89 17.49
N ARG E 18 -21.60 8.46 18.68
CA ARG E 18 -22.97 8.71 19.15
C ARG E 18 -23.05 9.99 19.97
N SER E 19 -24.11 10.75 19.76
CA SER E 19 -24.30 11.97 20.53
C SER E 19 -24.90 11.58 21.86
N GLY E 20 -25.65 12.48 22.46
CA GLY E 20 -26.27 12.20 23.75
C GLY E 20 -26.69 13.47 24.43
N PRO E 21 -27.29 13.39 25.61
CA PRO E 21 -27.70 14.61 26.29
C PRO E 21 -26.51 15.33 26.91
N PHE E 22 -25.97 14.74 27.97
CA PHE E 22 -24.83 15.28 28.70
C PHE E 22 -23.63 15.63 27.84
N THR E 23 -23.75 15.38 26.54
CA THR E 23 -22.69 15.69 25.61
C THR E 23 -22.45 17.19 25.71
N HIS E 24 -21.23 17.61 25.39
CA HIS E 24 -20.86 19.02 25.42
C HIS E 24 -21.51 19.72 24.23
N PRO E 25 -21.76 21.04 24.34
CA PRO E 25 -22.39 21.78 23.24
C PRO E 25 -21.73 21.58 21.89
N ASP E 26 -20.49 22.07 21.76
CA ASP E 26 -19.76 21.94 20.52
C ASP E 26 -19.53 20.52 20.03
N PHE E 27 -20.11 19.52 20.70
CA PHE E 27 -19.92 18.15 20.27
C PHE E 27 -20.48 17.96 18.88
N GLU E 28 -19.99 16.93 18.23
CA GLU E 28 -20.39 16.58 16.87
C GLU E 28 -20.06 15.12 16.67
N PRO E 29 -21.10 14.27 16.71
CA PRO E 29 -20.86 12.84 16.51
C PRO E 29 -20.25 12.59 15.14
N SER E 30 -19.18 11.81 15.05
CA SER E 30 -18.56 11.56 13.75
C SER E 30 -17.65 10.35 13.66
N THR E 31 -17.83 9.61 12.57
CA THR E 31 -17.04 8.42 12.29
C THR E 31 -15.55 8.76 12.24
N GLU E 32 -15.26 9.96 11.77
CA GLU E 32 -13.89 10.46 11.65
C GLU E 32 -13.19 10.60 12.99
N SER E 33 -13.71 11.50 13.81
CA SER E 33 -13.20 11.83 15.15
C SER E 33 -12.14 10.90 15.78
N LEU E 34 -12.41 9.60 15.89
CA LEU E 34 -11.43 8.70 16.52
C LEU E 34 -10.05 8.79 15.90
N GLN E 35 -10.01 8.83 14.58
CA GLN E 35 -8.76 8.90 13.85
C GLN E 35 -8.07 10.26 14.08
N PHE E 36 -8.86 11.32 14.03
CA PHE E 36 -8.33 12.66 14.22
C PHE E 36 -7.73 12.81 15.62
N LEU E 37 -7.98 11.83 16.48
CA LEU E 37 -7.48 11.83 17.85
C LEU E 37 -6.15 11.08 17.92
N LEU E 38 -6.14 9.89 17.34
CA LEU E 38 -4.95 9.05 17.32
C LEU E 38 -3.85 9.70 16.49
N ASP E 39 -4.22 10.71 15.71
CA ASP E 39 -3.22 11.33 14.87
C ASP E 39 -2.82 12.75 15.19
N THR E 40 -3.74 13.71 15.12
CA THR E 40 -3.33 15.07 15.41
C THR E 40 -3.64 15.62 16.79
N CYS E 41 -3.26 14.91 17.83
CA CYS E 41 -3.51 15.43 19.17
C CYS E 41 -2.31 15.21 20.07
N LYS E 42 -1.56 16.28 20.29
CA LYS E 42 -0.38 16.19 21.12
C LYS E 42 -0.74 16.54 22.56
N VAL E 43 -0.47 15.59 23.45
CA VAL E 43 -0.72 15.75 24.87
C VAL E 43 0.59 15.51 25.60
N LEU E 44 0.88 16.36 26.57
CA LEU E 44 2.11 16.27 27.34
C LEU E 44 1.86 15.80 28.77
N VAL E 45 2.62 14.81 29.21
CA VAL E 45 2.52 14.28 30.57
C VAL E 45 3.78 14.75 31.28
N ILE E 46 3.62 15.47 32.39
CA ILE E 46 4.74 16.00 33.18
C ILE E 46 4.91 15.20 34.47
N GLY E 47 6.02 14.45 34.57
CA GLY E 47 6.28 13.63 35.73
C GLY E 47 5.96 12.19 35.33
N ALA E 48 6.85 11.26 35.67
CA ALA E 48 6.62 9.86 35.32
C ALA E 48 6.96 8.97 36.50
N GLY E 49 6.09 8.92 37.49
CA GLY E 49 6.39 8.09 38.62
C GLY E 49 5.20 7.69 39.47
N GLY E 50 4.26 6.99 38.86
CA GLY E 50 3.10 6.57 39.63
C GLY E 50 1.91 7.31 39.11
N LEU E 51 1.82 8.59 39.44
CA LEU E 51 0.70 9.33 38.94
C LEU E 51 1.01 9.44 37.45
N GLY E 52 2.30 9.43 37.12
CA GLY E 52 2.73 9.54 35.73
C GLY E 52 2.54 8.29 34.88
N CYS E 53 3.11 7.18 35.33
CA CYS E 53 2.99 5.93 34.61
C CYS E 53 1.51 5.66 34.38
N GLU E 54 0.75 5.75 35.46
CA GLU E 54 -0.69 5.53 35.46
C GLU E 54 -1.35 6.40 34.39
N LEU E 55 -0.95 7.66 34.33
CA LEU E 55 -1.52 8.55 33.34
C LEU E 55 -1.26 8.05 31.94
N LEU E 56 -0.01 7.72 31.65
CA LEU E 56 0.35 7.22 30.34
C LEU E 56 -0.57 6.07 29.92
N LYS E 57 -0.65 5.03 30.74
CA LYS E 57 -1.52 3.89 30.44
C LYS E 57 -2.93 4.36 30.07
N ASN E 58 -3.52 5.19 30.92
CA ASN E 58 -4.86 5.68 30.63
C ASN E 58 -4.86 6.42 29.31
N LEU E 59 -4.29 7.61 29.25
CA LEU E 59 -4.24 8.38 28.01
C LEU E 59 -3.96 7.51 26.77
N ALA E 60 -3.15 6.46 26.93
CA ALA E 60 -2.80 5.56 25.82
C ALA E 60 -3.98 4.73 25.34
N LEU E 61 -4.58 3.99 26.26
CA LEU E 61 -5.72 3.12 25.96
C LEU E 61 -7.04 3.87 25.76
N SER E 62 -6.98 5.20 25.73
CA SER E 62 -8.18 6.00 25.56
C SER E 62 -8.17 6.70 24.21
N GLY E 63 -7.28 6.27 23.33
CA GLY E 63 -7.23 6.87 22.01
C GLY E 63 -6.18 7.93 21.71
N PHE E 64 -5.18 8.06 22.58
CA PHE E 64 -4.15 9.05 22.34
C PHE E 64 -2.90 8.36 21.80
N ARG E 65 -2.16 9.06 20.95
CA ARG E 65 -0.95 8.49 20.37
C ARG E 65 0.24 9.40 20.46
N GLN E 66 0.04 10.69 20.23
CA GLN E 66 1.14 11.66 20.26
C GLN E 66 1.40 12.11 21.69
N ILE E 67 1.98 11.21 22.47
CA ILE E 67 2.26 11.51 23.86
C ILE E 67 3.72 11.84 24.13
N HIS E 68 3.90 12.81 25.01
CA HIS E 68 5.20 13.28 25.42
C HIS E 68 5.27 13.15 26.94
N VAL E 69 6.44 12.77 27.44
CA VAL E 69 6.66 12.61 28.88
C VAL E 69 7.94 13.34 29.32
N ILE E 70 7.82 14.18 30.33
CA ILE E 70 8.97 14.89 30.84
C ILE E 70 9.23 14.39 32.24
N ASP E 71 10.50 14.14 32.57
CA ASP E 71 10.86 13.69 33.89
C ASP E 71 12.36 13.63 34.00
N MET E 72 12.88 14.26 35.04
CA MET E 72 14.31 14.32 35.27
C MET E 72 14.78 13.20 36.19
N ASP E 73 13.85 12.57 36.90
CA ASP E 73 14.23 11.52 37.84
C ASP E 73 14.67 10.22 37.20
N THR E 74 15.29 9.40 38.05
CA THR E 74 15.83 8.10 37.69
C THR E 74 15.21 7.00 38.54
N ILE E 75 15.03 5.83 37.94
CA ILE E 75 14.41 4.72 38.64
C ILE E 75 15.14 4.30 39.91
N ASP E 76 14.46 4.43 41.04
CA ASP E 76 15.01 4.06 42.33
C ASP E 76 14.26 2.80 42.77
N VAL E 77 14.65 2.22 43.89
CA VAL E 77 14.00 0.98 44.34
C VAL E 77 12.70 1.19 45.12
N SER E 78 12.52 2.38 45.69
CA SER E 78 11.32 2.67 46.45
C SER E 78 10.17 3.03 45.50
N ASN E 79 10.46 2.97 44.19
CA ASN E 79 9.51 3.30 43.14
C ASN E 79 8.64 2.14 42.69
N LEU E 80 9.21 0.95 42.77
CA LEU E 80 8.54 -0.24 42.29
C LEU E 80 7.20 -0.68 42.89
N ASN E 81 6.93 -0.31 44.13
CA ASN E 81 5.68 -0.72 44.75
C ASN E 81 4.46 -0.05 44.11
N ARG E 82 4.68 0.98 43.30
CA ARG E 82 3.56 1.69 42.67
C ARG E 82 3.73 2.06 41.20
N GLN E 83 4.94 2.44 40.79
CA GLN E 83 5.21 2.86 39.41
C GLN E 83 5.43 1.67 38.49
N PHE E 84 4.40 0.83 38.38
CA PHE E 84 4.39 -0.38 37.58
C PHE E 84 5.16 -0.48 36.24
N LEU E 85 5.49 0.65 35.63
CA LEU E 85 6.21 0.62 34.36
C LEU E 85 7.72 0.35 34.47
N PHE E 86 8.22 0.27 35.70
CA PHE E 86 9.63 0.03 35.92
C PHE E 86 9.82 -1.31 36.59
N ARG E 87 10.95 -1.95 36.31
CA ARG E 87 11.29 -3.24 36.89
C ARG E 87 12.64 -3.06 37.59
N PRO E 88 13.05 -4.02 38.44
CA PRO E 88 14.33 -3.92 39.14
C PRO E 88 15.52 -3.77 38.20
N LYS E 89 15.41 -4.37 37.01
CA LYS E 89 16.46 -4.33 36.00
C LYS E 89 16.52 -2.98 35.28
N ASP E 90 15.52 -2.13 35.52
CA ASP E 90 15.45 -0.78 34.91
C ASP E 90 16.13 0.21 35.85
N ILE E 91 16.16 -0.12 37.14
CA ILE E 91 16.77 0.74 38.15
C ILE E 91 18.00 1.38 37.56
N GLY E 92 18.08 2.70 37.72
CA GLY E 92 19.20 3.43 37.19
C GLY E 92 18.83 4.21 35.94
N ARG E 93 18.14 3.58 35.00
CA ARG E 93 17.77 4.26 33.77
C ARG E 93 16.81 5.43 34.00
N PRO E 94 16.80 6.43 33.10
CA PRO E 94 15.86 7.53 33.33
C PRO E 94 14.42 7.05 33.24
N LYS E 95 13.56 7.59 34.10
CA LYS E 95 12.17 7.19 34.11
C LYS E 95 11.46 7.44 32.78
N ALA E 96 11.45 8.70 32.36
CA ALA E 96 10.80 9.06 31.10
C ALA E 96 11.12 8.09 30.00
N GLU E 97 12.39 7.69 29.90
CA GLU E 97 12.84 6.76 28.87
C GLU E 97 12.23 5.37 29.02
N VAL E 98 12.59 4.67 30.10
CA VAL E 98 12.06 3.32 30.33
C VAL E 98 10.56 3.28 30.16
N ALA E 99 9.91 4.33 30.67
CA ALA E 99 8.46 4.50 30.61
C ALA E 99 7.91 4.43 29.19
N ALA E 100 8.56 5.11 28.27
CA ALA E 100 8.11 5.14 26.88
C ALA E 100 8.37 3.81 26.18
N GLU E 101 9.55 3.24 26.39
CA GLU E 101 9.90 1.99 25.75
C GLU E 101 8.97 0.88 26.20
N PHE E 102 8.47 1.00 27.42
CA PHE E 102 7.56 0.00 27.97
C PHE E 102 6.19 0.20 27.33
N LEU E 103 5.78 1.46 27.28
CA LEU E 103 4.49 1.84 26.73
C LEU E 103 4.34 1.64 25.25
N ASN E 104 5.36 2.05 24.50
CA ASN E 104 5.30 1.92 23.06
C ASN E 104 5.46 0.45 22.67
N ASP E 105 5.73 -0.38 23.66
CA ASP E 105 5.87 -1.80 23.44
C ASP E 105 4.67 -2.61 23.93
N ARG E 106 3.95 -2.12 24.93
CA ARG E 106 2.78 -2.83 25.43
C ARG E 106 1.56 -2.42 24.66
N VAL E 107 1.62 -1.26 24.02
CA VAL E 107 0.51 -0.78 23.22
C VAL E 107 1.05 -0.53 21.82
N PRO E 108 0.75 -1.44 20.89
CA PRO E 108 1.15 -1.39 19.50
C PRO E 108 1.67 -0.08 18.91
N ASN E 109 0.76 0.74 18.42
CA ASN E 109 1.14 1.99 17.77
C ASN E 109 1.31 3.21 18.63
N CYS E 110 1.31 3.01 19.95
CA CYS E 110 1.48 4.15 20.83
C CYS E 110 2.75 4.87 20.38
N ASN E 111 2.78 6.21 20.54
CA ASN E 111 3.92 7.03 20.11
C ASN E 111 4.48 7.93 21.22
N VAL E 112 4.90 7.32 22.32
CA VAL E 112 5.41 8.06 23.47
C VAL E 112 6.87 8.55 23.40
N VAL E 113 7.05 9.85 23.18
CA VAL E 113 8.35 10.49 23.10
C VAL E 113 8.76 10.91 24.51
N PRO E 114 9.94 10.47 24.99
CA PRO E 114 10.41 10.82 26.34
C PRO E 114 11.35 12.01 26.36
N HIS E 115 11.31 12.82 27.42
CA HIS E 115 12.20 13.96 27.56
C HIS E 115 12.87 13.90 28.91
N PHE E 116 14.14 13.49 28.91
CA PHE E 116 14.89 13.41 30.15
C PHE E 116 15.42 14.80 30.55
N ASN E 117 14.50 15.73 30.80
CA ASN E 117 14.84 17.11 31.21
C ASN E 117 13.91 17.52 32.35
N LYS E 118 14.20 18.67 32.96
CA LYS E 118 13.34 19.17 34.02
C LYS E 118 12.46 20.18 33.28
N ILE E 119 11.25 20.42 33.77
CA ILE E 119 10.35 21.32 33.09
C ILE E 119 10.93 22.70 32.79
N GLN E 120 11.81 23.20 33.66
CA GLN E 120 12.43 24.53 33.47
C GLN E 120 13.47 24.56 32.35
N ASP E 121 13.79 23.37 31.83
CA ASP E 121 14.77 23.24 30.76
C ASP E 121 14.22 23.77 29.44
N PHE E 122 12.89 23.85 29.32
CA PHE E 122 12.25 24.34 28.10
C PHE E 122 11.67 25.73 28.29
N ASN E 123 11.09 26.27 27.22
CA ASN E 123 10.45 27.58 27.29
C ASN E 123 9.20 27.53 26.44
N ASP E 124 8.44 28.61 26.46
CA ASP E 124 7.18 28.71 25.71
C ASP E 124 7.08 27.99 24.37
N THR E 125 8.00 28.30 23.45
CA THR E 125 7.99 27.67 22.13
C THR E 125 7.72 26.16 22.16
N PHE E 126 8.19 25.49 23.20
CA PHE E 126 8.01 24.04 23.36
C PHE E 126 6.63 23.64 23.90
N TYR E 127 6.02 24.50 24.70
CA TYR E 127 4.71 24.20 25.25
C TYR E 127 3.54 24.61 24.34
N ARG E 128 3.70 25.66 23.55
CA ARG E 128 2.64 26.09 22.64
C ARG E 128 2.26 24.89 21.79
N GLN E 129 3.28 24.09 21.54
CA GLN E 129 3.20 22.88 20.74
C GLN E 129 2.11 21.89 21.13
N PHE E 130 1.71 21.92 22.39
CA PHE E 130 0.70 21.00 22.92
C PHE E 130 -0.72 21.53 23.04
N HIS E 131 -1.68 20.61 22.90
CA HIS E 131 -3.10 20.93 23.00
C HIS E 131 -3.51 20.84 24.46
N ILE E 132 -2.99 19.85 25.16
CA ILE E 132 -3.31 19.68 26.58
C ILE E 132 -2.08 19.26 27.38
N ILE E 133 -2.12 19.48 28.69
CA ILE E 133 -1.00 19.12 29.56
C ILE E 133 -1.52 18.52 30.88
N VAL E 134 -1.02 17.35 31.28
CA VAL E 134 -1.44 16.73 32.56
C VAL E 134 -0.24 16.62 33.48
N CYS E 135 -0.49 16.55 34.79
CA CYS E 135 0.61 16.49 35.74
C CYS E 135 0.55 15.45 36.83
N GLY E 136 1.73 14.90 37.13
CA GLY E 136 1.86 13.89 38.15
C GLY E 136 3.13 14.32 38.83
N LEU E 137 3.18 15.60 39.16
CA LEU E 137 4.31 16.22 39.81
C LEU E 137 4.43 15.88 41.30
N ASP E 138 5.57 16.23 41.89
CA ASP E 138 5.81 15.92 43.28
C ASP E 138 6.19 17.12 44.15
N SER E 139 5.97 18.34 43.64
CA SER E 139 6.30 19.53 44.42
C SER E 139 5.34 20.67 44.12
N ILE E 140 5.23 21.59 45.08
CA ILE E 140 4.36 22.75 44.92
C ILE E 140 4.97 23.66 43.86
N ILE E 141 6.23 24.00 44.08
CA ILE E 141 7.01 24.88 43.22
C ILE E 141 6.83 24.57 41.73
N ALA E 142 7.00 23.30 41.37
CA ALA E 142 6.85 22.86 39.99
C ALA E 142 5.48 23.19 39.43
N ARG E 143 4.44 22.89 40.20
CA ARG E 143 3.09 23.20 39.74
C ARG E 143 3.01 24.68 39.53
N ARG E 144 3.57 25.45 40.47
CA ARG E 144 3.54 26.91 40.36
C ARG E 144 4.32 27.43 39.15
N TRP E 145 5.33 26.69 38.72
CA TRP E 145 6.12 27.10 37.57
C TRP E 145 5.43 26.72 36.29
N ILE E 146 4.95 25.50 36.21
CA ILE E 146 4.28 25.06 35.00
C ILE E 146 3.00 25.87 34.81
N ASN E 147 2.47 26.41 35.92
CA ASN E 147 1.24 27.20 35.89
C ASN E 147 1.44 28.53 35.17
N GLY E 148 2.45 29.29 35.59
CA GLY E 148 2.72 30.57 34.97
C GLY E 148 3.05 30.36 33.51
N MET E 149 3.90 29.38 33.24
CA MET E 149 4.30 29.05 31.89
C MET E 149 3.12 29.00 30.93
N LEU E 150 2.10 28.24 31.32
CA LEU E 150 0.91 28.10 30.49
C LEU E 150 0.07 29.37 30.42
N ILE E 151 0.25 30.25 31.40
CA ILE E 151 -0.49 31.52 31.44
C ILE E 151 0.16 32.56 30.54
N SER E 152 1.48 32.45 30.38
CA SER E 152 2.19 33.40 29.54
C SER E 152 1.88 33.09 28.09
N LEU E 153 1.39 31.88 27.83
CA LEU E 153 1.06 31.49 26.48
C LEU E 153 -0.24 32.17 26.03
N LEU E 154 -0.94 32.78 26.98
CA LEU E 154 -2.19 33.45 26.68
C LEU E 154 -1.91 34.61 25.75
N ASN E 155 -2.94 35.03 25.01
CA ASN E 155 -2.84 36.14 24.08
C ASN E 155 -4.09 37.04 24.20
N TYR E 156 -3.92 38.19 24.85
CA TYR E 156 -5.02 39.13 25.04
C TYR E 156 -5.06 40.21 23.96
N GLU E 157 -5.89 40.00 22.95
CA GLU E 157 -6.04 40.97 21.85
C GLU E 157 -6.83 42.20 22.30
N ASP E 158 -6.11 43.18 22.84
CA ASP E 158 -6.70 44.41 23.34
C ASP E 158 -7.91 44.16 24.22
N GLY E 159 -7.66 43.57 25.39
CA GLY E 159 -8.75 43.28 26.31
C GLY E 159 -9.37 41.91 26.15
N VAL E 160 -9.48 41.44 24.91
CA VAL E 160 -10.06 40.14 24.64
C VAL E 160 -9.07 38.99 24.61
N LEU E 161 -9.29 38.02 25.47
CA LEU E 161 -8.43 36.84 25.54
C LEU E 161 -8.81 35.88 24.42
N ASP E 162 -7.94 35.77 23.43
CA ASP E 162 -8.20 34.87 22.32
C ASP E 162 -8.09 33.43 22.81
N PRO E 163 -9.20 32.69 22.74
CA PRO E 163 -9.27 31.28 23.17
C PRO E 163 -8.37 30.31 22.41
N SER E 164 -7.72 30.77 21.35
CA SER E 164 -6.83 29.91 20.59
C SER E 164 -5.60 29.64 21.44
N SER E 165 -5.23 30.62 22.25
CA SER E 165 -4.03 30.54 23.11
C SER E 165 -4.17 29.86 24.46
N ILE E 166 -5.32 29.26 24.73
CA ILE E 166 -5.51 28.60 26.01
C ILE E 166 -5.14 27.13 25.94
N VAL E 167 -4.23 26.72 26.81
CA VAL E 167 -3.80 25.32 26.87
C VAL E 167 -4.28 24.76 28.19
N PRO E 168 -5.25 23.83 28.17
CA PRO E 168 -5.75 23.26 29.41
C PRO E 168 -4.66 22.53 30.23
N LEU E 169 -4.52 22.89 31.49
CA LEU E 169 -3.55 22.25 32.37
C LEU E 169 -4.37 21.45 33.34
N ILE E 170 -4.01 20.19 33.55
CA ILE E 170 -4.73 19.32 34.47
C ILE E 170 -3.73 18.81 35.52
N ASP E 171 -3.95 19.19 36.78
CA ASP E 171 -3.07 18.81 37.86
C ASP E 171 -3.72 17.74 38.72
N GLY E 172 -2.90 16.80 39.18
CA GLY E 172 -3.35 15.74 40.05
C GLY E 172 -2.37 15.69 41.21
N GLY E 173 -2.84 15.27 42.37
CA GLY E 173 -1.96 15.20 43.52
C GLY E 173 -2.31 14.01 44.39
N THR E 174 -1.29 13.35 44.93
CA THR E 174 -1.46 12.17 45.78
C THR E 174 -0.69 12.35 47.06
N GLU E 175 -1.07 11.61 48.09
CA GLU E 175 -0.38 11.70 49.37
C GLU E 175 -1.03 10.68 50.25
N GLY E 176 -0.51 9.46 50.21
CA GLY E 176 -1.08 8.39 51.01
C GLY E 176 -2.40 7.92 50.44
N PHE E 177 -3.47 8.06 51.22
CA PHE E 177 -4.79 7.64 50.78
C PHE E 177 -5.66 8.83 50.42
N LYS E 178 -5.04 9.98 50.23
CA LYS E 178 -5.79 11.18 49.84
C LYS E 178 -5.22 11.65 48.51
N GLY E 179 -6.06 12.30 47.71
CA GLY E 179 -5.62 12.79 46.43
C GLY E 179 -6.51 13.92 45.97
N ASN E 180 -6.16 14.50 44.84
CA ASN E 180 -6.97 15.56 44.28
C ASN E 180 -6.58 15.79 42.85
N ALA E 181 -7.42 16.52 42.16
CA ALA E 181 -7.21 16.82 40.77
C ALA E 181 -7.95 18.12 40.51
N GLN E 182 -7.30 19.06 39.83
CA GLN E 182 -7.94 20.32 39.49
C GLN E 182 -7.77 20.50 37.98
N VAL E 183 -8.82 20.92 37.29
CA VAL E 183 -8.75 21.16 35.84
C VAL E 183 -8.67 22.68 35.66
N ILE E 184 -7.64 23.15 34.98
CA ILE E 184 -7.41 24.58 34.83
C ILE E 184 -7.38 25.15 33.42
N LEU E 185 -8.26 26.11 33.15
CA LEU E 185 -8.33 26.76 31.85
C LEU E 185 -7.69 28.13 31.99
N PRO E 186 -6.37 28.20 31.78
CA PRO E 186 -5.58 29.43 31.88
C PRO E 186 -6.33 30.70 31.50
N GLY E 187 -6.27 31.68 32.37
CA GLY E 187 -6.91 32.95 32.11
C GLY E 187 -8.41 32.88 31.94
N MET E 188 -9.02 31.82 32.48
CA MET E 188 -10.47 31.65 32.39
C MET E 188 -11.02 31.00 33.66
N THR E 189 -10.44 29.86 34.03
CA THR E 189 -10.80 29.09 35.24
C THR E 189 -9.80 29.37 36.35
N ALA E 190 -10.18 29.13 37.59
CA ALA E 190 -9.25 29.35 38.69
C ALA E 190 -7.95 28.62 38.36
N CYS E 191 -6.81 29.28 38.52
CA CYS E 191 -5.53 28.66 38.23
C CYS E 191 -4.87 28.09 39.48
N ILE E 192 -3.76 27.38 39.30
CA ILE E 192 -3.03 26.78 40.40
C ILE E 192 -2.60 27.75 41.50
N GLU E 193 -2.41 29.02 41.15
CA GLU E 193 -2.05 29.98 42.18
C GLU E 193 -3.35 30.42 42.86
N CYS E 194 -4.44 30.45 42.10
CA CYS E 194 -5.76 30.83 42.60
C CYS E 194 -6.16 29.99 43.81
N THR E 195 -5.54 28.83 43.94
CA THR E 195 -5.87 27.92 45.02
C THR E 195 -4.66 27.55 45.85
N LEU E 196 -3.63 28.36 45.72
CA LEU E 196 -2.39 28.15 46.43
C LEU E 196 -2.57 28.01 47.94
N GLU E 197 -3.74 28.36 48.47
CA GLU E 197 -3.90 28.26 49.90
C GLU E 197 -4.56 26.98 50.35
N LEU E 198 -5.03 26.19 49.40
CA LEU E 198 -5.66 24.93 49.76
C LEU E 198 -4.62 23.92 50.25
N TYR E 199 -3.34 24.21 49.99
CA TYR E 199 -2.26 23.34 50.42
C TYR E 199 -2.14 23.52 51.92
N PRO E 200 -2.00 22.42 52.66
CA PRO E 200 -1.88 22.58 54.11
C PRO E 200 -0.62 23.37 54.47
N PRO E 201 -0.38 23.56 55.78
CA PRO E 201 0.81 24.30 56.22
C PRO E 201 1.96 23.31 56.36
N GLN E 202 3.19 23.79 56.34
CA GLN E 202 4.33 22.88 56.49
C GLN E 202 5.04 22.95 57.84
N VAL E 203 5.04 21.81 58.53
CA VAL E 203 5.66 21.64 59.85
C VAL E 203 7.12 22.09 59.80
N ASN E 204 7.42 23.26 60.34
CA ASN E 204 8.78 23.79 60.36
C ASN E 204 9.30 23.90 61.79
N PHE E 205 10.10 22.90 62.19
CA PHE E 205 10.67 22.85 63.53
C PHE E 205 11.45 24.12 63.91
N PRO E 206 11.17 24.69 65.09
CA PRO E 206 11.85 25.90 65.56
C PRO E 206 13.29 25.54 65.87
N MET E 207 14.21 26.47 65.62
CA MET E 207 15.62 26.23 65.89
C MET E 207 15.90 26.04 67.38
N ALA E 208 15.06 26.63 68.21
CA ALA E 208 15.21 26.52 69.66
C ALA E 208 14.89 25.09 70.12
N THR E 209 14.01 24.42 69.38
CA THR E 209 13.60 23.06 69.70
C THR E 209 14.51 21.99 69.09
N ILE E 210 14.97 22.22 67.86
CA ILE E 210 15.84 21.26 67.18
C ILE E 210 17.18 21.19 67.86
N ALA E 211 17.67 22.34 68.29
CA ALA E 211 18.95 22.43 68.95
C ALA E 211 18.84 22.22 70.45
N SER E 212 18.31 23.25 71.11
CA SER E 212 18.15 23.28 72.56
C SER E 212 17.29 22.23 73.26
N MET E 213 15.99 22.25 73.04
CA MET E 213 15.10 21.31 73.72
C MET E 213 14.33 20.33 72.84
N PRO E 214 14.95 19.19 72.50
CA PRO E 214 14.32 18.15 71.67
C PRO E 214 13.25 17.38 72.45
N ARG E 215 12.14 17.08 71.79
CA ARG E 215 11.05 16.37 72.46
C ARG E 215 10.66 15.10 71.72
N LEU E 216 10.81 15.12 70.41
CA LEU E 216 10.47 13.96 69.61
C LEU E 216 11.70 13.39 68.93
N PRO E 217 11.59 12.18 68.37
CA PRO E 217 12.71 11.54 67.68
C PRO E 217 13.02 12.34 66.42
N GLU E 218 12.00 12.96 65.86
CA GLU E 218 12.16 13.78 64.65
C GLU E 218 13.10 14.94 64.92
N HIS E 219 12.88 15.63 66.04
CA HIS E 219 13.70 16.76 66.46
C HIS E 219 15.18 16.38 66.55
N CYS E 220 15.42 15.15 66.99
CA CYS E 220 16.78 14.61 67.10
C CYS E 220 17.34 14.45 65.70
N ILE E 221 16.72 13.57 64.94
CA ILE E 221 17.14 13.31 63.58
C ILE E 221 17.36 14.58 62.77
N GLU E 222 16.47 15.56 62.92
CA GLU E 222 16.59 16.83 62.18
C GLU E 222 17.73 17.69 62.74
N TYR E 223 18.56 17.11 63.59
CA TYR E 223 19.69 17.84 64.18
C TYR E 223 20.97 17.23 63.61
N VAL E 224 21.05 15.91 63.65
CA VAL E 224 22.20 15.20 63.12
C VAL E 224 22.16 15.38 61.60
N ARG E 225 21.34 16.32 61.16
CA ARG E 225 21.19 16.62 59.74
C ARG E 225 21.26 18.12 59.48
N MET E 226 20.36 18.85 60.12
CA MET E 226 20.28 20.29 59.96
C MET E 226 21.47 20.97 60.64
N LEU E 227 22.14 20.27 61.57
CA LEU E 227 23.28 20.86 62.28
C LEU E 227 24.55 20.02 62.45
N GLN E 228 24.44 18.83 63.02
CA GLN E 228 25.62 17.98 63.25
C GLN E 228 26.18 17.27 62.00
N TRP E 229 26.15 17.94 60.85
CA TRP E 229 26.70 17.40 59.61
C TRP E 229 27.43 18.57 58.94
N PRO E 230 26.76 19.75 58.83
CA PRO E 230 27.50 20.84 58.21
C PRO E 230 28.56 21.26 59.22
N LYS E 231 28.50 20.62 60.40
CA LYS E 231 29.42 20.87 61.51
C LYS E 231 30.71 20.03 61.37
N GLU E 232 30.64 18.72 61.66
CA GLU E 232 31.77 17.79 61.58
C GLU E 232 31.61 16.93 60.34
N GLN E 233 31.80 17.56 59.19
CA GLN E 233 31.61 16.88 57.95
C GLN E 233 32.05 15.44 57.77
N PRO E 234 31.11 14.56 58.11
CA PRO E 234 31.06 13.10 58.12
C PRO E 234 31.82 12.46 56.98
N PHE E 235 31.41 12.78 55.75
CA PHE E 235 32.03 12.20 54.57
C PHE E 235 32.83 13.18 53.74
N GLY E 236 33.92 13.69 54.33
CA GLY E 236 34.77 14.63 53.64
C GLY E 236 34.22 16.04 53.67
N GLU E 237 35.09 17.04 53.80
CA GLU E 237 34.65 18.42 53.85
C GLU E 237 34.07 18.88 52.50
N GLY E 238 32.78 19.18 52.49
CA GLY E 238 32.13 19.64 51.29
C GLY E 238 31.01 18.76 50.76
N VAL E 239 31.07 17.46 51.08
CA VAL E 239 30.07 16.50 50.64
C VAL E 239 28.66 16.75 51.17
N PRO E 240 27.74 17.22 50.31
CA PRO E 240 26.35 17.48 50.72
C PRO E 240 25.64 16.19 51.08
N LEU E 241 25.06 16.16 52.28
CA LEU E 241 24.32 15.03 52.79
C LEU E 241 23.48 14.42 51.67
N ASP E 242 23.69 13.12 51.39
CA ASP E 242 22.92 12.46 50.33
C ASP E 242 21.90 11.47 50.88
N GLY E 243 20.63 11.89 50.87
CA GLY E 243 19.55 11.08 51.41
C GLY E 243 19.26 9.75 50.75
N ASP E 244 19.88 9.51 49.60
CA ASP E 244 19.68 8.27 48.89
C ASP E 244 20.89 7.35 49.05
N ASP E 245 21.88 7.84 49.80
CA ASP E 245 23.12 7.12 50.06
C ASP E 245 22.99 6.35 51.38
N PRO E 246 22.73 5.04 51.31
CA PRO E 246 22.58 4.16 52.48
C PRO E 246 23.54 4.39 53.65
N GLU E 247 24.72 4.93 53.36
CA GLU E 247 25.70 5.20 54.40
C GLU E 247 25.38 6.44 55.24
N HIS E 248 25.14 7.58 54.57
CA HIS E 248 24.81 8.80 55.30
C HIS E 248 23.60 8.55 56.20
N ILE E 249 22.51 8.02 55.63
CA ILE E 249 21.30 7.73 56.40
C ILE E 249 21.65 6.85 57.60
N GLN E 250 22.41 5.78 57.35
CA GLN E 250 22.84 4.86 58.40
C GLN E 250 23.69 5.58 59.46
N TRP E 251 24.31 6.71 59.06
CA TRP E 251 25.13 7.50 59.97
C TRP E 251 24.28 8.49 60.76
N ILE E 252 23.41 9.21 60.07
CA ILE E 252 22.52 10.18 60.72
C ILE E 252 21.73 9.40 61.74
N PHE E 253 21.36 8.18 61.36
CA PHE E 253 20.64 7.29 62.24
C PHE E 253 21.48 7.14 63.51
N GLN E 254 22.76 6.82 63.32
CA GLN E 254 23.70 6.65 64.42
C GLN E 254 23.64 7.78 65.44
N LYS E 255 24.15 8.94 65.03
CA LYS E 255 24.16 10.12 65.89
C LYS E 255 22.78 10.44 66.46
N SER E 256 21.73 10.26 65.65
CA SER E 256 20.37 10.53 66.12
C SER E 256 20.04 9.67 67.32
N LEU E 257 20.53 8.42 67.33
CA LEU E 257 20.30 7.50 68.45
C LEU E 257 21.05 7.97 69.69
N GLU E 258 22.18 8.64 69.48
CA GLU E 258 22.99 9.15 70.58
C GLU E 258 22.29 10.33 71.19
N ARG E 259 21.85 11.26 70.36
CA ARG E 259 21.14 12.42 70.87
C ARG E 259 19.81 11.97 71.47
N ALA E 260 19.26 10.90 70.92
CA ALA E 260 18.00 10.35 71.40
C ALA E 260 18.16 9.67 72.76
N SER E 261 19.27 8.95 72.94
CA SER E 261 19.52 8.28 74.20
C SER E 261 19.91 9.31 75.26
N GLN E 262 20.57 10.39 74.82
CA GLN E 262 20.99 11.44 75.74
C GLN E 262 19.74 12.03 76.37
N TYR E 263 19.10 12.98 75.69
CA TYR E 263 17.88 13.59 76.20
C TYR E 263 16.77 12.55 76.45
N ASN E 264 17.10 11.25 76.41
CA ASN E 264 16.12 10.18 76.68
C ASN E 264 14.90 10.04 75.74
N ILE E 265 15.02 10.46 74.49
CA ILE E 265 13.90 10.39 73.53
C ILE E 265 13.73 9.06 72.77
N ARG E 266 12.59 8.40 72.97
CA ARG E 266 12.29 7.12 72.31
C ARG E 266 11.65 7.31 70.94
N GLY E 267 11.90 6.36 70.04
CA GLY E 267 11.30 6.44 68.71
C GLY E 267 12.21 6.61 67.51
N VAL E 268 13.52 6.60 67.74
CA VAL E 268 14.45 6.76 66.65
C VAL E 268 14.61 5.41 65.96
N THR E 269 14.17 5.34 64.72
CA THR E 269 14.23 4.12 63.92
C THR E 269 15.12 4.41 62.72
N TYR E 270 15.51 3.38 61.99
CA TYR E 270 16.31 3.58 60.79
C TYR E 270 15.31 4.18 59.79
N ARG E 271 14.08 3.67 59.78
CA ARG E 271 13.01 4.11 58.89
C ARG E 271 12.60 5.57 59.14
N LEU E 272 12.53 5.95 60.41
CA LEU E 272 12.19 7.32 60.79
C LEU E 272 13.30 8.27 60.34
N THR E 273 14.54 7.81 60.45
CA THR E 273 15.71 8.61 60.07
C THR E 273 15.73 8.94 58.58
N GLN E 274 15.09 8.11 57.77
CA GLN E 274 15.04 8.34 56.33
C GLN E 274 13.89 9.28 56.02
N GLY E 275 12.74 9.00 56.62
CA GLY E 275 11.56 9.82 56.40
C GLY E 275 11.76 11.28 56.78
N VAL E 276 12.52 11.51 57.84
CA VAL E 276 12.79 12.86 58.30
C VAL E 276 13.67 13.56 57.29
N VAL E 277 14.63 12.80 56.74
CA VAL E 277 15.58 13.32 55.75
C VAL E 277 15.08 13.43 54.31
N LYS E 278 14.62 12.32 53.74
CA LYS E 278 14.12 12.36 52.37
C LYS E 278 12.73 13.02 52.33
N ARG E 279 12.33 13.66 53.43
CA ARG E 279 11.02 14.32 53.51
C ARG E 279 10.02 13.44 52.78
N ILE E 280 10.05 12.15 53.10
CA ILE E 280 9.23 11.11 52.51
C ILE E 280 7.72 11.21 52.63
N ILE E 281 7.02 11.03 51.52
CA ILE E 281 5.56 11.07 51.53
C ILE E 281 5.11 9.64 51.36
N PRO E 282 4.24 9.16 52.25
CA PRO E 282 3.77 7.79 52.10
C PRO E 282 2.94 7.66 50.82
N ALA E 283 3.09 6.56 50.10
CA ALA E 283 2.35 6.39 48.85
C ALA E 283 2.04 4.96 48.45
N VAL E 284 0.82 4.77 47.93
CA VAL E 284 0.36 3.47 47.48
C VAL E 284 -0.14 3.58 46.05
N ALA E 285 -0.08 2.47 45.35
CA ALA E 285 -0.51 2.39 43.97
C ALA E 285 -1.96 2.82 43.73
N SER E 286 -2.90 2.13 44.35
CA SER E 286 -4.33 2.42 44.20
C SER E 286 -4.69 3.92 44.16
N THR E 287 -4.23 4.69 45.14
CA THR E 287 -4.53 6.11 45.18
C THR E 287 -4.11 6.84 43.90
N ASN E 288 -2.92 6.55 43.42
CA ASN E 288 -2.44 7.19 42.18
C ASN E 288 -3.28 6.74 41.01
N ALA E 289 -3.79 5.50 41.07
CA ALA E 289 -4.62 4.94 40.01
C ALA E 289 -5.88 5.76 39.89
N VAL E 290 -6.47 6.01 41.05
CA VAL E 290 -7.70 6.78 41.20
C VAL E 290 -7.50 8.18 40.64
N ILE E 291 -6.58 8.95 41.24
CA ILE E 291 -6.32 10.30 40.78
C ILE E 291 -5.92 10.38 39.31
N ALA E 292 -5.04 9.50 38.87
CA ALA E 292 -4.62 9.50 37.47
C ALA E 292 -5.79 9.20 36.54
N ALA E 293 -6.71 8.34 37.00
CA ALA E 293 -7.90 7.95 36.23
C ALA E 293 -8.77 9.19 35.99
N VAL E 294 -9.05 9.89 37.08
CA VAL E 294 -9.87 11.09 37.09
C VAL E 294 -9.26 12.11 36.15
N CYS E 295 -7.94 12.26 36.21
CA CYS E 295 -7.27 13.21 35.35
C CYS E 295 -7.37 12.81 33.90
N ALA E 296 -7.05 11.56 33.60
CA ALA E 296 -7.11 11.08 32.22
C ALA E 296 -8.49 11.28 31.62
N THR E 297 -9.52 10.85 32.35
CA THR E 297 -10.89 10.99 31.88
C THR E 297 -11.17 12.45 31.52
N GLU E 298 -10.70 13.37 32.35
CA GLU E 298 -10.90 14.78 32.10
C GLU E 298 -10.24 15.26 30.81
N VAL E 299 -9.12 14.65 30.46
CA VAL E 299 -8.42 15.03 29.25
C VAL E 299 -9.28 14.62 28.07
N PHE E 300 -9.69 13.37 28.10
CA PHE E 300 -10.54 12.82 27.05
C PHE E 300 -11.72 13.77 26.75
N LYS E 301 -12.42 14.19 27.80
CA LYS E 301 -13.54 15.10 27.63
C LYS E 301 -13.09 16.37 26.93
N ILE E 302 -11.93 16.88 27.32
CA ILE E 302 -11.41 18.10 26.73
C ILE E 302 -10.94 17.90 25.30
N ALA E 303 -10.35 16.76 25.02
CA ALA E 303 -9.84 16.47 23.68
C ALA E 303 -10.95 16.23 22.68
N THR E 304 -11.84 15.31 23.04
CA THR E 304 -12.97 14.89 22.22
C THR E 304 -14.21 15.74 22.39
N SER E 305 -14.28 16.48 23.49
CA SER E 305 -15.46 17.31 23.72
C SER E 305 -16.72 16.46 23.89
N ALA E 306 -16.55 15.17 24.18
CA ALA E 306 -17.68 14.26 24.35
C ALA E 306 -18.50 14.44 25.63
N TYR E 307 -18.14 15.44 26.44
CA TYR E 307 -18.83 15.74 27.72
C TYR E 307 -18.28 17.04 28.26
N ILE E 308 -18.84 17.50 29.38
CA ILE E 308 -18.35 18.73 29.98
C ILE E 308 -17.31 18.33 31.03
N PRO E 309 -16.15 19.00 31.02
CA PRO E 309 -15.01 18.79 31.93
C PRO E 309 -15.34 19.12 33.37
N LEU E 310 -14.62 18.53 34.30
CA LEU E 310 -14.91 18.79 35.70
C LEU E 310 -14.87 20.26 36.01
N ASN E 311 -16.04 20.81 36.33
CA ASN E 311 -16.04 22.19 36.71
C ASN E 311 -15.19 21.95 37.97
N ASN E 312 -14.28 22.89 38.11
CA ASN E 312 -13.13 22.91 39.01
C ASN E 312 -12.41 21.94 39.98
N TYR E 313 -12.76 21.68 41.22
CA TYR E 313 -11.84 20.83 41.99
C TYR E 313 -12.31 19.43 42.39
N LEU E 314 -11.43 18.64 43.00
CA LEU E 314 -11.80 17.30 43.45
C LEU E 314 -10.88 16.68 44.46
N VAL E 315 -11.41 16.38 45.65
CA VAL E 315 -10.65 15.74 46.72
C VAL E 315 -11.17 14.32 46.86
N PHE E 316 -10.26 13.42 47.24
CA PHE E 316 -10.57 12.00 47.42
C PHE E 316 -9.89 11.48 48.69
N ASN E 317 -10.59 10.65 49.46
CA ASN E 317 -10.01 10.08 50.67
C ASN E 317 -10.46 8.64 50.90
N ASP E 318 -9.50 7.77 51.19
CA ASP E 318 -9.69 6.34 51.40
C ASP E 318 -9.72 5.82 52.82
N VAL E 319 -9.22 6.59 53.78
CA VAL E 319 -9.17 6.10 55.16
C VAL E 319 -10.46 5.52 55.71
N ASP E 320 -11.52 6.34 55.78
CA ASP E 320 -12.81 5.90 56.32
C ASP E 320 -13.85 5.64 55.22
N GLY E 321 -13.67 4.56 54.48
CA GLY E 321 -14.61 4.23 53.43
C GLY E 321 -14.15 4.81 52.12
N LEU E 322 -15.02 5.59 51.48
CA LEU E 322 -14.71 6.22 50.20
C LEU E 322 -15.43 7.57 50.10
N TYR E 323 -14.66 8.65 50.07
CA TYR E 323 -15.24 9.97 49.99
C TYR E 323 -14.62 10.82 48.89
N THR E 324 -15.43 11.67 48.27
CA THR E 324 -14.92 12.57 47.23
C THR E 324 -15.79 13.80 47.07
N TYR E 325 -15.27 14.96 47.46
CA TYR E 325 -16.02 16.20 47.30
C TYR E 325 -15.62 16.77 45.95
N THR E 326 -16.49 17.56 45.35
CA THR E 326 -16.19 18.15 44.06
C THR E 326 -16.76 19.55 44.12
N PHE E 327 -16.01 20.56 43.71
CA PHE E 327 -16.56 21.90 43.73
C PHE E 327 -15.91 22.81 42.70
N GLU E 328 -16.36 24.04 42.63
CA GLU E 328 -15.80 24.99 41.66
C GLU E 328 -15.01 26.07 42.37
N ALA E 329 -13.69 25.94 42.34
CA ALA E 329 -12.81 26.91 42.99
C ALA E 329 -12.90 28.28 42.29
N GLU E 330 -13.16 29.34 43.07
CA GLU E 330 -13.31 30.68 42.51
C GLU E 330 -11.98 31.26 42.03
N ARG E 331 -11.92 31.64 40.76
CA ARG E 331 -10.74 32.25 40.18
C ARG E 331 -10.51 33.61 40.82
N LYS E 332 -9.62 33.72 41.79
CA LYS E 332 -9.40 35.03 42.42
C LYS E 332 -9.24 36.16 41.39
N GLU E 333 -9.75 37.34 41.71
CA GLU E 333 -9.72 38.50 40.81
C GLU E 333 -8.46 39.35 40.92
N ASN E 334 -7.71 39.14 41.97
CA ASN E 334 -6.48 39.90 42.20
C ASN E 334 -5.33 38.91 42.18
N CYS E 335 -5.52 37.79 41.49
CA CYS E 335 -4.47 36.79 41.44
C CYS E 335 -3.22 37.34 40.80
N PRO E 336 -2.09 37.23 41.50
CA PRO E 336 -0.82 37.72 40.97
C PRO E 336 -0.38 37.00 39.70
N ALA E 337 -0.88 35.78 39.51
CA ALA E 337 -0.50 34.98 38.35
C ALA E 337 -1.37 35.08 37.11
N CYS E 338 -2.66 34.78 37.23
CA CYS E 338 -3.53 34.83 36.06
C CYS E 338 -4.43 36.05 35.91
N SER E 339 -4.24 37.06 36.75
CA SER E 339 -5.03 38.29 36.67
C SER E 339 -4.33 39.25 35.71
N GLN E 340 -5.02 39.59 34.62
CA GLN E 340 -4.44 40.48 33.62
C GLN E 340 -3.90 41.82 34.15
N LEU E 341 -4.55 42.41 35.14
CA LEU E 341 -4.09 43.69 35.67
C LEU E 341 -3.17 43.60 36.88
N PRO E 342 -1.96 44.17 36.78
CA PRO E 342 -0.93 44.19 37.84
C PRO E 342 -1.55 44.45 39.20
N GLN E 343 -1.33 43.56 40.16
CA GLN E 343 -1.92 43.76 41.48
C GLN E 343 -1.41 45.08 42.04
N ASN E 344 -2.10 45.60 43.06
CA ASN E 344 -1.70 46.87 43.66
C ASN E 344 -1.27 46.60 45.08
N ILE E 345 -0.40 47.47 45.61
CA ILE E 345 0.08 47.31 46.97
C ILE E 345 0.13 48.65 47.69
N GLN E 346 -0.16 48.63 48.99
CA GLN E 346 -0.17 49.85 49.79
C GLN E 346 1.04 49.94 50.70
N PHE E 347 1.83 50.99 50.53
CA PHE E 347 3.03 51.20 51.34
C PHE E 347 3.22 52.67 51.70
N SER E 348 3.85 52.92 52.85
CA SER E 348 4.13 54.28 53.27
C SER E 348 5.53 54.56 52.75
N PRO E 349 5.72 55.65 52.02
CA PRO E 349 7.04 56.00 51.47
C PRO E 349 8.18 55.92 52.48
N SER E 350 7.82 55.71 53.75
CA SER E 350 8.76 55.60 54.83
C SER E 350 9.34 54.18 54.82
N ALA E 351 8.45 53.21 54.57
CA ALA E 351 8.78 51.79 54.51
C ALA E 351 10.07 51.48 53.76
N LYS E 352 10.97 50.74 54.41
CA LYS E 352 12.23 50.37 53.78
C LYS E 352 11.91 49.30 52.71
N LEU E 353 12.86 49.02 51.84
CA LEU E 353 12.67 48.03 50.77
C LEU E 353 12.36 46.67 51.38
N GLN E 354 13.21 46.22 52.29
CA GLN E 354 13.01 44.94 52.98
C GLN E 354 11.54 44.71 53.29
N GLU E 355 10.80 45.81 53.40
CA GLU E 355 9.38 45.76 53.73
C GLU E 355 8.49 45.27 52.57
N VAL E 356 8.93 45.52 51.35
CA VAL E 356 8.15 45.07 50.20
C VAL E 356 8.55 43.63 49.98
N LEU E 357 9.85 43.39 50.07
CA LEU E 357 10.44 42.06 49.91
C LEU E 357 9.74 41.10 50.86
N ASP E 358 9.82 41.38 52.15
CA ASP E 358 9.21 40.53 53.18
C ASP E 358 7.75 40.26 52.89
N TYR E 359 7.03 41.28 52.42
CA TYR E 359 5.62 41.14 52.10
C TYR E 359 5.43 40.00 51.11
N LEU E 360 6.06 40.13 49.96
CA LEU E 360 5.99 39.12 48.89
C LEU E 360 6.25 37.71 49.41
N THR E 361 7.31 37.56 50.20
CA THR E 361 7.72 36.27 50.75
C THR E 361 6.80 35.68 51.83
N ASN E 362 6.38 36.50 52.79
CA ASN E 362 5.54 36.02 53.90
C ASN E 362 4.03 36.11 53.66
N SER E 363 3.62 36.79 52.59
CA SER E 363 2.19 36.94 52.29
C SER E 363 1.49 35.60 52.07
N ALA E 364 0.28 35.48 52.61
CA ALA E 364 -0.49 34.25 52.50
C ALA E 364 -0.86 33.85 51.07
N SER E 365 -1.02 34.83 50.20
CA SER E 365 -1.40 34.51 48.82
C SER E 365 -0.23 34.51 47.83
N LEU E 366 0.86 35.20 48.17
CA LEU E 366 2.02 35.27 47.28
C LEU E 366 3.06 34.19 47.54
N GLN E 367 3.47 34.07 48.78
CA GLN E 367 4.46 33.07 49.16
C GLN E 367 5.60 32.86 48.17
N MET E 368 6.09 33.95 47.59
CA MET E 368 7.20 33.85 46.66
C MET E 368 8.40 33.38 47.49
N LYS E 369 9.32 32.65 46.86
CA LYS E 369 10.48 32.09 47.58
C LYS E 369 11.70 32.98 47.77
N SER E 370 12.25 33.48 46.67
CA SER E 370 13.40 34.35 46.73
C SER E 370 13.19 35.29 45.57
N PRO E 371 12.25 36.24 45.72
CA PRO E 371 11.88 37.24 44.73
C PRO E 371 12.94 38.29 44.44
N ALA E 372 12.80 38.86 43.26
CA ALA E 372 13.68 39.89 42.80
C ALA E 372 12.78 41.04 42.45
N ILE E 373 13.22 42.25 42.76
CA ILE E 373 12.42 43.42 42.47
C ILE E 373 13.20 44.44 41.65
N THR E 374 12.56 44.95 40.61
CA THR E 374 13.18 45.95 39.75
C THR E 374 12.11 46.97 39.38
N ALA E 375 12.52 48.07 38.76
CA ALA E 375 11.59 49.13 38.35
C ALA E 375 12.24 50.02 37.30
N THR E 376 11.43 50.80 36.61
CA THR E 376 11.93 51.73 35.60
C THR E 376 12.32 53.01 36.34
N LEU E 377 13.62 53.20 36.55
CA LEU E 377 14.14 54.37 37.25
C LEU E 377 14.55 55.52 36.31
N GLU E 378 15.83 55.87 36.32
CA GLU E 378 16.33 56.95 35.47
C GLU E 378 16.22 56.58 33.99
N GLY E 379 15.00 56.55 33.48
CA GLY E 379 14.78 56.19 32.08
C GLY E 379 14.96 54.71 31.85
N LYS E 380 16.14 54.20 32.24
CA LYS E 380 16.46 52.78 32.11
C LYS E 380 16.17 52.10 33.46
N ASN E 381 15.55 50.92 33.40
CA ASN E 381 15.17 50.18 34.61
C ASN E 381 16.29 49.39 35.29
N ARG E 382 16.52 49.70 36.56
CA ARG E 382 17.55 49.04 37.35
C ARG E 382 16.97 47.99 38.30
N THR E 383 17.84 47.17 38.87
CA THR E 383 17.47 46.11 39.81
C THR E 383 17.59 46.62 41.25
N LEU E 384 16.46 46.73 41.95
CA LEU E 384 16.47 47.19 43.34
C LEU E 384 17.05 46.14 44.29
N TYR E 385 16.73 44.88 44.01
CA TYR E 385 17.23 43.76 44.81
C TYR E 385 17.07 42.47 44.02
N LEU E 386 17.97 41.53 44.23
CA LEU E 386 17.92 40.27 43.52
C LEU E 386 18.81 39.28 44.26
N GLN E 387 18.31 38.09 44.52
CA GLN E 387 19.05 37.09 45.26
C GLN E 387 19.59 35.94 44.44
N SER E 388 18.97 35.68 43.30
CA SER E 388 19.41 34.61 42.43
C SER E 388 20.94 34.53 42.34
N VAL E 389 21.56 35.64 41.94
CA VAL E 389 23.00 35.73 41.78
C VAL E 389 23.71 36.36 42.98
N THR E 390 24.57 35.59 43.64
CA THR E 390 25.31 36.09 44.81
C THR E 390 26.03 37.41 44.57
N SER E 391 26.60 37.58 43.38
CA SER E 391 27.30 38.82 43.09
C SER E 391 26.33 40.00 43.09
N ILE E 392 25.41 40.03 42.12
CA ILE E 392 24.42 41.11 42.04
C ILE E 392 23.72 41.30 43.40
N GLU E 393 23.60 40.20 44.13
CA GLU E 393 22.96 40.17 45.44
C GLU E 393 23.67 41.11 46.42
N GLU E 394 24.99 40.94 46.51
CA GLU E 394 25.81 41.74 47.40
C GLU E 394 25.68 43.24 47.06
N ARG E 395 25.97 43.59 45.81
CA ARG E 395 25.92 44.96 45.33
C ARG E 395 24.59 45.67 45.61
N THR E 396 23.55 44.90 45.86
CA THR E 396 22.25 45.50 46.08
C THR E 396 21.62 45.30 47.46
N ARG E 397 22.10 44.28 48.18
CA ARG E 397 21.59 43.99 49.53
C ARG E 397 21.46 45.26 50.37
N PRO E 398 22.51 46.10 50.37
CA PRO E 398 22.47 47.34 51.15
C PRO E 398 21.19 48.12 50.93
N ASN E 399 20.80 48.26 49.67
CA ASN E 399 19.61 49.00 49.31
C ASN E 399 18.35 48.54 50.06
N LEU E 400 18.48 47.44 50.80
CA LEU E 400 17.34 46.92 51.56
C LEU E 400 16.98 47.72 52.80
N SER E 401 17.89 48.56 53.26
CA SER E 401 17.62 49.40 54.43
C SER E 401 17.06 50.71 53.91
N LYS E 402 17.44 51.07 52.69
CA LYS E 402 16.96 52.30 52.06
C LYS E 402 15.47 52.18 51.83
N THR E 403 14.74 53.26 52.11
CA THR E 403 13.28 53.30 51.96
C THR E 403 12.87 53.63 50.53
N LEU E 404 11.58 53.51 50.24
CA LEU E 404 11.07 53.77 48.91
C LEU E 404 11.54 55.12 48.38
N LYS E 405 10.95 56.21 48.89
CA LYS E 405 11.33 57.55 48.45
C LYS E 405 12.86 57.64 48.41
N GLU E 406 13.48 57.34 49.55
CA GLU E 406 14.94 57.39 49.74
C GLU E 406 15.81 56.84 48.59
N LEU E 407 15.47 55.67 48.08
CA LEU E 407 16.23 55.05 46.99
C LEU E 407 15.70 55.41 45.60
N GLY E 408 14.99 56.53 45.51
CA GLY E 408 14.47 57.01 44.24
C GLY E 408 13.16 56.46 43.73
N LEU E 409 12.36 55.84 44.59
CA LEU E 409 11.09 55.29 44.14
C LEU E 409 10.01 56.34 43.92
N VAL E 410 9.79 56.70 42.66
CA VAL E 410 8.77 57.66 42.28
C VAL E 410 7.42 56.97 42.59
N ASP E 411 6.29 57.66 42.45
CA ASP E 411 5.00 57.03 42.75
C ASP E 411 4.09 56.71 41.56
N GLY E 412 3.03 55.95 41.84
CA GLY E 412 2.09 55.54 40.82
C GLY E 412 2.73 54.57 39.84
N GLN E 413 3.99 54.21 40.12
CA GLN E 413 4.75 53.30 39.28
C GLN E 413 4.61 51.84 39.69
N GLU E 414 4.73 50.96 38.70
CA GLU E 414 4.63 49.53 38.94
C GLU E 414 6.02 48.91 38.86
N LEU E 415 6.26 47.90 39.70
CA LEU E 415 7.55 47.21 39.73
C LEU E 415 7.44 45.90 38.98
N ALA E 416 8.58 45.23 38.79
CA ALA E 416 8.60 43.94 38.11
C ALA E 416 9.16 42.91 39.07
N VAL E 417 8.33 41.95 39.46
CA VAL E 417 8.76 40.92 40.39
C VAL E 417 8.96 39.61 39.66
N ALA E 418 10.14 39.05 39.82
CA ALA E 418 10.46 37.78 39.18
C ALA E 418 10.80 36.88 40.31
N ASP E 419 10.37 35.62 40.22
CA ASP E 419 10.64 34.66 41.27
C ASP E 419 10.93 33.30 40.67
N VAL E 420 11.52 32.43 41.48
CA VAL E 420 11.85 31.09 41.04
C VAL E 420 10.59 30.22 40.99
N THR E 421 9.48 30.82 41.38
CA THR E 421 8.20 30.11 41.39
C THR E 421 7.55 30.09 40.03
N THR E 422 7.32 31.27 39.46
CA THR E 422 6.68 31.35 38.16
C THR E 422 7.65 31.87 37.14
N PRO E 423 7.56 31.37 35.90
CA PRO E 423 8.44 31.77 34.81
C PRO E 423 8.10 33.17 34.31
N GLN E 424 6.86 33.61 34.52
CA GLN E 424 6.48 34.94 34.09
C GLN E 424 6.87 35.97 35.14
N THR E 425 7.10 37.20 34.71
CA THR E 425 7.48 38.28 35.64
C THR E 425 6.16 38.92 36.06
N VAL E 426 5.79 38.81 37.34
CA VAL E 426 4.54 39.38 37.82
C VAL E 426 4.71 40.86 38.14
N LEU E 427 3.62 41.61 37.97
CA LEU E 427 3.64 43.05 38.21
C LEU E 427 2.76 43.56 39.34
N PHE E 428 3.25 44.61 40.00
CA PHE E 428 2.54 45.25 41.11
C PHE E 428 2.67 46.76 40.94
N LYS E 429 1.52 47.44 40.74
CA LYS E 429 1.49 48.89 40.57
C LYS E 429 1.47 49.55 41.95
N LEU E 430 2.64 50.07 42.36
CA LEU E 430 2.82 50.71 43.65
C LEU E 430 1.93 51.91 43.93
N HIS E 431 1.51 52.02 45.18
CA HIS E 431 0.64 53.10 45.63
C HIS E 431 1.06 53.53 47.01
N PHE E 432 1.53 54.77 47.05
CA PHE E 432 2.06 55.35 48.31
C PHE E 432 1.05 55.85 49.30
N THR E 433 0.76 55.13 50.33
CA THR E 433 -0.08 55.87 51.23
C THR E 433 0.52 55.66 52.60
N SER F 12 -27.79 32.39 67.49
CA SER F 12 -27.47 31.04 66.93
C SER F 12 -28.30 30.52 65.80
N MET F 13 -27.43 29.90 64.99
CA MET F 13 -27.58 29.25 63.73
C MET F 13 -26.91 27.90 63.95
N LEU F 14 -27.56 26.90 63.40
CA LEU F 14 -27.09 25.54 63.46
C LEU F 14 -26.62 25.18 62.07
N ILE F 15 -25.31 25.22 61.85
CA ILE F 15 -24.76 24.88 60.54
C ILE F 15 -24.01 23.55 60.52
N LYS F 16 -23.78 23.03 59.32
CA LYS F 16 -23.10 21.77 59.13
C LYS F 16 -21.79 21.93 58.35
N VAL F 17 -20.76 21.19 58.77
CA VAL F 17 -19.49 21.22 58.08
C VAL F 17 -19.07 19.76 57.89
N LYS F 18 -18.81 19.38 56.63
CA LYS F 18 -18.40 18.02 56.27
C LYS F 18 -16.89 17.87 56.30
N THR F 19 -16.42 16.85 57.01
CA THR F 19 -15.01 16.60 57.12
C THR F 19 -14.48 15.85 55.89
N LEU F 20 -13.17 15.62 55.86
CA LEU F 20 -12.56 14.93 54.72
C LEU F 20 -12.85 13.44 54.64
N THR F 21 -13.81 12.97 55.43
CA THR F 21 -14.17 11.55 55.43
C THR F 21 -15.69 11.46 55.24
N GLY F 22 -16.26 12.55 54.72
CA GLY F 22 -17.70 12.59 54.48
C GLY F 22 -18.53 12.71 55.73
N LYS F 23 -17.91 12.68 56.92
CA LYS F 23 -18.69 12.79 58.15
C LYS F 23 -19.26 14.18 58.22
N GLU F 24 -20.49 14.27 58.71
CA GLU F 24 -21.18 15.53 58.83
C GLU F 24 -21.33 15.91 60.29
N ILE F 25 -20.92 17.13 60.65
CA ILE F 25 -21.02 17.60 62.02
C ILE F 25 -21.72 18.96 62.11
N GLU F 26 -22.41 19.18 63.23
CA GLU F 26 -23.15 20.43 63.46
C GLU F 26 -22.43 21.43 64.33
N ILE F 27 -22.49 22.69 63.94
CA ILE F 27 -21.84 23.76 64.67
C ILE F 27 -22.85 24.81 65.15
N ASP F 28 -22.52 25.46 66.27
CA ASP F 28 -23.36 26.49 66.87
C ASP F 28 -22.70 27.84 66.60
N ILE F 29 -23.25 28.62 65.68
CA ILE F 29 -22.64 29.90 65.34
C ILE F 29 -23.61 31.02 65.07
N GLU F 30 -23.19 32.24 65.36
CA GLU F 30 -24.01 33.42 65.11
C GLU F 30 -23.34 34.17 63.94
N PRO F 31 -24.14 34.70 62.99
CA PRO F 31 -23.70 35.45 61.81
C PRO F 31 -22.54 36.41 62.00
N THR F 32 -22.33 36.88 63.22
CA THR F 32 -21.25 37.82 63.51
C THR F 32 -19.88 37.16 63.77
N ASP F 33 -19.88 35.84 63.94
CA ASP F 33 -18.66 35.07 64.21
C ASP F 33 -17.70 35.04 63.02
N LYS F 34 -16.40 35.05 63.32
CA LYS F 34 -15.39 34.99 62.26
C LYS F 34 -15.22 33.55 61.81
N VAL F 35 -14.82 33.37 60.55
CA VAL F 35 -14.60 32.03 60.01
C VAL F 35 -13.66 31.26 60.92
N GLU F 36 -12.66 31.97 61.43
CA GLU F 36 -11.67 31.37 62.31
C GLU F 36 -12.33 30.81 63.56
N ARG F 37 -13.43 31.44 63.98
CA ARG F 37 -14.12 30.93 65.15
C ARG F 37 -14.77 29.62 64.72
N ILE F 38 -15.41 29.63 63.55
CA ILE F 38 -16.05 28.42 63.05
C ILE F 38 -15.09 27.25 63.13
N LYS F 39 -13.88 27.48 62.64
CA LYS F 39 -12.83 26.46 62.66
C LYS F 39 -12.58 25.92 64.06
N GLU F 40 -12.63 26.80 65.06
CA GLU F 40 -12.42 26.40 66.43
C GLU F 40 -13.46 25.36 66.81
N ARG F 41 -14.72 25.63 66.45
CA ARG F 41 -15.82 24.72 66.78
C ARG F 41 -15.62 23.33 66.18
N VAL F 42 -15.03 23.26 65.00
CA VAL F 42 -14.77 21.98 64.36
C VAL F 42 -13.69 21.26 65.17
N GLU F 43 -12.60 21.95 65.50
CA GLU F 43 -11.53 21.34 66.29
C GLU F 43 -12.06 20.83 67.61
N GLU F 44 -12.82 21.68 68.31
CA GLU F 44 -13.40 21.33 69.60
C GLU F 44 -14.24 20.08 69.46
N LYS F 45 -14.83 19.92 68.28
CA LYS F 45 -15.68 18.77 68.02
C LYS F 45 -14.93 17.55 67.47
N GLU F 46 -14.13 17.75 66.41
CA GLU F 46 -13.41 16.67 65.74
C GLU F 46 -11.89 16.52 65.93
N GLY F 47 -11.25 17.47 66.62
CA GLY F 47 -9.81 17.40 66.83
C GLY F 47 -8.99 17.79 65.61
N ILE F 48 -9.65 18.30 64.58
CA ILE F 48 -8.96 18.72 63.36
C ILE F 48 -8.41 20.11 63.59
N PRO F 49 -7.09 20.23 63.79
CA PRO F 49 -6.45 21.55 64.02
C PRO F 49 -6.94 22.62 63.07
N PRO F 50 -7.30 23.80 63.60
CA PRO F 50 -7.79 24.91 62.78
C PRO F 50 -6.75 25.25 61.72
N GLN F 51 -5.53 24.81 61.99
CA GLN F 51 -4.38 25.07 61.14
C GLN F 51 -4.36 24.32 59.80
N GLN F 52 -4.81 23.07 59.78
CA GLN F 52 -4.80 22.32 58.53
C GLN F 52 -6.18 22.32 57.87
N GLN F 53 -7.10 23.06 58.47
CA GLN F 53 -8.48 23.17 57.99
C GLN F 53 -8.69 24.12 56.81
N ARG F 54 -9.29 23.61 55.74
CA ARG F 54 -9.60 24.41 54.55
C ARG F 54 -11.10 24.34 54.33
N LEU F 55 -11.80 25.46 54.59
CA LEU F 55 -13.26 25.51 54.43
C LEU F 55 -13.75 26.08 53.08
N ILE F 56 -14.71 25.40 52.48
CA ILE F 56 -15.25 25.83 51.20
C ILE F 56 -16.77 25.95 51.23
N TYR F 57 -17.28 27.16 51.00
CA TYR F 57 -18.72 27.37 50.97
C TYR F 57 -19.08 27.93 49.60
N SER F 58 -19.91 27.21 48.87
CA SER F 58 -20.34 27.63 47.53
C SER F 58 -19.19 28.07 46.64
N GLY F 59 -18.21 27.19 46.47
CA GLY F 59 -17.06 27.49 45.65
C GLY F 59 -16.02 28.40 46.30
N LYS F 60 -16.48 29.42 47.01
CA LYS F 60 -15.57 30.36 47.66
C LYS F 60 -14.86 29.69 48.83
N GLN F 61 -13.54 29.79 48.86
CA GLN F 61 -12.79 29.22 49.96
C GLN F 61 -12.78 30.31 51.01
N MET F 62 -13.50 30.06 52.10
CA MET F 62 -13.62 31.04 53.16
C MET F 62 -12.33 31.45 53.80
N ASN F 63 -12.26 32.75 54.10
CA ASN F 63 -11.11 33.34 54.74
C ASN F 63 -11.48 33.39 56.21
N ASP F 64 -10.61 32.90 57.09
CA ASP F 64 -10.91 32.91 58.52
C ASP F 64 -10.67 34.26 59.19
N GLU F 65 -10.96 35.32 58.44
CA GLU F 65 -10.82 36.68 58.91
C GLU F 65 -12.17 37.35 58.69
N LYS F 66 -12.83 36.99 57.58
CA LYS F 66 -14.15 37.54 57.29
C LYS F 66 -15.12 36.81 58.24
N THR F 67 -16.41 36.91 57.98
CA THR F 67 -17.38 36.28 58.86
C THR F 67 -18.55 35.55 58.16
N ALA F 68 -19.16 34.62 58.90
CA ALA F 68 -20.28 33.81 58.39
C ALA F 68 -21.30 34.61 57.61
N ALA F 69 -21.41 35.90 57.90
CA ALA F 69 -22.34 36.76 57.19
C ALA F 69 -21.73 37.03 55.81
N ASP F 70 -20.46 37.43 55.79
CA ASP F 70 -19.74 37.73 54.57
C ASP F 70 -19.95 36.68 53.46
N TYR F 71 -20.07 35.42 53.85
CA TYR F 71 -20.27 34.35 52.86
C TYR F 71 -21.73 33.93 52.77
N LYS F 72 -22.63 34.81 53.20
CA LYS F 72 -24.05 34.53 53.18
C LYS F 72 -24.36 33.15 53.76
N ILE F 73 -23.60 32.79 54.80
CA ILE F 73 -23.80 31.51 55.47
C ILE F 73 -24.99 31.73 56.38
N LEU F 74 -25.87 30.74 56.42
CA LEU F 74 -27.06 30.85 57.24
C LEU F 74 -27.75 29.52 57.50
N GLY F 75 -28.75 29.55 58.36
CA GLY F 75 -29.52 28.37 58.71
C GLY F 75 -28.75 27.07 58.53
N GLY F 76 -29.34 26.14 57.77
CA GLY F 76 -28.69 24.85 57.55
C GLY F 76 -27.70 24.77 56.40
N SER F 77 -26.88 25.80 56.21
CA SER F 77 -25.89 25.77 55.14
C SER F 77 -24.87 24.67 55.45
N VAL F 78 -24.10 24.27 54.45
CA VAL F 78 -23.11 23.21 54.65
C VAL F 78 -21.74 23.58 54.15
N LEU F 79 -20.81 23.73 55.09
CA LEU F 79 -19.44 24.06 54.76
C LEU F 79 -18.69 22.78 54.48
N HIS F 80 -17.74 22.83 53.56
CA HIS F 80 -16.95 21.67 53.23
C HIS F 80 -15.48 21.85 53.57
N LEU F 81 -14.89 20.81 54.16
CA LEU F 81 -13.48 20.82 54.49
C LEU F 81 -12.79 20.13 53.31
N VAL F 82 -11.91 20.86 52.64
CA VAL F 82 -11.23 20.32 51.48
C VAL F 82 -9.72 20.27 51.73
N LEU F 83 -8.97 19.83 50.72
CA LEU F 83 -7.53 19.70 50.87
C LEU F 83 -6.84 19.44 49.55
N ARG F 84 -5.64 19.99 49.36
CA ARG F 84 -4.85 19.75 48.13
C ARG F 84 -3.65 18.95 48.56
N LEU F 85 -3.17 18.07 47.68
CA LEU F 85 -2.04 17.25 48.03
C LEU F 85 -0.82 17.50 47.17
N ARG F 86 0.35 17.35 47.78
CA ARG F 86 1.63 17.62 47.16
C ARG F 86 2.29 16.50 46.38
N GLY F 87 2.28 15.28 46.91
CA GLY F 87 2.91 14.18 46.21
C GLY F 87 2.34 13.88 44.81
N GLY F 88 2.86 12.83 44.18
CA GLY F 88 2.39 12.45 42.86
C GLY F 88 3.08 11.23 42.29
N LYS G 8 12.37 -11.61 -50.59
CA LYS G 8 11.91 -11.51 -52.00
C LYS G 8 10.39 -11.62 -52.10
N LEU G 9 9.90 -12.74 -52.62
CA LEU G 9 8.46 -12.94 -52.76
C LEU G 9 7.70 -12.80 -51.46
N LEU G 10 8.42 -12.91 -50.35
CA LEU G 10 7.83 -12.80 -49.03
C LEU G 10 7.14 -11.43 -48.82
N LYS G 11 7.67 -10.38 -49.43
CA LYS G 11 7.08 -9.06 -49.30
C LYS G 11 5.78 -9.01 -50.09
N GLU G 12 5.84 -9.53 -51.29
CA GLU G 12 4.70 -9.57 -52.18
C GLU G 12 3.46 -10.12 -51.48
N GLN G 13 3.69 -10.91 -50.43
CA GLN G 13 2.61 -11.51 -49.68
C GLN G 13 2.05 -10.61 -48.60
N LYS G 14 2.89 -9.89 -47.88
CA LYS G 14 2.36 -9.02 -46.83
C LYS G 14 1.85 -7.70 -47.37
N TYR G 15 2.51 -7.18 -48.38
CA TYR G 15 2.12 -5.93 -48.97
C TYR G 15 1.06 -6.14 -50.06
N ASP G 16 0.40 -7.30 -50.02
CA ASP G 16 -0.59 -7.60 -51.03
C ASP G 16 -1.82 -6.71 -51.09
N ARG G 17 -2.57 -6.65 -50.00
CA ARG G 17 -3.79 -5.84 -49.97
C ARG G 17 -3.63 -4.38 -50.41
N GLN G 18 -2.39 -3.91 -50.54
CA GLN G 18 -2.18 -2.52 -50.98
C GLN G 18 -1.57 -2.47 -52.36
N LEU G 19 -0.99 -3.57 -52.79
CA LEU G 19 -0.39 -3.63 -54.11
C LEU G 19 -1.48 -3.57 -55.15
N ARG G 20 -2.69 -3.93 -54.71
CA ARG G 20 -3.88 -3.94 -55.56
C ARG G 20 -4.49 -2.54 -55.62
N LEU G 21 -3.78 -1.58 -55.05
CA LEU G 21 -4.23 -0.21 -55.04
C LEU G 21 -3.25 0.67 -55.77
N TRP G 22 -1.96 0.54 -55.48
CA TRP G 22 -0.97 1.37 -56.17
C TRP G 22 0.08 0.59 -56.94
N GLY G 23 -0.22 -0.68 -57.22
CA GLY G 23 0.66 -1.55 -57.98
C GLY G 23 2.09 -1.69 -57.49
N ASP G 24 2.90 -2.41 -58.25
CA ASP G 24 4.30 -2.63 -57.87
C ASP G 24 5.17 -1.40 -58.08
N HIS G 25 4.87 -0.63 -59.12
CA HIS G 25 5.63 0.57 -59.39
C HIS G 25 5.37 1.53 -58.24
N GLY G 26 4.14 1.52 -57.73
CA GLY G 26 3.80 2.40 -56.62
C GLY G 26 4.61 2.02 -55.40
N GLN G 27 4.54 0.74 -55.03
CA GLN G 27 5.26 0.19 -53.91
C GLN G 27 6.72 0.55 -54.03
N GLU G 28 7.22 0.47 -55.27
CA GLU G 28 8.61 0.78 -55.60
C GLU G 28 9.00 2.17 -55.10
N ALA G 29 8.18 3.16 -55.42
CA ALA G 29 8.46 4.52 -55.01
C ALA G 29 8.40 4.55 -53.52
N LEU G 30 7.27 4.12 -52.98
CA LEU G 30 7.08 4.13 -51.54
C LEU G 30 8.31 3.64 -50.79
N GLU G 31 8.95 2.60 -51.31
CA GLU G 31 10.14 2.02 -50.67
C GLU G 31 11.43 2.79 -50.94
N SER G 32 11.37 3.80 -51.79
CA SER G 32 12.53 4.63 -52.11
C SER G 32 12.43 5.95 -51.37
N ALA G 33 11.22 6.32 -50.97
CA ALA G 33 10.99 7.58 -50.28
C ALA G 33 11.66 7.59 -48.93
N HIS G 34 11.84 8.79 -48.37
CA HIS G 34 12.43 8.96 -47.06
C HIS G 34 11.66 10.10 -46.44
N VAL G 35 10.96 9.83 -45.34
CA VAL G 35 10.14 10.85 -44.71
C VAL G 35 10.70 11.44 -43.43
N CYS G 36 10.38 12.71 -43.18
CA CYS G 36 10.84 13.39 -41.99
C CYS G 36 9.65 13.86 -41.18
N LEU G 37 9.58 13.44 -39.92
CA LEU G 37 8.50 13.84 -39.03
C LEU G 37 9.05 14.81 -37.99
N ILE G 38 8.42 15.97 -37.84
CA ILE G 38 8.91 16.91 -36.87
C ILE G 38 8.59 16.53 -35.43
N ASN G 39 7.33 16.55 -35.00
CA ASN G 39 7.14 16.17 -33.61
C ASN G 39 6.55 14.80 -33.28
N ALA G 40 7.28 14.02 -32.48
CA ALA G 40 6.87 12.67 -32.10
C ALA G 40 5.65 12.59 -31.21
N THR G 41 4.72 13.53 -31.37
CA THR G 41 3.50 13.50 -30.59
C THR G 41 2.66 12.35 -31.14
N ALA G 42 1.44 12.23 -30.62
CA ALA G 42 0.53 11.17 -31.03
C ALA G 42 0.22 11.37 -32.52
N THR G 43 0.02 12.62 -32.90
CA THR G 43 -0.28 12.93 -34.29
C THR G 43 0.83 12.43 -35.17
N GLY G 44 2.04 12.91 -34.91
CA GLY G 44 3.17 12.47 -35.72
C GLY G 44 3.29 10.96 -35.65
N THR G 45 3.44 10.47 -34.43
CA THR G 45 3.56 9.04 -34.19
C THR G 45 2.59 8.23 -35.06
N GLU G 46 1.31 8.56 -35.02
CA GLU G 46 0.29 7.85 -35.82
C GLU G 46 0.53 7.97 -37.32
N ILE G 47 0.86 9.17 -37.78
CA ILE G 47 1.12 9.39 -39.20
C ILE G 47 2.27 8.49 -39.65
N LEU G 48 3.31 8.38 -38.83
CA LEU G 48 4.46 7.57 -39.17
C LEU G 48 4.09 6.09 -39.09
N LYS G 49 3.08 5.77 -38.29
CA LYS G 49 2.62 4.39 -38.14
C LYS G 49 1.99 3.87 -39.44
N ASN G 50 1.28 4.74 -40.16
CA ASN G 50 0.61 4.36 -41.42
C ASN G 50 1.50 4.40 -42.66
N LEU G 51 2.75 4.83 -42.48
CA LEU G 51 3.73 4.87 -43.57
C LEU G 51 4.71 3.72 -43.35
N VAL G 52 5.07 3.48 -42.09
CA VAL G 52 5.99 2.40 -41.74
C VAL G 52 5.36 1.03 -42.02
N LEU G 53 4.06 0.90 -41.74
CA LEU G 53 3.34 -0.33 -41.98
C LEU G 53 3.27 -0.68 -43.45
N PRO G 54 2.98 0.31 -44.32
CA PRO G 54 2.90 0.01 -45.74
C PRO G 54 4.26 -0.23 -46.40
N GLY G 55 5.34 0.11 -45.70
CA GLY G 55 6.67 -0.14 -46.24
C GLY G 55 7.55 1.04 -46.64
N ILE G 56 7.21 2.24 -46.19
CA ILE G 56 7.99 3.44 -46.53
C ILE G 56 9.47 3.12 -46.43
N GLY G 57 10.26 3.62 -47.38
CA GLY G 57 11.71 3.39 -47.38
C GLY G 57 12.39 3.60 -46.03
N SER G 58 12.50 4.85 -45.60
CA SER G 58 13.11 5.16 -44.32
C SER G 58 12.49 6.44 -43.77
N PHE G 59 12.64 6.65 -42.46
CA PHE G 59 12.08 7.82 -41.80
C PHE G 59 13.04 8.36 -40.74
N THR G 60 12.95 9.67 -40.49
CA THR G 60 13.77 10.35 -39.52
C THR G 60 12.87 11.21 -38.62
N ILE G 61 12.98 11.07 -37.31
CA ILE G 61 12.17 11.83 -36.38
C ILE G 61 13.00 12.97 -35.77
N ILE G 62 12.57 14.21 -35.91
CA ILE G 62 13.32 15.33 -35.33
C ILE G 62 12.56 15.94 -34.16
N ASP G 63 12.72 15.41 -32.96
CA ASP G 63 12.01 15.97 -31.79
C ASP G 63 13.03 16.30 -30.70
N GLY G 64 12.82 17.41 -30.00
CA GLY G 64 13.74 17.80 -28.94
C GLY G 64 13.16 17.67 -27.55
N ASN G 65 11.85 17.81 -27.46
CA ASN G 65 11.14 17.72 -26.19
C ASN G 65 11.44 16.40 -25.51
N GLN G 66 11.24 16.37 -24.20
CA GLN G 66 11.43 15.16 -23.38
C GLN G 66 10.06 14.52 -23.23
N VAL G 67 9.99 13.19 -23.16
CA VAL G 67 8.72 12.53 -22.98
C VAL G 67 8.16 12.91 -21.60
N SER G 68 6.87 13.21 -21.51
CA SER G 68 6.29 13.56 -20.21
C SER G 68 5.24 12.52 -19.84
N GLY G 69 4.47 12.81 -18.80
CA GLY G 69 3.44 11.86 -18.40
C GLY G 69 2.34 11.77 -19.45
N GLU G 70 1.86 12.92 -19.92
CA GLU G 70 0.81 12.96 -20.92
C GLU G 70 1.30 12.28 -22.20
N ASP G 71 2.56 12.52 -22.53
CA ASP G 71 3.15 11.93 -23.72
C ASP G 71 3.04 10.43 -23.72
N ALA G 72 3.38 9.82 -22.59
CA ALA G 72 3.32 8.37 -22.46
C ALA G 72 1.86 7.87 -22.46
N GLY G 73 0.98 8.74 -21.98
CA GLY G 73 -0.43 8.40 -21.87
C GLY G 73 -1.30 8.39 -23.11
N ASN G 74 -0.98 9.19 -24.13
CA ASN G 74 -1.81 9.25 -25.32
C ASN G 74 -1.11 8.77 -26.58
N ASN G 75 0.14 8.37 -26.43
CA ASN G 75 0.94 7.89 -27.56
C ASN G 75 1.10 6.38 -27.48
N PHE G 76 0.76 5.68 -28.56
CA PHE G 76 0.85 4.23 -28.56
C PHE G 76 2.29 3.82 -28.83
N PHE G 77 3.19 4.80 -28.96
CA PHE G 77 4.59 4.47 -29.22
C PHE G 77 5.59 5.05 -28.23
N LEU G 78 5.13 5.28 -27.00
CA LEU G 78 5.97 5.77 -25.92
C LEU G 78 5.40 5.16 -24.65
N GLN G 79 6.20 4.41 -23.90
CA GLN G 79 5.67 3.80 -22.69
C GLN G 79 6.02 4.60 -21.50
N ARG G 80 5.49 4.16 -20.36
CA ARG G 80 5.73 4.82 -19.08
C ARG G 80 7.22 4.96 -18.86
N SER G 81 7.94 3.92 -19.25
CA SER G 81 9.38 3.84 -19.10
C SER G 81 10.23 4.85 -19.87
N SER G 82 9.65 5.58 -20.79
CA SER G 82 10.48 6.54 -21.50
C SER G 82 10.31 7.97 -21.01
N ILE G 83 9.43 8.17 -20.03
CA ILE G 83 9.22 9.51 -19.49
C ILE G 83 10.54 10.14 -19.12
N GLY G 84 10.72 11.40 -19.47
CA GLY G 84 11.96 12.07 -19.17
C GLY G 84 12.95 11.99 -20.33
N LYS G 85 12.90 10.89 -21.07
CA LYS G 85 13.80 10.65 -22.21
C LYS G 85 13.47 11.45 -23.48
N ASN G 86 14.36 11.38 -24.47
CA ASN G 86 14.13 12.12 -25.71
C ASN G 86 12.95 11.53 -26.43
N ARG G 87 11.89 12.32 -26.59
CA ARG G 87 10.70 11.81 -27.25
C ARG G 87 11.01 11.28 -28.63
N ALA G 88 11.85 11.98 -29.39
CA ALA G 88 12.18 11.51 -30.74
C ALA G 88 12.76 10.10 -30.69
N GLU G 89 13.87 9.95 -29.99
CA GLU G 89 14.52 8.67 -29.89
C GLU G 89 13.59 7.56 -29.40
N ALA G 90 12.91 7.81 -28.29
CA ALA G 90 11.98 6.86 -27.67
C ALA G 90 10.89 6.32 -28.58
N ALA G 91 10.28 7.19 -29.36
CA ALA G 91 9.21 6.82 -30.28
C ALA G 91 9.74 6.08 -31.48
N MET G 92 11.01 6.32 -31.80
CA MET G 92 11.59 5.67 -32.95
C MET G 92 11.80 4.19 -32.70
N GLU G 93 12.10 3.83 -31.47
CA GLU G 93 12.33 2.44 -31.14
C GLU G 93 11.07 1.60 -31.25
N PHE G 94 9.94 2.18 -30.84
CA PHE G 94 8.67 1.47 -30.89
C PHE G 94 8.16 1.38 -32.31
N LEU G 95 8.21 2.50 -33.02
CA LEU G 95 7.79 2.53 -34.40
C LEU G 95 8.60 1.54 -35.22
N GLN G 96 9.90 1.57 -34.99
CA GLN G 96 10.86 0.71 -35.66
C GLN G 96 10.39 -0.76 -35.73
N GLU G 97 9.77 -1.23 -34.64
CA GLU G 97 9.28 -2.60 -34.55
C GLU G 97 8.17 -2.96 -35.53
N LEU G 98 7.34 -1.99 -35.90
CA LEU G 98 6.24 -2.25 -36.82
C LEU G 98 6.64 -2.86 -38.13
N ASN G 99 7.87 -2.59 -38.58
CA ASN G 99 8.37 -3.12 -39.85
C ASN G 99 9.89 -3.11 -39.97
N SER G 100 10.48 -4.31 -40.06
CA SER G 100 11.92 -4.48 -40.16
C SER G 100 12.53 -3.98 -41.47
N ASP G 101 11.67 -3.57 -42.41
CA ASP G 101 12.10 -3.07 -43.71
C ASP G 101 12.22 -1.53 -43.76
N VAL G 102 11.85 -0.88 -42.66
CA VAL G 102 11.88 0.57 -42.57
C VAL G 102 13.08 1.03 -41.75
N SER G 103 13.79 2.03 -42.26
CA SER G 103 14.98 2.54 -41.58
C SER G 103 14.72 3.79 -40.76
N GLY G 104 14.63 3.61 -39.44
CA GLY G 104 14.41 4.74 -38.57
C GLY G 104 15.70 5.52 -38.32
N SER G 105 15.53 6.74 -37.80
CA SER G 105 16.63 7.64 -37.49
C SER G 105 16.02 8.70 -36.61
N PHE G 106 16.84 9.50 -35.97
CA PHE G 106 16.30 10.56 -35.16
C PHE G 106 17.30 11.66 -34.92
N VAL G 107 16.78 12.80 -34.51
CA VAL G 107 17.59 13.95 -34.26
C VAL G 107 17.09 14.54 -32.95
N GLU G 108 17.92 14.48 -31.92
CA GLU G 108 17.58 14.98 -30.59
C GLU G 108 17.46 16.49 -30.52
N GLU G 109 17.28 17.16 -31.66
CA GLU G 109 17.17 18.61 -31.60
C GLU G 109 15.75 18.98 -31.92
N SER G 110 15.41 20.24 -31.74
CA SER G 110 14.06 20.72 -32.02
C SER G 110 14.01 21.23 -33.47
N PRO G 111 12.80 21.50 -33.98
CA PRO G 111 12.72 21.99 -35.35
C PRO G 111 13.36 23.36 -35.41
N GLU G 112 13.13 24.14 -34.36
CA GLU G 112 13.67 25.48 -34.28
C GLU G 112 15.19 25.48 -34.38
N ASN G 113 15.85 24.57 -33.68
CA ASN G 113 17.31 24.50 -33.74
C ASN G 113 17.87 24.20 -35.15
N LEU G 114 17.28 23.24 -35.84
CA LEU G 114 17.70 22.84 -37.20
C LEU G 114 17.51 23.96 -38.21
N LEU G 115 16.37 24.64 -38.11
CA LEU G 115 16.05 25.71 -39.03
C LEU G 115 17.08 26.83 -38.97
N ASP G 116 17.80 26.90 -37.84
CA ASP G 116 18.79 27.94 -37.66
C ASP G 116 20.20 27.50 -37.95
N ASN G 117 20.51 26.24 -37.68
CA ASN G 117 21.86 25.77 -37.90
C ASN G 117 22.11 24.88 -39.12
N ASP G 118 21.07 24.25 -39.67
CA ASP G 118 21.26 23.41 -40.86
C ASP G 118 19.99 23.36 -41.71
N PRO G 119 19.46 24.53 -42.07
CA PRO G 119 18.25 24.65 -42.87
C PRO G 119 18.21 23.72 -44.07
N SER G 120 19.37 23.45 -44.64
CA SER G 120 19.45 22.59 -45.83
C SER G 120 19.22 21.10 -45.54
N PHE G 121 19.27 20.76 -44.27
CA PHE G 121 19.10 19.38 -43.82
C PHE G 121 17.89 18.69 -44.42
N PHE G 122 16.80 19.42 -44.63
CA PHE G 122 15.58 18.83 -45.18
C PHE G 122 15.60 18.45 -46.65
N CYS G 123 16.61 18.88 -47.40
CA CYS G 123 16.71 18.58 -48.84
C CYS G 123 16.80 17.08 -49.08
N ARG G 124 17.23 16.36 -48.06
CA ARG G 124 17.39 14.93 -48.15
C ARG G 124 16.05 14.16 -48.11
N PHE G 125 14.98 14.86 -47.74
CA PHE G 125 13.68 14.20 -47.62
C PHE G 125 12.77 14.35 -48.81
N THR G 126 11.91 13.35 -49.01
CA THR G 126 10.94 13.31 -50.11
C THR G 126 9.73 14.17 -49.73
N VAL G 127 9.45 14.19 -48.43
CA VAL G 127 8.35 14.95 -47.82
C VAL G 127 8.66 15.22 -46.35
N VAL G 128 8.16 16.32 -45.83
CA VAL G 128 8.37 16.63 -44.43
C VAL G 128 6.99 16.75 -43.80
N VAL G 129 6.79 16.09 -42.67
CA VAL G 129 5.52 16.15 -41.97
C VAL G 129 5.80 16.80 -40.62
N ALA G 130 5.14 17.92 -40.36
CA ALA G 130 5.29 18.65 -39.11
C ALA G 130 4.01 18.52 -38.30
N THR G 131 4.14 18.32 -37.00
CA THR G 131 2.96 18.22 -36.16
C THR G 131 3.10 19.11 -34.93
N GLN G 132 1.98 19.58 -34.40
CA GLN G 132 1.98 20.43 -33.20
C GLN G 132 3.00 21.58 -33.15
N LEU G 133 3.24 22.22 -34.29
CA LEU G 133 4.18 23.34 -34.31
C LEU G 133 3.49 24.64 -33.97
N PRO G 134 4.21 25.54 -33.27
CA PRO G 134 3.61 26.83 -32.93
C PRO G 134 3.60 27.69 -34.21
N GLU G 135 2.66 28.62 -34.30
CA GLU G 135 2.57 29.48 -35.48
C GLU G 135 3.96 29.82 -35.99
N SER G 136 4.70 30.59 -35.19
CA SER G 136 6.06 31.02 -35.49
C SER G 136 6.88 30.01 -36.33
N THR G 137 7.32 28.94 -35.68
CA THR G 137 8.12 27.89 -36.31
C THR G 137 7.62 27.42 -37.67
N SER G 138 6.31 27.44 -37.86
CA SER G 138 5.75 27.00 -39.12
C SER G 138 6.10 27.96 -40.23
N LEU G 139 5.82 29.22 -40.01
CA LEU G 139 6.12 30.23 -41.00
C LEU G 139 7.55 30.12 -41.51
N ARG G 140 8.47 29.74 -40.63
CA ARG G 140 9.88 29.57 -41.02
C ARG G 140 10.10 28.29 -41.80
N LEU G 141 9.66 27.19 -41.20
CA LEU G 141 9.79 25.90 -41.85
C LEU G 141 9.19 25.95 -43.25
N ALA G 142 7.95 26.44 -43.34
CA ALA G 142 7.26 26.53 -44.62
C ALA G 142 8.06 27.35 -45.63
N ASP G 143 8.76 28.38 -45.14
CA ASP G 143 9.56 29.26 -45.97
C ASP G 143 10.78 28.52 -46.51
N VAL G 144 11.64 28.06 -45.62
CA VAL G 144 12.85 27.33 -45.98
C VAL G 144 12.56 26.24 -46.98
N LEU G 145 11.56 25.42 -46.65
CA LEU G 145 11.18 24.30 -47.48
C LEU G 145 10.60 24.74 -48.80
N TRP G 146 9.81 25.82 -48.78
CA TRP G 146 9.22 26.33 -50.00
C TRP G 146 10.32 26.68 -50.99
N ASN G 147 11.39 27.29 -50.49
CA ASN G 147 12.52 27.69 -51.32
C ASN G 147 13.32 26.53 -51.89
N SER G 148 13.58 25.50 -51.09
CA SER G 148 14.34 24.34 -51.57
C SER G 148 13.44 23.30 -52.22
N GLN G 149 12.16 23.65 -52.34
CA GLN G 149 11.16 22.79 -52.96
C GLN G 149 10.98 21.38 -52.41
N ILE G 150 10.71 21.33 -51.12
CA ILE G 150 10.48 20.08 -50.41
C ILE G 150 9.03 20.10 -50.00
N PRO G 151 8.24 19.11 -50.44
CA PRO G 151 6.83 19.13 -50.04
C PRO G 151 6.73 19.16 -48.52
N LEU G 152 5.86 20.02 -48.01
CA LEU G 152 5.66 20.11 -46.57
C LEU G 152 4.19 19.87 -46.29
N LEU G 153 3.93 19.21 -45.17
CA LEU G 153 2.59 18.92 -44.74
C LEU G 153 2.50 19.23 -43.23
N ILE G 154 1.75 20.27 -42.89
CA ILE G 154 1.60 20.68 -41.50
C ILE G 154 0.33 20.08 -40.93
N CYS G 155 0.46 19.25 -39.90
CA CYS G 155 -0.68 18.61 -39.25
C CYS G 155 -0.80 19.11 -37.83
N ARG G 156 -2.03 19.20 -37.33
CA ARG G 156 -2.21 19.68 -35.98
C ARG G 156 -3.48 19.19 -35.32
N THR G 157 -3.36 18.72 -34.08
CA THR G 157 -4.53 18.25 -33.35
C THR G 157 -4.71 19.20 -32.20
N TYR G 158 -5.93 19.73 -32.05
CA TYR G 158 -6.28 20.68 -31.00
C TYR G 158 -7.67 20.37 -30.47
N GLY G 159 -7.76 19.74 -29.30
CA GLY G 159 -9.06 19.40 -28.77
C GLY G 159 -9.66 18.43 -29.77
N LEU G 160 -10.86 18.68 -30.25
CA LEU G 160 -11.41 17.76 -31.22
C LEU G 160 -11.23 18.29 -32.63
N VAL G 161 -10.31 19.24 -32.78
CA VAL G 161 -10.05 19.80 -34.11
C VAL G 161 -8.76 19.23 -34.74
N GLY G 162 -8.88 18.74 -35.96
CA GLY G 162 -7.73 18.21 -36.66
C GLY G 162 -7.44 19.20 -37.77
N TYR G 163 -6.17 19.50 -38.00
CA TYR G 163 -5.79 20.47 -39.02
C TYR G 163 -4.68 19.90 -39.90
N MET G 164 -4.83 20.10 -41.20
CA MET G 164 -3.85 19.65 -42.19
C MET G 164 -3.68 20.76 -43.23
N ARG G 165 -2.45 21.10 -43.54
CA ARG G 165 -2.21 22.14 -44.52
C ARG G 165 -1.16 21.53 -45.39
N ILE G 166 -1.45 21.42 -46.69
CA ILE G 166 -0.46 20.87 -47.59
C ILE G 166 0.17 22.02 -48.35
N ILE G 167 1.48 21.96 -48.54
CA ILE G 167 2.18 23.01 -49.26
C ILE G 167 3.15 22.42 -50.27
N ILE G 168 2.77 22.44 -51.53
CA ILE G 168 3.60 21.94 -52.60
C ILE G 168 3.33 22.93 -53.70
N LYS G 169 4.38 23.58 -54.22
CA LYS G 169 4.18 24.58 -55.28
C LYS G 169 3.48 23.94 -56.45
N GLU G 170 3.99 22.79 -56.89
CA GLU G 170 3.35 22.09 -57.99
C GLU G 170 3.38 20.57 -57.86
N HIS G 171 2.21 19.93 -58.03
CA HIS G 171 2.12 18.49 -57.94
C HIS G 171 1.38 17.99 -59.16
N PRO G 172 2.10 17.61 -60.21
CA PRO G 172 1.47 17.12 -61.44
C PRO G 172 1.29 15.62 -61.36
N VAL G 173 0.10 15.16 -61.67
CA VAL G 173 -0.19 13.73 -61.60
C VAL G 173 -0.68 13.17 -62.94
N ILE G 174 -0.26 11.96 -63.28
CA ILE G 174 -0.70 11.31 -64.50
C ILE G 174 -1.74 10.24 -64.20
N GLU G 175 -1.39 9.35 -63.29
CA GLU G 175 -2.29 8.27 -62.91
C GLU G 175 -3.13 8.72 -61.72
N SER G 176 -4.15 9.54 -61.96
CA SER G 176 -5.03 10.06 -60.89
C SER G 176 -6.08 9.10 -60.36
N HIS G 177 -6.19 7.91 -60.93
CA HIS G 177 -7.14 6.91 -60.43
C HIS G 177 -8.55 7.41 -60.19
N PRO G 178 -9.23 7.89 -61.23
CA PRO G 178 -10.61 8.38 -61.06
C PRO G 178 -11.59 7.26 -60.71
N ASP G 179 -12.48 7.49 -59.75
CA ASP G 179 -13.45 6.47 -59.37
C ASP G 179 -14.53 6.20 -60.41
N ASN G 180 -14.63 7.04 -61.43
CA ASN G 180 -15.63 6.88 -62.48
C ASN G 180 -15.25 7.75 -63.66
N ALA G 181 -15.87 7.50 -64.82
CA ALA G 181 -15.57 8.28 -66.02
C ALA G 181 -16.27 7.66 -67.21
N LEU G 182 -16.62 8.50 -68.18
CA LEU G 182 -17.30 8.02 -69.38
C LEU G 182 -16.30 7.21 -70.19
N GLU G 183 -16.77 6.14 -70.80
CA GLU G 183 -15.89 5.29 -71.61
C GLU G 183 -15.45 6.06 -72.85
N ASP G 184 -14.25 5.78 -73.34
CA ASP G 184 -13.79 6.46 -74.55
C ASP G 184 -14.11 5.56 -75.72
N LEU G 185 -15.39 5.47 -76.07
CA LEU G 185 -15.84 4.61 -77.15
C LEU G 185 -15.66 5.17 -78.56
N ARG G 186 -15.89 6.47 -78.71
CA ARG G 186 -15.72 7.13 -80.00
C ARG G 186 -16.76 6.70 -81.03
N LEU G 187 -18.03 6.91 -80.71
CA LEU G 187 -19.08 6.58 -81.66
C LEU G 187 -19.40 7.83 -82.45
N ASP G 188 -19.18 8.98 -81.80
CA ASP G 188 -19.45 10.28 -82.39
C ASP G 188 -18.32 10.78 -83.30
N LYS G 189 -17.11 10.27 -83.09
CA LYS G 189 -15.96 10.66 -83.89
C LYS G 189 -15.13 9.40 -84.10
N PRO G 190 -15.75 8.36 -84.68
CA PRO G 190 -15.19 7.04 -84.98
C PRO G 190 -13.98 7.03 -85.88
N PHE G 191 -12.93 6.33 -85.44
CA PHE G 191 -11.70 6.24 -86.22
C PHE G 191 -11.81 5.14 -87.28
N PRO G 192 -10.95 5.19 -88.32
CA PRO G 192 -10.97 4.19 -89.39
C PRO G 192 -11.23 2.77 -88.92
N GLU G 193 -10.24 2.13 -88.30
CA GLU G 193 -10.41 0.76 -87.82
C GLU G 193 -11.81 0.51 -87.31
N LEU G 194 -12.25 1.33 -86.36
CA LEU G 194 -13.58 1.21 -85.78
C LEU G 194 -14.61 1.25 -86.90
N ARG G 195 -14.53 2.28 -87.75
CA ARG G 195 -15.44 2.42 -88.88
C ARG G 195 -15.61 1.11 -89.65
N GLU G 196 -14.54 0.32 -89.72
CA GLU G 196 -14.54 -0.97 -90.42
C GLU G 196 -15.30 -2.03 -89.64
N HIS G 197 -14.75 -2.39 -88.48
CA HIS G 197 -15.32 -3.39 -87.60
C HIS G 197 -16.83 -3.27 -87.45
N PHE G 198 -17.42 -2.19 -87.95
CA PHE G 198 -18.86 -1.97 -87.87
C PHE G 198 -19.57 -2.40 -89.15
N GLN G 199 -19.11 -1.84 -90.26
CA GLN G 199 -19.67 -2.12 -91.58
C GLN G 199 -19.40 -3.58 -91.95
N SER G 200 -18.59 -4.24 -91.15
CA SER G 200 -18.24 -5.63 -91.36
C SER G 200 -19.20 -6.54 -90.60
N TYR G 201 -20.45 -6.10 -90.55
CA TYR G 201 -21.51 -6.81 -89.85
C TYR G 201 -22.85 -6.75 -90.62
N ASP G 202 -23.69 -7.75 -90.25
CA ASP G 202 -25.03 -7.95 -90.83
C ASP G 202 -25.56 -9.34 -91.18
N LEU G 203 -24.59 -10.13 -91.66
CA LEU G 203 -24.69 -11.49 -92.22
C LEU G 203 -24.77 -12.77 -91.35
N HIS G 213 -25.52 -12.49 -79.82
CA HIS G 213 -25.10 -11.29 -79.15
C HIS G 213 -23.89 -10.76 -79.81
N THR G 214 -24.00 -9.49 -80.01
CA THR G 214 -23.03 -8.73 -80.68
C THR G 214 -22.89 -7.57 -79.77
N PRO G 215 -21.66 -7.29 -79.36
CA PRO G 215 -21.45 -6.17 -78.46
C PRO G 215 -22.48 -5.06 -78.74
N TRP G 216 -23.05 -4.52 -77.67
CA TRP G 216 -24.04 -3.46 -77.83
C TRP G 216 -23.40 -2.28 -78.58
N ILE G 217 -22.07 -2.15 -78.49
CA ILE G 217 -21.37 -1.07 -79.17
C ILE G 217 -21.70 -1.12 -80.66
N VAL G 218 -21.61 -2.31 -81.24
CA VAL G 218 -21.92 -2.49 -82.65
C VAL G 218 -23.41 -2.25 -82.85
N ILE G 219 -24.22 -2.84 -81.98
CA ILE G 219 -25.66 -2.68 -82.06
C ILE G 219 -25.99 -1.19 -82.18
N ILE G 220 -25.41 -0.38 -81.30
CA ILE G 220 -25.65 1.06 -81.34
C ILE G 220 -25.03 1.66 -82.59
N ALA G 221 -23.94 1.05 -83.03
CA ALA G 221 -23.20 1.52 -84.21
C ALA G 221 -24.05 1.44 -85.47
N LYS G 222 -24.59 0.26 -85.73
CA LYS G 222 -25.41 0.05 -86.91
C LYS G 222 -26.69 0.87 -86.86
N TYR G 223 -27.53 0.64 -85.85
CA TYR G 223 -28.76 1.40 -85.75
C TYR G 223 -28.47 2.90 -85.71
N LEU G 224 -27.19 3.24 -85.76
CA LEU G 224 -26.77 4.64 -85.76
C LEU G 224 -26.66 5.08 -87.22
N ALA G 225 -26.06 4.22 -88.02
CA ALA G 225 -25.88 4.47 -89.45
C ALA G 225 -27.26 4.66 -90.06
N GLN G 226 -28.22 3.89 -89.58
CA GLN G 226 -29.56 3.98 -90.07
C GLN G 226 -30.15 5.33 -89.73
N TRP G 227 -30.14 5.69 -88.46
CA TRP G 227 -30.68 7.00 -88.05
C TRP G 227 -29.92 8.11 -88.76
N TYR G 228 -28.62 7.93 -88.90
CA TYR G 228 -27.78 8.91 -89.58
C TYR G 228 -28.30 9.20 -91.00
N SER G 229 -28.67 8.12 -91.71
CA SER G 229 -29.20 8.24 -93.07
C SER G 229 -30.46 9.10 -93.08
N GLU G 230 -31.55 8.56 -92.50
CA GLU G 230 -32.83 9.28 -92.45
C GLU G 230 -32.84 10.51 -91.53
N THR G 231 -31.82 11.35 -91.63
CA THR G 231 -31.74 12.57 -90.84
C THR G 231 -30.63 13.47 -91.40
N ASN G 232 -30.02 13.02 -92.51
CA ASN G 232 -28.93 13.75 -93.20
C ASN G 232 -27.77 13.86 -92.23
N GLY G 233 -27.38 12.66 -91.80
CA GLY G 233 -26.30 12.47 -90.86
C GLY G 233 -26.44 13.03 -89.49
N ARG G 234 -27.67 13.31 -89.08
CA ARG G 234 -27.86 13.94 -87.77
C ARG G 234 -28.08 13.20 -86.47
N ILE G 235 -26.94 12.96 -85.81
CA ILE G 235 -26.84 12.26 -84.54
C ILE G 235 -27.88 12.68 -83.55
N PRO G 236 -28.50 11.71 -82.89
CA PRO G 236 -29.53 12.07 -81.91
C PRO G 236 -28.93 13.02 -80.88
N LYS G 237 -29.65 14.10 -80.60
CA LYS G 237 -29.18 15.08 -79.64
C LYS G 237 -30.19 15.26 -78.50
N THR G 238 -31.41 15.66 -78.85
CA THR G 238 -32.46 15.89 -77.86
C THR G 238 -32.76 14.67 -77.00
N TYR G 239 -33.28 14.93 -75.81
CA TYR G 239 -33.63 13.85 -74.91
C TYR G 239 -34.85 13.16 -75.51
N LYS G 240 -35.29 13.67 -76.65
CA LYS G 240 -36.41 13.11 -77.39
C LYS G 240 -35.78 12.19 -78.43
N GLU G 241 -34.87 12.74 -79.22
CA GLU G 241 -34.16 12.01 -80.26
C GLU G 241 -33.56 10.74 -79.68
N LYS G 242 -32.87 10.89 -78.56
CA LYS G 242 -32.27 9.75 -77.90
C LYS G 242 -33.38 8.80 -77.51
N GLU G 243 -34.49 9.35 -77.04
CA GLU G 243 -35.63 8.51 -76.63
C GLU G 243 -36.23 7.74 -77.82
N ASP G 244 -36.34 8.40 -78.97
CA ASP G 244 -36.89 7.73 -80.15
C ASP G 244 -35.87 6.77 -80.72
N PHE G 245 -34.60 7.17 -80.66
CA PHE G 245 -33.49 6.34 -81.15
C PHE G 245 -33.53 5.01 -80.41
N ARG G 246 -34.16 5.02 -79.23
CA ARG G 246 -34.29 3.82 -78.41
C ARG G 246 -35.33 2.86 -78.98
N ASP G 247 -36.50 3.38 -79.34
CA ASP G 247 -37.54 2.53 -79.90
C ASP G 247 -37.08 1.99 -81.23
N LEU G 248 -36.32 2.82 -81.96
CA LEU G 248 -35.78 2.41 -83.25
C LEU G 248 -34.83 1.24 -83.05
N ILE G 249 -34.66 0.82 -81.80
CA ILE G 249 -33.78 -0.29 -81.52
C ILE G 249 -34.62 -1.48 -81.08
N ARG G 250 -35.55 -1.26 -80.16
CA ARG G 250 -36.41 -2.35 -79.71
C ARG G 250 -36.98 -2.98 -80.99
N GLN G 251 -37.38 -2.13 -81.92
CA GLN G 251 -37.94 -2.60 -83.18
C GLN G 251 -36.99 -3.38 -84.08
N GLY G 252 -36.23 -4.30 -83.53
CA GLY G 252 -35.32 -5.06 -84.38
C GLY G 252 -34.95 -6.32 -83.67
N ILE G 253 -35.60 -6.50 -82.52
CA ILE G 253 -35.41 -7.67 -81.68
C ILE G 253 -35.87 -8.74 -82.63
N LEU G 254 -35.06 -9.71 -83.00
CA LEU G 254 -35.74 -10.59 -83.88
C LEU G 254 -36.82 -11.27 -83.09
N LYS G 255 -37.53 -12.17 -83.75
CA LYS G 255 -38.64 -12.86 -83.11
C LYS G 255 -38.57 -13.04 -81.57
N PRO G 256 -37.35 -13.16 -80.98
CA PRO G 256 -37.17 -13.33 -79.54
C PRO G 256 -38.01 -12.64 -78.49
N GLU G 257 -38.78 -13.42 -77.76
CA GLU G 257 -39.52 -12.82 -76.69
C GLU G 257 -38.47 -12.84 -75.54
N ASP G 258 -37.20 -12.70 -75.97
CA ASP G 258 -35.93 -12.66 -75.17
C ASP G 258 -34.73 -12.27 -76.09
N GLU G 259 -34.05 -11.18 -75.79
CA GLU G 259 -32.86 -10.77 -76.54
C GLU G 259 -32.25 -9.72 -75.63
N GLU G 260 -31.56 -10.21 -74.60
CA GLU G 260 -30.94 -9.39 -73.56
C GLU G 260 -30.09 -8.22 -74.04
N ASN G 261 -28.96 -8.54 -74.65
CA ASN G 261 -28.02 -7.53 -75.14
C ASN G 261 -28.68 -6.38 -75.90
N PHE G 262 -29.93 -6.54 -76.30
CA PHE G 262 -30.60 -5.48 -77.04
C PHE G 262 -31.18 -4.44 -76.10
N GLU G 263 -31.45 -4.86 -74.87
CA GLU G 263 -31.99 -3.93 -73.88
C GLU G 263 -30.74 -3.34 -73.22
N GLU G 264 -29.67 -4.13 -73.21
CA GLU G 264 -28.38 -3.73 -72.65
C GLU G 264 -27.65 -2.85 -73.65
N ALA G 265 -28.43 -2.21 -74.51
CA ALA G 265 -27.89 -1.31 -75.51
C ALA G 265 -28.71 -0.06 -75.36
N ILE G 266 -30.02 -0.25 -75.39
CA ILE G 266 -30.94 0.87 -75.25
C ILE G 266 -30.59 1.63 -73.98
N LYS G 267 -29.98 0.94 -73.02
CA LYS G 267 -29.60 1.59 -71.76
C LYS G 267 -28.35 2.43 -71.93
N ASN G 268 -27.44 1.98 -72.78
CA ASN G 268 -26.21 2.72 -73.01
C ASN G 268 -26.44 3.95 -73.87
N VAL G 269 -27.61 4.03 -74.49
CA VAL G 269 -27.93 5.18 -75.33
C VAL G 269 -27.75 6.44 -74.48
N ASN G 270 -28.12 6.33 -73.21
CA ASN G 270 -27.99 7.44 -72.27
C ASN G 270 -26.55 7.93 -72.25
N THR G 271 -25.62 7.00 -72.31
CA THR G 271 -24.19 7.30 -72.30
C THR G 271 -23.61 7.27 -73.71
N ALA G 272 -23.24 6.06 -74.13
CA ALA G 272 -22.63 5.76 -75.43
C ALA G 272 -22.65 6.81 -76.56
N LEU G 273 -23.77 7.49 -76.77
CA LEU G 273 -23.85 8.49 -77.83
C LEU G 273 -22.68 9.46 -77.79
N ASN G 274 -22.88 10.63 -77.19
CA ASN G 274 -21.80 11.58 -77.11
C ASN G 274 -20.82 11.21 -76.01
N THR G 275 -19.70 10.58 -76.39
CA THR G 275 -18.63 10.16 -75.46
C THR G 275 -17.27 10.58 -76.01
N THR G 276 -17.18 11.80 -76.53
CA THR G 276 -15.93 12.32 -77.09
C THR G 276 -15.87 13.84 -77.02
N GLN G 277 -14.74 14.33 -76.48
CA GLN G 277 -14.47 15.75 -76.31
C GLN G 277 -13.37 15.89 -75.25
N ILE G 278 -12.50 16.89 -75.39
CA ILE G 278 -11.41 17.09 -74.42
C ILE G 278 -11.85 17.66 -73.07
N PRO G 279 -11.44 17.02 -71.96
CA PRO G 279 -11.79 17.44 -70.60
C PRO G 279 -11.45 18.92 -70.39
N SER G 280 -12.34 19.63 -69.70
CA SER G 280 -12.13 21.05 -69.42
C SER G 280 -10.83 21.32 -68.65
N SER G 281 -10.44 20.39 -67.78
CA SER G 281 -9.24 20.55 -67.00
C SER G 281 -7.97 20.30 -67.82
N ILE G 282 -8.07 19.47 -68.84
CA ILE G 282 -6.91 19.20 -69.68
C ILE G 282 -6.60 20.40 -70.57
N GLU G 283 -7.62 21.18 -70.88
CA GLU G 283 -7.45 22.36 -71.71
C GLU G 283 -6.47 23.30 -71.05
N ASP G 284 -6.77 23.62 -69.80
CA ASP G 284 -5.96 24.52 -69.01
C ASP G 284 -4.50 24.08 -68.95
N ILE G 285 -4.25 22.78 -68.85
CA ILE G 285 -2.86 22.34 -68.84
C ILE G 285 -2.27 22.81 -70.17
N PHE G 286 -2.91 22.38 -71.27
CA PHE G 286 -2.47 22.78 -72.61
C PHE G 286 -2.21 24.28 -72.65
N ASN G 287 -3.12 25.03 -72.03
CA ASN G 287 -3.01 26.49 -71.98
C ASN G 287 -1.97 27.04 -70.99
N ASP G 288 -1.49 26.22 -70.06
CA ASP G 288 -0.54 26.72 -69.09
C ASP G 288 0.79 27.07 -69.72
N ASP G 289 1.37 28.15 -69.21
CA ASP G 289 2.65 28.60 -69.71
C ASP G 289 3.70 27.49 -69.68
N ARG G 290 3.73 26.73 -68.58
CA ARG G 290 4.67 25.63 -68.39
C ARG G 290 4.70 24.65 -69.57
N CYS G 291 3.55 24.53 -70.24
CA CYS G 291 3.36 23.66 -71.40
C CYS G 291 3.73 24.40 -72.68
N ILE G 292 3.35 25.67 -72.75
CA ILE G 292 3.64 26.49 -73.93
C ILE G 292 5.12 26.81 -74.08
N ASN G 293 5.78 27.13 -72.97
CA ASN G 293 7.20 27.45 -72.99
C ASN G 293 8.06 26.36 -72.41
N ILE G 294 8.71 25.64 -73.32
CA ILE G 294 9.59 24.54 -72.99
C ILE G 294 11.05 24.98 -72.95
N THR G 295 11.79 24.44 -71.99
CA THR G 295 13.19 24.75 -71.82
C THR G 295 13.80 23.49 -71.22
N LYS G 296 15.13 23.33 -71.26
CA LYS G 296 15.72 22.12 -70.68
C LYS G 296 15.28 21.96 -69.25
N GLN G 297 14.91 23.09 -68.63
CA GLN G 297 14.45 23.13 -67.25
C GLN G 297 13.12 22.39 -67.05
N THR G 298 12.21 22.57 -68.00
CA THR G 298 10.91 21.95 -67.97
C THR G 298 10.92 20.48 -67.57
N PRO G 299 10.17 20.11 -66.52
CA PRO G 299 10.13 18.71 -66.07
C PRO G 299 9.40 17.85 -67.09
N SER G 300 9.69 16.54 -67.10
CA SER G 300 9.09 15.63 -68.06
C SER G 300 7.56 15.60 -68.11
N PHE G 301 6.88 16.02 -67.05
CA PHE G 301 5.42 16.02 -67.11
C PHE G 301 5.02 16.98 -68.22
N TRP G 302 5.50 18.21 -68.11
CA TRP G 302 5.15 19.24 -69.09
C TRP G 302 5.61 18.96 -70.51
N ILE G 303 6.71 18.23 -70.64
CA ILE G 303 7.23 17.84 -71.95
C ILE G 303 6.15 16.95 -72.55
N LEU G 304 5.76 15.93 -71.79
CA LEU G 304 4.72 15.01 -72.21
C LEU G 304 3.41 15.76 -72.48
N ALA G 305 3.17 16.79 -71.68
CA ALA G 305 1.96 17.59 -71.84
C ALA G 305 1.95 18.20 -73.23
N ARG G 306 3.07 18.79 -73.62
CA ARG G 306 3.18 19.42 -74.94
C ARG G 306 3.00 18.38 -76.04
N ALA G 307 3.71 17.26 -75.89
CA ALA G 307 3.63 16.17 -76.86
C ALA G 307 2.16 15.80 -77.04
N LEU G 308 1.45 15.78 -75.93
CA LEU G 308 0.04 15.44 -75.95
C LEU G 308 -0.72 16.56 -76.68
N LYS G 309 -0.33 17.81 -76.45
CA LYS G 309 -0.98 18.96 -77.10
C LYS G 309 -0.76 18.97 -78.61
N GLU G 310 0.40 18.49 -79.05
CA GLU G 310 0.75 18.43 -80.47
C GLU G 310 -0.13 17.41 -81.16
N PHE G 311 -0.27 16.25 -80.52
CA PHE G 311 -1.09 15.17 -81.04
C PHE G 311 -2.45 15.76 -81.36
N VAL G 312 -3.02 16.47 -80.41
CA VAL G 312 -4.34 17.07 -80.58
C VAL G 312 -4.48 17.85 -81.86
N ALA G 313 -3.57 18.78 -82.09
CA ALA G 313 -3.64 19.58 -83.31
C ALA G 313 -3.34 18.76 -84.56
N LYS G 314 -2.55 17.69 -84.44
CA LYS G 314 -2.23 16.87 -85.61
C LYS G 314 -2.96 15.52 -85.72
N GLU G 315 -2.24 14.41 -85.73
CA GLU G 315 -2.85 13.09 -85.88
C GLU G 315 -3.99 12.75 -84.90
N GLY G 316 -4.27 13.66 -83.98
CA GLY G 316 -5.34 13.44 -83.02
C GLY G 316 -6.64 14.01 -83.55
N GLN G 317 -6.55 14.88 -84.54
CA GLN G 317 -7.72 15.48 -85.16
C GLN G 317 -8.66 16.14 -84.16
N GLY G 318 -8.07 16.91 -83.26
CA GLY G 318 -8.87 17.61 -82.27
C GLY G 318 -9.02 16.95 -80.92
N ASN G 319 -8.83 15.64 -80.85
CA ASN G 319 -8.98 14.98 -79.57
C ASN G 319 -7.78 14.21 -79.09
N LEU G 320 -7.77 13.93 -77.78
CA LEU G 320 -6.68 13.21 -77.13
C LEU G 320 -6.53 11.79 -77.73
N PRO G 321 -5.51 11.05 -77.31
CA PRO G 321 -5.31 9.69 -77.81
C PRO G 321 -6.48 8.82 -77.37
N VAL G 322 -6.73 7.72 -78.08
CA VAL G 322 -7.82 6.84 -77.69
C VAL G 322 -7.41 6.15 -76.38
N ARG G 323 -8.32 6.12 -75.41
CA ARG G 323 -8.00 5.51 -74.12
C ARG G 323 -7.56 4.07 -74.31
N GLY G 324 -8.30 3.36 -75.16
CA GLY G 324 -7.97 1.97 -75.47
C GLY G 324 -8.55 0.90 -74.58
N THR G 325 -9.72 1.14 -74.02
CA THR G 325 -10.34 0.16 -73.15
C THR G 325 -11.83 0.34 -73.33
N ILE G 326 -12.58 -0.74 -73.10
CA ILE G 326 -14.02 -0.69 -73.22
C ILE G 326 -14.65 -1.45 -72.08
N PRO G 327 -15.90 -1.11 -71.73
CA PRO G 327 -16.62 -1.77 -70.64
C PRO G 327 -17.01 -3.17 -71.05
N ASP G 328 -17.16 -4.06 -70.06
CA ASP G 328 -17.54 -5.44 -70.33
C ASP G 328 -18.89 -5.43 -71.02
N MET G 329 -19.17 -6.45 -71.82
CA MET G 329 -20.44 -6.49 -72.52
C MET G 329 -20.98 -7.90 -72.71
N ILE G 330 -22.32 -8.01 -72.66
CA ILE G 330 -22.97 -9.30 -72.89
C ILE G 330 -22.76 -9.57 -74.36
N ALA G 331 -21.89 -10.52 -74.66
CA ALA G 331 -21.59 -10.84 -76.05
C ALA G 331 -20.77 -12.11 -76.21
N ASP G 332 -20.66 -12.53 -77.47
CA ASP G 332 -19.92 -13.72 -77.85
C ASP G 332 -18.44 -13.51 -77.51
N SER G 333 -17.73 -14.58 -77.18
CA SER G 333 -16.32 -14.50 -76.83
C SER G 333 -15.45 -13.92 -77.94
N GLY G 334 -15.11 -14.74 -78.93
CA GLY G 334 -14.28 -14.26 -80.02
C GLY G 334 -14.76 -12.94 -80.62
N LYS G 335 -16.03 -12.60 -80.42
CA LYS G 335 -16.58 -11.35 -80.95
C LYS G 335 -16.14 -10.13 -80.12
N TYR G 336 -16.02 -10.34 -78.81
CA TYR G 336 -15.59 -9.29 -77.90
C TYR G 336 -14.10 -9.02 -78.06
N ILE G 337 -13.31 -10.08 -77.97
CA ILE G 337 -11.87 -9.94 -78.08
C ILE G 337 -11.44 -9.29 -79.38
N LYS G 338 -12.33 -9.29 -80.37
CA LYS G 338 -12.04 -8.70 -81.67
C LYS G 338 -12.22 -7.18 -81.58
N LEU G 339 -13.34 -6.77 -81.00
CA LEU G 339 -13.68 -5.36 -80.82
C LEU G 339 -12.72 -4.74 -79.82
N GLN G 340 -12.41 -5.50 -78.79
CA GLN G 340 -11.50 -5.04 -77.75
C GLN G 340 -10.19 -4.67 -78.42
N ASN G 341 -9.69 -5.58 -79.26
CA ASN G 341 -8.44 -5.35 -79.97
C ASN G 341 -8.44 -4.16 -80.92
N VAL G 342 -9.60 -3.71 -81.37
CA VAL G 342 -9.66 -2.56 -82.26
C VAL G 342 -9.04 -1.41 -81.50
N TYR G 343 -9.69 -1.02 -80.40
CA TYR G 343 -9.22 0.06 -79.55
C TYR G 343 -7.82 -0.23 -79.01
N ARG G 344 -7.66 -1.39 -78.38
CA ARG G 344 -6.37 -1.77 -77.84
C ARG G 344 -5.26 -1.55 -78.86
N GLU G 345 -5.61 -1.62 -80.15
CA GLU G 345 -4.64 -1.44 -81.23
C GLU G 345 -4.56 -0.01 -81.78
N LYS G 346 -5.69 0.70 -81.72
CA LYS G 346 -5.71 2.08 -82.16
C LYS G 346 -4.89 2.87 -81.13
N ALA G 347 -5.17 2.62 -79.85
CA ALA G 347 -4.49 3.27 -78.73
C ALA G 347 -3.00 3.09 -78.81
N LYS G 348 -2.56 1.88 -79.09
CA LYS G 348 -1.13 1.60 -79.19
C LYS G 348 -0.50 2.44 -80.30
N LYS G 349 -1.28 2.77 -81.34
CA LYS G 349 -0.76 3.59 -82.43
C LYS G 349 -0.58 4.99 -81.92
N ASP G 350 -1.69 5.61 -81.55
CA ASP G 350 -1.66 6.98 -81.03
C ASP G 350 -0.53 7.17 -80.04
N ALA G 351 -0.34 6.19 -79.16
CA ALA G 351 0.73 6.27 -78.19
C ALA G 351 2.03 6.55 -78.95
N ALA G 352 2.25 5.80 -80.03
CA ALA G 352 3.45 5.95 -80.87
C ALA G 352 3.57 7.35 -81.47
N ALA G 353 2.45 7.92 -81.92
CA ALA G 353 2.45 9.26 -82.51
C ALA G 353 2.89 10.26 -81.46
N VAL G 354 2.30 10.15 -80.27
CA VAL G 354 2.60 11.03 -79.16
C VAL G 354 4.02 10.79 -78.65
N GLY G 355 4.59 9.65 -79.03
CA GLY G 355 5.95 9.34 -78.66
C GLY G 355 6.90 10.01 -79.64
N ASN G 356 6.42 10.20 -80.87
CA ASN G 356 7.22 10.88 -81.90
C ASN G 356 7.43 12.32 -81.42
N HIS G 357 6.31 13.02 -81.23
CA HIS G 357 6.34 14.40 -80.76
C HIS G 357 7.26 14.56 -79.55
N VAL G 358 7.21 13.62 -78.62
CA VAL G 358 8.05 13.72 -77.44
C VAL G 358 9.53 13.86 -77.77
N ALA G 359 10.05 12.97 -78.60
CA ALA G 359 11.46 13.02 -78.95
C ALA G 359 11.82 14.22 -79.82
N LYS G 360 10.87 14.73 -80.60
CA LYS G 360 11.10 15.91 -81.43
C LYS G 360 11.24 17.05 -80.45
N LEU G 361 10.34 17.07 -79.47
CA LEU G 361 10.32 18.09 -78.43
C LEU G 361 11.61 17.99 -77.60
N LEU G 362 11.96 16.78 -77.19
CA LEU G 362 13.17 16.56 -76.41
C LEU G 362 14.39 17.05 -77.18
N GLN G 363 14.34 16.96 -78.50
CA GLN G 363 15.43 17.41 -79.35
C GLN G 363 15.48 18.93 -79.40
N SER G 364 14.34 19.56 -79.74
CA SER G 364 14.28 21.00 -79.82
C SER G 364 14.91 21.60 -78.56
N ILE G 365 14.67 20.91 -77.44
CA ILE G 365 15.19 21.31 -76.14
C ILE G 365 16.63 20.86 -75.99
N GLY G 366 16.98 19.75 -76.62
CA GLY G 366 18.35 19.30 -76.53
C GLY G 366 18.64 18.24 -75.49
N GLN G 367 17.68 17.35 -75.21
CA GLN G 367 17.87 16.27 -74.25
C GLN G 367 17.82 14.95 -75.02
N ALA G 368 18.34 13.88 -74.43
CA ALA G 368 18.36 12.57 -75.10
C ALA G 368 16.97 12.01 -75.38
N PRO G 369 16.67 11.69 -76.64
CA PRO G 369 15.36 11.14 -77.05
C PRO G 369 14.82 10.09 -76.10
N GLU G 370 15.72 9.36 -75.44
CA GLU G 370 15.34 8.31 -74.50
C GLU G 370 15.33 8.86 -73.07
N SER G 371 14.91 10.11 -72.95
CA SER G 371 14.81 10.80 -71.66
C SER G 371 13.54 10.29 -71.01
N ILE G 372 12.50 10.15 -71.83
CA ILE G 372 11.21 9.65 -71.39
C ILE G 372 11.04 8.22 -71.89
N SER G 373 10.74 7.31 -70.96
CA SER G 373 10.57 5.89 -71.28
C SER G 373 9.23 5.60 -71.94
N GLU G 374 9.06 4.39 -72.44
CA GLU G 374 7.81 4.04 -73.07
C GLU G 374 6.76 3.66 -72.05
N LYS G 375 7.19 3.15 -70.89
CA LYS G 375 6.22 2.79 -69.86
C LYS G 375 5.43 4.05 -69.56
N GLU G 376 6.14 5.16 -69.39
CA GLU G 376 5.49 6.43 -69.11
C GLU G 376 4.53 6.75 -70.24
N LEU G 377 5.08 6.92 -71.42
CA LEU G 377 4.29 7.26 -72.59
C LEU G 377 3.05 6.37 -72.71
N LYS G 378 3.20 5.10 -72.35
CA LYS G 378 2.09 4.16 -72.43
C LYS G 378 1.05 4.54 -71.39
N LEU G 379 1.52 4.92 -70.20
CA LEU G 379 0.64 5.31 -69.09
C LEU G 379 0.00 6.69 -69.33
N LEU G 380 0.79 7.61 -69.90
CA LEU G 380 0.31 8.96 -70.17
C LEU G 380 -0.92 8.94 -71.07
N CYS G 381 -0.81 8.24 -72.20
CA CYS G 381 -1.92 8.17 -73.14
C CYS G 381 -3.12 7.46 -72.57
N SER G 382 -2.87 6.43 -71.77
CA SER G 382 -3.95 5.67 -71.15
C SER G 382 -4.70 6.53 -70.16
N ASN G 383 -4.04 7.59 -69.72
CA ASN G 383 -4.61 8.52 -68.76
C ASN G 383 -4.67 9.95 -69.28
N SER G 384 -4.66 10.13 -70.60
CA SER G 384 -4.66 11.50 -71.14
C SER G 384 -5.81 12.40 -70.69
N ALA G 385 -6.97 11.83 -70.39
CA ALA G 385 -8.07 12.68 -69.98
C ALA G 385 -8.18 12.75 -68.47
N PHE G 386 -7.19 12.20 -67.77
CA PHE G 386 -7.24 12.19 -66.30
C PHE G 386 -6.10 12.90 -65.59
N LEU G 387 -5.27 13.59 -66.36
CA LEU G 387 -4.14 14.30 -65.79
C LEU G 387 -4.67 15.37 -64.85
N ARG G 388 -3.91 15.65 -63.80
CA ARG G 388 -4.30 16.67 -62.85
C ARG G 388 -3.06 17.41 -62.38
N VAL G 389 -3.19 18.71 -62.17
CA VAL G 389 -2.09 19.50 -61.65
C VAL G 389 -2.58 20.31 -60.48
N VAL G 390 -1.88 20.17 -59.36
CA VAL G 390 -2.25 20.88 -58.15
C VAL G 390 -1.15 21.86 -57.80
N ARG G 391 -1.57 23.08 -57.44
CA ARG G 391 -0.63 24.10 -57.06
C ARG G 391 -1.10 24.66 -55.74
N CYS G 392 -0.17 24.77 -54.80
CA CYS G 392 -0.52 25.28 -53.49
C CYS G 392 -0.01 26.68 -53.29
N ARG G 393 -0.75 27.46 -52.53
CA ARG G 393 -0.33 28.79 -52.24
C ARG G 393 0.64 28.62 -51.08
N SER G 394 1.75 29.35 -51.08
CA SER G 394 2.72 29.26 -50.00
C SER G 394 2.06 29.66 -48.68
N LEU G 395 2.62 29.18 -47.58
CA LEU G 395 2.05 29.52 -46.29
C LEU G 395 2.13 31.03 -46.13
N ALA G 396 3.27 31.59 -46.53
CA ALA G 396 3.48 33.04 -46.43
C ALA G 396 2.34 33.78 -47.12
N GLU G 397 1.88 33.28 -48.26
CA GLU G 397 0.78 33.93 -48.97
C GLU G 397 -0.50 33.91 -48.12
N GLU G 398 -0.82 32.76 -47.54
CA GLU G 398 -2.02 32.66 -46.74
C GLU G 398 -1.96 33.61 -45.56
N TYR G 399 -0.81 33.70 -44.91
CA TYR G 399 -0.64 34.57 -43.74
C TYR G 399 -0.47 36.08 -44.04
N GLY G 400 -0.07 36.42 -45.27
CA GLY G 400 0.14 37.81 -45.64
C GLY G 400 -1.08 38.74 -45.56
N LEU G 401 -0.84 39.97 -45.10
CA LEU G 401 -1.91 40.95 -44.98
C LEU G 401 -2.61 41.27 -46.29
N ASP G 402 -1.87 41.26 -47.40
CA ASP G 402 -2.50 41.56 -48.68
C ASP G 402 -2.82 40.33 -49.55
N THR G 403 -2.29 39.18 -49.17
CA THR G 403 -2.53 37.99 -49.95
C THR G 403 -3.48 37.00 -49.30
N ILE G 404 -3.98 37.34 -48.11
CA ILE G 404 -4.94 36.46 -47.43
C ILE G 404 -6.17 36.29 -48.31
N ASN G 405 -6.69 35.07 -48.39
CA ASN G 405 -7.86 34.81 -49.20
C ASN G 405 -9.14 35.11 -48.44
N LYS G 406 -9.37 36.38 -48.14
CA LYS G 406 -10.53 36.79 -47.39
C LYS G 406 -11.85 36.35 -48.03
N ASP G 407 -11.90 36.36 -49.34
CA ASP G 407 -13.14 35.97 -49.97
C ASP G 407 -13.55 34.54 -49.65
N GLU G 408 -12.57 33.69 -49.42
CA GLU G 408 -12.83 32.30 -49.10
C GLU G 408 -13.38 32.23 -47.69
N ILE G 409 -12.68 32.86 -46.75
CA ILE G 409 -13.09 32.86 -45.34
C ILE G 409 -14.45 33.50 -45.07
N ILE G 410 -14.68 34.67 -45.64
CA ILE G 410 -15.94 35.39 -45.43
C ILE G 410 -17.12 34.63 -46.02
N SER G 411 -16.90 34.13 -47.23
CA SER G 411 -17.90 33.38 -47.95
C SER G 411 -18.31 32.14 -47.15
N SER G 412 -17.31 31.39 -46.69
CA SER G 412 -17.56 30.18 -45.92
C SER G 412 -18.37 30.43 -44.66
N MET G 413 -18.02 31.50 -43.94
CA MET G 413 -18.68 31.83 -42.68
C MET G 413 -20.16 32.11 -42.73
N ASP G 414 -20.73 32.23 -43.93
CA ASP G 414 -22.16 32.50 -44.04
C ASP G 414 -22.92 31.53 -43.15
N ASN G 415 -22.30 30.39 -42.90
CA ASN G 415 -22.87 29.39 -42.01
C ASN G 415 -22.03 29.48 -40.74
N PRO G 416 -22.62 29.97 -39.65
CA PRO G 416 -21.92 30.11 -38.38
C PRO G 416 -21.16 28.89 -37.92
N ASP G 417 -21.54 27.73 -38.44
CA ASP G 417 -20.90 26.49 -38.03
C ASP G 417 -20.06 25.80 -39.07
N ASN G 418 -19.67 26.52 -40.09
CA ASN G 418 -18.81 25.96 -41.12
C ASN G 418 -17.48 25.66 -40.46
N GLU G 419 -16.90 24.51 -40.76
CA GLU G 419 -15.64 24.12 -40.18
C GLU G 419 -14.61 25.26 -40.11
N ILE G 420 -14.69 26.24 -41.00
CA ILE G 420 -13.73 27.32 -40.96
C ILE G 420 -13.72 28.13 -39.66
N VAL G 421 -14.70 27.93 -38.77
CA VAL G 421 -14.67 28.72 -37.54
C VAL G 421 -13.47 28.24 -36.80
N LEU G 422 -13.28 26.92 -36.84
CA LEU G 422 -12.17 26.27 -36.17
C LEU G 422 -10.83 26.76 -36.70
N TYR G 423 -10.79 27.17 -37.96
CA TYR G 423 -9.56 27.70 -38.54
C TYR G 423 -9.25 29.00 -37.84
N LEU G 424 -10.23 29.90 -37.89
CA LEU G 424 -10.12 31.19 -37.27
C LEU G 424 -9.81 31.05 -35.77
N MET G 425 -10.50 30.13 -35.10
CA MET G 425 -10.25 29.94 -33.68
C MET G 425 -8.81 29.54 -33.47
N LEU G 426 -8.31 28.68 -34.34
CA LEU G 426 -6.93 28.23 -34.29
C LEU G 426 -5.97 29.42 -34.46
N ARG G 427 -6.39 30.43 -35.21
CA ARG G 427 -5.56 31.61 -35.45
C ARG G 427 -5.60 32.53 -34.24
N ALA G 428 -6.72 32.54 -33.54
CA ALA G 428 -6.87 33.37 -32.37
C ALA G 428 -6.05 32.75 -31.28
N VAL G 429 -6.06 31.42 -31.23
CA VAL G 429 -5.32 30.68 -30.25
C VAL G 429 -3.81 30.84 -30.43
N ASP G 430 -3.35 30.98 -31.67
CA ASP G 430 -1.93 31.19 -31.86
C ASP G 430 -1.60 32.63 -31.47
N ARG G 431 -2.49 33.54 -31.81
CA ARG G 431 -2.32 34.94 -31.48
C ARG G 431 -2.26 35.03 -29.97
N PHE G 432 -3.07 34.21 -29.31
CA PHE G 432 -3.11 34.20 -27.86
C PHE G 432 -1.78 33.68 -27.36
N HIS G 433 -1.29 32.63 -28.00
CA HIS G 433 -0.05 32.01 -27.58
C HIS G 433 1.17 32.91 -27.76
N LYS G 434 1.13 33.74 -28.80
CA LYS G 434 2.24 34.63 -29.08
C LYS G 434 2.27 35.69 -28.00
N GLN G 435 1.09 36.19 -27.69
CA GLN G 435 0.90 37.23 -26.71
C GLN G 435 1.00 36.82 -25.24
N GLN G 436 0.55 35.61 -24.92
CA GLN G 436 0.54 35.11 -23.55
C GLN G 436 1.64 34.15 -23.16
N GLY G 437 2.35 33.61 -24.15
CA GLY G 437 3.40 32.67 -23.83
C GLY G 437 2.87 31.29 -23.52
N ARG G 438 1.55 31.13 -23.56
CA ARG G 438 0.93 29.83 -23.28
C ARG G 438 -0.41 29.66 -23.99
N TYR G 439 -0.85 28.39 -24.14
CA TYR G 439 -2.13 28.11 -24.78
C TYR G 439 -3.26 28.35 -23.82
N PRO G 440 -4.41 28.80 -24.34
CA PRO G 440 -5.55 29.07 -23.46
C PRO G 440 -6.19 27.84 -22.83
N GLY G 441 -6.36 27.92 -21.51
CA GLY G 441 -7.03 26.89 -20.76
C GLY G 441 -6.30 25.64 -20.34
N VAL G 442 -4.99 25.57 -20.51
CA VAL G 442 -4.28 24.36 -20.13
C VAL G 442 -4.61 23.89 -18.70
N SER G 443 -4.67 24.82 -17.76
CA SER G 443 -5.01 24.46 -16.38
C SER G 443 -6.44 24.88 -16.08
N ASN G 444 -7.15 24.05 -15.33
CA ASN G 444 -8.54 24.34 -15.01
C ASN G 444 -8.77 25.73 -14.41
N TYR G 445 -7.81 26.23 -13.64
CA TYR G 445 -7.98 27.53 -13.01
C TYR G 445 -7.94 28.70 -13.98
N GLN G 446 -7.51 28.42 -15.20
CA GLN G 446 -7.39 29.47 -16.24
C GLN G 446 -8.56 29.56 -17.22
N VAL G 447 -9.33 28.49 -17.34
CA VAL G 447 -10.45 28.46 -18.26
C VAL G 447 -11.39 29.65 -18.19
N GLU G 448 -11.83 30.00 -16.98
CA GLU G 448 -12.73 31.15 -16.80
C GLU G 448 -12.05 32.43 -17.27
N GLU G 449 -10.89 32.71 -16.67
CA GLU G 449 -10.09 33.90 -16.97
C GLU G 449 -9.71 34.03 -18.46
N ASP G 450 -9.26 32.92 -19.05
CA ASP G 450 -8.83 32.92 -20.44
C ASP G 450 -9.89 33.17 -21.49
N ILE G 451 -11.14 32.84 -21.21
CA ILE G 451 -12.16 33.06 -22.22
C ILE G 451 -12.19 34.51 -22.70
N GLY G 452 -11.98 35.43 -21.77
CA GLY G 452 -11.97 36.83 -22.13
C GLY G 452 -10.81 37.18 -23.05
N LYS G 453 -9.62 36.77 -22.64
CA LYS G 453 -8.40 37.04 -23.39
C LYS G 453 -8.40 36.38 -24.77
N LEU G 454 -9.04 35.22 -24.89
CA LEU G 454 -9.11 34.52 -26.17
C LEU G 454 -10.06 35.28 -27.09
N LYS G 455 -11.20 35.70 -26.55
CA LYS G 455 -12.18 36.47 -27.32
C LYS G 455 -11.52 37.73 -27.91
N SER G 456 -10.74 38.41 -27.07
CA SER G 456 -10.03 39.62 -27.47
C SER G 456 -9.03 39.35 -28.57
N CYS G 457 -8.29 38.24 -28.46
CA CYS G 457 -7.31 37.87 -29.47
C CYS G 457 -8.01 37.55 -30.77
N LEU G 458 -9.17 36.90 -30.66
CA LEU G 458 -9.95 36.55 -31.84
C LEU G 458 -10.29 37.83 -32.60
N THR G 459 -10.66 38.87 -31.86
CA THR G 459 -11.00 40.15 -32.47
C THR G 459 -9.76 40.88 -32.95
N GLY G 460 -8.66 40.73 -32.22
CA GLY G 460 -7.42 41.36 -32.61
C GLY G 460 -7.02 40.79 -33.97
N PHE G 461 -7.23 39.49 -34.12
CA PHE G 461 -6.93 38.79 -35.36
C PHE G 461 -7.82 39.30 -36.49
N LEU G 462 -9.12 39.06 -36.36
CA LEU G 462 -10.10 39.46 -37.37
C LEU G 462 -9.93 40.88 -37.85
N GLN G 463 -9.67 41.82 -36.93
CA GLN G 463 -9.49 43.23 -37.33
C GLN G 463 -8.24 43.41 -38.17
N GLU G 464 -7.14 42.81 -37.74
CA GLU G 464 -5.88 42.92 -38.46
C GLU G 464 -5.98 42.54 -39.94
N TYR G 465 -6.73 41.49 -40.25
CA TYR G 465 -6.87 41.08 -41.65
C TYR G 465 -8.13 41.70 -42.22
N GLY G 466 -8.89 42.33 -41.34
CA GLY G 466 -10.12 42.97 -41.77
C GLY G 466 -11.13 41.96 -42.30
N LEU G 467 -11.69 41.17 -41.40
CA LEU G 467 -12.67 40.16 -41.76
C LEU G 467 -13.90 40.32 -40.91
N SER G 468 -14.97 40.85 -41.49
CA SER G 468 -16.22 41.00 -40.76
C SER G 468 -16.97 39.67 -40.74
N VAL G 469 -16.80 38.94 -39.65
CA VAL G 469 -17.43 37.64 -39.50
C VAL G 469 -17.87 37.41 -38.08
N MET G 470 -19.02 36.75 -37.95
CA MET G 470 -19.62 36.45 -36.65
C MET G 470 -19.18 35.08 -36.18
N VAL G 471 -18.52 35.06 -35.02
CA VAL G 471 -18.07 33.81 -34.43
C VAL G 471 -18.87 33.55 -33.15
N LYS G 472 -19.79 32.61 -33.19
CA LYS G 472 -20.59 32.31 -32.00
C LYS G 472 -19.65 32.26 -30.78
N ASP G 473 -19.95 33.05 -29.76
CA ASP G 473 -19.13 33.08 -28.55
C ASP G 473 -18.94 31.69 -27.98
N ASP G 474 -19.80 30.78 -28.38
CA ASP G 474 -19.71 29.41 -27.89
C ASP G 474 -18.45 28.72 -28.38
N TYR G 475 -17.82 29.24 -29.43
CA TYR G 475 -16.60 28.61 -29.90
C TYR G 475 -15.43 29.07 -29.06
N VAL G 476 -15.51 30.27 -28.49
CA VAL G 476 -14.42 30.72 -27.67
C VAL G 476 -14.37 29.86 -26.41
N HIS G 477 -15.54 29.55 -25.84
CA HIS G 477 -15.58 28.72 -24.63
C HIS G 477 -14.93 27.38 -24.90
N GLU G 478 -15.46 26.68 -25.91
CA GLU G 478 -14.99 25.36 -26.29
C GLU G 478 -13.48 25.24 -26.46
N PHE G 479 -12.87 26.18 -27.18
CA PHE G 479 -11.43 26.11 -27.37
C PHE G 479 -10.63 26.22 -26.08
N CYS G 480 -11.21 26.84 -25.06
CA CYS G 480 -10.51 26.94 -23.78
C CYS G 480 -10.74 25.63 -23.07
N ARG G 481 -11.92 25.08 -23.27
CA ARG G 481 -12.30 23.82 -22.66
C ARG G 481 -11.29 22.78 -23.14
N TYR G 482 -10.95 22.89 -24.42
CA TYR G 482 -10.00 21.99 -25.05
C TYR G 482 -8.64 21.95 -24.36
N GLY G 483 -8.28 23.05 -23.74
CA GLY G 483 -6.99 23.11 -23.05
C GLY G 483 -5.82 22.65 -23.91
N ALA G 484 -5.96 22.83 -25.23
CA ALA G 484 -4.90 22.44 -26.16
C ALA G 484 -4.53 20.98 -26.03
N ALA G 485 -5.49 20.12 -25.67
CA ALA G 485 -5.19 18.72 -25.52
C ALA G 485 -5.06 18.04 -26.86
N GLU G 486 -4.36 16.92 -26.88
CA GLU G 486 -4.18 16.16 -28.11
C GLU G 486 -4.81 14.81 -27.86
N PRO G 487 -6.15 14.74 -27.85
CA PRO G 487 -6.84 13.47 -27.62
C PRO G 487 -6.52 12.48 -28.76
N HIS G 488 -6.03 11.30 -28.38
CA HIS G 488 -5.64 10.27 -29.34
C HIS G 488 -6.54 10.01 -30.54
N THR G 489 -7.81 9.71 -30.30
CA THR G 489 -8.72 9.41 -31.41
C THR G 489 -8.73 10.51 -32.48
N ILE G 490 -8.55 11.76 -32.07
CA ILE G 490 -8.54 12.85 -33.04
C ILE G 490 -7.22 12.74 -33.78
N ALA G 491 -6.18 12.45 -33.02
CA ALA G 491 -4.84 12.31 -33.58
C ALA G 491 -4.79 11.11 -34.52
N ALA G 492 -5.42 10.00 -34.13
CA ALA G 492 -5.44 8.79 -34.96
C ALA G 492 -6.06 9.13 -36.31
N PHE G 493 -7.14 9.91 -36.28
CA PHE G 493 -7.85 10.33 -37.49
C PHE G 493 -6.86 10.97 -38.45
N LEU G 494 -6.27 12.08 -38.02
CA LEU G 494 -5.28 12.79 -38.80
C LEU G 494 -4.18 11.82 -39.25
N GLY G 495 -3.73 11.00 -38.31
CA GLY G 495 -2.71 10.03 -38.63
C GLY G 495 -3.07 9.32 -39.92
N GLY G 496 -4.28 8.77 -40.00
CA GLY G 496 -4.72 8.06 -41.19
C GLY G 496 -4.88 8.93 -42.43
N ALA G 497 -5.55 10.06 -42.27
CA ALA G 497 -5.80 10.97 -43.40
C ALA G 497 -4.53 11.51 -44.02
N ALA G 498 -3.63 12.01 -43.16
CA ALA G 498 -2.38 12.60 -43.64
C ALA G 498 -1.43 11.57 -44.20
N ALA G 499 -1.35 10.42 -43.53
CA ALA G 499 -0.48 9.34 -43.97
C ALA G 499 -0.70 9.05 -45.46
N GLN G 500 -1.97 8.98 -45.87
CA GLN G 500 -2.33 8.71 -47.26
C GLN G 500 -1.98 9.91 -48.16
N GLU G 501 -2.11 11.13 -47.62
CA GLU G 501 -1.76 12.31 -48.41
C GLU G 501 -0.27 12.32 -48.69
N VAL G 502 0.48 11.70 -47.78
CA VAL G 502 1.93 11.62 -47.96
C VAL G 502 2.21 10.62 -49.08
N ILE G 503 1.55 9.46 -49.01
CA ILE G 503 1.70 8.39 -50.00
C ILE G 503 1.28 8.84 -51.39
N LYS G 504 0.24 9.67 -51.46
CA LYS G 504 -0.21 10.19 -52.74
C LYS G 504 0.97 10.95 -53.27
N ILE G 505 1.54 11.80 -52.41
CA ILE G 505 2.72 12.62 -52.79
C ILE G 505 3.89 11.77 -53.27
N ILE G 506 4.23 10.73 -52.50
CA ILE G 506 5.35 9.84 -52.84
C ILE G 506 5.15 9.03 -54.13
N THR G 507 3.97 8.43 -54.29
CA THR G 507 3.72 7.63 -55.48
C THR G 507 3.19 8.49 -56.60
N LYS G 508 2.96 9.77 -56.31
CA LYS G 508 2.41 10.66 -57.32
C LYS G 508 1.22 9.95 -57.94
N GLN G 509 0.48 9.19 -57.14
CA GLN G 509 -0.62 8.45 -57.72
C GLN G 509 -2.06 8.90 -57.53
N PHE G 510 -2.42 9.55 -56.45
CA PHE G 510 -3.81 9.92 -56.48
C PHE G 510 -3.85 11.42 -56.55
N VAL G 511 -4.94 12.03 -56.10
CA VAL G 511 -4.98 13.48 -56.14
C VAL G 511 -5.06 14.04 -54.73
N ILE G 512 -4.06 14.84 -54.37
CA ILE G 512 -3.96 15.44 -53.04
C ILE G 512 -4.98 16.57 -52.86
N PHE G 513 -5.42 16.81 -51.62
CA PHE G 513 -6.37 17.89 -51.35
C PHE G 513 -5.68 19.23 -51.65
N ASN G 514 -6.44 20.32 -51.78
CA ASN G 514 -5.74 21.54 -52.13
C ASN G 514 -5.17 22.41 -51.11
N ASN G 515 -5.84 22.69 -50.01
CA ASN G 515 -5.05 23.51 -49.15
C ASN G 515 -5.10 23.25 -47.70
N THR G 516 -6.26 23.49 -47.15
CA THR G 516 -6.42 23.29 -45.75
C THR G 516 -7.57 22.33 -45.55
N TYR G 517 -7.30 21.30 -44.76
CA TYR G 517 -8.30 20.31 -44.44
C TYR G 517 -8.60 20.45 -42.97
N ILE G 518 -9.87 20.65 -42.65
CA ILE G 518 -10.27 20.79 -41.25
C ILE G 518 -11.30 19.73 -40.89
N TYR G 519 -10.99 18.95 -39.86
CA TYR G 519 -11.89 17.92 -39.40
C TYR G 519 -12.38 18.32 -38.02
N SER G 520 -13.69 18.16 -37.84
CA SER G 520 -14.32 18.49 -36.58
C SER G 520 -14.81 17.22 -35.92
N GLY G 521 -14.16 16.83 -34.83
CA GLY G 521 -14.55 15.63 -34.11
C GLY G 521 -15.87 15.83 -33.40
N MET G 522 -16.18 17.07 -33.03
CA MET G 522 -17.45 17.36 -32.35
C MET G 522 -18.64 16.92 -33.16
N SER G 523 -18.72 17.41 -34.38
CA SER G 523 -19.83 17.09 -35.25
C SER G 523 -19.50 15.95 -36.22
N GLN G 524 -18.26 15.48 -36.16
CA GLN G 524 -17.81 14.40 -37.03
C GLN G 524 -18.02 14.84 -38.47
N THR G 525 -17.51 16.01 -38.83
CA THR G 525 -17.64 16.50 -40.20
C THR G 525 -16.34 17.17 -40.60
N SER G 526 -16.14 17.36 -41.89
CA SER G 526 -14.90 17.96 -42.38
C SER G 526 -15.07 18.69 -43.70
N ALA G 527 -14.11 19.57 -44.01
CA ALA G 527 -14.16 20.34 -45.25
C ALA G 527 -12.81 20.79 -45.72
N THR G 528 -12.72 21.17 -46.98
CA THR G 528 -11.47 21.59 -47.56
C THR G 528 -11.53 23.04 -48.03
N PHE G 529 -10.51 23.82 -47.70
CA PHE G 529 -10.47 25.21 -48.12
C PHE G 529 -9.16 25.51 -48.82
N GLN G 530 -9.15 26.56 -49.63
CA GLN G 530 -7.95 26.99 -50.34
C GLN G 530 -7.65 28.34 -49.70
N LEU G 531 -6.59 28.40 -48.90
CA LEU G 531 -6.26 29.64 -48.22
C LEU G 531 -4.95 30.32 -48.64
N LEU H 3 -2.05 1.43 -10.90
CA LEU H 3 -2.26 2.90 -10.82
C LEU H 3 -1.76 3.65 -12.06
N ASP H 4 -2.06 4.94 -12.12
CA ASP H 4 -1.70 5.76 -13.27
C ASP H 4 -0.65 6.82 -12.92
N TRP H 5 0.36 6.94 -13.77
CA TRP H 5 1.40 7.91 -13.52
C TRP H 5 0.93 9.31 -13.83
N GLU H 6 1.53 10.27 -13.13
CA GLU H 6 1.19 11.69 -13.30
C GLU H 6 1.00 12.18 -14.73
N GLY H 7 -0.21 12.67 -15.02
CA GLY H 7 -0.53 13.21 -16.34
C GLY H 7 -1.03 12.23 -17.38
N ARG H 8 -1.01 10.94 -17.06
CA ARG H 8 -1.45 9.91 -17.99
C ARG H 8 -2.75 10.17 -18.73
N TRP H 9 -3.73 10.76 -18.07
CA TRP H 9 -5.01 10.98 -18.70
C TRP H 9 -5.44 12.43 -18.88
N ASN H 10 -4.52 13.37 -18.79
CA ASN H 10 -4.95 14.75 -18.95
C ASN H 10 -5.64 14.98 -20.27
N HIS H 11 -5.23 14.24 -21.28
CA HIS H 11 -5.81 14.40 -22.60
C HIS H 11 -7.24 13.91 -22.67
N VAL H 12 -7.78 13.55 -21.52
CA VAL H 12 -9.14 13.05 -21.42
C VAL H 12 -9.88 13.88 -20.37
N LYS H 13 -9.21 14.11 -19.24
CA LYS H 13 -9.80 14.86 -18.14
C LYS H 13 -10.38 16.20 -18.55
N LYS H 14 -9.83 16.82 -19.58
CA LYS H 14 -10.31 18.10 -20.05
C LYS H 14 -11.79 17.99 -20.39
N PHE H 15 -12.15 16.91 -21.07
CA PHE H 15 -13.52 16.68 -21.49
C PHE H 15 -14.47 16.13 -20.42
N LEU H 16 -13.94 15.49 -19.38
CA LEU H 16 -14.81 14.96 -18.33
C LEU H 16 -14.96 15.90 -17.13
N GLU H 17 -13.91 16.70 -16.87
CA GLU H 17 -13.91 17.64 -15.74
C GLU H 17 -14.34 19.04 -16.12
N ARG H 18 -14.69 19.27 -17.38
CA ARG H 18 -15.09 20.64 -17.75
C ARG H 18 -16.41 20.83 -18.52
N SER H 19 -17.18 21.82 -18.12
CA SER H 19 -18.43 22.14 -18.79
C SER H 19 -18.14 22.68 -20.19
N GLY H 20 -19.08 22.56 -21.10
CA GLY H 20 -18.85 23.05 -22.44
C GLY H 20 -20.14 23.40 -23.15
N PRO H 21 -20.10 24.22 -24.21
CA PRO H 21 -21.34 24.57 -24.91
C PRO H 21 -21.82 23.39 -25.73
N PHE H 22 -20.89 22.73 -26.41
CA PHE H 22 -21.22 21.59 -27.26
C PHE H 22 -21.36 20.29 -26.50
N THR H 23 -21.50 20.41 -25.18
CA THR H 23 -21.65 19.25 -24.33
C THR H 23 -23.04 18.66 -24.49
N HIS H 24 -23.17 17.37 -24.28
CA HIS H 24 -24.45 16.70 -24.35
C HIS H 24 -25.21 17.21 -23.12
N PRO H 25 -26.55 17.34 -23.21
CA PRO H 25 -27.36 17.81 -22.09
C PRO H 25 -27.32 17.02 -20.76
N ASP H 26 -27.20 15.70 -20.85
CA ASP H 26 -27.13 14.89 -19.63
C ASP H 26 -25.76 14.99 -18.98
N PHE H 27 -24.89 15.82 -19.55
CA PHE H 27 -23.53 15.93 -19.05
C PHE H 27 -23.40 16.47 -17.66
N GLU H 28 -22.39 15.99 -16.96
CA GLU H 28 -22.11 16.42 -15.61
C GLU H 28 -20.60 16.48 -15.38
N PRO H 29 -20.04 17.69 -15.36
CA PRO H 29 -18.61 17.84 -15.15
C PRO H 29 -18.26 17.28 -13.79
N SER H 30 -17.32 16.35 -13.75
CA SER H 30 -16.94 15.77 -12.48
C SER H 30 -15.52 15.28 -12.52
N THR H 31 -14.93 15.24 -11.35
CA THR H 31 -13.57 14.83 -11.24
C THR H 31 -13.49 13.33 -10.89
N GLU H 32 -14.62 12.65 -10.91
CA GLU H 32 -14.64 11.21 -10.60
C GLU H 32 -15.01 10.40 -11.84
N SER H 33 -15.54 11.10 -12.84
CA SER H 33 -15.97 10.48 -14.09
C SER H 33 -14.95 9.47 -14.68
N LEU H 34 -13.73 9.93 -14.93
CA LEU H 34 -12.65 9.12 -15.52
C LEU H 34 -12.35 7.81 -14.82
N GLN H 35 -12.35 7.87 -13.49
CA GLN H 35 -12.07 6.68 -12.70
C GLN H 35 -13.22 5.71 -12.91
N PHE H 36 -14.44 6.25 -12.91
CA PHE H 36 -15.64 5.47 -13.11
C PHE H 36 -15.57 4.79 -14.49
N LEU H 37 -15.34 5.58 -15.54
CA LEU H 37 -15.22 5.06 -16.89
C LEU H 37 -14.28 3.88 -16.87
N LEU H 38 -13.05 4.17 -16.46
CA LEU H 38 -11.98 3.18 -16.37
C LEU H 38 -12.35 1.85 -15.68
N ASP H 39 -13.10 1.94 -14.59
CA ASP H 39 -13.47 0.75 -13.84
C ASP H 39 -14.63 -0.05 -14.38
N THR H 40 -15.80 0.59 -14.44
CA THR H 40 -17.03 -0.06 -14.85
C THR H 40 -17.42 -0.19 -16.32
N CYS H 41 -17.11 0.80 -17.13
CA CYS H 41 -17.52 0.71 -18.52
C CYS H 41 -16.96 -0.47 -19.31
N LYS H 42 -17.85 -1.42 -19.60
CA LYS H 42 -17.55 -2.63 -20.34
C LYS H 42 -17.87 -2.41 -21.82
N VAL H 43 -16.90 -2.65 -22.70
CA VAL H 43 -17.13 -2.46 -24.12
C VAL H 43 -16.68 -3.67 -24.91
N LEU H 44 -17.51 -4.09 -25.85
CA LEU H 44 -17.23 -5.25 -26.68
C LEU H 44 -16.83 -4.82 -28.07
N VAL H 45 -15.68 -5.31 -28.54
CA VAL H 45 -15.20 -4.98 -29.88
C VAL H 45 -15.33 -6.21 -30.75
N ILE H 46 -16.18 -6.15 -31.78
CA ILE H 46 -16.38 -7.29 -32.65
C ILE H 46 -15.48 -7.21 -33.89
N GLY H 47 -14.56 -8.17 -34.01
CA GLY H 47 -13.62 -8.21 -35.12
C GLY H 47 -12.28 -7.69 -34.65
N ALA H 48 -11.18 -8.33 -35.07
CA ALA H 48 -9.86 -7.88 -34.64
C ALA H 48 -8.83 -7.90 -35.75
N GLY H 49 -9.06 -7.09 -36.77
CA GLY H 49 -8.18 -7.00 -37.90
C GLY H 49 -8.64 -5.75 -38.60
N GLY H 50 -7.72 -4.94 -39.13
CA GLY H 50 -8.12 -3.70 -39.79
C GLY H 50 -8.70 -2.78 -38.73
N LEU H 51 -10.01 -2.55 -38.78
CA LEU H 51 -10.66 -1.71 -37.79
C LEU H 51 -10.49 -2.24 -36.36
N GLY H 52 -10.59 -3.56 -36.21
CA GLY H 52 -10.45 -4.16 -34.90
C GLY H 52 -9.19 -3.73 -34.16
N CYS H 53 -8.03 -3.91 -34.77
CA CYS H 53 -6.77 -3.50 -34.12
C CYS H 53 -6.83 -2.05 -33.78
N GLU H 54 -7.03 -1.23 -34.80
CA GLU H 54 -7.10 0.20 -34.64
C GLU H 54 -8.07 0.63 -33.51
N LEU H 55 -9.24 -0.01 -33.44
CA LEU H 55 -10.23 0.31 -32.40
C LEU H 55 -9.76 0.04 -30.96
N LEU H 56 -9.15 -1.13 -30.76
CA LEU H 56 -8.63 -1.50 -29.45
C LEU H 56 -7.59 -0.50 -28.98
N LYS H 57 -6.74 -0.04 -29.88
CA LYS H 57 -5.74 0.96 -29.50
C LYS H 57 -6.44 2.27 -29.11
N ASN H 58 -7.33 2.72 -29.98
CA ASN H 58 -8.05 3.95 -29.74
C ASN H 58 -8.83 3.89 -28.43
N LEU H 59 -9.55 2.81 -28.20
CA LEU H 59 -10.33 2.72 -26.96
C LEU H 59 -9.47 2.76 -25.70
N ALA H 60 -8.38 2.01 -25.75
CA ALA H 60 -7.45 1.91 -24.64
C ALA H 60 -6.87 3.26 -24.20
N LEU H 61 -6.45 4.05 -25.18
CA LEU H 61 -5.86 5.36 -24.92
C LEU H 61 -6.87 6.45 -24.68
N SER H 62 -8.14 6.11 -24.78
CA SER H 62 -9.17 7.11 -24.55
C SER H 62 -9.78 6.97 -23.16
N GLY H 63 -9.18 6.12 -22.34
CA GLY H 63 -9.68 5.96 -21.00
C GLY H 63 -10.46 4.68 -20.76
N PHE H 64 -10.53 3.79 -21.74
CA PHE H 64 -11.25 2.52 -21.55
C PHE H 64 -10.34 1.42 -21.03
N ARG H 65 -10.85 0.60 -20.12
CA ARG H 65 -10.03 -0.46 -19.57
C ARG H 65 -10.65 -1.84 -19.73
N GLN H 66 -11.95 -1.94 -19.47
CA GLN H 66 -12.69 -3.21 -19.53
C GLN H 66 -13.17 -3.55 -20.93
N ILE H 67 -12.29 -4.08 -21.76
CA ILE H 67 -12.63 -4.37 -23.14
C ILE H 67 -12.53 -5.85 -23.56
N HIS H 68 -13.51 -6.33 -24.32
CA HIS H 68 -13.52 -7.72 -24.80
C HIS H 68 -13.49 -7.67 -26.32
N VAL H 69 -12.83 -8.64 -26.95
CA VAL H 69 -12.75 -8.68 -28.40
C VAL H 69 -13.06 -10.07 -28.91
N ILE H 70 -14.02 -10.14 -29.83
CA ILE H 70 -14.42 -11.40 -30.41
C ILE H 70 -13.88 -11.42 -31.83
N ASP H 71 -13.17 -12.48 -32.19
CA ASP H 71 -12.67 -12.67 -33.54
C ASP H 71 -12.33 -14.15 -33.65
N MET H 72 -12.90 -14.77 -34.67
CA MET H 72 -12.73 -16.18 -34.94
C MET H 72 -11.58 -16.45 -35.90
N ASP H 73 -10.78 -15.44 -36.19
CA ASP H 73 -9.69 -15.61 -37.15
C ASP H 73 -8.31 -15.97 -36.67
N THR H 74 -7.51 -16.41 -37.62
CA THR H 74 -6.13 -16.81 -37.44
C THR H 74 -5.26 -15.78 -38.16
N ILE H 75 -4.12 -15.43 -37.58
CA ILE H 75 -3.27 -14.44 -38.24
C ILE H 75 -2.70 -14.99 -39.52
N ASP H 76 -2.62 -14.11 -40.51
CA ASP H 76 -2.11 -14.48 -41.83
C ASP H 76 -1.07 -13.45 -42.26
N VAL H 77 -0.27 -13.78 -43.25
CA VAL H 77 0.77 -12.87 -43.71
C VAL H 77 0.24 -11.57 -44.32
N SER H 78 -0.80 -11.64 -45.15
CA SER H 78 -1.39 -10.47 -45.78
C SER H 78 -1.92 -9.43 -44.78
N ASN H 79 -2.29 -9.89 -43.58
CA ASN H 79 -2.79 -9.01 -42.54
C ASN H 79 -1.78 -7.94 -42.15
N LEU H 80 -0.54 -8.39 -41.98
CA LEU H 80 0.55 -7.56 -41.52
C LEU H 80 0.77 -6.15 -42.05
N ASN H 81 0.23 -5.81 -43.22
CA ASN H 81 0.41 -4.46 -43.78
C ASN H 81 -0.48 -3.37 -43.15
N ARG H 82 -1.45 -3.77 -42.32
CA ARG H 82 -2.39 -2.85 -41.68
C ARG H 82 -2.92 -3.26 -40.30
N GLN H 83 -2.47 -4.41 -39.79
CA GLN H 83 -2.90 -4.90 -38.47
C GLN H 83 -1.68 -4.95 -37.56
N PHE H 84 -1.22 -3.75 -37.21
CA PHE H 84 -0.03 -3.50 -36.40
C PHE H 84 0.16 -4.23 -35.09
N LEU H 85 -0.87 -4.94 -34.62
CA LEU H 85 -0.73 -5.67 -33.35
C LEU H 85 -0.14 -7.07 -33.57
N PHE H 86 0.09 -7.42 -34.84
CA PHE H 86 0.65 -8.72 -35.19
C PHE H 86 2.01 -8.59 -35.88
N ARG H 87 2.96 -9.40 -35.45
CA ARG H 87 4.29 -9.42 -36.04
C ARG H 87 4.25 -10.69 -36.90
N PRO H 88 5.34 -11.01 -37.64
CA PRO H 88 5.37 -12.21 -38.48
C PRO H 88 5.55 -13.44 -37.61
N LYS H 89 6.15 -13.25 -36.45
CA LYS H 89 6.38 -14.33 -35.51
C LYS H 89 5.03 -14.86 -35.05
N ASP H 90 4.07 -13.94 -34.96
CA ASP H 90 2.73 -14.30 -34.51
C ASP H 90 1.82 -14.93 -35.57
N ILE H 91 2.33 -15.11 -36.79
CA ILE H 91 1.49 -15.73 -37.81
C ILE H 91 1.00 -17.08 -37.32
N GLY H 92 -0.18 -17.47 -37.78
CA GLY H 92 -0.76 -18.75 -37.37
C GLY H 92 -1.62 -18.71 -36.12
N ARG H 93 -1.32 -17.79 -35.21
CA ARG H 93 -2.08 -17.68 -33.96
C ARG H 93 -3.45 -17.02 -34.13
N PRO H 94 -4.26 -17.00 -33.06
CA PRO H 94 -5.58 -16.37 -33.17
C PRO H 94 -5.54 -14.86 -32.89
N LYS H 95 -5.90 -14.07 -33.90
CA LYS H 95 -5.90 -12.63 -33.78
C LYS H 95 -6.36 -12.17 -32.40
N ALA H 96 -7.59 -12.50 -32.06
CA ALA H 96 -8.16 -12.11 -30.77
C ALA H 96 -7.18 -12.28 -29.59
N GLU H 97 -6.44 -13.39 -29.58
CA GLU H 97 -5.47 -13.67 -28.52
C GLU H 97 -4.27 -12.70 -28.61
N VAL H 98 -3.52 -12.81 -29.71
CA VAL H 98 -2.35 -11.97 -29.94
C VAL H 98 -2.63 -10.47 -29.69
N ALA H 99 -3.80 -10.02 -30.11
CA ALA H 99 -4.19 -8.63 -29.95
C ALA H 99 -4.34 -8.14 -28.51
N ALA H 100 -4.96 -8.95 -27.65
CA ALA H 100 -5.16 -8.56 -26.26
C ALA H 100 -3.82 -8.64 -25.58
N GLU H 101 -3.01 -9.59 -26.07
CA GLU H 101 -1.67 -9.82 -25.58
C GLU H 101 -0.86 -8.55 -25.75
N PHE H 102 -0.69 -8.15 -27.02
CA PHE H 102 0.03 -6.94 -27.37
C PHE H 102 -0.53 -5.77 -26.56
N LEU H 103 -1.78 -5.42 -26.84
CA LEU H 103 -2.44 -4.32 -26.14
C LEU H 103 -2.25 -4.32 -24.63
N ASN H 104 -2.60 -5.41 -23.96
CA ASN H 104 -2.46 -5.48 -22.51
C ASN H 104 -1.05 -5.17 -22.07
N ASP H 105 -0.11 -5.41 -22.97
CA ASP H 105 1.28 -5.15 -22.69
C ASP H 105 1.66 -3.69 -22.96
N ARG H 106 1.38 -3.19 -24.17
CA ARG H 106 1.72 -1.83 -24.54
C ARG H 106 1.01 -0.77 -23.70
N VAL H 107 -0.23 -1.03 -23.33
CA VAL H 107 -0.94 -0.06 -22.51
C VAL H 107 -1.14 -0.56 -21.08
N PRO H 108 -0.23 -0.13 -20.19
CA PRO H 108 -0.13 -0.42 -18.77
C PRO H 108 -1.16 -1.28 -18.09
N ASN H 109 -2.33 -0.75 -17.81
CA ASN H 109 -3.27 -1.61 -17.10
C ASN H 109 -4.53 -1.94 -17.84
N CYS H 110 -4.38 -2.29 -19.11
CA CYS H 110 -5.55 -2.62 -19.89
C CYS H 110 -6.02 -4.01 -19.49
N ASN H 111 -7.31 -4.28 -19.65
CA ASN H 111 -7.89 -5.57 -19.26
C ASN H 111 -8.65 -6.15 -20.46
N VAL H 112 -7.96 -6.17 -21.59
CA VAL H 112 -8.54 -6.68 -22.81
C VAL H 112 -8.70 -8.19 -22.74
N VAL H 113 -9.94 -8.67 -22.82
CA VAL H 113 -10.25 -10.10 -22.78
C VAL H 113 -10.56 -10.64 -24.16
N PRO H 114 -9.79 -11.61 -24.63
CA PRO H 114 -10.04 -12.17 -25.96
C PRO H 114 -11.07 -13.28 -25.94
N HIS H 115 -11.76 -13.44 -27.06
CA HIS H 115 -12.78 -14.48 -27.25
C HIS H 115 -12.49 -15.02 -28.63
N PHE H 116 -11.98 -16.23 -28.68
CA PHE H 116 -11.67 -16.83 -29.95
C PHE H 116 -12.86 -17.60 -30.49
N ASN H 117 -13.73 -16.93 -31.25
CA ASN H 117 -14.90 -17.60 -31.80
C ASN H 117 -15.85 -16.76 -32.68
N LYS H 118 -16.80 -17.43 -33.33
CA LYS H 118 -17.79 -16.79 -34.19
C LYS H 118 -18.72 -15.95 -33.31
N ILE H 119 -19.17 -14.81 -33.79
CA ILE H 119 -20.04 -13.98 -32.97
C ILE H 119 -21.37 -14.65 -32.73
N GLN H 120 -21.60 -15.75 -33.45
CA GLN H 120 -22.84 -16.53 -33.34
C GLN H 120 -22.84 -17.58 -32.24
N ASP H 121 -21.70 -17.79 -31.58
CA ASP H 121 -21.62 -18.77 -30.51
C ASP H 121 -22.21 -18.16 -29.23
N PHE H 122 -22.38 -16.85 -29.24
CA PHE H 122 -22.92 -16.21 -28.06
C PHE H 122 -24.40 -15.86 -28.24
N ASN H 123 -25.09 -15.70 -27.12
CA ASN H 123 -26.50 -15.35 -27.19
C ASN H 123 -26.78 -14.22 -26.22
N ASP H 124 -27.86 -13.48 -26.47
CA ASP H 124 -28.24 -12.34 -25.64
C ASP H 124 -27.65 -12.27 -24.24
N THR H 125 -27.68 -13.37 -23.51
CA THR H 125 -27.13 -13.42 -22.15
C THR H 125 -25.76 -12.73 -22.11
N PHE H 126 -24.91 -13.10 -23.07
CA PHE H 126 -23.56 -12.57 -23.20
C PHE H 126 -23.50 -11.12 -23.62
N TYR H 127 -24.28 -10.73 -24.63
CA TYR H 127 -24.24 -9.34 -25.09
C TYR H 127 -24.97 -8.39 -24.16
N ARG H 128 -25.92 -8.89 -23.41
CA ARG H 128 -26.64 -8.02 -22.52
C ARG H 128 -25.69 -7.32 -21.54
N GLN H 129 -24.51 -7.90 -21.32
CA GLN H 129 -23.56 -7.36 -20.33
C GLN H 129 -22.67 -6.18 -20.72
N PHE H 130 -22.66 -5.81 -21.99
CA PHE H 130 -21.84 -4.70 -22.40
C PHE H 130 -22.62 -3.41 -22.48
N HIS H 131 -21.91 -2.29 -22.41
CA HIS H 131 -22.54 -0.98 -22.48
C HIS H 131 -22.54 -0.38 -23.86
N ILE H 132 -21.52 -0.72 -24.66
CA ILE H 132 -21.42 -0.24 -26.03
C ILE H 132 -20.73 -1.34 -26.80
N ILE H 133 -21.15 -1.58 -28.03
CA ILE H 133 -20.52 -2.61 -28.83
C ILE H 133 -20.04 -1.94 -30.11
N VAL H 134 -18.82 -2.26 -30.54
CA VAL H 134 -18.26 -1.65 -31.73
C VAL H 134 -17.94 -2.70 -32.78
N CYS H 135 -18.29 -2.40 -34.02
CA CYS H 135 -18.04 -3.31 -35.12
C CYS H 135 -16.79 -3.01 -35.91
N GLY H 136 -16.43 -3.99 -36.74
CA GLY H 136 -15.26 -3.92 -37.58
C GLY H 136 -15.23 -5.28 -38.24
N LEU H 137 -16.42 -5.66 -38.71
CA LEU H 137 -16.67 -6.93 -39.39
C LEU H 137 -16.24 -6.78 -40.84
N ASP H 138 -16.36 -7.85 -41.63
CA ASP H 138 -15.97 -7.76 -43.03
C ASP H 138 -16.87 -8.55 -43.95
N SER H 139 -18.09 -8.78 -43.47
CA SER H 139 -19.13 -9.48 -44.20
C SER H 139 -20.42 -8.73 -43.85
N ILE H 140 -21.37 -8.69 -44.78
CA ILE H 140 -22.58 -7.98 -44.45
C ILE H 140 -23.43 -8.76 -43.45
N ILE H 141 -23.48 -10.08 -43.64
CA ILE H 141 -24.25 -10.99 -42.81
C ILE H 141 -24.02 -10.83 -41.32
N ALA H 142 -22.76 -10.65 -40.93
CA ALA H 142 -22.43 -10.50 -39.54
C ALA H 142 -22.99 -9.18 -39.07
N ARG H 143 -22.82 -8.13 -39.88
CA ARG H 143 -23.34 -6.84 -39.45
C ARG H 143 -24.82 -7.04 -39.25
N ARG H 144 -25.44 -7.81 -40.15
CA ARG H 144 -26.87 -8.09 -40.05
C ARG H 144 -27.19 -8.84 -38.77
N TRP H 145 -26.51 -9.97 -38.56
CA TRP H 145 -26.72 -10.80 -37.37
C TRP H 145 -26.61 -10.03 -36.05
N ILE H 146 -25.49 -9.38 -35.82
CA ILE H 146 -25.32 -8.66 -34.56
C ILE H 146 -26.31 -7.49 -34.38
N ASN H 147 -26.96 -7.10 -35.47
CA ASN H 147 -27.92 -6.00 -35.46
C ASN H 147 -29.21 -6.50 -34.85
N GLY H 148 -29.59 -7.72 -35.20
CA GLY H 148 -30.81 -8.29 -34.63
C GLY H 148 -30.60 -8.58 -33.16
N MET H 149 -29.47 -9.20 -32.85
CA MET H 149 -29.09 -9.56 -31.49
C MET H 149 -29.27 -8.39 -30.54
N LEU H 150 -28.74 -7.24 -30.94
CA LEU H 150 -28.83 -6.03 -30.13
C LEU H 150 -30.26 -5.57 -30.01
N ILE H 151 -31.04 -5.81 -31.06
CA ILE H 151 -32.46 -5.41 -31.07
C ILE H 151 -33.31 -6.32 -30.19
N SER H 152 -33.03 -7.62 -30.23
CA SER H 152 -33.76 -8.60 -29.43
C SER H 152 -33.62 -8.33 -27.94
N LEU H 153 -32.59 -7.58 -27.56
CA LEU H 153 -32.34 -7.24 -26.16
C LEU H 153 -33.26 -6.14 -25.68
N LEU H 154 -33.90 -5.47 -26.64
CA LEU H 154 -34.81 -4.37 -26.35
C LEU H 154 -36.00 -4.87 -25.57
N ASN H 155 -36.25 -4.19 -24.46
CA ASN H 155 -37.32 -4.53 -23.55
C ASN H 155 -38.44 -3.49 -23.62
N TYR H 156 -39.61 -3.89 -24.09
CA TYR H 156 -40.73 -2.94 -24.16
C TYR H 156 -41.69 -3.05 -22.97
N GLU H 157 -41.62 -2.05 -22.10
CA GLU H 157 -42.48 -1.99 -20.92
C GLU H 157 -43.91 -1.68 -21.37
N ASP H 158 -44.56 -2.68 -21.97
CA ASP H 158 -45.93 -2.53 -22.44
C ASP H 158 -46.08 -1.33 -23.37
N GLY H 159 -45.74 -1.51 -24.64
CA GLY H 159 -45.86 -0.42 -25.59
C GLY H 159 -44.70 0.55 -25.58
N VAL H 160 -44.39 1.06 -24.38
CA VAL H 160 -43.28 2.00 -24.21
C VAL H 160 -41.98 1.21 -24.10
N LEU H 161 -40.91 1.78 -24.66
CA LEU H 161 -39.59 1.14 -24.62
C LEU H 161 -38.88 1.49 -23.33
N ASP H 162 -38.15 0.53 -22.77
CA ASP H 162 -37.37 0.75 -21.55
C ASP H 162 -35.99 1.13 -22.06
N PRO H 163 -35.59 2.40 -21.89
CA PRO H 163 -34.30 2.94 -22.31
C PRO H 163 -33.07 2.21 -21.79
N SER H 164 -33.14 1.72 -20.56
CA SER H 164 -32.00 1.01 -19.99
C SER H 164 -31.70 -0.35 -20.62
N SER H 165 -32.34 -0.67 -21.74
CA SER H 165 -32.09 -1.96 -22.40
C SER H 165 -31.58 -1.73 -23.82
N ILE H 166 -31.22 -0.48 -24.10
CA ILE H 166 -30.71 -0.11 -25.41
C ILE H 166 -29.19 -0.16 -25.37
N VAL H 167 -28.60 -1.02 -26.18
CA VAL H 167 -27.15 -1.16 -26.21
C VAL H 167 -26.64 -0.50 -27.47
N PRO H 168 -25.97 0.66 -27.33
CA PRO H 168 -25.43 1.38 -28.48
C PRO H 168 -24.48 0.54 -29.29
N LEU H 169 -24.69 0.58 -30.60
CA LEU H 169 -23.90 -0.16 -31.58
C LEU H 169 -23.28 0.79 -32.62
N ILE H 170 -21.97 0.91 -32.62
CA ILE H 170 -21.27 1.75 -33.59
C ILE H 170 -20.74 0.77 -34.62
N ASP H 171 -20.91 1.07 -35.91
CA ASP H 171 -20.40 0.17 -36.95
C ASP H 171 -19.43 0.84 -37.92
N GLY H 172 -18.39 0.11 -38.30
CA GLY H 172 -17.41 0.65 -39.21
C GLY H 172 -17.36 -0.23 -40.43
N GLY H 173 -16.83 0.33 -41.51
CA GLY H 173 -16.72 -0.41 -42.75
C GLY H 173 -15.61 0.26 -43.52
N THR H 174 -14.78 -0.54 -44.16
CA THR H 174 -13.65 -0.02 -44.91
C THR H 174 -13.60 -0.79 -46.20
N GLU H 175 -12.97 -0.23 -47.22
CA GLU H 175 -12.87 -0.91 -48.51
C GLU H 175 -12.05 0.00 -49.41
N GLY H 176 -10.74 -0.19 -49.40
CA GLY H 176 -9.86 0.64 -50.22
C GLY H 176 -9.75 2.02 -49.61
N PHE H 177 -9.68 3.06 -50.44
CA PHE H 177 -9.59 4.40 -49.90
C PHE H 177 -10.97 4.97 -49.55
N LYS H 178 -11.93 4.07 -49.33
CA LYS H 178 -13.30 4.44 -48.95
C LYS H 178 -13.71 3.79 -47.65
N GLY H 179 -14.46 4.50 -46.83
CA GLY H 179 -14.88 3.92 -45.56
C GLY H 179 -16.11 4.65 -45.06
N ASN H 180 -16.72 4.12 -44.00
CA ASN H 180 -17.91 4.74 -43.43
C ASN H 180 -18.13 4.23 -42.01
N ALA H 181 -18.92 4.97 -41.24
CA ALA H 181 -19.23 4.63 -39.88
C ALA H 181 -20.64 5.09 -39.60
N GLN H 182 -21.35 4.32 -38.80
CA GLN H 182 -22.72 4.62 -38.43
C GLN H 182 -22.86 4.53 -36.91
N VAL H 183 -23.89 5.11 -36.34
CA VAL H 183 -24.07 5.02 -34.90
C VAL H 183 -25.51 4.57 -34.79
N ILE H 184 -25.73 3.44 -34.11
CA ILE H 184 -27.05 2.88 -33.95
C ILE H 184 -27.56 2.87 -32.52
N LEU H 185 -28.84 3.21 -32.35
CA LEU H 185 -29.41 3.18 -31.02
C LEU H 185 -30.70 2.35 -31.14
N PRO H 186 -30.57 1.02 -31.19
CA PRO H 186 -31.67 0.07 -31.31
C PRO H 186 -33.04 0.54 -30.81
N GLY H 187 -33.96 0.70 -31.75
CA GLY H 187 -35.30 1.14 -31.40
C GLY H 187 -35.35 2.62 -31.09
N MET H 188 -34.56 3.42 -31.81
CA MET H 188 -34.48 4.88 -31.63
C MET H 188 -33.91 5.48 -32.89
N THR H 189 -32.91 4.80 -33.43
CA THR H 189 -32.21 5.24 -34.60
C THR H 189 -32.27 4.15 -35.66
N ALA H 190 -31.93 4.51 -36.89
CA ALA H 190 -31.91 3.57 -37.99
C ALA H 190 -30.96 2.42 -37.65
N CYS H 191 -31.38 1.19 -37.92
CA CYS H 191 -30.55 0.02 -37.65
C CYS H 191 -29.80 -0.34 -38.94
N ILE H 192 -29.05 -1.43 -38.91
CA ILE H 192 -28.29 -1.86 -40.07
C ILE H 192 -29.25 -2.24 -41.20
N GLU H 193 -30.40 -2.77 -40.81
CA GLU H 193 -31.43 -3.17 -41.75
C GLU H 193 -32.00 -1.92 -42.44
N CYS H 194 -32.41 -0.95 -41.63
CA CYS H 194 -32.96 0.30 -42.12
C CYS H 194 -32.17 0.92 -43.28
N THR H 195 -30.87 0.59 -43.35
CA THR H 195 -30.02 1.16 -44.39
C THR H 195 -29.31 0.08 -45.19
N LEU H 196 -29.90 -1.11 -45.21
CA LEU H 196 -29.33 -2.24 -45.93
C LEU H 196 -29.19 -1.94 -47.41
N GLU H 197 -29.80 -0.86 -47.88
CA GLU H 197 -29.77 -0.54 -49.31
C GLU H 197 -28.61 0.32 -49.76
N LEU H 198 -27.92 0.93 -48.81
CA LEU H 198 -26.79 1.77 -49.14
C LEU H 198 -25.65 0.92 -49.64
N TYR H 199 -25.82 -0.39 -49.58
CA TYR H 199 -24.77 -1.27 -50.05
C TYR H 199 -24.81 -1.35 -51.56
N PRO H 200 -23.68 -1.73 -52.16
CA PRO H 200 -23.60 -1.85 -53.61
C PRO H 200 -24.21 -3.17 -54.08
N PRO H 201 -24.31 -3.36 -55.40
CA PRO H 201 -24.87 -4.62 -55.91
C PRO H 201 -23.74 -5.63 -56.00
N GLN H 202 -24.03 -6.92 -55.85
CA GLN H 202 -22.95 -7.90 -55.96
C GLN H 202 -22.81 -8.40 -57.40
N VAL H 203 -21.66 -8.13 -58.01
CA VAL H 203 -21.37 -8.52 -59.39
C VAL H 203 -21.43 -10.04 -59.58
N ASN H 204 -22.63 -10.55 -59.87
CA ASN H 204 -22.84 -11.99 -60.09
C ASN H 204 -22.70 -12.42 -61.54
N PHE H 205 -21.52 -12.91 -61.91
CA PHE H 205 -21.26 -13.37 -63.27
C PHE H 205 -22.37 -14.29 -63.75
N PRO H 206 -23.05 -13.90 -64.84
CA PRO H 206 -24.13 -14.73 -65.39
C PRO H 206 -23.56 -16.10 -65.79
N MET H 207 -24.08 -17.16 -65.18
CA MET H 207 -23.60 -18.52 -65.44
C MET H 207 -23.30 -18.82 -66.90
N ALA H 208 -24.09 -18.27 -67.81
CA ALA H 208 -23.87 -18.48 -69.23
C ALA H 208 -22.43 -18.15 -69.58
N THR H 209 -22.13 -16.86 -69.63
CA THR H 209 -20.81 -16.36 -69.96
C THR H 209 -19.63 -17.03 -69.27
N ILE H 210 -19.80 -17.45 -68.03
CA ILE H 210 -18.72 -18.09 -67.28
C ILE H 210 -18.04 -19.24 -68.02
N ALA H 211 -18.84 -20.11 -68.64
CA ALA H 211 -18.28 -21.24 -69.38
C ALA H 211 -18.89 -21.36 -70.77
N SER H 212 -18.91 -20.25 -71.50
CA SER H 212 -19.47 -20.21 -72.85
C SER H 212 -18.94 -18.99 -73.61
N MET H 213 -19.25 -17.81 -73.06
CA MET H 213 -18.83 -16.53 -73.64
C MET H 213 -17.82 -15.77 -72.75
N PRO H 214 -16.74 -16.43 -72.32
CA PRO H 214 -15.75 -15.77 -71.47
C PRO H 214 -15.03 -14.66 -72.22
N ARG H 215 -15.12 -13.43 -71.70
CA ARG H 215 -14.47 -12.28 -72.31
C ARG H 215 -13.58 -11.51 -71.33
N LEU H 216 -13.43 -12.04 -70.12
CA LEU H 216 -12.62 -11.40 -69.10
C LEU H 216 -11.84 -12.41 -68.25
N PRO H 217 -10.60 -12.05 -67.88
CA PRO H 217 -9.73 -12.89 -67.07
C PRO H 217 -10.42 -13.46 -65.84
N GLU H 218 -11.41 -12.73 -65.32
CA GLU H 218 -12.14 -13.19 -64.14
C GLU H 218 -13.01 -14.37 -64.54
N HIS H 219 -13.57 -14.32 -65.74
CA HIS H 219 -14.42 -15.40 -66.24
C HIS H 219 -13.59 -16.66 -66.42
N CYS H 220 -12.32 -16.47 -66.75
CA CYS H 220 -11.39 -17.57 -66.94
C CYS H 220 -10.70 -17.94 -65.63
N ILE H 221 -11.43 -17.79 -64.53
CA ILE H 221 -10.95 -18.14 -63.20
C ILE H 221 -12.19 -18.62 -62.48
N GLU H 222 -13.25 -17.81 -62.57
CA GLU H 222 -14.51 -18.14 -61.95
C GLU H 222 -14.93 -19.51 -62.48
N TYR H 223 -14.47 -19.85 -63.69
CA TYR H 223 -14.78 -21.15 -64.26
C TYR H 223 -13.90 -22.19 -63.59
N VAL H 224 -12.59 -22.02 -63.72
CA VAL H 224 -11.61 -22.92 -63.14
C VAL H 224 -11.78 -23.11 -61.64
N ARG H 225 -12.80 -22.49 -61.08
CA ARG H 225 -13.06 -22.59 -59.65
C ARG H 225 -14.45 -23.11 -59.35
N MET H 226 -15.42 -22.55 -60.05
CA MET H 226 -16.82 -22.89 -59.87
C MET H 226 -17.24 -24.15 -60.64
N LEU H 227 -16.39 -24.62 -61.55
CA LEU H 227 -16.72 -25.80 -62.35
C LEU H 227 -15.59 -26.82 -62.57
N GLN H 228 -14.50 -26.42 -63.22
CA GLN H 228 -13.40 -27.35 -63.48
C GLN H 228 -12.80 -28.01 -62.23
N TRP H 229 -12.68 -27.30 -61.11
CA TRP H 229 -12.12 -27.92 -59.90
C TRP H 229 -13.08 -28.98 -59.40
N PRO H 230 -14.36 -28.64 -59.25
CA PRO H 230 -15.27 -29.67 -58.79
C PRO H 230 -15.26 -30.87 -59.76
N LYS H 231 -15.17 -30.61 -61.05
CA LYS H 231 -15.15 -31.68 -62.04
C LYS H 231 -13.83 -32.42 -62.18
N GLU H 232 -12.88 -32.16 -61.28
CA GLU H 232 -11.58 -32.82 -61.34
C GLU H 232 -10.82 -32.61 -60.03
N GLN H 233 -11.35 -33.11 -58.91
CA GLN H 233 -10.68 -32.92 -57.63
C GLN H 233 -9.19 -33.15 -57.84
N PRO H 234 -8.41 -32.06 -57.87
CA PRO H 234 -6.96 -32.06 -58.06
C PRO H 234 -6.24 -32.71 -56.90
N PHE H 235 -6.77 -32.54 -55.70
CA PHE H 235 -6.18 -33.10 -54.50
C PHE H 235 -7.15 -34.09 -53.83
N GLY H 236 -7.50 -35.15 -54.55
CA GLY H 236 -8.40 -36.14 -54.01
C GLY H 236 -9.86 -35.68 -53.99
N GLU H 237 -10.76 -36.58 -54.39
CA GLU H 237 -12.18 -36.27 -54.44
C GLU H 237 -12.66 -35.72 -53.10
N GLY H 238 -13.72 -34.92 -53.13
CA GLY H 238 -14.26 -34.36 -51.90
C GLY H 238 -13.45 -33.26 -51.24
N VAL H 239 -12.16 -33.15 -51.58
CA VAL H 239 -11.33 -32.12 -50.98
C VAL H 239 -11.67 -30.74 -51.58
N PRO H 240 -12.04 -29.79 -50.72
CA PRO H 240 -12.42 -28.42 -51.09
C PRO H 240 -11.29 -27.50 -51.57
N LEU H 241 -11.68 -26.46 -52.27
CA LEU H 241 -10.73 -25.47 -52.77
C LEU H 241 -10.39 -24.58 -51.59
N ASP H 242 -9.13 -24.63 -51.17
CA ASP H 242 -8.67 -23.86 -50.03
C ASP H 242 -7.98 -22.58 -50.48
N GLY H 243 -8.75 -21.50 -50.54
CA GLY H 243 -8.21 -20.22 -50.97
C GLY H 243 -6.87 -19.80 -50.41
N ASP H 244 -6.66 -20.08 -49.13
CA ASP H 244 -5.41 -19.69 -48.49
C ASP H 244 -4.26 -20.62 -48.82
N ASP H 245 -4.54 -21.74 -49.49
CA ASP H 245 -3.49 -22.70 -49.86
C ASP H 245 -2.81 -22.28 -51.16
N PRO H 246 -1.54 -21.86 -51.07
CA PRO H 246 -0.75 -21.43 -52.22
C PRO H 246 -0.64 -22.44 -53.35
N GLU H 247 -1.12 -23.65 -53.12
CA GLU H 247 -1.06 -24.67 -54.15
C GLU H 247 -2.31 -24.74 -54.99
N HIS H 248 -3.46 -24.56 -54.35
CA HIS H 248 -4.72 -24.60 -55.08
C HIS H 248 -4.78 -23.35 -55.95
N ILE H 249 -4.18 -22.27 -55.47
CA ILE H 249 -4.18 -21.04 -56.25
C ILE H 249 -3.33 -21.29 -57.47
N GLN H 250 -2.17 -21.91 -57.28
CA GLN H 250 -1.25 -22.20 -58.38
C GLN H 250 -1.93 -23.10 -59.41
N TRP H 251 -2.63 -24.12 -58.92
CA TRP H 251 -3.35 -25.05 -59.80
C TRP H 251 -4.49 -24.32 -60.49
N ILE H 252 -5.15 -23.41 -59.79
CA ILE H 252 -6.26 -22.66 -60.37
C ILE H 252 -5.71 -21.63 -61.34
N PHE H 253 -4.60 -21.00 -60.97
CA PHE H 253 -4.00 -20.01 -61.85
C PHE H 253 -3.60 -20.70 -63.14
N GLN H 254 -2.98 -21.87 -62.97
CA GLN H 254 -2.50 -22.67 -64.10
C GLN H 254 -3.64 -23.13 -65.01
N LYS H 255 -4.70 -23.64 -64.41
CA LYS H 255 -5.83 -24.11 -65.19
C LYS H 255 -6.64 -22.93 -65.71
N SER H 256 -6.23 -21.73 -65.27
CA SER H 256 -6.87 -20.49 -65.68
C SER H 256 -6.19 -19.96 -66.94
N LEU H 257 -4.86 -20.06 -66.96
CA LEU H 257 -4.09 -19.62 -68.10
C LEU H 257 -4.54 -20.40 -69.32
N GLU H 258 -4.72 -21.70 -69.12
CA GLU H 258 -5.16 -22.59 -70.18
C GLU H 258 -6.54 -22.17 -70.69
N ARG H 259 -7.47 -21.94 -69.77
CA ARG H 259 -8.82 -21.53 -70.17
C ARG H 259 -8.81 -20.17 -70.86
N ALA H 260 -7.93 -19.30 -70.38
CA ALA H 260 -7.79 -17.96 -70.93
C ALA H 260 -7.20 -18.10 -72.32
N SER H 261 -6.12 -18.86 -72.40
CA SER H 261 -5.44 -19.10 -73.66
C SER H 261 -6.44 -19.62 -74.68
N GLN H 262 -7.35 -20.48 -74.24
CA GLN H 262 -8.36 -21.06 -75.13
C GLN H 262 -9.19 -20.00 -75.85
N TYR H 263 -9.56 -18.94 -75.13
CA TYR H 263 -10.36 -17.88 -75.74
C TYR H 263 -9.54 -16.59 -75.93
N ASN H 264 -8.22 -16.72 -75.88
CA ASN H 264 -7.27 -15.61 -76.04
C ASN H 264 -7.62 -14.33 -75.27
N ILE H 265 -7.84 -14.47 -73.97
CA ILE H 265 -8.16 -13.32 -73.12
C ILE H 265 -6.95 -13.04 -72.26
N ARG H 266 -6.22 -11.97 -72.60
CA ARG H 266 -5.06 -11.62 -71.81
C ARG H 266 -5.58 -11.06 -70.49
N GLY H 267 -4.74 -11.06 -69.46
CA GLY H 267 -5.18 -10.51 -68.20
C GLY H 267 -5.21 -11.48 -67.05
N VAL H 268 -4.84 -12.73 -67.28
CA VAL H 268 -4.83 -13.67 -66.18
C VAL H 268 -3.48 -13.56 -65.50
N THR H 269 -3.52 -13.51 -64.17
CA THR H 269 -2.32 -13.41 -63.38
C THR H 269 -2.57 -14.06 -62.02
N TYR H 270 -1.49 -14.27 -61.28
CA TYR H 270 -1.62 -14.88 -59.98
C TYR H 270 -2.43 -13.99 -59.04
N ARG H 271 -2.00 -12.73 -58.92
CA ARG H 271 -2.69 -11.78 -58.05
C ARG H 271 -4.17 -11.67 -58.42
N LEU H 272 -4.47 -11.58 -59.71
CA LEU H 272 -5.88 -11.51 -60.12
C LEU H 272 -6.59 -12.82 -59.76
N THR H 273 -5.90 -13.95 -59.92
CA THR H 273 -6.47 -15.25 -59.61
C THR H 273 -6.70 -15.40 -58.11
N GLN H 274 -5.81 -14.83 -57.33
CA GLN H 274 -5.92 -14.86 -55.88
C GLN H 274 -7.09 -14.00 -55.48
N GLY H 275 -7.27 -12.89 -56.21
CA GLY H 275 -8.33 -11.96 -55.91
C GLY H 275 -9.71 -12.50 -56.22
N VAL H 276 -9.84 -13.28 -57.29
CA VAL H 276 -11.13 -13.84 -57.68
C VAL H 276 -11.56 -14.98 -56.76
N VAL H 277 -10.63 -15.91 -56.56
CA VAL H 277 -10.85 -17.08 -55.72
C VAL H 277 -11.16 -16.72 -54.26
N LYS H 278 -10.67 -15.58 -53.79
CA LYS H 278 -10.90 -15.16 -52.40
C LYS H 278 -11.74 -13.90 -52.24
N ARG H 279 -12.26 -13.36 -53.34
CA ARG H 279 -13.07 -12.12 -53.29
C ARG H 279 -12.35 -11.03 -52.48
N ILE H 280 -11.04 -10.90 -52.69
CA ILE H 280 -10.20 -9.93 -51.99
C ILE H 280 -10.60 -8.49 -52.17
N ILE H 281 -10.50 -7.73 -51.09
CA ILE H 281 -10.81 -6.30 -51.09
C ILE H 281 -9.53 -5.54 -50.73
N PRO H 282 -8.96 -4.81 -51.69
CA PRO H 282 -7.73 -4.05 -51.41
C PRO H 282 -7.86 -3.23 -50.14
N ALA H 283 -6.86 -3.31 -49.27
CA ALA H 283 -6.91 -2.60 -47.99
C ALA H 283 -5.60 -1.95 -47.53
N VAL H 284 -5.69 -0.73 -47.03
CA VAL H 284 -4.54 0.00 -46.54
C VAL H 284 -4.79 0.30 -45.09
N ALA H 285 -3.73 0.56 -44.33
CA ALA H 285 -3.86 0.86 -42.91
C ALA H 285 -4.50 2.25 -42.68
N SER H 286 -4.17 3.17 -43.58
CA SER H 286 -4.67 4.53 -43.51
C SER H 286 -6.17 4.70 -43.33
N THR H 287 -6.97 4.08 -44.20
CA THR H 287 -8.43 4.20 -44.10
C THR H 287 -8.96 3.63 -42.79
N ASN H 288 -8.35 2.53 -42.34
CA ASN H 288 -8.79 1.89 -41.13
C ASN H 288 -8.48 2.74 -39.90
N ALA H 289 -7.38 3.47 -39.97
CA ALA H 289 -7.03 4.34 -38.87
C ALA H 289 -8.10 5.42 -38.76
N VAL H 290 -8.63 5.85 -39.91
CA VAL H 290 -9.65 6.89 -39.97
C VAL H 290 -10.99 6.45 -39.41
N ILE H 291 -11.57 5.38 -39.97
CA ILE H 291 -12.87 4.96 -39.45
C ILE H 291 -12.78 4.58 -37.97
N ALA H 292 -11.81 3.74 -37.64
CA ALA H 292 -11.63 3.31 -36.26
C ALA H 292 -11.46 4.49 -35.32
N ALA H 293 -10.99 5.61 -35.87
CA ALA H 293 -10.78 6.82 -35.08
C ALA H 293 -12.11 7.48 -34.82
N VAL H 294 -12.90 7.58 -35.88
CA VAL H 294 -14.22 8.20 -35.78
C VAL H 294 -15.06 7.38 -34.79
N CYS H 295 -15.14 6.08 -35.02
CA CYS H 295 -15.92 5.20 -34.17
C CYS H 295 -15.56 5.25 -32.70
N ALA H 296 -14.26 5.35 -32.41
CA ALA H 296 -13.82 5.38 -31.03
C ALA H 296 -14.33 6.66 -30.39
N THR H 297 -14.18 7.77 -31.12
CA THR H 297 -14.62 9.08 -30.64
C THR H 297 -16.11 9.03 -30.29
N GLU H 298 -16.88 8.18 -30.97
CA GLU H 298 -18.31 8.05 -30.69
C GLU H 298 -18.48 7.23 -29.43
N VAL H 299 -17.75 6.12 -29.35
CA VAL H 299 -17.83 5.26 -28.17
C VAL H 299 -17.52 6.15 -26.98
N PHE H 300 -16.53 7.03 -27.12
CA PHE H 300 -16.18 7.92 -26.04
C PHE H 300 -17.36 8.81 -25.72
N LYS H 301 -17.88 9.46 -26.77
CA LYS H 301 -19.02 10.36 -26.60
C LYS H 301 -20.20 9.67 -25.96
N ILE H 302 -20.58 8.51 -26.49
CA ILE H 302 -21.70 7.74 -25.97
C ILE H 302 -21.55 7.30 -24.52
N ALA H 303 -20.34 7.03 -24.06
CA ALA H 303 -20.17 6.60 -22.69
C ALA H 303 -20.04 7.78 -21.74
N THR H 304 -19.55 8.92 -22.22
CA THR H 304 -19.34 10.06 -21.34
C THR H 304 -20.35 11.21 -21.38
N SER H 305 -20.94 11.45 -22.54
CA SER H 305 -21.87 12.56 -22.69
C SER H 305 -21.03 13.84 -22.75
N ALA H 306 -19.81 13.72 -23.24
CA ALA H 306 -18.93 14.86 -23.35
C ALA H 306 -19.42 15.72 -24.52
N TYR H 307 -20.03 15.04 -25.50
CA TYR H 307 -20.59 15.69 -26.68
C TYR H 307 -21.74 14.86 -27.20
N ILE H 308 -22.46 15.43 -28.15
CA ILE H 308 -23.58 14.74 -28.75
C ILE H 308 -23.06 13.75 -29.80
N PRO H 309 -23.45 12.47 -29.66
CA PRO H 309 -23.08 11.35 -30.52
C PRO H 309 -23.53 11.57 -31.97
N LEU H 310 -22.73 11.15 -32.93
CA LEU H 310 -23.04 11.32 -34.35
C LEU H 310 -24.46 10.93 -34.75
N ASN H 311 -25.25 11.92 -35.23
CA ASN H 311 -26.55 11.44 -35.69
C ASN H 311 -26.17 10.84 -37.03
N ASN H 312 -26.59 9.60 -37.06
CA ASN H 312 -26.37 8.57 -38.06
C ASN H 312 -25.18 8.31 -38.90
N TYR H 313 -25.10 8.84 -40.06
CA TYR H 313 -24.06 8.33 -40.92
C TYR H 313 -22.88 9.19 -41.39
N LEU H 314 -21.72 8.55 -41.59
CA LEU H 314 -20.53 9.22 -42.08
C LEU H 314 -19.94 8.38 -43.17
N VAL H 315 -19.63 9.00 -44.30
CA VAL H 315 -19.01 8.31 -45.43
C VAL H 315 -17.69 9.06 -45.72
N PHE H 316 -16.66 8.32 -46.09
CA PHE H 316 -15.35 8.92 -46.31
C PHE H 316 -14.66 8.45 -47.58
N ASN H 317 -13.99 9.35 -48.27
CA ASN H 317 -13.27 8.99 -49.49
C ASN H 317 -11.93 9.73 -49.58
N ASP H 318 -10.86 8.97 -49.76
CA ASP H 318 -9.48 9.45 -49.79
C ASP H 318 -8.92 9.71 -51.19
N VAL H 319 -9.49 9.05 -52.20
CA VAL H 319 -9.04 9.12 -53.58
C VAL H 319 -8.67 10.48 -54.17
N ASP H 320 -9.63 11.39 -54.25
CA ASP H 320 -9.40 12.72 -54.79
C ASP H 320 -9.57 13.73 -53.65
N GLY H 321 -8.46 14.13 -53.04
CA GLY H 321 -8.53 15.05 -51.92
C GLY H 321 -9.16 14.30 -50.77
N LEU H 322 -9.77 15.01 -49.84
CA LEU H 322 -10.43 14.37 -48.72
C LEU H 322 -11.87 14.77 -48.72
N TYR H 323 -12.75 13.80 -48.54
CA TYR H 323 -14.14 14.11 -48.54
C TYR H 323 -14.91 13.26 -47.54
N THR H 324 -15.84 13.89 -46.86
CA THR H 324 -16.66 13.17 -45.92
C THR H 324 -18.01 13.81 -46.05
N TYR H 325 -19.05 13.02 -45.79
CA TYR H 325 -20.41 13.51 -45.82
C TYR H 325 -21.08 12.88 -44.60
N THR H 326 -21.74 13.69 -43.78
CA THR H 326 -22.39 13.17 -42.60
C THR H 326 -23.86 13.49 -42.74
N PHE H 327 -24.72 12.57 -42.31
CA PHE H 327 -26.14 12.82 -42.40
C PHE H 327 -26.93 11.96 -41.44
N GLU H 328 -28.23 12.16 -41.40
CA GLU H 328 -29.10 11.43 -40.50
C GLU H 328 -29.98 10.42 -41.23
N ALA H 329 -29.48 9.22 -41.47
CA ALA H 329 -30.25 8.20 -42.16
C ALA H 329 -31.58 8.04 -41.46
N GLU H 330 -32.64 7.84 -42.23
CA GLU H 330 -34.01 7.70 -41.68
C GLU H 330 -34.25 6.27 -41.20
N ARG H 331 -34.99 6.13 -40.12
CA ARG H 331 -35.32 4.81 -39.59
C ARG H 331 -36.68 4.43 -40.16
N LYS H 332 -36.69 3.40 -40.99
CA LYS H 332 -37.90 2.93 -41.63
C LYS H 332 -38.89 2.38 -40.61
N GLU H 333 -40.12 2.89 -40.62
CA GLU H 333 -41.13 2.43 -39.66
C GLU H 333 -41.69 1.07 -40.04
N ASN H 334 -41.35 0.62 -41.24
CA ASN H 334 -41.81 -0.68 -41.72
C ASN H 334 -40.77 -1.76 -41.43
N CYS H 335 -39.51 -1.35 -41.34
CA CYS H 335 -38.36 -2.24 -41.11
C CYS H 335 -38.64 -3.57 -40.44
N PRO H 336 -38.23 -4.66 -41.10
CA PRO H 336 -38.43 -6.02 -40.59
C PRO H 336 -37.78 -6.16 -39.21
N ALA H 337 -36.62 -5.55 -39.02
CA ALA H 337 -35.87 -5.59 -37.77
C ALA H 337 -36.40 -4.66 -36.69
N CYS H 338 -36.16 -3.36 -36.85
CA CYS H 338 -36.58 -2.29 -35.93
C CYS H 338 -38.02 -2.28 -35.47
N SER H 339 -38.93 -2.47 -36.42
CA SER H 339 -40.37 -2.47 -36.15
C SER H 339 -40.77 -3.10 -34.82
N GLN H 340 -41.25 -2.28 -33.89
CA GLN H 340 -41.68 -2.78 -32.59
C GLN H 340 -42.90 -3.67 -32.76
N LEU H 341 -43.39 -3.79 -34.00
CA LEU H 341 -44.55 -4.60 -34.28
C LEU H 341 -44.37 -5.37 -35.57
N PRO H 342 -45.29 -6.29 -35.88
CA PRO H 342 -45.23 -7.11 -37.09
C PRO H 342 -45.33 -6.33 -38.41
N GLN H 343 -45.15 -7.05 -39.52
CA GLN H 343 -45.22 -6.43 -40.84
C GLN H 343 -46.50 -6.80 -41.58
N ASN H 344 -47.17 -5.79 -42.14
CA ASN H 344 -48.39 -6.02 -42.89
C ASN H 344 -48.06 -6.43 -44.32
N ILE H 345 -48.44 -7.65 -44.71
CA ILE H 345 -48.17 -8.13 -46.05
C ILE H 345 -49.44 -8.27 -46.85
N GLN H 346 -49.52 -7.53 -47.95
CA GLN H 346 -50.70 -7.60 -48.82
C GLN H 346 -50.54 -8.88 -49.62
N PHE H 347 -51.57 -9.74 -49.57
CA PHE H 347 -51.49 -11.00 -50.30
C PHE H 347 -52.83 -11.70 -50.46
N SER H 348 -53.21 -11.91 -51.72
CA SER H 348 -54.47 -12.59 -52.05
C SER H 348 -54.29 -14.07 -51.71
N PRO H 349 -55.19 -14.60 -50.87
CA PRO H 349 -55.17 -16.00 -50.43
C PRO H 349 -55.13 -17.00 -51.58
N SER H 350 -55.02 -16.48 -52.80
CA SER H 350 -54.97 -17.31 -53.99
C SER H 350 -53.51 -17.66 -54.31
N ALA H 351 -52.62 -16.69 -54.12
CA ALA H 351 -51.20 -16.85 -54.40
C ALA H 351 -50.52 -18.02 -53.69
N LYS H 352 -49.53 -18.59 -54.37
CA LYS H 352 -48.76 -19.70 -53.85
C LYS H 352 -47.77 -19.26 -52.81
N LEU H 353 -47.03 -20.24 -52.30
CA LEU H 353 -46.02 -20.01 -51.30
C LEU H 353 -44.78 -19.36 -51.91
N GLN H 354 -44.13 -20.06 -52.83
CA GLN H 354 -42.92 -19.58 -53.49
C GLN H 354 -42.95 -18.07 -53.77
N GLU H 355 -44.15 -17.57 -54.07
CA GLU H 355 -44.33 -16.14 -54.37
C GLU H 355 -44.42 -15.28 -53.11
N VAL H 356 -44.11 -15.88 -51.97
CA VAL H 356 -44.12 -15.18 -50.68
C VAL H 356 -42.80 -15.49 -50.03
N LEU H 357 -42.18 -16.58 -50.47
CA LEU H 357 -40.88 -16.96 -49.96
C LEU H 357 -39.89 -16.03 -50.64
N ASP H 358 -39.97 -15.97 -51.97
CA ASP H 358 -39.11 -15.14 -52.78
C ASP H 358 -39.30 -13.66 -52.51
N TYR H 359 -40.41 -13.33 -51.86
CA TYR H 359 -40.67 -11.95 -51.51
C TYR H 359 -39.69 -11.57 -50.42
N LEU H 360 -39.36 -12.55 -49.58
CA LEU H 360 -38.42 -12.34 -48.49
C LEU H 360 -37.00 -12.50 -49.03
N THR H 361 -36.86 -13.40 -50.00
CA THR H 361 -35.56 -13.69 -50.60
C THR H 361 -35.11 -12.67 -51.63
N ASN H 362 -36.07 -12.04 -52.31
CA ASN H 362 -35.72 -11.09 -53.35
C ASN H 362 -36.06 -9.62 -53.15
N SER H 363 -36.99 -9.30 -52.26
CA SER H 363 -37.30 -7.90 -52.07
C SER H 363 -36.06 -7.21 -51.48
N ALA H 364 -35.59 -6.17 -52.14
CA ALA H 364 -34.40 -5.47 -51.68
C ALA H 364 -34.55 -4.74 -50.37
N SER H 365 -35.70 -4.82 -49.72
CA SER H 365 -35.90 -4.08 -48.48
C SER H 365 -35.84 -4.98 -47.24
N LEU H 366 -35.82 -6.28 -47.51
CA LEU H 366 -35.88 -7.29 -46.51
C LEU H 366 -34.91 -8.43 -46.79
N GLN H 367 -34.19 -8.34 -47.91
CA GLN H 367 -33.31 -9.41 -48.36
C GLN H 367 -32.64 -10.52 -47.53
N MET H 368 -33.35 -11.64 -47.38
CA MET H 368 -32.83 -12.80 -46.65
C MET H 368 -32.27 -13.87 -47.58
N LYS H 369 -31.22 -14.58 -47.14
CA LYS H 369 -30.54 -15.62 -47.94
C LYS H 369 -31.21 -16.99 -47.99
N SER H 370 -31.92 -17.34 -46.94
CA SER H 370 -32.59 -18.63 -46.89
C SER H 370 -33.57 -18.63 -45.74
N PRO H 371 -34.71 -17.97 -45.92
CA PRO H 371 -35.71 -17.93 -44.84
C PRO H 371 -36.45 -19.23 -44.70
N ALA H 372 -37.21 -19.33 -43.61
CA ALA H 372 -38.01 -20.50 -43.30
C ALA H 372 -39.23 -20.01 -42.50
N ILE H 373 -40.37 -19.89 -43.16
CA ILE H 373 -41.59 -19.43 -42.50
C ILE H 373 -42.27 -20.54 -41.73
N THR H 374 -43.10 -20.16 -40.77
CA THR H 374 -43.84 -21.10 -39.96
C THR H 374 -45.04 -20.39 -39.37
N ALA H 375 -46.11 -21.13 -39.13
CA ALA H 375 -47.33 -20.56 -38.57
C ALA H 375 -47.98 -21.49 -37.56
N THR H 376 -49.02 -20.96 -36.90
CA THR H 376 -49.77 -21.72 -35.92
C THR H 376 -51.03 -22.13 -36.67
N LEU H 377 -51.23 -23.43 -36.85
CA LEU H 377 -52.39 -23.87 -37.60
C LEU H 377 -53.46 -24.57 -36.78
N GLU H 378 -53.26 -25.83 -36.45
CA GLU H 378 -54.27 -26.51 -35.64
C GLU H 378 -53.87 -26.34 -34.16
N GLY H 379 -53.84 -25.10 -33.69
CA GLY H 379 -53.46 -24.81 -32.31
C GLY H 379 -52.07 -25.31 -31.94
N LYS H 380 -51.24 -25.52 -32.96
CA LYS H 380 -49.88 -26.01 -32.80
C LYS H 380 -49.01 -25.48 -33.95
N ASN H 381 -47.79 -25.07 -33.64
CA ASN H 381 -46.88 -24.52 -34.65
C ASN H 381 -46.33 -25.53 -35.63
N ARG H 382 -46.80 -25.46 -36.87
CA ARG H 382 -46.34 -26.37 -37.90
C ARG H 382 -45.40 -25.57 -38.80
N THR H 383 -44.27 -26.19 -39.18
CA THR H 383 -43.30 -25.52 -40.04
C THR H 383 -43.68 -25.55 -41.52
N LEU H 384 -44.42 -24.53 -41.95
CA LEU H 384 -44.85 -24.42 -43.34
C LEU H 384 -43.68 -24.74 -44.27
N TYR H 385 -42.52 -24.16 -43.97
CA TYR H 385 -41.33 -24.40 -44.76
C TYR H 385 -40.07 -23.93 -44.05
N LEU H 386 -39.10 -24.82 -43.97
CA LEU H 386 -37.83 -24.50 -43.33
C LEU H 386 -36.80 -24.87 -44.42
N GLN H 387 -35.60 -24.33 -44.34
CA GLN H 387 -34.63 -24.57 -45.41
C GLN H 387 -33.22 -24.98 -44.96
N SER H 388 -32.98 -24.93 -43.65
CA SER H 388 -31.68 -25.26 -43.10
C SER H 388 -31.20 -26.69 -43.38
N VAL H 389 -31.69 -27.65 -42.59
CA VAL H 389 -31.31 -29.05 -42.78
C VAL H 389 -32.07 -29.69 -43.93
N THR H 390 -31.30 -30.13 -44.92
CA THR H 390 -31.85 -30.74 -46.13
C THR H 390 -33.06 -31.63 -45.86
N SER H 391 -33.06 -32.32 -44.73
CA SER H 391 -34.18 -33.22 -44.38
C SER H 391 -35.58 -32.59 -44.37
N ILE H 392 -35.73 -31.45 -43.71
CA ILE H 392 -37.04 -30.81 -43.64
C ILE H 392 -37.50 -30.09 -44.90
N GLU H 393 -36.57 -29.59 -45.70
CA GLU H 393 -36.96 -28.87 -46.93
C GLU H 393 -37.84 -29.74 -47.82
N GLU H 394 -37.45 -31.01 -47.96
CA GLU H 394 -38.18 -31.95 -48.79
C GLU H 394 -39.50 -32.35 -48.17
N ARG H 395 -39.56 -32.29 -46.83
CA ARG H 395 -40.77 -32.63 -46.10
C ARG H 395 -41.78 -31.48 -46.18
N THR H 396 -41.28 -30.30 -46.52
CA THR H 396 -42.11 -29.10 -46.64
C THR H 396 -42.11 -28.52 -48.05
N ARG H 397 -41.19 -28.98 -48.91
CA ARG H 397 -41.09 -28.48 -50.29
C ARG H 397 -42.41 -28.56 -51.06
N PRO H 398 -43.23 -29.59 -50.79
CA PRO H 398 -44.51 -29.69 -51.49
C PRO H 398 -45.42 -28.50 -51.18
N ASN H 399 -45.51 -28.14 -49.90
CA ASN H 399 -46.37 -27.01 -49.48
C ASN H 399 -46.01 -25.68 -50.11
N LEU H 400 -44.95 -25.64 -50.92
CA LEU H 400 -44.52 -24.40 -51.59
C LEU H 400 -45.33 -24.15 -52.86
N SER H 401 -46.32 -25.02 -53.09
CA SER H 401 -47.21 -24.93 -54.24
C SER H 401 -48.61 -24.60 -53.73
N LYS H 402 -48.89 -24.94 -52.48
CA LYS H 402 -50.19 -24.67 -51.88
C LYS H 402 -50.54 -23.19 -51.86
N THR H 403 -51.65 -22.85 -51.19
CA THR H 403 -52.07 -21.45 -51.08
C THR H 403 -52.41 -21.09 -49.64
N LEU H 404 -52.75 -19.82 -49.44
CA LEU H 404 -53.09 -19.30 -48.12
C LEU H 404 -54.39 -19.88 -47.57
N LYS H 405 -55.35 -20.15 -48.46
CA LYS H 405 -56.60 -20.76 -48.03
C LYS H 405 -56.29 -22.25 -48.00
N GLU H 406 -55.25 -22.62 -48.73
CA GLU H 406 -54.80 -23.99 -48.86
C GLU H 406 -54.24 -24.64 -47.60
N LEU H 407 -53.33 -23.96 -46.90
CA LEU H 407 -52.73 -24.55 -45.71
C LEU H 407 -53.42 -24.26 -44.39
N GLY H 408 -54.47 -23.46 -44.45
CA GLY H 408 -55.19 -23.13 -43.23
C GLY H 408 -54.89 -21.71 -42.82
N LEU H 409 -54.17 -21.01 -43.68
CA LEU H 409 -53.80 -19.64 -43.41
C LEU H 409 -54.91 -18.62 -43.62
N VAL H 410 -55.57 -18.23 -42.54
CA VAL H 410 -56.62 -17.24 -42.61
C VAL H 410 -55.92 -15.95 -42.20
N ASP H 411 -56.13 -14.89 -43.00
CA ASP H 411 -55.49 -13.61 -42.72
C ASP H 411 -55.78 -13.05 -41.34
N GLY H 412 -54.75 -12.44 -40.75
CA GLY H 412 -54.85 -11.87 -39.42
C GLY H 412 -53.82 -12.54 -38.52
N GLN H 413 -53.35 -13.69 -38.98
CA GLN H 413 -52.36 -14.46 -38.24
C GLN H 413 -50.94 -14.00 -38.58
N GLU H 414 -50.07 -14.02 -37.58
CA GLU H 414 -48.68 -13.62 -37.75
C GLU H 414 -47.96 -14.67 -38.59
N LEU H 415 -46.68 -14.44 -38.82
CA LEU H 415 -45.86 -15.36 -39.59
C LEU H 415 -44.42 -15.30 -39.10
N ALA H 416 -44.00 -16.32 -38.37
CA ALA H 416 -42.65 -16.34 -37.85
C ALA H 416 -41.66 -16.72 -38.95
N VAL H 417 -40.75 -15.80 -39.25
CA VAL H 417 -39.74 -16.07 -40.26
C VAL H 417 -38.36 -16.01 -39.61
N ALA H 418 -37.59 -17.07 -39.79
CA ALA H 418 -36.25 -17.17 -39.23
C ALA H 418 -35.26 -17.22 -40.37
N ASP H 419 -34.07 -16.68 -40.14
CA ASP H 419 -33.03 -16.71 -41.16
C ASP H 419 -31.64 -16.64 -40.52
N VAL H 420 -30.61 -16.97 -41.30
CA VAL H 420 -29.22 -16.96 -40.84
C VAL H 420 -28.84 -15.51 -40.55
N THR H 421 -29.38 -14.64 -41.38
CA THR H 421 -29.16 -13.22 -41.33
C THR H 421 -29.32 -12.57 -39.96
N THR H 422 -30.31 -13.00 -39.19
CA THR H 422 -30.59 -12.42 -37.86
C THR H 422 -30.99 -13.46 -36.79
N PRO H 423 -30.53 -13.26 -35.54
CA PRO H 423 -30.81 -14.12 -34.41
C PRO H 423 -32.27 -14.15 -33.97
N GLN H 424 -33.02 -13.12 -34.31
CA GLN H 424 -34.42 -13.08 -33.91
C GLN H 424 -35.35 -13.73 -34.93
N THR H 425 -36.62 -13.80 -34.55
CA THR H 425 -37.68 -14.36 -35.37
C THR H 425 -38.53 -13.18 -35.81
N VAL H 426 -38.54 -12.90 -37.12
CA VAL H 426 -39.30 -11.76 -37.64
C VAL H 426 -40.77 -12.09 -37.85
N LEU H 427 -41.63 -11.27 -37.25
CA LEU H 427 -43.07 -11.44 -37.33
C LEU H 427 -43.78 -10.55 -38.35
N PHE H 428 -44.80 -11.10 -39.00
CA PHE H 428 -45.60 -10.41 -40.01
C PHE H 428 -47.09 -10.52 -39.66
N LYS H 429 -47.93 -10.04 -40.58
CA LYS H 429 -49.39 -10.09 -40.41
C LYS H 429 -50.03 -10.27 -41.79
N LEU H 430 -50.67 -11.41 -41.99
CA LEU H 430 -51.32 -11.68 -43.26
C LEU H 430 -52.51 -10.77 -43.55
N HIS H 431 -52.60 -10.34 -44.79
CA HIS H 431 -53.68 -9.48 -45.26
C HIS H 431 -54.12 -10.02 -46.61
N PHE H 432 -55.39 -10.40 -46.69
CA PHE H 432 -55.95 -10.94 -47.92
C PHE H 432 -56.59 -9.83 -48.73
N THR H 433 -56.15 -9.74 -49.99
CA THR H 433 -56.64 -8.73 -50.91
C THR H 433 -57.15 -9.38 -52.21
N SER I 12 -38.91 22.80 -65.83
CA SER I 12 -37.50 22.43 -65.55
C SER I 12 -36.88 23.34 -64.50
N MET I 13 -36.51 22.66 -63.44
CA MET I 13 -35.92 23.22 -62.25
C MET I 13 -34.53 22.57 -62.26
N LEU I 14 -33.53 23.37 -61.93
CA LEU I 14 -32.15 22.91 -61.93
C LEU I 14 -31.62 22.54 -60.55
N ILE I 15 -31.25 21.28 -60.36
CA ILE I 15 -30.71 20.83 -59.07
C ILE I 15 -29.26 20.39 -59.18
N LYS I 16 -28.58 20.32 -58.04
CA LYS I 16 -27.18 19.90 -58.00
C LYS I 16 -27.03 18.59 -57.20
N VAL I 17 -26.09 17.75 -57.62
CA VAL I 17 -25.84 16.48 -56.94
C VAL I 17 -24.33 16.30 -56.73
N LYS I 18 -23.94 15.77 -55.56
CA LYS I 18 -22.52 15.63 -55.26
C LYS I 18 -21.86 14.28 -55.40
N THR I 19 -20.70 14.29 -56.04
CA THR I 19 -19.89 13.09 -56.27
C THR I 19 -19.35 12.67 -54.92
N LEU I 20 -19.00 11.40 -54.81
CA LEU I 20 -18.46 10.88 -53.58
C LEU I 20 -17.05 11.43 -53.32
N THR I 21 -16.75 12.55 -53.97
CA THR I 21 -15.45 13.20 -53.82
C THR I 21 -15.71 14.66 -53.53
N GLY I 22 -16.98 15.03 -53.53
CA GLY I 22 -17.32 16.42 -53.27
C GLY I 22 -17.68 17.16 -54.54
N LYS I 23 -17.19 16.69 -55.68
CA LYS I 23 -17.48 17.33 -56.97
C LYS I 23 -18.98 17.47 -57.17
N GLU I 24 -19.42 18.71 -57.37
CA GLU I 24 -20.83 19.01 -57.52
C GLU I 24 -21.22 19.26 -58.97
N ILE I 25 -22.20 18.52 -59.46
CA ILE I 25 -22.65 18.68 -60.84
C ILE I 25 -24.11 19.13 -60.94
N GLU I 26 -24.41 19.91 -61.98
CA GLU I 26 -25.77 20.41 -62.21
C GLU I 26 -26.56 19.51 -63.14
N ILE I 27 -27.83 19.32 -62.79
CA ILE I 27 -28.72 18.46 -63.56
C ILE I 27 -30.08 19.12 -63.78
N ASP I 28 -30.71 18.81 -64.91
CA ASP I 28 -32.02 19.33 -65.27
C ASP I 28 -33.12 18.33 -64.88
N ILE I 29 -33.93 18.69 -63.91
CA ILE I 29 -34.98 17.79 -63.45
C ILE I 29 -36.29 18.54 -63.25
N GLU I 30 -37.37 17.96 -63.75
CA GLU I 30 -38.67 18.57 -63.55
C GLU I 30 -39.41 17.73 -62.51
N PRO I 31 -40.16 18.36 -61.61
CA PRO I 31 -40.93 17.73 -60.53
C PRO I 31 -41.58 16.39 -60.80
N THR I 32 -41.67 16.02 -62.07
CA THR I 32 -42.31 14.77 -62.41
C THR I 32 -41.40 13.62 -62.85
N ASP I 33 -40.12 13.90 -63.02
CA ASP I 33 -39.16 12.87 -63.45
C ASP I 33 -38.72 11.97 -62.29
N LYS I 34 -38.91 10.66 -62.44
CA LYS I 34 -38.55 9.69 -61.41
C LYS I 34 -37.12 9.86 -60.90
N VAL I 35 -36.83 9.27 -59.75
CA VAL I 35 -35.48 9.34 -59.19
C VAL I 35 -34.66 8.51 -60.17
N GLU I 36 -35.26 7.44 -60.63
CA GLU I 36 -34.67 6.51 -61.58
C GLU I 36 -34.01 7.24 -62.75
N ARG I 37 -34.47 8.46 -63.02
CA ARG I 37 -33.93 9.24 -64.12
C ARG I 37 -32.79 10.14 -63.69
N ILE I 38 -32.94 10.76 -62.53
CA ILE I 38 -31.90 11.64 -62.04
C ILE I 38 -30.57 10.89 -62.14
N LYS I 39 -30.59 9.65 -61.68
CA LYS I 39 -29.39 8.83 -61.72
C LYS I 39 -28.80 8.70 -63.12
N GLU I 40 -29.66 8.67 -64.14
CA GLU I 40 -29.18 8.56 -65.51
C GLU I 40 -28.57 9.87 -65.97
N ARG I 41 -29.10 10.96 -65.42
CA ARG I 41 -28.62 12.28 -65.76
C ARG I 41 -27.21 12.42 -65.22
N VAL I 42 -26.99 11.85 -64.05
CA VAL I 42 -25.68 11.89 -63.39
C VAL I 42 -24.69 11.04 -64.17
N GLU I 43 -25.12 9.85 -64.58
CA GLU I 43 -24.25 8.97 -65.34
C GLU I 43 -23.94 9.60 -66.67
N GLU I 44 -24.92 10.30 -67.19
CA GLU I 44 -24.81 10.98 -68.48
C GLU I 44 -23.58 11.88 -68.43
N LYS I 45 -23.51 12.69 -67.38
CA LYS I 45 -22.41 13.63 -67.16
C LYS I 45 -21.14 13.08 -66.51
N GLU I 46 -21.28 12.24 -65.49
CA GLU I 46 -20.13 11.69 -64.75
C GLU I 46 -19.66 10.27 -65.03
N GLY I 47 -20.47 9.46 -65.68
CA GLY I 47 -20.06 8.09 -65.99
C GLY I 47 -20.20 7.11 -64.84
N ILE I 48 -21.02 7.46 -63.86
CA ILE I 48 -21.26 6.62 -62.70
C ILE I 48 -22.48 5.75 -62.95
N PRO I 49 -22.31 4.43 -63.03
CA PRO I 49 -23.46 3.53 -63.27
C PRO I 49 -24.62 3.75 -62.30
N PRO I 50 -25.84 3.95 -62.84
CA PRO I 50 -27.01 4.19 -62.00
C PRO I 50 -27.20 3.09 -60.97
N GLN I 51 -26.75 1.89 -61.32
CA GLN I 51 -26.91 0.74 -60.45
C GLN I 51 -26.07 0.73 -59.19
N GLN I 52 -25.35 1.81 -58.92
CA GLN I 52 -24.54 1.86 -57.71
C GLN I 52 -24.66 3.22 -57.03
N GLN I 53 -25.57 4.04 -57.54
CA GLN I 53 -25.80 5.36 -56.96
C GLN I 53 -26.78 5.32 -55.80
N ARG I 54 -26.41 5.95 -54.69
CA ARG I 54 -27.28 6.01 -53.52
C ARG I 54 -27.55 7.49 -53.26
N LEU I 55 -28.68 8.01 -53.73
CA LEU I 55 -28.95 9.42 -53.52
C LEU I 55 -29.61 9.71 -52.18
N ILE I 56 -29.29 10.88 -51.62
CA ILE I 56 -29.87 11.27 -50.35
C ILE I 56 -30.22 12.74 -50.33
N TYR I 57 -31.43 13.01 -49.86
CA TYR I 57 -31.91 14.38 -49.74
C TYR I 57 -32.61 14.39 -48.40
N SER I 58 -32.30 15.38 -47.58
CA SER I 58 -32.92 15.48 -46.27
C SER I 58 -32.76 14.18 -45.46
N GLY I 59 -31.72 13.42 -45.78
CA GLY I 59 -31.46 12.19 -45.05
C GLY I 59 -32.25 10.98 -45.50
N LYS I 60 -33.22 11.19 -46.38
CA LYS I 60 -34.04 10.08 -46.88
C LYS I 60 -33.28 9.58 -48.10
N GLN I 61 -33.07 8.28 -48.20
CA GLN I 61 -32.36 7.80 -49.37
C GLN I 61 -33.38 7.64 -50.47
N MET I 62 -33.35 8.59 -51.39
CA MET I 62 -34.28 8.64 -52.50
C MET I 62 -34.48 7.34 -53.26
N ASN I 63 -35.66 6.77 -53.05
CA ASN I 63 -36.09 5.53 -53.68
C ASN I 63 -36.26 5.84 -55.16
N ASP I 64 -35.45 5.25 -56.03
CA ASP I 64 -35.54 5.57 -57.45
C ASP I 64 -36.79 5.14 -58.21
N GLU I 65 -37.87 4.90 -57.51
CA GLU I 65 -39.11 4.53 -58.18
C GLU I 65 -40.09 5.68 -58.01
N LYS I 66 -39.96 6.42 -56.91
CA LYS I 66 -40.83 7.56 -56.68
C LYS I 66 -40.33 8.69 -57.59
N THR I 67 -40.62 9.94 -57.23
CA THR I 67 -40.19 11.06 -58.07
C THR I 67 -39.68 12.26 -57.30
N ALA I 68 -38.87 13.08 -57.97
CA ALA I 68 -38.29 14.28 -57.37
C ALA I 68 -39.30 15.06 -56.55
N ALA I 69 -40.53 15.14 -57.04
CA ALA I 69 -41.58 15.88 -56.35
C ALA I 69 -41.93 15.20 -55.03
N ASP I 70 -41.89 13.87 -55.03
CA ASP I 70 -42.21 13.09 -53.85
C ASP I 70 -41.30 13.50 -52.67
N TYR I 71 -40.00 13.66 -52.96
CA TYR I 71 -39.03 14.05 -51.95
C TYR I 71 -38.94 15.56 -51.76
N LYS I 72 -39.92 16.29 -52.30
CA LYS I 72 -40.00 17.74 -52.20
C LYS I 72 -38.72 18.46 -52.64
N ILE I 73 -38.20 18.07 -53.80
CA ILE I 73 -36.98 18.65 -54.35
C ILE I 73 -37.34 19.92 -55.11
N LEU I 74 -36.54 20.96 -54.93
CA LEU I 74 -36.82 22.23 -55.59
C LEU I 74 -35.63 22.80 -56.33
N GLY I 75 -35.82 24.03 -56.81
CA GLY I 75 -34.79 24.72 -57.57
C GLY I 75 -33.37 24.57 -57.04
N GLY I 76 -33.10 25.14 -55.88
CA GLY I 76 -31.76 25.03 -55.33
C GLY I 76 -31.71 23.88 -54.35
N SER I 77 -31.58 22.66 -54.88
CA SER I 77 -31.51 21.46 -54.05
C SER I 77 -30.25 20.66 -54.31
N VAL I 78 -29.53 20.38 -53.22
CA VAL I 78 -28.30 19.62 -53.30
C VAL I 78 -28.52 18.19 -52.78
N LEU I 79 -28.15 17.23 -53.61
CA LEU I 79 -28.31 15.82 -53.25
C LEU I 79 -26.91 15.25 -53.09
N HIS I 80 -26.80 14.19 -52.30
CA HIS I 80 -25.51 13.60 -52.12
C HIS I 80 -25.55 12.11 -52.41
N LEU I 81 -24.52 11.67 -53.12
CA LEU I 81 -24.30 10.29 -53.50
C LEU I 81 -23.56 9.70 -52.32
N VAL I 82 -24.07 8.63 -51.77
CA VAL I 82 -23.47 8.05 -50.60
C VAL I 82 -23.04 6.61 -50.89
N LEU I 83 -22.59 5.91 -49.86
CA LEU I 83 -22.15 4.57 -50.08
C LEU I 83 -21.91 3.91 -48.76
N ARG I 84 -21.76 2.59 -48.80
CA ARG I 84 -21.48 1.84 -47.60
C ARG I 84 -20.39 0.87 -48.01
N LEU I 85 -19.64 0.39 -47.03
CA LEU I 85 -18.55 -0.50 -47.34
C LEU I 85 -18.57 -1.73 -46.47
N ARG I 86 -18.04 -2.79 -47.05
CA ARG I 86 -18.06 -4.09 -46.42
C ARG I 86 -16.83 -4.50 -45.64
N GLY I 87 -15.65 -4.26 -46.20
CA GLY I 87 -14.42 -4.64 -45.54
C GLY I 87 -14.21 -4.16 -44.12
N GLY I 88 -13.00 -4.38 -43.62
CA GLY I 88 -12.65 -3.97 -42.27
C GLY I 88 -11.52 -4.78 -41.64
N LYS J 8 3.58 -16.27 6.06
CA LYS J 8 3.39 -16.90 7.41
C LYS J 8 1.97 -17.49 7.47
N LEU J 9 1.01 -16.64 7.81
CA LEU J 9 -0.41 -17.01 7.89
C LEU J 9 -0.89 -17.04 6.43
N LEU J 10 0.09 -17.00 5.54
CA LEU J 10 -0.14 -17.03 4.10
C LEU J 10 -0.45 -18.47 3.77
N LYS J 11 0.37 -19.36 4.31
CA LYS J 11 0.18 -20.78 4.09
C LYS J 11 -1.25 -21.13 4.45
N GLU J 12 -1.72 -20.60 5.58
CA GLU J 12 -3.07 -20.89 6.06
C GLU J 12 -4.18 -20.49 5.07
N GLN J 13 -3.87 -19.51 4.22
CA GLN J 13 -4.83 -19.07 3.23
C GLN J 13 -4.82 -20.06 2.08
N LYS J 14 -3.63 -20.55 1.75
CA LYS J 14 -3.43 -21.51 0.69
C LYS J 14 -3.96 -22.93 1.02
N TYR J 15 -3.66 -23.38 2.24
CA TYR J 15 -4.06 -24.70 2.67
C TYR J 15 -5.42 -24.80 3.33
N ASP J 16 -6.21 -23.72 3.25
CA ASP J 16 -7.53 -23.74 3.87
C ASP J 16 -8.45 -24.89 3.47
N ARG J 17 -8.56 -25.13 2.16
CA ARG J 17 -9.42 -26.19 1.71
C ARG J 17 -9.13 -27.57 2.27
N GLN J 18 -7.91 -27.77 2.80
CA GLN J 18 -7.55 -29.09 3.34
C GLN J 18 -7.50 -29.11 4.87
N LEU J 19 -7.15 -27.97 5.48
CA LEU J 19 -7.10 -27.88 6.93
C LEU J 19 -8.49 -28.15 7.50
N ARG J 20 -9.50 -28.12 6.65
CA ARG J 20 -10.88 -28.39 7.06
C ARG J 20 -11.09 -29.89 7.02
N LEU J 21 -10.02 -30.64 6.84
CA LEU J 21 -10.12 -32.10 6.76
C LEU J 21 -9.22 -32.84 7.71
N TRP J 22 -7.99 -32.36 7.87
CA TRP J 22 -7.04 -32.99 8.77
C TRP J 22 -6.47 -31.98 9.74
N GLY J 23 -7.11 -30.82 9.77
CA GLY J 23 -6.73 -29.75 10.69
C GLY J 23 -5.32 -29.19 10.73
N ASP J 24 -5.06 -28.38 11.74
CA ASP J 24 -3.77 -27.75 11.91
C ASP J 24 -2.72 -28.75 12.34
N HIS J 25 -3.10 -29.62 13.27
CA HIS J 25 -2.20 -30.65 13.79
C HIS J 25 -1.92 -31.64 12.67
N GLY J 26 -2.90 -31.84 11.81
CA GLY J 26 -2.71 -32.76 10.69
C GLY J 26 -1.68 -32.17 9.77
N GLN J 27 -1.85 -30.88 9.47
CA GLN J 27 -0.93 -30.15 8.61
C GLN J 27 0.47 -30.11 9.21
N GLU J 28 0.58 -30.14 10.54
CA GLU J 28 1.89 -30.14 11.19
C GLU J 28 2.61 -31.44 10.88
N ALA J 29 1.89 -32.55 11.02
CA ALA J 29 2.46 -33.86 10.75
C ALA J 29 3.07 -33.84 9.37
N LEU J 30 2.27 -33.37 8.42
CA LEU J 30 2.67 -33.31 7.04
C LEU J 30 3.94 -32.51 6.80
N GLU J 31 3.95 -31.27 7.25
CA GLU J 31 5.11 -30.39 7.06
C GLU J 31 6.34 -30.89 7.79
N SER J 32 6.21 -32.03 8.46
CA SER J 32 7.33 -32.60 9.22
C SER J 32 7.79 -33.91 8.65
N ALA J 33 7.00 -34.48 7.76
CA ALA J 33 7.36 -35.74 7.14
C ALA J 33 8.42 -35.56 6.05
N HIS J 34 8.98 -36.67 5.60
CA HIS J 34 9.95 -36.64 4.53
C HIS J 34 9.73 -37.92 3.75
N VAL J 35 9.13 -37.78 2.57
CA VAL J 35 8.80 -38.91 1.69
C VAL J 35 9.94 -39.32 0.80
N CYS J 36 9.96 -40.60 0.44
CA CYS J 36 10.99 -41.12 -0.44
C CYS J 36 10.30 -41.83 -1.60
N LEU J 37 10.63 -41.41 -2.84
CA LEU J 37 10.06 -42.02 -4.03
C LEU J 37 11.12 -42.82 -4.76
N ILE J 38 10.81 -44.09 -5.08
CA ILE J 38 11.77 -44.93 -5.77
C ILE J 38 11.86 -44.75 -7.30
N ASN J 39 10.81 -44.28 -7.97
CA ASN J 39 10.96 -44.05 -9.41
C ASN J 39 10.17 -42.87 -9.95
N ALA J 40 10.87 -41.95 -10.59
CA ALA J 40 10.23 -40.77 -11.12
C ALA J 40 9.50 -41.00 -12.45
N THR J 41 8.71 -42.06 -12.50
CA THR J 41 7.94 -42.38 -13.68
C THR J 41 6.60 -41.69 -13.47
N ALA J 42 5.73 -41.71 -14.47
CA ALA J 42 4.42 -41.06 -14.34
C ALA J 42 3.72 -41.39 -13.03
N THR J 43 3.81 -42.65 -12.60
CA THR J 43 3.15 -43.04 -11.37
C THR J 43 3.76 -42.35 -10.16
N GLY J 44 5.09 -42.36 -10.07
CA GLY J 44 5.74 -41.72 -8.94
C GLY J 44 5.53 -40.23 -8.98
N THR J 45 5.59 -39.69 -10.19
CA THR J 45 5.42 -38.29 -10.43
C THR J 45 4.03 -37.84 -10.01
N GLU J 46 3.00 -38.54 -10.48
CA GLU J 46 1.64 -38.18 -10.13
C GLU J 46 1.39 -38.30 -8.63
N ILE J 47 2.10 -39.22 -7.98
CA ILE J 47 1.96 -39.42 -6.54
C ILE J 47 2.54 -38.25 -5.74
N LEU J 48 3.83 -38.01 -5.98
CA LEU J 48 4.56 -36.95 -5.33
C LEU J 48 3.82 -35.63 -5.59
N LYS J 49 3.27 -35.52 -6.79
CA LYS J 49 2.53 -34.34 -7.20
C LYS J 49 1.48 -33.98 -6.15
N ASN J 50 0.68 -34.98 -5.77
CA ASN J 50 -0.38 -34.81 -4.79
C ASN J 50 0.09 -34.77 -3.35
N LEU J 51 1.41 -34.82 -3.13
CA LEU J 51 1.97 -34.74 -1.77
C LEU J 51 2.66 -33.38 -1.60
N VAL J 52 3.24 -32.88 -2.69
CA VAL J 52 3.91 -31.58 -2.65
C VAL J 52 2.87 -30.48 -2.60
N LEU J 53 1.79 -30.65 -3.36
CA LEU J 53 0.72 -29.66 -3.36
C LEU J 53 0.23 -29.37 -1.96
N PRO J 54 -0.19 -30.41 -1.23
CA PRO J 54 -0.68 -30.16 0.13
C PRO J 54 0.42 -29.65 1.09
N GLY J 55 1.69 -29.84 0.73
CA GLY J 55 2.76 -29.34 1.58
C GLY J 55 3.71 -30.29 2.33
N ILE J 56 3.78 -31.55 1.93
CA ILE J 56 4.68 -32.50 2.57
C ILE J 56 6.02 -31.79 2.85
N GLY J 57 6.53 -31.91 4.07
CA GLY J 57 7.78 -31.25 4.44
C GLY J 57 8.90 -31.25 3.43
N SER J 58 9.31 -32.45 3.04
CA SER J 58 10.38 -32.61 2.05
C SER J 58 10.26 -33.99 1.41
N PHE J 59 10.93 -34.18 0.28
CA PHE J 59 10.87 -35.46 -0.39
C PHE J 59 12.21 -35.69 -1.05
N THR J 60 12.48 -36.95 -1.41
CA THR J 60 13.73 -37.32 -2.04
C THR J 60 13.45 -38.35 -3.13
N ILE J 61 13.99 -38.10 -4.33
CA ILE J 61 13.80 -39.03 -5.43
C ILE J 61 15.03 -39.88 -5.75
N ILE J 62 14.87 -41.19 -5.65
CA ILE J 62 15.98 -42.07 -5.96
C ILE J 62 15.62 -42.65 -7.32
N ASP J 63 16.52 -42.54 -8.29
CA ASP J 63 16.26 -43.08 -9.62
C ASP J 63 17.55 -43.16 -10.44
N GLY J 64 17.86 -44.36 -10.92
CA GLY J 64 19.08 -44.55 -11.68
C GLY J 64 18.94 -44.40 -13.19
N ASN J 65 17.76 -44.64 -13.72
CA ASN J 65 17.53 -44.52 -15.16
C ASN J 65 17.76 -43.11 -15.66
N GLN J 66 17.67 -42.93 -16.99
CA GLN J 66 17.79 -41.63 -17.64
C GLN J 66 16.45 -41.37 -18.30
N VAL J 67 16.13 -40.12 -18.60
CA VAL J 67 14.84 -39.83 -19.22
C VAL J 67 14.78 -40.37 -20.66
N SER J 68 13.88 -41.30 -20.91
CA SER J 68 13.75 -41.89 -22.23
C SER J 68 12.80 -41.07 -23.08
N GLY J 69 12.61 -41.50 -24.32
CA GLY J 69 11.70 -40.78 -25.19
C GLY J 69 10.30 -40.89 -24.64
N GLU J 70 9.90 -42.11 -24.32
CA GLU J 70 8.57 -42.33 -23.76
C GLU J 70 8.47 -41.89 -22.30
N ASP J 71 9.61 -41.54 -21.69
CA ASP J 71 9.56 -41.07 -20.31
C ASP J 71 8.97 -39.67 -20.33
N ALA J 72 9.38 -38.87 -21.31
CA ALA J 72 8.88 -37.50 -21.44
C ALA J 72 7.50 -37.49 -22.10
N GLY J 73 7.15 -38.58 -22.75
CA GLY J 73 5.86 -38.65 -23.41
C GLY J 73 4.63 -38.86 -22.53
N ASN J 74 4.81 -39.34 -21.30
CA ASN J 74 3.66 -39.57 -20.42
C ASN J 74 3.83 -38.99 -19.03
N ASN J 75 4.80 -38.11 -18.88
CA ASN J 75 5.07 -37.46 -17.59
C ASN J 75 4.79 -35.96 -17.71
N PHE J 76 4.12 -35.41 -16.70
CA PHE J 76 3.82 -33.99 -16.73
C PHE J 76 4.98 -33.27 -16.04
N PHE J 77 5.99 -34.05 -15.67
CA PHE J 77 7.15 -33.47 -15.01
C PHE J 77 8.46 -33.85 -15.65
N LEU J 78 8.44 -33.99 -16.96
CA LEU J 78 9.63 -34.30 -17.72
C LEU J 78 9.35 -33.80 -19.14
N GLN J 79 10.26 -33.00 -19.68
CA GLN J 79 10.09 -32.46 -21.01
C GLN J 79 10.96 -33.17 -22.03
N ARG J 80 11.00 -32.62 -23.24
CA ARG J 80 11.82 -33.18 -24.29
C ARG J 80 13.26 -32.89 -23.90
N SER J 81 13.45 -31.75 -23.24
CA SER J 81 14.77 -31.33 -22.79
C SER J 81 15.29 -32.31 -21.75
N SER J 82 14.39 -32.78 -20.91
CA SER J 82 14.74 -33.72 -19.86
C SER J 82 15.31 -35.01 -20.40
N ILE J 83 14.95 -35.35 -21.63
CA ILE J 83 15.44 -36.58 -22.24
C ILE J 83 16.96 -36.67 -22.20
N GLY J 84 17.49 -37.73 -21.60
CA GLY J 84 18.93 -37.91 -21.51
C GLY J 84 19.51 -37.67 -20.14
N LYS J 85 18.89 -36.74 -19.42
CA LYS J 85 19.32 -36.37 -18.07
C LYS J 85 18.84 -37.43 -17.08
N ASN J 86 19.26 -37.33 -15.82
CA ASN J 86 18.82 -38.29 -14.83
C ASN J 86 17.37 -38.09 -14.48
N ARG J 87 16.57 -39.12 -14.74
CA ARG J 87 15.14 -39.07 -14.49
C ARG J 87 14.81 -38.54 -13.10
N ALA J 88 15.72 -38.72 -12.16
CA ALA J 88 15.48 -38.25 -10.82
C ALA J 88 15.59 -36.75 -10.77
N GLU J 89 16.81 -36.25 -10.91
CA GLU J 89 17.03 -34.82 -10.87
C GLU J 89 16.00 -34.11 -11.75
N ALA J 90 15.85 -34.58 -12.98
CA ALA J 90 14.92 -33.98 -13.94
C ALA J 90 13.55 -33.64 -13.36
N ALA J 91 12.90 -34.66 -12.81
CA ALA J 91 11.57 -34.47 -12.24
C ALA J 91 11.60 -33.58 -10.99
N MET J 92 12.53 -33.86 -10.10
CA MET J 92 12.66 -33.10 -8.88
C MET J 92 12.68 -31.59 -9.13
N GLU J 93 13.07 -31.18 -10.32
CA GLU J 93 13.16 -29.75 -10.63
C GLU J 93 11.82 -29.12 -11.01
N PHE J 94 10.94 -29.90 -11.62
CA PHE J 94 9.63 -29.39 -12.01
C PHE J 94 8.66 -29.56 -10.87
N LEU J 95 8.80 -30.66 -10.14
CA LEU J 95 7.93 -30.92 -9.01
C LEU J 95 8.19 -29.84 -7.98
N GLN J 96 9.44 -29.41 -7.90
CA GLN J 96 9.83 -28.38 -6.96
C GLN J 96 8.97 -27.11 -7.14
N GLU J 97 8.70 -26.77 -8.40
CA GLU J 97 7.91 -25.59 -8.74
C GLU J 97 6.46 -25.61 -8.28
N LEU J 98 6.00 -26.73 -7.72
CA LEU J 98 4.62 -26.80 -7.28
C LEU J 98 4.40 -26.05 -5.98
N ASN J 99 5.33 -26.21 -5.06
CA ASN J 99 5.22 -25.59 -3.77
C ASN J 99 6.64 -25.21 -3.25
N SER J 100 6.88 -23.92 -3.03
CA SER J 100 8.17 -23.48 -2.56
C SER J 100 8.36 -23.87 -1.10
N ASP J 101 7.28 -24.24 -0.44
CA ASP J 101 7.34 -24.62 0.96
C ASP J 101 7.86 -26.05 1.14
N VAL J 102 7.94 -26.81 0.04
CA VAL J 102 8.41 -28.20 0.09
C VAL J 102 9.88 -28.29 -0.25
N SER J 103 10.64 -29.03 0.55
CA SER J 103 12.07 -29.18 0.30
C SER J 103 12.44 -30.43 -0.50
N GLY J 104 12.73 -30.22 -1.78
CA GLY J 104 13.08 -31.33 -2.64
C GLY J 104 14.56 -31.59 -2.85
N SER J 105 14.86 -32.84 -3.17
CA SER J 105 16.23 -33.28 -3.42
C SER J 105 16.16 -34.63 -4.12
N PHE J 106 17.29 -35.10 -4.65
CA PHE J 106 17.28 -36.36 -5.36
C PHE J 106 18.56 -37.15 -5.17
N VAL J 107 18.45 -38.46 -5.34
CA VAL J 107 19.60 -39.35 -5.25
C VAL J 107 19.73 -40.05 -6.60
N GLU J 108 20.78 -39.72 -7.34
CA GLU J 108 21.03 -40.28 -8.66
C GLU J 108 21.55 -41.71 -8.68
N GLU J 109 21.13 -42.53 -7.72
CA GLU J 109 21.58 -43.92 -7.69
C GLU J 109 20.42 -44.84 -8.01
N SER J 110 20.65 -46.14 -7.83
CA SER J 110 19.63 -47.13 -8.12
C SER J 110 19.10 -47.79 -6.86
N PRO J 111 17.87 -48.32 -6.93
CA PRO J 111 17.25 -48.98 -5.79
C PRO J 111 18.08 -50.19 -5.45
N GLU J 112 18.35 -51.01 -6.47
CA GLU J 112 19.14 -52.22 -6.29
C GLU J 112 20.56 -51.91 -5.80
N ASN J 113 21.12 -50.83 -6.33
CA ASN J 113 22.45 -50.40 -5.98
C ASN J 113 22.60 -49.99 -4.51
N LEU J 114 21.58 -49.37 -3.94
CA LEU J 114 21.63 -48.91 -2.54
C LEU J 114 21.38 -50.03 -1.55
N LEU J 115 20.38 -50.86 -1.81
CA LEU J 115 20.05 -51.99 -0.95
C LEU J 115 21.21 -52.97 -1.00
N ASP J 116 22.29 -52.50 -1.60
CA ASP J 116 23.48 -53.30 -1.80
C ASP J 116 24.61 -52.74 -0.93
N ASN J 117 24.82 -51.44 -1.04
CA ASN J 117 25.87 -50.77 -0.27
C ASN J 117 25.34 -50.13 1.00
N ASP J 118 24.36 -49.25 0.88
CA ASP J 118 23.83 -48.59 2.06
C ASP J 118 22.36 -48.86 2.34
N PRO J 119 22.04 -50.05 2.82
CA PRO J 119 20.66 -50.43 3.12
C PRO J 119 19.95 -49.52 4.10
N SER J 120 20.64 -49.17 5.19
CA SER J 120 20.06 -48.32 6.24
C SER J 120 19.76 -46.90 5.76
N PHE J 121 20.07 -46.60 4.51
CA PHE J 121 19.80 -45.29 3.99
C PHE J 121 18.35 -44.81 4.20
N PHE J 122 17.41 -45.71 3.95
CA PHE J 122 15.97 -45.44 4.06
C PHE J 122 15.41 -45.28 5.44
N CYS J 123 16.23 -45.41 6.47
CA CYS J 123 15.74 -45.29 7.83
C CYS J 123 15.45 -43.82 8.17
N ARG J 124 15.71 -42.94 7.22
CA ARG J 124 15.48 -41.51 7.46
C ARG J 124 14.13 -41.05 6.95
N PHE J 125 13.43 -41.89 6.21
CA PHE J 125 12.15 -41.49 5.63
C PHE J 125 10.89 -41.84 6.38
N THR J 126 9.98 -40.87 6.51
CA THR J 126 8.71 -41.10 7.18
C THR J 126 7.97 -42.27 6.51
N VAL J 127 7.98 -42.29 5.19
CA VAL J 127 7.31 -43.33 4.40
C VAL J 127 8.01 -43.47 3.07
N VAL J 128 8.02 -44.67 2.52
CA VAL J 128 8.68 -44.91 1.25
C VAL J 128 7.66 -45.40 0.24
N VAL J 129 7.62 -44.73 -0.92
CA VAL J 129 6.71 -45.12 -1.97
C VAL J 129 7.59 -45.59 -3.12
N ALA J 130 7.43 -46.85 -3.53
CA ALA J 130 8.22 -47.41 -4.62
C ALA J 130 7.27 -47.65 -5.77
N THR J 131 7.69 -47.25 -6.98
CA THR J 131 6.85 -47.41 -8.16
C THR J 131 7.53 -48.06 -9.36
N GLN J 132 6.80 -48.93 -10.04
CA GLN J 132 7.32 -49.61 -11.22
C GLN J 132 8.60 -50.39 -10.95
N LEU J 133 8.58 -51.27 -9.96
CA LEU J 133 9.76 -52.07 -9.68
C LEU J 133 9.54 -53.52 -10.05
N PRO J 134 10.61 -54.17 -10.51
CA PRO J 134 10.54 -55.58 -10.90
C PRO J 134 10.43 -56.42 -9.63
N GLU J 135 9.69 -57.52 -9.71
CA GLU J 135 9.47 -58.41 -8.57
C GLU J 135 10.68 -58.59 -7.67
N SER J 136 11.85 -58.85 -8.24
CA SER J 136 13.05 -59.06 -7.45
C SER J 136 13.31 -57.90 -6.50
N THR J 137 13.55 -56.71 -7.04
CA THR J 137 13.81 -55.54 -6.20
C THR J 137 12.72 -55.29 -5.15
N SER J 138 11.49 -55.64 -5.46
CA SER J 138 10.41 -55.43 -4.49
C SER J 138 10.74 -56.13 -3.19
N LEU J 139 10.80 -57.47 -3.23
CA LEU J 139 11.09 -58.28 -2.06
C LEU J 139 12.34 -57.85 -1.33
N ARG J 140 13.42 -57.54 -2.06
CA ARG J 140 14.65 -57.14 -1.39
C ARG J 140 14.39 -55.90 -0.56
N LEU J 141 13.68 -54.94 -1.14
CA LEU J 141 13.34 -53.70 -0.46
C LEU J 141 12.27 -53.95 0.60
N ALA J 142 11.22 -54.68 0.24
CA ALA J 142 10.14 -54.98 1.18
C ALA J 142 10.75 -55.48 2.48
N ASP J 143 11.71 -56.39 2.33
CA ASP J 143 12.40 -56.99 3.46
C ASP J 143 13.26 -56.00 4.26
N VAL J 144 14.17 -55.29 3.60
CA VAL J 144 15.01 -54.33 4.28
C VAL J 144 14.20 -53.32 5.10
N LEU J 145 13.05 -52.93 4.57
CA LEU J 145 12.20 -51.95 5.24
C LEU J 145 11.37 -52.57 6.37
N TRP J 146 10.90 -53.80 6.19
CA TRP J 146 10.11 -54.46 7.24
C TRP J 146 10.91 -54.57 8.55
N ASN J 147 12.16 -55.02 8.47
CA ASN J 147 13.02 -55.17 9.64
C ASN J 147 13.43 -53.82 10.21
N SER J 148 13.47 -52.81 9.35
CA SER J 148 13.86 -51.49 9.79
C SER J 148 12.65 -50.72 10.27
N GLN J 149 11.52 -51.42 10.41
CA GLN J 149 10.26 -50.84 10.86
C GLN J 149 9.87 -49.55 10.09
N ILE J 150 9.87 -49.61 8.76
CA ILE J 150 9.49 -48.45 7.94
C ILE J 150 8.33 -48.76 7.03
N PRO J 151 7.34 -47.86 6.97
CA PRO J 151 6.14 -48.05 6.13
C PRO J 151 6.43 -47.98 4.63
N LEU J 152 6.13 -49.06 3.92
CA LEU J 152 6.39 -49.13 2.49
C LEU J 152 5.13 -49.27 1.64
N LEU J 153 5.07 -48.48 0.56
CA LEU J 153 3.93 -48.52 -0.36
C LEU J 153 4.45 -48.82 -1.76
N ILE J 154 4.04 -49.97 -2.30
CA ILE J 154 4.45 -50.36 -3.64
C ILE J 154 3.31 -50.09 -4.60
N CYS J 155 3.56 -49.19 -5.54
CA CYS J 155 2.57 -48.84 -6.55
C CYS J 155 3.11 -49.25 -7.91
N ARG J 156 2.20 -49.69 -8.77
CA ARG J 156 2.64 -50.14 -10.07
C ARG J 156 1.55 -49.98 -11.08
N THR J 157 1.93 -49.46 -12.25
CA THR J 157 1.02 -49.27 -13.37
C THR J 157 1.46 -50.20 -14.48
N TYR J 158 0.51 -50.99 -14.97
CA TYR J 158 0.74 -51.95 -16.05
C TYR J 158 -0.54 -51.89 -16.88
N GLY J 159 -0.45 -51.37 -18.10
CA GLY J 159 -1.62 -51.27 -18.93
C GLY J 159 -2.69 -50.51 -18.16
N LEU J 160 -3.92 -51.00 -18.21
CA LEU J 160 -5.02 -50.36 -17.51
C LEU J 160 -5.17 -50.82 -16.06
N VAL J 161 -4.16 -51.53 -15.57
CA VAL J 161 -4.20 -52.07 -14.21
C VAL J 161 -3.41 -51.19 -13.23
N GLY J 162 -4.05 -50.90 -12.10
CA GLY J 162 -3.42 -50.11 -11.06
C GLY J 162 -3.19 -51.05 -9.89
N TYR J 163 -1.95 -51.13 -9.43
CA TYR J 163 -1.62 -52.00 -8.31
C TYR J 163 -1.13 -51.17 -7.17
N MET J 164 -1.45 -51.61 -5.96
CA MET J 164 -0.99 -50.91 -4.78
C MET J 164 -0.87 -51.88 -3.62
N ARG J 165 0.27 -51.86 -2.95
CA ARG J 165 0.48 -52.77 -1.85
C ARG J 165 1.09 -52.01 -0.69
N ILE J 166 0.35 -51.87 0.40
CA ILE J 166 0.90 -51.16 1.55
C ILE J 166 1.48 -52.19 2.51
N ILE J 167 2.59 -51.83 3.14
CA ILE J 167 3.29 -52.73 4.05
C ILE J 167 3.77 -52.11 5.35
N ILE J 168 2.86 -52.07 6.33
CA ILE J 168 3.17 -51.53 7.64
C ILE J 168 2.77 -52.63 8.64
N LYS J 169 3.68 -52.96 9.57
CA LYS J 169 3.43 -54.02 10.56
C LYS J 169 2.17 -53.71 11.37
N GLU J 170 2.12 -52.51 11.93
CA GLU J 170 0.97 -52.10 12.71
C GLU J 170 0.80 -50.58 12.62
N HIS J 171 -0.43 -50.15 12.38
CA HIS J 171 -0.77 -48.75 12.25
C HIS J 171 -2.03 -48.44 13.05
N PRO J 172 -1.90 -47.84 14.22
CA PRO J 172 -3.06 -47.50 15.04
C PRO J 172 -3.63 -46.16 14.63
N VAL J 173 -4.69 -45.71 15.29
CA VAL J 173 -5.25 -44.42 14.93
C VAL J 173 -6.44 -43.99 15.79
N ILE J 174 -6.26 -42.93 16.55
CA ILE J 174 -7.36 -42.45 17.37
C ILE J 174 -8.44 -41.86 16.46
N GLU J 175 -8.05 -40.94 15.58
CA GLU J 175 -8.99 -40.28 14.67
C GLU J 175 -9.30 -41.07 13.41
N SER J 176 -10.13 -42.10 13.50
CA SER J 176 -10.43 -42.86 12.30
C SER J 176 -11.38 -42.10 11.38
N HIS J 177 -11.93 -40.99 11.88
CA HIS J 177 -12.86 -40.17 11.10
C HIS J 177 -13.96 -40.97 10.43
N PRO J 178 -14.95 -41.39 11.22
CA PRO J 178 -16.05 -42.16 10.65
C PRO J 178 -17.06 -41.26 9.95
N ASP J 179 -17.60 -41.74 8.84
CA ASP J 179 -18.59 -40.97 8.11
C ASP J 179 -19.85 -40.82 8.98
N ASN J 180 -20.37 -41.94 9.47
CA ASN J 180 -21.58 -41.96 10.29
C ASN J 180 -21.46 -42.92 11.47
N ALA J 181 -22.02 -42.52 12.61
CA ALA J 181 -21.99 -43.33 13.82
C ALA J 181 -23.08 -42.89 14.79
N LEU J 182 -23.81 -43.84 15.34
CA LEU J 182 -24.88 -43.52 16.28
C LEU J 182 -24.32 -42.64 17.39
N GLU J 183 -25.13 -41.68 17.84
CA GLU J 183 -24.71 -40.76 18.90
C GLU J 183 -24.56 -41.46 20.24
N ASP J 184 -23.77 -40.88 21.13
CA ASP J 184 -23.56 -41.46 22.46
C ASP J 184 -24.50 -40.72 23.40
N LEU J 185 -25.79 -41.03 23.28
CA LEU J 185 -26.84 -40.39 24.07
C LEU J 185 -26.94 -40.90 25.51
N ARG J 186 -26.64 -42.18 25.71
CA ARG J 186 -26.70 -42.76 27.05
C ARG J 186 -28.11 -42.71 27.63
N LEU J 187 -29.09 -43.18 26.87
CA LEU J 187 -30.46 -43.20 27.34
C LEU J 187 -30.71 -44.53 28.02
N ASP J 188 -30.16 -45.59 27.43
CA ASP J 188 -30.30 -46.92 27.99
C ASP J 188 -29.52 -47.02 29.29
N LYS J 189 -28.54 -46.14 29.46
CA LYS J 189 -27.72 -46.16 30.64
C LYS J 189 -27.33 -44.75 31.07
N PRO J 190 -28.32 -43.95 31.48
CA PRO J 190 -28.12 -42.57 31.92
C PRO J 190 -27.17 -42.39 33.10
N PHE J 191 -26.33 -41.36 33.04
CA PHE J 191 -25.43 -41.11 34.16
C PHE J 191 -26.16 -40.25 35.17
N PRO J 192 -25.72 -40.25 36.43
CA PRO J 192 -26.37 -39.45 37.47
C PRO J 192 -26.73 -38.02 37.08
N GLU J 193 -25.79 -37.32 36.49
CA GLU J 193 -26.01 -35.94 36.10
C GLU J 193 -27.05 -35.75 34.99
N LEU J 194 -27.25 -36.77 34.18
CA LEU J 194 -28.24 -36.67 33.09
C LEU J 194 -29.65 -36.71 33.68
N ARG J 195 -29.94 -37.76 34.43
CA ARG J 195 -31.23 -37.93 35.08
C ARG J 195 -31.61 -36.68 35.87
N GLU J 196 -30.67 -36.20 36.70
CA GLU J 196 -30.91 -34.99 37.49
C GLU J 196 -31.33 -33.87 36.57
N HIS J 197 -31.12 -34.06 35.28
CA HIS J 197 -31.50 -33.07 34.30
C HIS J 197 -32.95 -33.33 33.90
N PHE J 198 -33.24 -34.51 33.37
CA PHE J 198 -34.62 -34.86 32.97
C PHE J 198 -35.63 -34.65 34.08
N GLN J 199 -35.25 -34.99 35.31
CA GLN J 199 -36.13 -34.83 36.45
C GLN J 199 -36.50 -33.36 36.67
N SER J 200 -35.50 -32.48 36.64
CA SER J 200 -35.70 -31.04 36.86
C SER J 200 -36.71 -30.44 35.88
N TYR J 201 -37.27 -31.27 35.00
CA TYR J 201 -38.27 -30.85 34.03
C TYR J 201 -39.68 -31.16 34.54
N THR J 214 -37.70 -27.58 24.58
CA THR J 214 -37.57 -29.03 24.87
C THR J 214 -37.00 -29.86 23.71
N PRO J 215 -35.82 -30.42 23.92
CA PRO J 215 -35.09 -31.28 22.97
C PRO J 215 -35.84 -32.59 22.88
N TRP J 216 -35.92 -33.17 21.70
CA TRP J 216 -36.63 -34.44 21.53
C TRP J 216 -36.05 -35.53 22.43
N ILE J 217 -34.84 -35.31 22.94
CA ILE J 217 -34.22 -36.27 23.82
C ILE J 217 -35.07 -36.33 25.08
N VAL J 218 -35.12 -35.21 25.80
CA VAL J 218 -35.90 -35.12 27.02
C VAL J 218 -37.33 -35.58 26.77
N ILE J 219 -37.85 -35.27 25.58
CA ILE J 219 -39.21 -35.65 25.20
C ILE J 219 -39.37 -37.15 25.02
N ILE J 220 -38.26 -37.87 24.90
CA ILE J 220 -38.35 -39.30 24.74
C ILE J 220 -37.98 -39.97 26.05
N ALA J 221 -37.25 -39.22 26.88
CA ALA J 221 -36.82 -39.72 28.18
C ALA J 221 -38.00 -39.79 29.14
N LYS J 222 -38.86 -38.79 29.10
CA LYS J 222 -40.02 -38.74 29.98
C LYS J 222 -41.07 -39.77 29.63
N TYR J 223 -41.31 -39.96 28.33
CA TYR J 223 -42.30 -40.93 27.89
C TYR J 223 -41.64 -42.29 27.77
N LEU J 224 -40.50 -42.43 28.43
CA LEU J 224 -39.75 -43.67 28.44
C LEU J 224 -39.60 -44.05 29.91
N ALA J 225 -39.13 -43.09 30.71
CA ALA J 225 -38.97 -43.31 32.15
C ALA J 225 -40.35 -43.72 32.65
N GLN J 226 -41.37 -43.29 31.92
CA GLN J 226 -42.76 -43.60 32.22
C GLN J 226 -42.99 -45.08 31.89
N TRP J 227 -42.80 -45.43 30.62
CA TRP J 227 -42.97 -46.81 30.14
C TRP J 227 -42.32 -47.84 31.08
N TYR J 228 -41.22 -47.47 31.72
CA TYR J 228 -40.53 -48.39 32.65
C TYR J 228 -41.43 -48.60 33.86
N SER J 229 -41.90 -47.49 34.43
CA SER J 229 -42.79 -47.54 35.58
C SER J 229 -44.04 -48.33 35.23
N GLU J 230 -44.66 -47.97 34.10
CA GLU J 230 -45.87 -48.63 33.61
C GLU J 230 -45.67 -50.10 33.31
N THR J 231 -44.45 -50.61 33.47
CA THR J 231 -44.21 -52.02 33.16
C THR J 231 -43.02 -52.62 33.89
N ASN J 232 -42.82 -52.19 35.14
CA ASN J 232 -41.70 -52.68 35.94
C ASN J 232 -40.37 -52.55 35.19
N GLY J 233 -39.97 -51.30 34.96
CA GLY J 233 -38.73 -50.99 34.27
C GLY J 233 -38.29 -51.91 33.14
N ARG J 234 -39.05 -51.97 32.06
CA ARG J 234 -38.68 -52.80 30.92
C ARG J 234 -38.53 -51.90 29.70
N ILE J 235 -37.42 -52.04 28.99
CA ILE J 235 -37.11 -51.21 27.82
C ILE J 235 -37.80 -51.64 26.53
N PRO J 236 -38.38 -50.68 25.78
CA PRO J 236 -39.05 -51.03 24.52
C PRO J 236 -37.99 -51.69 23.66
N LYS J 237 -38.00 -53.02 23.64
CA LYS J 237 -37.00 -53.80 22.93
C LYS J 237 -37.42 -54.50 21.63
N THR J 238 -38.72 -54.65 21.42
CA THR J 238 -39.18 -55.30 20.22
C THR J 238 -39.70 -54.31 19.19
N TYR J 239 -39.75 -54.73 17.93
CA TYR J 239 -40.25 -53.87 16.87
C TYR J 239 -41.67 -53.48 17.23
N LYS J 240 -42.36 -54.43 17.86
CA LYS J 240 -43.73 -54.21 18.32
C LYS J 240 -43.65 -53.07 19.33
N GLU J 241 -43.04 -53.34 20.49
CA GLU J 241 -42.88 -52.36 21.55
C GLU J 241 -42.39 -51.02 21.00
N LYS J 242 -41.29 -51.06 20.27
CA LYS J 242 -40.73 -49.85 19.68
C LYS J 242 -41.84 -49.10 18.97
N GLU J 243 -42.57 -49.81 18.10
CA GLU J 243 -43.68 -49.20 17.38
C GLU J 243 -44.61 -48.56 18.41
N ASP J 244 -45.17 -49.39 19.28
CA ASP J 244 -46.07 -48.91 20.32
C ASP J 244 -45.50 -47.67 21.02
N PHE J 245 -44.23 -47.73 21.39
CA PHE J 245 -43.60 -46.61 22.06
C PHE J 245 -43.91 -45.33 21.29
N ARG J 246 -43.73 -45.37 19.97
CA ARG J 246 -44.01 -44.22 19.10
C ARG J 246 -45.31 -43.54 19.45
N ASP J 247 -46.36 -44.33 19.59
CA ASP J 247 -47.70 -43.82 19.90
C ASP J 247 -47.82 -43.28 21.31
N LEU J 248 -47.11 -43.90 22.25
CA LEU J 248 -47.15 -43.47 23.64
C LEU J 248 -46.59 -42.05 23.76
N ILE J 249 -46.10 -41.52 22.64
CA ILE J 249 -45.54 -40.17 22.60
C ILE J 249 -46.41 -39.23 21.78
N ARG J 250 -47.07 -39.77 20.74
CA ARG J 250 -47.95 -38.94 19.93
C ARG J 250 -48.94 -38.35 20.90
N GLN J 251 -49.24 -39.10 21.96
CA GLN J 251 -50.17 -38.64 22.98
C GLN J 251 -49.44 -37.76 23.99
N GLY J 252 -49.05 -36.58 23.53
CA GLY J 252 -48.34 -35.62 24.35
C GLY J 252 -48.47 -34.37 23.51
N ILE J 253 -49.09 -34.59 22.36
CA ILE J 253 -49.36 -33.54 21.40
C ILE J 253 -50.62 -32.96 21.99
N LEU J 254 -50.56 -31.86 22.72
CA LEU J 254 -51.86 -31.41 23.15
C LEU J 254 -52.49 -30.83 21.89
N GLU J 259 -47.43 -30.21 16.78
CA GLU J 259 -46.09 -30.03 17.31
C GLU J 259 -45.06 -30.76 16.45
N GLU J 260 -44.02 -30.05 16.05
CA GLU J 260 -42.99 -30.62 15.20
C GLU J 260 -41.99 -31.49 15.93
N ASN J 261 -41.24 -30.92 16.87
CA ASN J 261 -40.23 -31.69 17.60
C ASN J 261 -40.79 -32.96 18.23
N PHE J 262 -42.13 -33.04 18.33
CA PHE J 262 -42.76 -34.23 18.89
C PHE J 262 -42.86 -35.31 17.84
N GLU J 263 -42.92 -34.90 16.59
CA GLU J 263 -43.00 -35.83 15.48
C GLU J 263 -41.58 -36.15 15.05
N GLU J 264 -40.63 -35.43 15.64
CA GLU J 264 -39.21 -35.61 15.36
C GLU J 264 -38.82 -36.72 16.34
N ALA J 265 -39.20 -36.51 17.60
CA ALA J 265 -38.91 -37.45 18.67
C ALA J 265 -39.45 -38.84 18.40
N ILE J 266 -40.44 -38.94 17.54
CA ILE J 266 -41.05 -40.24 17.24
C ILE J 266 -40.27 -41.07 16.23
N LYS J 267 -39.25 -40.49 15.62
CA LYS J 267 -38.45 -41.24 14.67
C LYS J 267 -37.15 -41.69 15.33
N ASN J 268 -36.65 -40.87 16.25
CA ASN J 268 -35.41 -41.18 16.97
C ASN J 268 -35.59 -42.41 17.84
N VAL J 269 -36.80 -42.95 17.82
CA VAL J 269 -37.14 -44.14 18.59
C VAL J 269 -36.40 -45.32 17.96
N ASN J 270 -36.12 -45.19 16.67
CA ASN J 270 -35.40 -46.22 15.94
C ASN J 270 -33.99 -45.99 16.42
N THR J 271 -33.71 -44.87 17.08
CA THR J 271 -32.33 -44.75 17.49
C THR J 271 -32.01 -44.62 18.93
N ALA J 272 -32.50 -43.53 19.51
CA ALA J 272 -32.30 -43.17 20.91
C ALA J 272 -32.00 -44.36 21.80
N LEU J 273 -33.04 -45.17 21.92
CA LEU J 273 -33.10 -46.37 22.72
C LEU J 273 -31.76 -47.02 23.03
N ASN J 274 -31.28 -47.87 22.16
CA ASN J 274 -30.02 -48.55 22.42
C ASN J 274 -28.82 -47.96 21.70
N THR J 275 -28.05 -47.14 22.40
CA THR J 275 -26.86 -46.52 21.78
C THR J 275 -25.56 -46.81 22.53
N THR J 276 -25.66 -47.16 23.81
CA THR J 276 -24.50 -47.41 24.64
C THR J 276 -23.99 -48.85 24.67
N GLN J 277 -23.13 -49.17 23.71
CA GLN J 277 -22.54 -50.49 23.59
C GLN J 277 -21.09 -50.35 23.12
N ILE J 278 -20.17 -51.07 23.77
CA ILE J 278 -18.79 -51.00 23.34
C ILE J 278 -18.72 -51.73 22.02
N PRO J 279 -18.26 -51.06 20.96
CA PRO J 279 -18.15 -51.69 19.64
C PRO J 279 -17.23 -52.89 19.55
N SER J 280 -17.62 -53.83 18.70
CA SER J 280 -16.86 -55.06 18.50
C SER J 280 -15.37 -54.85 18.25
N SER J 281 -15.05 -53.86 17.42
CA SER J 281 -13.67 -53.54 17.08
C SER J 281 -12.86 -53.00 18.26
N ILE J 282 -13.48 -52.20 19.13
CA ILE J 282 -12.75 -51.69 20.27
C ILE J 282 -12.53 -52.87 21.21
N GLU J 283 -13.48 -53.79 21.18
CA GLU J 283 -13.42 -54.99 22.01
C GLU J 283 -12.19 -55.84 21.73
N ASP J 284 -11.68 -55.79 20.51
CA ASP J 284 -10.52 -56.57 20.12
C ASP J 284 -9.23 -55.89 20.46
N ILE J 285 -9.23 -54.57 20.50
CA ILE J 285 -8.01 -53.90 20.87
C ILE J 285 -7.80 -54.18 22.34
N PHE J 286 -8.88 -54.07 23.11
CA PHE J 286 -8.83 -54.33 24.53
C PHE J 286 -8.23 -55.72 24.80
N ASN J 287 -8.66 -56.73 24.06
CA ASN J 287 -8.17 -58.10 24.25
C ASN J 287 -6.83 -58.37 23.57
N ASP J 288 -6.30 -57.39 22.88
CA ASP J 288 -5.04 -57.59 22.18
C ASP J 288 -3.86 -57.77 23.10
N ASP J 289 -2.93 -58.57 22.63
CA ASP J 289 -1.71 -58.87 23.36
C ASP J 289 -0.91 -57.61 23.72
N ARG J 290 -0.86 -56.62 22.85
CA ARG J 290 -0.10 -55.42 23.15
C ARG J 290 -0.78 -54.49 24.15
N CYS J 291 -2.08 -54.69 24.33
CA CYS J 291 -2.89 -53.90 25.26
C CYS J 291 -2.86 -54.50 26.66
N ILE J 292 -2.73 -55.83 26.72
CA ILE J 292 -2.71 -56.58 27.98
C ILE J 292 -1.32 -56.57 28.64
N ASN J 293 -0.31 -56.95 27.89
CA ASN J 293 1.03 -56.97 28.43
C ASN J 293 1.74 -55.72 28.00
N ILE J 294 1.82 -54.80 28.94
CA ILE J 294 2.46 -53.51 28.74
C ILE J 294 3.88 -53.57 29.23
N THR J 295 4.76 -52.85 28.52
CA THR J 295 6.17 -52.79 28.88
C THR J 295 6.62 -51.39 28.56
N LYS J 296 7.92 -51.16 28.66
CA LYS J 296 8.44 -49.84 28.37
C LYS J 296 8.47 -49.69 26.84
N GLN J 297 8.49 -50.81 26.13
CA GLN J 297 8.50 -50.80 24.65
C GLN J 297 7.08 -50.58 24.13
N THR J 298 6.10 -50.64 25.03
CA THR J 298 4.72 -50.42 24.63
C THR J 298 4.57 -48.99 24.15
N PRO J 299 4.03 -48.80 22.93
CA PRO J 299 3.82 -47.47 22.32
C PRO J 299 2.75 -46.70 23.09
N SER J 300 2.80 -45.38 22.99
CA SER J 300 1.83 -44.57 23.69
C SER J 300 0.41 -44.90 23.25
N PHE J 301 0.25 -45.51 22.07
CA PHE J 301 -1.10 -45.85 21.64
C PHE J 301 -1.76 -46.85 22.61
N TRP J 302 -1.07 -47.95 22.86
CA TRP J 302 -1.59 -48.98 23.75
C TRP J 302 -1.78 -48.55 25.20
N ILE J 303 -0.82 -47.80 25.73
CA ILE J 303 -0.94 -47.30 27.09
C ILE J 303 -2.30 -46.63 27.23
N LEU J 304 -2.68 -45.87 26.21
CA LEU J 304 -3.98 -45.17 26.18
C LEU J 304 -5.14 -46.15 25.98
N ALA J 305 -4.85 -47.27 25.32
CA ALA J 305 -5.86 -48.30 25.10
C ALA J 305 -6.15 -49.03 26.42
N ARG J 306 -5.11 -49.32 27.20
CA ARG J 306 -5.32 -49.99 28.46
C ARG J 306 -6.03 -49.02 29.38
N ALA J 307 -5.60 -47.77 29.37
CA ALA J 307 -6.22 -46.75 30.23
C ALA J 307 -7.72 -46.71 29.95
N LEU J 308 -8.09 -46.88 28.69
CA LEU J 308 -9.50 -46.90 28.33
C LEU J 308 -10.10 -48.16 29.00
N LYS J 309 -9.58 -49.33 28.64
CA LYS J 309 -10.03 -50.61 29.20
C LYS J 309 -10.11 -50.56 30.72
N GLU J 310 -9.10 -49.98 31.36
CA GLU J 310 -9.11 -49.86 32.82
C GLU J 310 -10.31 -49.03 33.22
N PHE J 311 -10.54 -47.96 32.48
CA PHE J 311 -11.68 -47.07 32.73
C PHE J 311 -12.95 -47.94 32.70
N VAL J 312 -13.24 -48.49 31.53
CA VAL J 312 -14.39 -49.36 31.32
C VAL J 312 -14.67 -50.28 32.49
N ALA J 313 -13.60 -50.74 33.11
CA ALA J 313 -13.70 -51.65 34.25
C ALA J 313 -14.11 -50.96 35.57
N LYS J 314 -13.44 -49.85 35.90
CA LYS J 314 -13.74 -49.13 37.13
C LYS J 314 -14.78 -48.01 36.97
N GLU J 315 -14.30 -46.79 36.78
CA GLU J 315 -15.16 -45.62 36.63
C GLU J 315 -16.11 -45.74 35.44
N GLY J 316 -15.64 -46.36 34.36
CA GLY J 316 -16.45 -46.49 33.16
C GLY J 316 -17.79 -47.19 33.30
N GLN J 317 -18.00 -47.86 34.43
CA GLN J 317 -19.25 -48.56 34.65
C GLN J 317 -19.52 -49.57 33.56
N GLY J 318 -18.48 -50.04 32.89
CA GLY J 318 -18.72 -51.03 31.84
C GLY J 318 -18.71 -50.54 30.42
N ASN J 319 -18.83 -49.23 30.21
CA ASN J 319 -18.79 -48.67 28.85
C ASN J 319 -17.69 -47.65 28.68
N LEU J 320 -17.41 -47.30 27.41
CA LEU J 320 -16.39 -46.31 27.07
C LEU J 320 -16.79 -44.95 27.64
N PRO J 321 -15.84 -44.04 27.90
CA PRO J 321 -16.21 -42.73 28.45
C PRO J 321 -17.26 -42.03 27.61
N VAL J 322 -17.90 -41.00 28.16
CA VAL J 322 -18.92 -40.30 27.40
C VAL J 322 -18.27 -39.46 26.33
N ARG J 323 -18.78 -39.60 25.10
CA ARG J 323 -18.29 -38.85 23.95
C ARG J 323 -18.42 -37.35 24.22
N GLY J 324 -19.59 -36.96 24.73
CA GLY J 324 -19.84 -35.57 25.07
C GLY J 324 -20.43 -34.73 23.97
N THR J 325 -20.97 -35.36 22.94
CA THR J 325 -21.53 -34.56 21.87
C THR J 325 -22.90 -35.05 21.46
N ILE J 326 -23.86 -34.13 21.50
CA ILE J 326 -25.24 -34.41 21.11
C ILE J 326 -25.49 -33.73 19.77
N PRO J 327 -26.30 -34.36 18.91
CA PRO J 327 -26.63 -33.81 17.59
C PRO J 327 -27.45 -32.54 17.69
N ASP J 328 -28.01 -32.10 16.58
CA ASP J 328 -28.85 -30.90 16.60
C ASP J 328 -30.29 -31.36 16.61
N MET J 329 -31.10 -30.65 17.39
CA MET J 329 -32.51 -30.95 17.53
C MET J 329 -33.29 -29.68 17.81
N ILE J 330 -34.41 -29.54 17.11
CA ILE J 330 -35.26 -28.37 17.26
C ILE J 330 -35.66 -28.21 18.71
N ALA J 331 -35.25 -27.09 19.30
CA ALA J 331 -35.56 -26.81 20.68
C ALA J 331 -35.06 -25.44 21.12
N ASP J 332 -35.51 -25.02 22.29
CA ASP J 332 -35.16 -23.74 22.88
C ASP J 332 -33.67 -23.48 22.78
N SER J 333 -33.24 -22.26 23.08
CA SER J 333 -31.83 -21.92 23.02
C SER J 333 -31.15 -21.93 24.38
N GLY J 334 -31.85 -22.44 25.39
CA GLY J 334 -31.28 -22.50 26.72
C GLY J 334 -31.46 -23.91 27.21
N LYS J 335 -32.56 -24.52 26.77
CA LYS J 335 -32.91 -25.88 27.13
C LYS J 335 -32.13 -26.84 26.21
N TYR J 336 -31.17 -26.26 25.49
CA TYR J 336 -30.32 -27.03 24.59
C TYR J 336 -28.87 -26.76 24.98
N ILE J 337 -28.60 -25.53 25.39
CA ILE J 337 -27.25 -25.17 25.81
C ILE J 337 -26.96 -25.83 27.14
N LYS J 338 -28.00 -26.23 27.86
CA LYS J 338 -27.77 -26.88 29.14
C LYS J 338 -27.63 -28.38 28.89
N LEU J 339 -28.42 -28.90 27.95
CA LEU J 339 -28.36 -30.31 27.61
C LEU J 339 -26.97 -30.56 27.05
N GLN J 340 -26.47 -29.57 26.30
CA GLN J 340 -25.14 -29.63 25.71
C GLN J 340 -24.13 -29.72 26.87
N ASN J 341 -24.19 -28.77 27.78
CA ASN J 341 -23.26 -28.77 28.90
C ASN J 341 -23.33 -30.01 29.79
N VAL J 342 -24.50 -30.64 29.84
CA VAL J 342 -24.67 -31.84 30.65
C VAL J 342 -23.65 -32.87 30.21
N TYR J 343 -23.72 -33.26 28.94
CA TYR J 343 -22.78 -34.22 28.40
C TYR J 343 -21.34 -33.71 28.45
N ARG J 344 -21.12 -32.55 27.83
CA ARG J 344 -19.79 -31.96 27.80
C ARG J 344 -19.11 -32.07 29.15
N GLU J 345 -19.81 -31.69 30.20
CA GLU J 345 -19.25 -31.75 31.53
C GLU J 345 -18.97 -33.16 32.05
N LYS J 346 -19.86 -34.10 31.74
CA LYS J 346 -19.71 -35.50 32.14
C LYS J 346 -18.49 -36.06 31.39
N ALA J 347 -18.54 -35.90 30.06
CA ALA J 347 -17.50 -36.33 29.16
C ALA J 347 -16.12 -35.82 29.59
N LYS J 348 -16.07 -34.59 30.10
CA LYS J 348 -14.80 -34.04 30.54
C LYS J 348 -14.33 -34.75 31.79
N LYS J 349 -15.26 -35.06 32.70
CA LYS J 349 -14.90 -35.73 33.95
C LYS J 349 -14.52 -37.18 33.70
N ASP J 350 -15.22 -37.81 32.75
CA ASP J 350 -14.94 -39.20 32.37
C ASP J 350 -13.51 -39.27 31.80
N ALA J 351 -13.13 -38.24 31.06
CA ALA J 351 -11.81 -38.15 30.44
C ALA J 351 -10.69 -37.97 31.44
N ALA J 352 -10.93 -37.17 32.47
CA ALA J 352 -9.93 -36.94 33.49
C ALA J 352 -9.66 -38.26 34.19
N ALA J 353 -10.71 -39.09 34.28
CA ALA J 353 -10.63 -40.40 34.91
C ALA J 353 -9.76 -41.34 34.08
N VAL J 354 -9.90 -41.28 32.75
CA VAL J 354 -9.11 -42.11 31.86
C VAL J 354 -7.70 -41.53 31.91
N GLY J 355 -7.61 -40.29 32.42
CA GLY J 355 -6.34 -39.62 32.57
C GLY J 355 -5.54 -40.20 33.73
N ASN J 356 -6.22 -40.66 34.78
CA ASN J 356 -5.55 -41.22 35.93
C ASN J 356 -4.91 -42.55 35.55
N HIS J 357 -5.66 -43.35 34.80
CA HIS J 357 -5.16 -44.64 34.37
C HIS J 357 -3.92 -44.47 33.50
N VAL J 358 -3.99 -43.54 32.55
CA VAL J 358 -2.83 -43.28 31.70
C VAL J 358 -1.63 -42.91 32.60
N ALA J 359 -1.91 -42.23 33.71
CA ALA J 359 -0.85 -41.82 34.62
C ALA J 359 -0.30 -42.99 35.43
N LYS J 360 -1.18 -43.70 36.13
CA LYS J 360 -0.78 -44.84 36.94
C LYS J 360 -0.02 -45.80 36.04
N LEU J 361 -0.56 -46.03 34.85
CA LEU J 361 0.08 -46.93 33.89
C LEU J 361 1.49 -46.52 33.51
N LEU J 362 1.67 -45.26 33.14
CA LEU J 362 3.01 -44.83 32.76
C LEU J 362 3.94 -45.06 33.93
N GLN J 363 3.38 -45.06 35.13
CA GLN J 363 4.18 -45.28 36.32
C GLN J 363 4.65 -46.72 36.45
N SER J 364 3.75 -47.67 36.29
CA SER J 364 4.11 -49.09 36.41
C SER J 364 5.12 -49.52 35.35
N ILE J 365 5.28 -48.71 34.30
CA ILE J 365 6.21 -48.99 33.21
C ILE J 365 7.55 -48.34 33.57
N GLY J 366 7.46 -47.21 34.27
CA GLY J 366 8.67 -46.51 34.65
C GLY J 366 8.93 -45.31 33.77
N GLN J 367 7.92 -44.88 33.01
CA GLN J 367 8.11 -43.73 32.15
C GLN J 367 7.50 -42.47 32.77
N ALA J 368 8.14 -41.32 32.53
CA ALA J 368 7.69 -40.03 33.05
C ALA J 368 6.18 -39.89 33.01
N PRO J 369 5.55 -39.65 34.18
CA PRO J 369 4.09 -39.51 34.31
C PRO J 369 3.49 -38.64 33.22
N GLU J 370 4.32 -37.78 32.66
CA GLU J 370 3.84 -36.90 31.63
C GLU J 370 4.48 -37.11 30.26
N SER J 371 4.73 -38.36 29.90
CA SER J 371 5.32 -38.66 28.60
C SER J 371 4.19 -38.62 27.58
N ILE J 372 2.99 -38.36 28.07
CA ILE J 372 1.80 -38.28 27.24
C ILE J 372 1.02 -37.03 27.67
N SER J 373 0.75 -36.16 26.70
CA SER J 373 0.04 -34.88 26.91
C SER J 373 -1.45 -35.03 27.08
N GLU J 374 -2.10 -33.92 27.41
CA GLU J 374 -3.55 -33.95 27.59
C GLU J 374 -4.29 -33.75 26.27
N LYS J 375 -3.58 -33.28 25.26
CA LYS J 375 -4.18 -33.08 23.96
C LYS J 375 -4.55 -34.48 23.45
N GLU J 376 -3.60 -35.41 23.48
CA GLU J 376 -3.88 -36.77 23.05
C GLU J 376 -5.05 -37.26 23.88
N LEU J 377 -4.91 -37.19 25.20
CA LEU J 377 -5.94 -37.63 26.14
C LEU J 377 -7.34 -37.26 25.69
N LYS J 378 -7.59 -35.97 25.49
CA LYS J 378 -8.91 -35.52 25.06
C LYS J 378 -9.29 -36.06 23.69
N LEU J 379 -8.34 -36.07 22.76
CA LEU J 379 -8.60 -36.55 21.42
C LEU J 379 -8.96 -38.04 21.47
N LEU J 380 -8.28 -38.74 22.38
CA LEU J 380 -8.48 -40.16 22.60
C LEU J 380 -9.93 -40.47 22.99
N CYS J 381 -10.35 -39.93 24.13
CA CYS J 381 -11.70 -40.14 24.67
C CYS J 381 -12.80 -39.90 23.67
N SER J 382 -12.73 -38.78 22.96
CA SER J 382 -13.73 -38.40 21.98
C SER J 382 -13.91 -39.48 20.92
N ASN J 383 -12.80 -40.06 20.49
CA ASN J 383 -12.82 -41.09 19.47
C ASN J 383 -12.77 -42.50 20.01
N SER J 384 -12.62 -42.61 21.33
CA SER J 384 -12.54 -43.90 21.99
C SER J 384 -13.38 -44.94 21.28
N ALA J 385 -14.55 -44.55 20.79
CA ALA J 385 -15.41 -45.52 20.12
C ALA J 385 -14.95 -45.88 18.70
N PHE J 386 -14.03 -45.10 18.13
CA PHE J 386 -13.62 -45.35 16.77
C PHE J 386 -12.18 -45.73 16.54
N LEU J 387 -11.43 -46.02 17.59
CA LEU J 387 -10.02 -46.39 17.41
C LEU J 387 -9.99 -47.49 16.36
N ARG J 388 -8.89 -47.55 15.61
CA ARG J 388 -8.72 -48.56 14.56
C ARG J 388 -7.27 -48.98 14.48
N VAL J 389 -7.03 -50.28 14.35
CA VAL J 389 -5.67 -50.76 14.23
C VAL J 389 -5.52 -51.64 13.01
N VAL J 390 -4.59 -51.27 12.14
CA VAL J 390 -4.37 -52.04 10.92
C VAL J 390 -2.99 -52.69 10.99
N ARG J 391 -2.92 -53.96 10.59
CA ARG J 391 -1.66 -54.69 10.53
C ARG J 391 -1.65 -55.42 9.21
N CYS J 392 -0.65 -55.14 8.40
CA CYS J 392 -0.55 -55.75 7.09
C CYS J 392 0.41 -56.95 7.14
N ARG J 393 0.16 -57.97 6.35
CA ARG J 393 1.06 -59.11 6.33
C ARG J 393 2.26 -58.67 5.53
N SER J 394 3.47 -59.03 5.98
CA SER J 394 4.70 -58.69 5.28
C SER J 394 4.60 -59.19 3.86
N LEU J 395 5.50 -58.76 2.97
CA LEU J 395 5.42 -59.23 1.60
C LEU J 395 5.95 -60.67 1.52
N ALA J 396 6.92 -61.00 2.37
CA ALA J 396 7.49 -62.34 2.43
C ALA J 396 6.37 -63.34 2.63
N GLU J 397 5.43 -63.01 3.51
CA GLU J 397 4.31 -63.91 3.78
C GLU J 397 3.36 -64.02 2.57
N GLU J 398 3.19 -62.94 1.82
CA GLU J 398 2.31 -62.96 0.66
C GLU J 398 2.94 -63.82 -0.44
N TYR J 399 4.26 -63.72 -0.55
CA TYR J 399 5.01 -64.43 -1.56
C TYR J 399 5.55 -65.82 -1.17
N GLY J 400 5.23 -66.28 0.05
CA GLY J 400 5.70 -67.58 0.49
C GLY J 400 4.87 -68.76 -0.02
N LEU J 401 5.49 -69.94 -0.13
CA LEU J 401 4.79 -71.14 -0.61
C LEU J 401 3.89 -71.72 0.46
N ASP J 402 4.27 -71.53 1.71
CA ASP J 402 3.49 -72.04 2.83
C ASP J 402 2.53 -70.96 3.34
N THR J 403 2.99 -69.71 3.31
CA THR J 403 2.23 -68.56 3.81
C THR J 403 1.18 -67.89 2.88
N ILE J 404 1.25 -68.16 1.58
CA ILE J 404 0.29 -67.56 0.63
C ILE J 404 -1.14 -67.66 1.16
N ASN J 405 -2.04 -66.82 0.65
CA ASN J 405 -3.43 -66.83 1.09
C ASN J 405 -4.33 -67.45 0.01
N LYS J 406 -4.06 -68.71 -0.29
CA LYS J 406 -4.81 -69.43 -1.29
C LYS J 406 -6.30 -69.23 -1.11
N ASP J 407 -6.75 -69.37 0.14
CA ASP J 407 -8.16 -69.26 0.44
C ASP J 407 -8.89 -68.08 -0.17
N GLU J 408 -8.39 -66.87 0.04
CA GLU J 408 -9.08 -65.71 -0.51
C GLU J 408 -8.94 -65.62 -2.01
N ILE J 409 -7.80 -66.08 -2.54
CA ILE J 409 -7.59 -66.03 -3.97
C ILE J 409 -8.64 -66.87 -4.67
N ILE J 410 -8.64 -68.17 -4.36
CA ILE J 410 -9.57 -69.10 -4.97
C ILE J 410 -11.03 -68.71 -4.72
N SER J 411 -11.27 -68.08 -3.56
CA SER J 411 -12.60 -67.63 -3.19
C SER J 411 -13.09 -66.54 -4.15
N SER J 412 -12.23 -65.55 -4.37
CA SER J 412 -12.55 -64.45 -5.27
C SER J 412 -12.70 -64.98 -6.69
N MET J 413 -11.75 -65.81 -7.12
CA MET J 413 -11.77 -66.37 -8.46
C MET J 413 -13.07 -67.06 -8.85
N ASP J 414 -13.97 -67.28 -7.89
CA ASP J 414 -15.23 -67.93 -8.22
C ASP J 414 -16.06 -67.07 -9.16
N ASN J 415 -15.49 -65.90 -9.49
CA ASN J 415 -16.06 -64.94 -10.44
C ASN J 415 -14.87 -64.75 -11.40
N PRO J 416 -14.91 -65.41 -12.57
CA PRO J 416 -13.83 -65.32 -13.55
C PRO J 416 -13.39 -63.91 -13.94
N ASP J 417 -14.08 -62.91 -13.40
CA ASP J 417 -13.74 -61.52 -13.69
C ASP J 417 -13.46 -60.71 -12.43
N ASN J 418 -13.25 -61.38 -11.30
CA ASN J 418 -12.96 -60.67 -10.07
C ASN J 418 -11.56 -60.06 -10.20
N GLU J 419 -11.38 -58.82 -9.73
CA GLU J 419 -10.09 -58.14 -9.84
C GLU J 419 -8.91 -59.07 -9.63
N ILE J 420 -9.00 -59.93 -8.64
CA ILE J 420 -7.92 -60.86 -8.33
C ILE J 420 -7.28 -61.46 -9.58
N VAL J 421 -8.00 -61.52 -10.69
CA VAL J 421 -7.43 -62.09 -11.91
C VAL J 421 -6.23 -61.26 -12.30
N LEU J 422 -6.43 -59.94 -12.26
CA LEU J 422 -5.38 -59.00 -12.62
C LEU J 422 -4.16 -59.17 -11.75
N TYR J 423 -4.36 -59.52 -10.48
CA TYR J 423 -3.22 -59.75 -9.57
C TYR J 423 -2.48 -61.01 -10.03
N LEU J 424 -3.21 -62.10 -10.21
CA LEU J 424 -2.60 -63.34 -10.65
C LEU J 424 -1.81 -63.06 -11.92
N MET J 425 -2.40 -62.27 -12.82
CA MET J 425 -1.76 -61.94 -14.08
C MET J 425 -0.43 -61.21 -13.93
N LEU J 426 -0.35 -60.34 -12.92
CA LEU J 426 0.86 -59.59 -12.67
C LEU J 426 1.96 -60.55 -12.24
N ARG J 427 1.65 -61.47 -11.32
CA ARG J 427 2.65 -62.43 -10.85
C ARG J 427 3.14 -63.18 -12.07
N ALA J 428 2.21 -63.58 -12.93
CA ALA J 428 2.51 -64.30 -14.14
C ALA J 428 3.45 -63.47 -14.99
N VAL J 429 3.14 -62.18 -15.10
CA VAL J 429 3.94 -61.28 -15.90
C VAL J 429 5.33 -61.08 -15.33
N ASP J 430 5.43 -60.82 -14.04
CA ASP J 430 6.74 -60.62 -13.42
C ASP J 430 7.62 -61.85 -13.61
N ARG J 431 6.98 -63.01 -13.58
CA ARG J 431 7.67 -64.27 -13.77
C ARG J 431 8.13 -64.29 -15.22
N PHE J 432 7.21 -63.96 -16.12
CA PHE J 432 7.56 -63.93 -17.53
C PHE J 432 8.82 -63.10 -17.61
N HIS J 433 8.82 -61.99 -16.88
CA HIS J 433 9.95 -61.05 -16.85
C HIS J 433 11.20 -61.71 -16.31
N LYS J 434 11.12 -62.24 -15.10
CA LYS J 434 12.27 -62.87 -14.48
C LYS J 434 12.98 -63.83 -15.44
N GLN J 435 12.25 -64.82 -15.93
CA GLN J 435 12.81 -65.82 -16.82
C GLN J 435 13.10 -65.39 -18.25
N GLN J 436 12.52 -64.29 -18.71
CA GLN J 436 12.75 -63.84 -20.09
C GLN J 436 13.65 -62.63 -20.18
N GLY J 437 13.70 -61.85 -19.11
CA GLY J 437 14.54 -60.67 -19.10
C GLY J 437 13.93 -59.50 -19.86
N ARG J 438 12.61 -59.53 -20.02
CA ARG J 438 11.85 -58.50 -20.73
C ARG J 438 10.38 -58.68 -20.44
N TYR J 439 9.57 -57.66 -20.68
CA TYR J 439 8.14 -57.79 -20.42
C TYR J 439 7.33 -58.24 -21.64
N PRO J 440 6.23 -58.98 -21.40
CA PRO J 440 5.35 -59.50 -22.46
C PRO J 440 4.71 -58.51 -23.42
N GLY J 441 5.07 -58.65 -24.70
CA GLY J 441 4.52 -57.81 -25.75
C GLY J 441 4.93 -56.36 -25.81
N VAL J 442 6.20 -56.04 -25.54
CA VAL J 442 6.64 -54.66 -25.59
C VAL J 442 6.60 -54.21 -27.05
N SER J 443 7.42 -54.83 -27.89
CA SER J 443 7.44 -54.47 -29.30
C SER J 443 6.14 -54.96 -29.93
N ASN J 444 5.70 -54.28 -30.99
CA ASN J 444 4.46 -54.70 -31.60
C ASN J 444 4.46 -56.14 -32.12
N TYR J 445 5.57 -56.59 -32.69
CA TYR J 445 5.63 -57.94 -33.24
C TYR J 445 5.70 -59.06 -32.21
N GLN J 446 6.26 -58.78 -31.04
CA GLN J 446 6.39 -59.78 -29.99
C GLN J 446 5.05 -60.26 -29.41
N VAL J 447 3.99 -59.47 -29.60
CA VAL J 447 2.68 -59.85 -29.06
C VAL J 447 2.23 -61.25 -29.50
N GLU J 448 2.47 -61.54 -30.77
CA GLU J 448 2.12 -62.85 -31.36
C GLU J 448 2.60 -63.97 -30.42
N GLU J 449 3.89 -64.29 -30.51
CA GLU J 449 4.50 -65.33 -29.69
C GLU J 449 4.05 -65.24 -28.23
N ASP J 450 4.65 -64.28 -27.53
CA ASP J 450 4.40 -63.99 -26.13
C ASP J 450 3.07 -64.44 -25.54
N ILE J 451 1.97 -64.16 -26.20
CA ILE J 451 0.68 -64.57 -25.65
C ILE J 451 0.78 -66.02 -25.18
N GLY J 452 1.58 -66.82 -25.87
CA GLY J 452 1.74 -68.21 -25.47
C GLY J 452 2.68 -68.32 -24.28
N LYS J 453 3.93 -67.87 -24.45
CA LYS J 453 4.93 -67.92 -23.39
C LYS J 453 4.42 -67.41 -22.05
N LEU J 454 3.37 -66.61 -22.07
CA LEU J 454 2.79 -66.07 -20.85
C LEU J 454 1.77 -67.06 -20.28
N LYS J 455 0.95 -67.62 -21.16
CA LYS J 455 -0.08 -68.60 -20.76
C LYS J 455 0.55 -69.76 -19.99
N SER J 456 1.85 -69.98 -20.20
CA SER J 456 2.59 -71.05 -19.54
C SER J 456 3.23 -70.60 -18.25
N CYS J 457 3.45 -69.29 -18.11
CA CYS J 457 4.05 -68.74 -16.88
C CYS J 457 2.94 -68.64 -15.86
N LEU J 458 1.75 -68.22 -16.32
CA LEU J 458 0.58 -68.11 -15.46
C LEU J 458 0.44 -69.49 -14.86
N THR J 459 0.56 -70.48 -15.73
CA THR J 459 0.47 -71.88 -15.37
C THR J 459 1.61 -72.28 -14.42
N GLY J 460 2.86 -71.95 -14.81
CA GLY J 460 4.00 -72.28 -13.97
C GLY J 460 3.86 -71.66 -12.60
N PHE J 461 3.26 -70.47 -12.56
CA PHE J 461 3.02 -69.73 -11.33
C PHE J 461 1.93 -70.38 -10.48
N LEU J 462 0.78 -70.64 -11.09
CA LEU J 462 -0.33 -71.25 -10.37
C LEU J 462 0.09 -72.57 -9.72
N GLN J 463 0.92 -73.33 -10.40
CA GLN J 463 1.38 -74.61 -9.87
C GLN J 463 2.38 -74.45 -8.74
N GLU J 464 3.40 -73.62 -8.92
CA GLU J 464 4.39 -73.43 -7.86
C GLU J 464 3.68 -73.13 -6.54
N TYR J 465 2.54 -72.45 -6.62
CA TYR J 465 1.75 -72.09 -5.44
C TYR J 465 0.55 -72.98 -5.26
N GLY J 466 0.31 -73.86 -6.22
CA GLY J 466 -0.81 -74.76 -6.11
C GLY J 466 -2.17 -74.09 -5.97
N LEU J 467 -2.50 -73.29 -6.95
CA LEU J 467 -3.77 -72.60 -6.96
C LEU J 467 -4.59 -73.17 -8.10
N SER J 468 -5.73 -73.77 -7.78
CA SER J 468 -6.56 -74.30 -8.83
C SER J 468 -7.67 -73.32 -9.16
N VAL J 469 -7.40 -72.47 -10.16
CA VAL J 469 -8.34 -71.46 -10.60
C VAL J 469 -8.37 -71.32 -12.12
N MET J 470 -9.54 -70.98 -12.64
CA MET J 470 -9.73 -70.80 -14.08
C MET J 470 -9.56 -69.34 -14.49
N VAL J 471 -8.41 -69.03 -15.08
CA VAL J 471 -8.13 -67.69 -15.56
C VAL J 471 -8.37 -67.67 -17.06
N LYS J 472 -9.43 -66.98 -17.51
CA LYS J 472 -9.74 -66.92 -18.93
C LYS J 472 -8.52 -66.67 -19.81
N ASP J 473 -8.67 -66.82 -21.12
CA ASP J 473 -7.54 -66.58 -22.01
C ASP J 473 -7.60 -65.16 -22.54
N ASP J 474 -8.76 -64.52 -22.38
CA ASP J 474 -8.90 -63.16 -22.83
C ASP J 474 -8.01 -62.28 -21.96
N TYR J 475 -7.70 -62.77 -20.76
CA TYR J 475 -6.82 -62.03 -19.87
C TYR J 475 -5.35 -62.23 -20.24
N VAL J 476 -5.02 -63.34 -20.88
CA VAL J 476 -3.65 -63.56 -21.28
C VAL J 476 -3.39 -62.68 -22.49
N HIS J 477 -4.42 -62.51 -23.32
CA HIS J 477 -4.30 -61.68 -24.52
C HIS J 477 -4.07 -60.24 -24.09
N GLU J 478 -5.00 -59.69 -23.33
CA GLU J 478 -4.96 -58.31 -22.88
C GLU J 478 -3.64 -57.82 -22.29
N PHE J 479 -3.03 -58.62 -21.41
CA PHE J 479 -1.76 -58.23 -20.79
C PHE J 479 -0.60 -58.13 -21.75
N CYS J 480 -0.65 -58.88 -22.85
CA CYS J 480 0.40 -58.81 -23.84
C CYS J 480 0.17 -57.54 -24.65
N ARG J 481 -1.10 -57.18 -24.78
CA ARG J 481 -1.52 -55.99 -25.51
C ARG J 481 -0.97 -54.76 -24.80
N TYR J 482 -0.97 -54.83 -23.46
CA TYR J 482 -0.48 -53.74 -22.61
C TYR J 482 0.98 -53.38 -22.86
N GLY J 483 1.77 -54.35 -23.32
CA GLY J 483 3.17 -54.05 -23.59
C GLY J 483 3.83 -53.34 -22.42
N ALA J 484 3.38 -53.66 -21.21
CA ALA J 484 3.94 -53.07 -20.01
C ALA J 484 3.94 -51.56 -20.13
N ALA J 485 2.84 -51.01 -20.63
CA ALA J 485 2.72 -49.58 -20.82
C ALA J 485 2.28 -48.91 -19.53
N GLU J 486 2.62 -47.63 -19.39
CA GLU J 486 2.24 -46.84 -18.20
C GLU J 486 1.35 -45.68 -18.62
N PRO J 487 0.12 -45.97 -19.04
CA PRO J 487 -0.88 -45.00 -19.48
C PRO J 487 -1.11 -43.96 -18.40
N HIS J 488 -0.86 -42.69 -18.72
CA HIS J 488 -0.99 -41.60 -17.76
C HIS J 488 -2.32 -41.55 -17.02
N THR J 489 -3.42 -41.78 -17.72
CA THR J 489 -4.73 -41.74 -17.07
C THR J 489 -4.74 -42.73 -15.90
N ILE J 490 -4.04 -43.85 -16.08
CA ILE J 490 -3.96 -44.88 -15.06
C ILE J 490 -3.00 -44.49 -13.94
N ALA J 491 -1.82 -44.03 -14.31
CA ALA J 491 -0.82 -43.60 -13.35
C ALA J 491 -1.43 -42.51 -12.45
N ALA J 492 -2.18 -41.58 -13.06
CA ALA J 492 -2.83 -40.47 -12.37
C ALA J 492 -3.86 -40.90 -11.34
N PHE J 493 -4.63 -41.94 -11.67
CA PHE J 493 -5.61 -42.48 -10.75
C PHE J 493 -4.89 -42.98 -9.52
N LEU J 494 -3.94 -43.86 -9.78
CA LEU J 494 -3.12 -44.47 -8.76
C LEU J 494 -2.39 -43.38 -7.99
N GLY J 495 -1.78 -42.45 -8.71
CA GLY J 495 -1.07 -41.37 -8.08
C GLY J 495 -1.96 -40.64 -7.10
N GLY J 496 -3.24 -40.54 -7.44
CA GLY J 496 -4.20 -39.86 -6.57
C GLY J 496 -4.54 -40.64 -5.31
N ALA J 497 -4.80 -41.92 -5.45
CA ALA J 497 -5.15 -42.75 -4.31
C ALA J 497 -3.96 -42.95 -3.37
N ALA J 498 -2.86 -43.42 -3.94
CA ALA J 498 -1.66 -43.67 -3.18
C ALA J 498 -1.21 -42.53 -2.29
N ALA J 499 -1.32 -41.30 -2.79
CA ALA J 499 -0.90 -40.14 -2.02
C ALA J 499 -1.70 -39.95 -0.74
N GLN J 500 -3.00 -40.26 -0.80
CA GLN J 500 -3.85 -40.10 0.37
C GLN J 500 -3.54 -41.17 1.41
N GLU J 501 -3.25 -42.39 0.94
CA GLU J 501 -2.92 -43.45 1.87
C GLU J 501 -1.62 -43.01 2.55
N VAL J 502 -0.73 -42.38 1.79
CA VAL J 502 0.51 -41.90 2.38
C VAL J 502 0.17 -40.83 3.42
N ILE J 503 -0.63 -39.84 3.03
CA ILE J 503 -1.03 -38.78 3.96
C ILE J 503 -1.68 -39.40 5.18
N LYS J 504 -2.50 -40.42 4.96
CA LYS J 504 -3.18 -41.14 6.04
C LYS J 504 -2.11 -41.69 6.98
N ILE J 505 -1.07 -42.28 6.42
CA ILE J 505 0.01 -42.82 7.24
C ILE J 505 0.70 -41.72 8.05
N ILE J 506 1.17 -40.69 7.36
CA ILE J 506 1.87 -39.60 8.03
C ILE J 506 1.08 -38.89 9.11
N THR J 507 -0.19 -38.65 8.87
CA THR J 507 -1.01 -37.94 9.84
C THR J 507 -1.69 -38.83 10.84
N LYS J 508 -1.77 -40.13 10.53
CA LYS J 508 -2.43 -41.09 11.40
C LYS J 508 -3.85 -40.60 11.57
N GLN J 509 -4.38 -40.01 10.52
CA GLN J 509 -5.70 -39.45 10.60
C GLN J 509 -6.89 -40.12 9.94
N PHE J 510 -6.68 -41.25 9.27
CA PHE J 510 -7.81 -41.96 8.67
C PHE J 510 -7.43 -43.43 8.68
N VAL J 511 -8.16 -44.25 7.93
CA VAL J 511 -7.83 -45.67 7.90
C VAL J 511 -7.36 -46.15 6.54
N ILE J 512 -6.17 -46.75 6.52
CA ILE J 512 -5.58 -47.27 5.30
C ILE J 512 -6.20 -48.60 4.90
N PHE J 513 -6.21 -48.92 3.60
CA PHE J 513 -6.74 -50.20 3.12
C PHE J 513 -5.86 -51.28 3.72
N ASN J 514 -6.37 -52.50 3.89
CA ASN J 514 -5.56 -53.51 4.55
C ASN J 514 -4.52 -54.27 3.78
N ASN J 515 -4.83 -54.95 2.70
CA ASN J 515 -3.64 -55.56 2.11
C ASN J 515 -3.22 -55.08 0.75
N THR J 516 -3.99 -55.39 -0.27
CA THR J 516 -3.65 -55.00 -1.62
C THR J 516 -4.84 -54.37 -2.34
N TYR J 517 -4.57 -53.38 -3.17
CA TYR J 517 -5.63 -52.71 -3.88
C TYR J 517 -5.48 -52.86 -5.38
N ILE J 518 -6.53 -53.35 -6.05
CA ILE J 518 -6.49 -53.54 -7.50
C ILE J 518 -7.53 -52.70 -8.23
N TYR J 519 -7.08 -52.00 -9.26
CA TYR J 519 -7.95 -51.14 -10.05
C TYR J 519 -7.90 -51.49 -11.53
N SER J 520 -9.08 -51.70 -12.10
CA SER J 520 -9.19 -52.02 -13.51
C SER J 520 -9.75 -50.82 -14.25
N GLY J 521 -8.97 -50.30 -15.17
CA GLY J 521 -9.43 -49.15 -15.93
C GLY J 521 -10.34 -49.62 -17.04
N MET J 522 -10.42 -50.93 -17.24
CA MET J 522 -11.28 -51.47 -18.29
C MET J 522 -12.74 -51.45 -17.88
N SER J 523 -13.00 -51.83 -16.62
CA SER J 523 -14.36 -51.84 -16.13
C SER J 523 -14.55 -50.72 -15.13
N GLN J 524 -13.50 -49.97 -14.89
CA GLN J 524 -13.57 -48.86 -13.94
C GLN J 524 -14.05 -49.33 -12.58
N THR J 525 -13.52 -50.47 -12.12
CA THR J 525 -13.89 -50.99 -10.81
C THR J 525 -12.61 -51.33 -10.05
N SER J 526 -12.70 -51.34 -8.72
CA SER J 526 -11.54 -51.63 -7.90
C SER J 526 -11.86 -52.51 -6.69
N ALA J 527 -10.85 -53.24 -6.22
CA ALA J 527 -11.04 -54.15 -5.11
C ALA J 527 -9.90 -54.15 -4.12
N THR J 528 -10.18 -54.52 -2.87
CA THR J 528 -9.14 -54.61 -1.86
C THR J 528 -9.05 -56.06 -1.45
N PHE J 529 -7.83 -56.57 -1.28
CA PHE J 529 -7.65 -57.95 -0.86
C PHE J 529 -6.70 -58.03 0.31
N GLN J 530 -6.48 -59.25 0.80
CA GLN J 530 -5.58 -59.49 1.91
C GLN J 530 -4.70 -60.68 1.59
N LEU J 531 -3.73 -60.45 0.73
CA LEU J 531 -2.81 -61.49 0.32
C LEU J 531 -1.67 -61.67 1.33
N LEU K 3 7.18 -31.46 -34.63
CA LEU K 3 7.42 -32.92 -34.73
C LEU K 3 7.54 -33.59 -33.37
N ASP K 4 6.85 -34.71 -33.21
CA ASP K 4 6.90 -35.46 -31.97
C ASP K 4 8.14 -36.33 -32.01
N TRP K 5 8.80 -36.48 -30.87
CA TRP K 5 10.04 -37.25 -30.75
C TRP K 5 9.88 -38.77 -30.67
N GLU K 6 10.98 -39.47 -30.90
CA GLU K 6 10.98 -40.94 -30.87
C GLU K 6 10.44 -41.46 -29.56
N GLY K 7 9.33 -42.20 -29.64
CA GLY K 7 8.73 -42.78 -28.46
C GLY K 7 7.76 -41.96 -27.65
N ARG K 8 7.55 -40.71 -28.05
CA ARG K 8 6.65 -39.87 -27.29
C ARG K 8 5.27 -40.45 -27.00
N TRP K 9 4.70 -41.17 -27.95
CA TRP K 9 3.36 -41.68 -27.73
C TRP K 9 3.17 -43.18 -27.65
N ASN K 10 4.13 -43.91 -27.10
CA ASN K 10 3.97 -45.36 -27.03
C ASN K 10 2.93 -45.78 -26.01
N HIS K 11 2.87 -45.06 -24.89
CA HIS K 11 1.92 -45.41 -23.87
C HIS K 11 0.50 -45.24 -24.36
N VAL K 12 0.35 -44.60 -25.51
CA VAL K 12 -0.97 -44.41 -26.09
C VAL K 12 -1.08 -45.27 -27.35
N LYS K 13 0.02 -45.38 -28.09
CA LYS K 13 0.07 -46.18 -29.32
C LYS K 13 -0.37 -47.62 -29.09
N LYS K 14 0.04 -48.18 -27.96
CA LYS K 14 -0.26 -49.54 -27.57
C LYS K 14 -1.72 -49.95 -27.78
N PHE K 15 -2.65 -49.11 -27.32
CA PHE K 15 -4.06 -49.44 -27.42
C PHE K 15 -4.74 -49.01 -28.72
N LEU K 16 -4.00 -48.42 -29.64
CA LEU K 16 -4.63 -48.00 -30.88
C LEU K 16 -4.10 -48.80 -32.04
N GLU K 17 -2.87 -49.31 -31.89
CA GLU K 17 -2.24 -50.10 -32.94
C GLU K 17 -2.49 -51.57 -32.72
N ARG K 18 -3.03 -51.94 -31.56
CA ARG K 18 -3.27 -53.34 -31.24
C ARG K 18 -4.71 -53.73 -30.91
N SER K 19 -5.14 -54.86 -31.45
CA SER K 19 -6.49 -55.38 -31.20
C SER K 19 -6.49 -56.18 -29.90
N GLY K 20 -7.66 -56.40 -29.33
CA GLY K 20 -7.71 -57.13 -28.08
C GLY K 20 -9.09 -57.66 -27.81
N PRO K 21 -9.24 -58.43 -26.72
CA PRO K 21 -10.50 -59.03 -26.30
C PRO K 21 -11.51 -58.04 -25.75
N PHE K 22 -11.08 -57.21 -24.81
CA PHE K 22 -11.97 -56.23 -24.19
C PHE K 22 -12.15 -54.96 -25.01
N THR K 23 -11.78 -55.04 -26.29
CA THR K 23 -11.89 -53.92 -27.21
C THR K 23 -13.36 -53.58 -27.40
N HIS K 24 -13.66 -52.74 -28.39
CA HIS K 24 -15.04 -52.36 -28.68
C HIS K 24 -15.35 -53.00 -30.02
N PRO K 25 -16.61 -53.35 -30.28
CA PRO K 25 -17.00 -53.98 -31.56
C PRO K 25 -16.68 -53.14 -32.82
N ASP K 26 -16.71 -51.82 -32.68
CA ASP K 26 -16.42 -50.92 -33.79
C ASP K 26 -14.95 -50.65 -33.92
N PHE K 27 -14.16 -51.26 -33.04
CA PHE K 27 -12.73 -51.04 -33.05
C PHE K 27 -12.01 -51.64 -34.26
N GLU K 28 -10.87 -51.03 -34.59
CA GLU K 28 -10.02 -51.46 -35.70
C GLU K 28 -8.64 -50.91 -35.42
N PRO K 29 -7.64 -51.78 -35.34
CA PRO K 29 -6.27 -51.32 -35.07
C PRO K 29 -5.72 -50.56 -36.27
N SER K 30 -5.38 -49.30 -36.06
CA SER K 30 -4.83 -48.49 -37.13
C SER K 30 -3.56 -47.81 -36.66
N THR K 31 -2.53 -47.94 -37.46
CA THR K 31 -1.26 -47.32 -37.14
C THR K 31 -1.40 -45.89 -37.65
N GLU K 32 -2.63 -45.43 -37.69
CA GLU K 32 -2.90 -44.10 -38.17
C GLU K 32 -3.95 -43.42 -37.32
N SER K 33 -4.55 -44.17 -36.41
CA SER K 33 -5.58 -43.62 -35.52
C SER K 33 -5.05 -42.47 -34.64
N LEU K 34 -3.85 -42.66 -34.09
CA LEU K 34 -3.24 -41.64 -33.22
C LEU K 34 -3.25 -40.25 -33.85
N GLN K 35 -2.64 -40.13 -35.02
CA GLN K 35 -2.55 -38.85 -35.72
C GLN K 35 -3.93 -38.21 -35.92
N PHE K 36 -4.91 -39.04 -36.23
CA PHE K 36 -6.28 -38.59 -36.44
C PHE K 36 -6.79 -37.97 -35.13
N LEU K 37 -6.57 -38.69 -34.03
CA LEU K 37 -6.98 -38.24 -32.71
C LEU K 37 -6.41 -36.85 -32.39
N LEU K 38 -5.08 -36.75 -32.41
CA LEU K 38 -4.37 -35.50 -32.13
C LEU K 38 -4.89 -34.34 -32.97
N ASP K 39 -5.09 -34.60 -34.26
CA ASP K 39 -5.52 -33.56 -35.18
C ASP K 39 -6.97 -33.20 -35.23
N THR K 40 -7.85 -34.20 -35.24
CA THR K 40 -9.26 -33.91 -35.38
C THR K 40 -10.22 -34.01 -34.21
N CYS K 41 -9.79 -34.62 -33.11
CA CYS K 41 -10.71 -34.76 -31.98
C CYS K 41 -10.86 -33.52 -31.12
N LYS K 42 -12.03 -32.88 -31.21
CA LYS K 42 -12.28 -31.67 -30.44
C LYS K 42 -12.98 -32.01 -29.14
N VAL K 43 -12.28 -31.78 -28.03
CA VAL K 43 -12.82 -32.08 -26.71
C VAL K 43 -13.00 -30.79 -25.91
N LEU K 44 -14.13 -30.67 -25.22
CA LEU K 44 -14.42 -29.47 -24.45
C LEU K 44 -14.49 -29.65 -22.93
N VAL K 45 -13.42 -29.30 -22.23
CA VAL K 45 -13.42 -29.40 -20.77
C VAL K 45 -14.20 -28.20 -20.25
N ILE K 46 -15.09 -28.40 -19.29
CA ILE K 46 -15.85 -27.28 -18.74
C ILE K 46 -15.55 -27.11 -17.26
N GLY K 47 -14.71 -26.14 -16.92
CA GLY K 47 -14.34 -25.91 -15.55
C GLY K 47 -12.84 -26.07 -15.47
N ALA K 48 -12.15 -25.09 -14.88
CA ALA K 48 -10.68 -25.14 -14.77
C ALA K 48 -10.24 -24.97 -13.33
N GLY K 49 -10.12 -26.07 -12.64
CA GLY K 49 -9.73 -26.05 -11.24
C GLY K 49 -10.13 -27.41 -10.71
N GLY K 50 -9.44 -27.90 -9.69
CA GLY K 50 -9.77 -29.21 -9.17
C GLY K 50 -9.78 -30.11 -10.37
N LEU K 51 -10.95 -30.66 -10.68
CA LEU K 51 -11.09 -31.54 -11.82
C LEU K 51 -10.50 -30.96 -13.11
N GLY K 52 -10.90 -29.75 -13.44
CA GLY K 52 -10.43 -29.08 -14.64
C GLY K 52 -8.94 -29.24 -14.90
N CYS K 53 -8.13 -28.69 -14.01
CA CYS K 53 -6.69 -28.75 -14.13
C CYS K 53 -6.21 -30.17 -14.37
N GLU K 54 -6.65 -31.09 -13.52
CA GLU K 54 -6.24 -32.48 -13.66
C GLU K 54 -6.77 -33.05 -15.00
N LEU K 55 -7.98 -32.65 -15.39
CA LEU K 55 -8.56 -33.11 -16.65
C LEU K 55 -7.74 -32.75 -17.89
N LEU K 56 -7.32 -31.49 -17.99
CA LEU K 56 -6.49 -31.02 -19.11
C LEU K 56 -5.18 -31.79 -19.25
N LYS K 57 -4.47 -31.97 -18.14
CA LYS K 57 -3.20 -32.71 -18.14
C LYS K 57 -3.44 -34.15 -18.62
N ASN K 58 -4.48 -34.79 -18.09
CA ASN K 58 -4.79 -36.15 -18.48
C ASN K 58 -5.14 -36.17 -19.96
N LEU K 59 -5.97 -35.23 -20.41
CA LEU K 59 -6.33 -35.22 -21.82
C LEU K 59 -5.11 -34.98 -22.70
N ALA K 60 -4.24 -34.06 -22.29
CA ALA K 60 -3.03 -33.73 -23.05
C ALA K 60 -2.04 -34.88 -23.29
N LEU K 61 -1.78 -35.68 -22.25
CA LEU K 61 -0.82 -36.78 -22.37
C LEU K 61 -1.46 -38.06 -22.89
N SER K 62 -2.79 -38.03 -23.04
CA SER K 62 -3.53 -39.18 -23.54
C SER K 62 -3.56 -39.19 -25.07
N GLY K 63 -3.23 -38.06 -25.68
CA GLY K 63 -3.22 -38.02 -27.14
C GLY K 63 -4.14 -36.94 -27.69
N PHE K 64 -4.84 -36.25 -26.81
CA PHE K 64 -5.72 -35.18 -27.24
C PHE K 64 -4.96 -33.87 -27.34
N ARG K 65 -5.08 -33.24 -28.51
CA ARG K 65 -4.39 -31.99 -28.76
C ARG K 65 -5.34 -30.80 -28.91
N GLN K 66 -6.43 -30.98 -29.66
CA GLN K 66 -7.41 -29.91 -29.88
C GLN K 66 -8.35 -29.75 -28.70
N ILE K 67 -7.94 -28.99 -27.69
CA ILE K 67 -8.75 -28.84 -26.48
C ILE K 67 -9.23 -27.41 -26.13
N HIS K 68 -10.48 -27.28 -25.67
CA HIS K 68 -11.01 -25.98 -25.26
C HIS K 68 -11.44 -26.07 -23.82
N VAL K 69 -11.30 -24.96 -23.08
CA VAL K 69 -11.67 -24.91 -21.68
C VAL K 69 -12.45 -23.67 -21.34
N ILE K 70 -13.57 -23.86 -20.65
CA ILE K 70 -14.42 -22.76 -20.24
C ILE K 70 -14.36 -22.65 -18.73
N ASP K 71 -14.33 -21.41 -18.23
CA ASP K 71 -14.35 -21.14 -16.80
C ASP K 71 -14.45 -19.64 -16.63
N MET K 72 -15.45 -19.21 -15.88
CA MET K 72 -15.72 -17.79 -15.64
C MET K 72 -14.93 -17.24 -14.47
N ASP K 73 -14.35 -18.10 -13.66
CA ASP K 73 -13.64 -17.65 -12.48
C ASP K 73 -12.23 -17.12 -12.63
N THR K 74 -11.77 -16.54 -11.52
CA THR K 74 -10.44 -15.95 -11.40
C THR K 74 -9.68 -16.65 -10.27
N ILE K 75 -8.36 -16.74 -10.41
CA ILE K 75 -7.55 -17.41 -9.40
C ILE K 75 -7.53 -16.72 -8.03
N ASP K 76 -7.70 -17.52 -6.98
CA ASP K 76 -7.69 -17.08 -5.58
C ASP K 76 -6.63 -17.95 -4.91
N VAL K 77 -6.01 -17.44 -3.86
CA VAL K 77 -4.98 -18.22 -3.17
C VAL K 77 -5.50 -19.60 -2.71
N SER K 78 -6.73 -19.67 -2.19
CA SER K 78 -7.32 -20.92 -1.72
C SER K 78 -7.34 -22.08 -2.73
N ASN K 79 -7.06 -21.80 -3.99
CA ASN K 79 -7.07 -22.83 -5.01
C ASN K 79 -5.75 -23.56 -5.00
N LEU K 80 -4.69 -22.80 -4.79
CA LEU K 80 -3.33 -23.30 -4.81
C LEU K 80 -2.97 -24.63 -4.13
N ASN K 81 -3.85 -25.20 -3.32
CA ASN K 81 -3.51 -26.47 -2.67
C ASN K 81 -3.81 -27.69 -3.56
N ARG K 82 -4.62 -27.49 -4.61
CA ARG K 82 -4.97 -28.58 -5.51
C ARG K 82 -4.91 -28.26 -7.02
N GLN K 83 -5.29 -27.05 -7.40
CA GLN K 83 -5.25 -26.63 -8.81
C GLN K 83 -3.82 -26.21 -9.17
N PHE K 84 -3.01 -27.20 -9.53
CA PHE K 84 -1.60 -27.00 -9.82
C PHE K 84 -1.17 -26.16 -11.02
N LEU K 85 -2.03 -25.99 -12.02
CA LEU K 85 -1.62 -25.17 -13.17
C LEU K 85 -1.41 -23.69 -12.77
N PHE K 86 -1.79 -23.31 -11.54
CA PHE K 86 -1.68 -21.92 -11.05
C PHE K 86 -0.58 -21.66 -10.01
N ARG K 87 0.31 -20.72 -10.32
CA ARG K 87 1.37 -20.35 -9.40
C ARG K 87 0.78 -19.16 -8.62
N PRO K 88 1.30 -18.87 -7.41
CA PRO K 88 0.81 -17.76 -6.58
C PRO K 88 0.92 -16.41 -7.26
N LYS K 89 1.73 -16.37 -8.32
CA LYS K 89 1.98 -15.18 -9.14
C LYS K 89 0.84 -14.96 -10.14
N ASP K 90 0.07 -16.00 -10.43
CA ASP K 90 -1.04 -15.88 -11.37
C ASP K 90 -2.31 -15.42 -10.64
N ILE K 91 -2.24 -15.36 -9.31
CA ILE K 91 -3.40 -14.94 -8.52
C ILE K 91 -4.06 -13.67 -9.07
N GLY K 92 -5.33 -13.77 -9.42
CA GLY K 92 -6.04 -12.63 -9.96
C GLY K 92 -6.36 -12.74 -11.43
N ARG K 93 -5.59 -13.53 -12.16
CA ARG K 93 -5.85 -13.68 -13.59
C ARG K 93 -6.95 -14.73 -13.77
N PRO K 94 -7.54 -14.77 -14.98
CA PRO K 94 -8.59 -15.73 -15.30
C PRO K 94 -8.08 -17.19 -15.44
N LYS K 95 -8.80 -18.11 -14.82
CA LYS K 95 -8.41 -19.52 -14.85
C LYS K 95 -8.25 -20.18 -16.20
N ALA K 96 -9.23 -20.08 -17.08
CA ALA K 96 -9.04 -20.74 -18.36
C ALA K 96 -7.75 -20.23 -19.01
N GLU K 97 -7.51 -18.92 -18.88
CA GLU K 97 -6.33 -18.30 -19.45
C GLU K 97 -5.07 -19.01 -18.97
N VAL K 98 -4.72 -18.79 -17.70
CA VAL K 98 -3.54 -19.42 -17.09
C VAL K 98 -3.46 -20.90 -17.42
N ALA K 99 -4.56 -21.62 -17.21
CA ALA K 99 -4.59 -23.05 -17.49
C ALA K 99 -4.05 -23.42 -18.88
N ALA K 100 -4.54 -22.74 -19.92
CA ALA K 100 -4.11 -23.05 -21.29
C ALA K 100 -2.65 -22.70 -21.51
N GLU K 101 -2.25 -21.59 -20.91
CA GLU K 101 -0.90 -21.06 -20.97
C GLU K 101 0.08 -22.12 -20.48
N PHE K 102 -0.22 -22.64 -19.29
CA PHE K 102 0.59 -23.66 -18.66
C PHE K 102 0.63 -24.90 -19.52
N LEU K 103 -0.52 -25.37 -19.97
CA LEU K 103 -0.53 -26.58 -20.76
C LEU K 103 0.04 -26.47 -22.14
N ASN K 104 -0.19 -25.36 -22.82
CA ASN K 104 0.34 -25.24 -24.18
C ASN K 104 1.84 -25.24 -24.13
N ASP K 105 2.36 -24.99 -22.93
CA ASP K 105 3.79 -24.96 -22.68
C ASP K 105 4.37 -26.24 -22.07
N ARG K 106 3.70 -26.82 -21.09
CA ARG K 106 4.23 -28.01 -20.48
C ARG K 106 4.10 -29.22 -21.41
N VAL K 107 3.12 -29.21 -22.28
CA VAL K 107 2.94 -30.32 -23.18
C VAL K 107 3.09 -29.78 -24.60
N PRO K 108 4.28 -29.91 -25.18
CA PRO K 108 4.68 -29.45 -26.52
C PRO K 108 3.63 -28.95 -27.50
N ASN K 109 3.09 -29.84 -28.30
CA ASN K 109 2.16 -29.36 -29.27
C ASN K 109 0.70 -29.24 -28.88
N CYS K 110 0.44 -29.19 -27.59
CA CYS K 110 -0.92 -29.03 -27.12
C CYS K 110 -1.43 -27.73 -27.70
N ASN K 111 -2.74 -27.63 -27.87
CA ASN K 111 -3.35 -26.44 -28.46
C ASN K 111 -4.62 -26.07 -27.70
N VAL K 112 -4.53 -26.03 -26.38
CA VAL K 112 -5.67 -25.68 -25.58
C VAL K 112 -6.14 -24.26 -25.89
N VAL K 113 -7.45 -24.05 -25.87
CA VAL K 113 -8.04 -22.74 -26.15
C VAL K 113 -8.88 -22.34 -24.97
N PRO K 114 -8.64 -21.15 -24.41
CA PRO K 114 -9.44 -20.75 -23.26
C PRO K 114 -10.73 -20.03 -23.65
N HIS K 115 -11.65 -19.93 -22.68
CA HIS K 115 -12.93 -19.26 -22.84
C HIS K 115 -13.34 -18.67 -21.49
N PHE K 116 -13.04 -17.39 -21.32
CA PHE K 116 -13.35 -16.69 -20.10
C PHE K 116 -14.84 -16.31 -20.11
N ASN K 117 -15.69 -17.34 -20.04
CA ASN K 117 -17.14 -17.21 -20.09
C ASN K 117 -17.87 -18.16 -19.12
N LYS K 118 -19.20 -17.98 -19.05
CA LYS K 118 -20.11 -18.83 -18.25
C LYS K 118 -20.65 -19.83 -19.29
N ILE K 119 -21.02 -21.04 -18.90
CA ILE K 119 -21.52 -21.98 -19.89
C ILE K 119 -22.77 -21.49 -20.59
N GLN K 120 -23.46 -20.55 -19.96
CA GLN K 120 -24.69 -19.96 -20.52
C GLN K 120 -24.46 -18.94 -21.65
N ASP K 121 -23.30 -18.29 -21.67
CA ASP K 121 -22.97 -17.32 -22.71
C ASP K 121 -23.07 -17.99 -24.09
N PHE K 122 -22.83 -19.29 -24.13
CA PHE K 122 -22.86 -20.01 -25.39
C PHE K 122 -24.19 -20.64 -25.72
N ASN K 123 -24.29 -21.09 -26.97
CA ASN K 123 -25.49 -21.74 -27.46
C ASN K 123 -25.19 -22.75 -28.58
N ASP K 124 -25.87 -23.88 -28.51
CA ASP K 124 -25.77 -24.96 -29.49
C ASP K 124 -24.80 -24.83 -30.65
N THR K 125 -24.89 -23.72 -31.38
CA THR K 125 -24.00 -23.45 -32.52
C THR K 125 -22.60 -23.86 -32.12
N PHE K 126 -22.22 -23.43 -30.92
CA PHE K 126 -20.91 -23.65 -30.30
C PHE K 126 -20.55 -25.06 -29.81
N TYR K 127 -21.46 -25.71 -29.07
CA TYR K 127 -21.20 -27.05 -28.55
C TYR K 127 -21.22 -28.16 -29.58
N ARG K 128 -21.96 -27.94 -30.67
CA ARG K 128 -22.00 -28.92 -31.73
C ARG K 128 -20.58 -29.14 -32.24
N GLN K 129 -19.74 -28.13 -32.05
CA GLN K 129 -18.36 -28.21 -32.49
C GLN K 129 -17.63 -29.44 -32.01
N PHE K 130 -17.86 -29.77 -30.73
CA PHE K 130 -17.18 -30.86 -30.07
C PHE K 130 -17.71 -32.29 -30.18
N HIS K 131 -16.80 -33.25 -30.02
CA HIS K 131 -17.13 -34.67 -30.08
C HIS K 131 -17.36 -35.24 -28.67
N ILE K 132 -16.84 -34.58 -27.64
CA ILE K 132 -17.00 -35.04 -26.27
C ILE K 132 -16.83 -33.88 -25.29
N ILE K 133 -17.78 -33.69 -24.38
CA ILE K 133 -17.69 -32.62 -23.39
C ILE K 133 -17.30 -33.31 -22.08
N VAL K 134 -16.42 -32.69 -21.28
CA VAL K 134 -16.03 -33.28 -19.99
C VAL K 134 -16.33 -32.29 -18.89
N CYS K 135 -16.88 -32.77 -17.78
CA CYS K 135 -17.23 -31.87 -16.70
C CYS K 135 -16.42 -31.89 -15.43
N GLY K 136 -16.40 -30.72 -14.80
CA GLY K 136 -15.69 -30.53 -13.56
C GLY K 136 -16.29 -29.28 -12.98
N LEU K 137 -17.60 -29.22 -12.99
CA LEU K 137 -18.33 -28.07 -12.48
C LEU K 137 -18.34 -28.05 -10.95
N ASP K 138 -19.10 -27.14 -10.35
CA ASP K 138 -19.13 -27.05 -8.90
C ASP K 138 -20.46 -26.63 -8.30
N SER K 139 -21.53 -26.76 -9.09
CA SER K 139 -22.87 -26.42 -8.64
C SER K 139 -23.73 -27.46 -9.33
N ILE K 140 -24.90 -27.79 -8.76
CA ILE K 140 -25.72 -28.79 -9.42
C ILE K 140 -26.45 -28.19 -10.62
N ILE K 141 -26.82 -26.93 -10.51
CA ILE K 141 -27.52 -26.22 -11.57
C ILE K 141 -26.79 -26.30 -12.91
N ALA K 142 -25.48 -26.15 -12.87
CA ALA K 142 -24.66 -26.16 -14.07
C ALA K 142 -24.69 -27.48 -14.82
N ARG K 143 -24.63 -28.59 -14.09
CA ARG K 143 -24.63 -29.86 -14.78
C ARG K 143 -25.98 -30.03 -15.43
N ARG K 144 -27.00 -29.44 -14.80
CA ARG K 144 -28.35 -29.52 -15.31
C ARG K 144 -28.51 -28.68 -16.58
N TRP K 145 -27.86 -27.52 -16.60
CA TRP K 145 -27.90 -26.63 -17.75
C TRP K 145 -27.17 -27.27 -18.93
N ILE K 146 -25.93 -27.70 -18.71
CA ILE K 146 -25.15 -28.30 -19.77
C ILE K 146 -25.81 -29.58 -20.23
N ASN K 147 -26.64 -30.15 -19.36
CA ASN K 147 -27.34 -31.40 -19.68
C ASN K 147 -28.42 -31.16 -20.73
N GLY K 148 -29.27 -30.17 -20.47
CA GLY K 148 -30.32 -29.83 -21.42
C GLY K 148 -29.71 -29.41 -22.75
N MET K 149 -28.73 -28.54 -22.65
CA MET K 149 -28.02 -28.05 -23.81
C MET K 149 -27.58 -29.22 -24.70
N LEU K 150 -26.94 -30.20 -24.07
CA LEU K 150 -26.47 -31.34 -24.83
C LEU K 150 -27.58 -32.18 -25.39
N ILE K 151 -28.72 -32.20 -24.71
CA ILE K 151 -29.84 -32.99 -25.20
C ILE K 151 -30.52 -32.30 -26.38
N SER K 152 -30.61 -30.97 -26.29
CA SER K 152 -31.24 -30.17 -27.33
C SER K 152 -30.50 -30.18 -28.66
N LEU K 153 -29.36 -30.88 -28.70
CA LEU K 153 -28.59 -30.97 -29.92
C LEU K 153 -29.10 -32.18 -30.66
N LEU K 154 -29.76 -33.05 -29.90
CA LEU K 154 -30.35 -34.27 -30.43
C LEU K 154 -31.47 -33.95 -31.37
N ASN K 155 -31.50 -34.65 -32.50
CA ASN K 155 -32.60 -34.46 -33.43
C ASN K 155 -33.07 -35.84 -33.85
N TYR K 156 -34.35 -36.09 -33.65
CA TYR K 156 -34.93 -37.37 -34.00
C TYR K 156 -35.58 -37.30 -35.39
N GLU K 157 -35.25 -38.26 -36.25
CA GLU K 157 -35.79 -38.36 -37.61
C GLU K 157 -37.04 -39.23 -37.57
N ASP K 158 -38.15 -38.68 -37.11
CA ASP K 158 -39.39 -39.44 -37.01
C ASP K 158 -39.16 -40.49 -35.92
N GLY K 159 -39.21 -40.05 -34.66
CA GLY K 159 -39.02 -40.97 -33.55
C GLY K 159 -37.63 -41.56 -33.41
N VAL K 160 -36.97 -41.82 -34.54
CA VAL K 160 -35.62 -42.40 -34.54
C VAL K 160 -34.54 -41.34 -34.32
N LEU K 161 -33.77 -41.49 -33.26
CA LEU K 161 -32.69 -40.55 -32.95
C LEU K 161 -31.49 -40.80 -33.84
N ASP K 162 -31.06 -39.77 -34.56
CA ASP K 162 -29.90 -39.89 -35.42
C ASP K 162 -28.72 -40.04 -34.46
N PRO K 163 -27.91 -41.10 -34.63
CA PRO K 163 -26.74 -41.39 -33.79
C PRO K 163 -25.73 -40.25 -33.69
N SER K 164 -25.31 -39.74 -34.84
CA SER K 164 -24.35 -38.65 -34.89
C SER K 164 -24.97 -37.32 -34.47
N SER K 165 -25.98 -37.38 -33.62
CA SER K 165 -26.63 -36.18 -33.10
C SER K 165 -26.21 -36.10 -31.64
N ILE K 166 -25.78 -37.26 -31.11
CA ILE K 166 -25.36 -37.38 -29.72
C ILE K 166 -23.91 -36.95 -29.51
N VAL K 167 -23.69 -36.13 -28.48
CA VAL K 167 -22.38 -35.63 -28.11
C VAL K 167 -22.18 -36.15 -26.68
N PRO K 168 -21.44 -37.25 -26.52
CA PRO K 168 -21.20 -37.82 -25.18
C PRO K 168 -20.75 -36.81 -24.15
N LEU K 169 -21.16 -37.02 -22.90
CA LEU K 169 -20.84 -36.09 -21.82
C LEU K 169 -20.39 -36.75 -20.51
N ILE K 170 -19.07 -36.90 -20.34
CA ILE K 170 -18.52 -37.49 -19.12
C ILE K 170 -18.55 -36.44 -18.01
N ASP K 171 -19.17 -36.74 -16.86
CA ASP K 171 -19.20 -35.77 -15.77
C ASP K 171 -18.60 -36.27 -14.44
N GLY K 172 -18.01 -35.34 -13.69
CA GLY K 172 -17.41 -35.70 -12.42
C GLY K 172 -17.75 -34.71 -11.34
N GLY K 173 -17.67 -35.17 -10.10
CA GLY K 173 -17.97 -34.34 -8.95
C GLY K 173 -17.02 -34.72 -7.85
N THR K 174 -16.84 -33.82 -6.88
CA THR K 174 -15.94 -34.06 -5.76
C THR K 174 -16.38 -33.31 -4.50
N GLU K 175 -15.96 -33.83 -3.35
CA GLU K 175 -16.34 -33.23 -2.08
C GLU K 175 -15.52 -33.97 -1.05
N GLY K 176 -14.46 -33.35 -0.54
CA GLY K 176 -13.63 -34.04 0.44
C GLY K 176 -13.01 -35.31 -0.13
N PHE K 177 -12.98 -36.37 0.68
CA PHE K 177 -12.39 -37.63 0.25
C PHE K 177 -13.34 -38.49 -0.54
N LYS K 178 -14.54 -37.98 -0.79
CA LYS K 178 -15.55 -38.71 -1.55
C LYS K 178 -15.58 -38.09 -2.95
N GLY K 179 -16.23 -38.76 -3.91
CA GLY K 179 -16.30 -38.23 -5.25
C GLY K 179 -16.96 -39.21 -6.21
N ASN K 180 -17.40 -38.73 -7.38
CA ASN K 180 -18.05 -39.60 -8.37
C ASN K 180 -17.84 -39.17 -9.84
N ALA K 181 -18.22 -40.06 -10.74
CA ALA K 181 -18.10 -39.85 -12.19
C ALA K 181 -19.27 -40.56 -12.90
N GLN K 182 -19.73 -40.01 -14.02
CA GLN K 182 -20.85 -40.60 -14.78
C GLN K 182 -20.69 -40.33 -16.28
N VAL K 183 -20.90 -41.35 -17.10
CA VAL K 183 -20.78 -41.20 -18.55
C VAL K 183 -22.16 -41.13 -19.18
N ILE K 184 -22.54 -39.94 -19.62
CA ILE K 184 -23.84 -39.79 -20.26
C ILE K 184 -23.73 -39.92 -21.77
N LEU K 185 -24.78 -40.50 -22.39
CA LEU K 185 -24.89 -40.67 -23.80
C LEU K 185 -26.28 -40.18 -24.04
N PRO K 186 -26.41 -38.86 -24.07
CA PRO K 186 -27.64 -38.09 -24.25
C PRO K 186 -28.68 -38.88 -25.01
N GLY K 187 -29.89 -38.82 -24.48
CA GLY K 187 -30.99 -39.51 -25.09
C GLY K 187 -30.77 -40.96 -25.44
N MET K 188 -29.91 -41.64 -24.68
CA MET K 188 -29.64 -43.04 -24.93
C MET K 188 -29.24 -43.73 -23.62
N THR K 189 -28.68 -42.94 -22.70
CA THR K 189 -28.25 -43.42 -21.39
C THR K 189 -28.81 -42.40 -20.42
N ALA K 190 -28.87 -42.76 -19.14
CA ALA K 190 -29.40 -41.83 -18.15
C ALA K 190 -28.62 -40.51 -18.23
N CYS K 191 -29.33 -39.40 -18.17
CA CYS K 191 -28.71 -38.08 -18.23
C CYS K 191 -28.61 -37.52 -16.81
N ILE K 192 -28.07 -36.31 -16.71
CA ILE K 192 -27.91 -35.64 -15.43
C ILE K 192 -29.21 -35.59 -14.61
N GLU K 193 -30.35 -35.50 -15.32
CA GLU K 193 -31.67 -35.42 -14.67
C GLU K 193 -32.17 -36.80 -14.23
N CYS K 194 -32.04 -37.81 -15.08
CA CYS K 194 -32.47 -39.15 -14.71
C CYS K 194 -31.87 -39.50 -13.35
N THR K 195 -30.77 -38.85 -12.99
CA THR K 195 -30.07 -39.12 -11.74
C THR K 195 -30.05 -37.98 -10.72
N LEU K 196 -30.86 -36.95 -10.97
CA LEU K 196 -30.88 -35.80 -10.07
C LEU K 196 -31.21 -36.14 -8.61
N GLU K 197 -31.58 -37.38 -8.35
CA GLU K 197 -31.95 -37.82 -7.00
C GLU K 197 -30.79 -38.18 -6.08
N LEU K 198 -29.74 -38.73 -6.65
CA LEU K 198 -28.56 -39.16 -5.92
C LEU K 198 -27.89 -38.06 -5.06
N TYR K 199 -28.11 -36.81 -5.40
CA TYR K 199 -27.49 -35.73 -4.63
C TYR K 199 -28.03 -35.67 -3.21
N PRO K 200 -27.15 -35.39 -2.24
CA PRO K 200 -27.59 -35.32 -0.85
C PRO K 200 -28.59 -34.19 -0.68
N PRO K 201 -29.34 -34.18 0.42
CA PRO K 201 -30.32 -33.14 0.70
C PRO K 201 -29.51 -31.91 1.08
N GLN K 202 -30.08 -30.71 0.95
CA GLN K 202 -29.30 -29.53 1.32
C GLN K 202 -29.75 -28.97 2.67
N VAL K 203 -28.77 -28.77 3.55
CA VAL K 203 -29.01 -28.27 4.90
C VAL K 203 -29.35 -26.77 4.97
N ASN K 204 -30.64 -26.46 5.16
CA ASN K 204 -31.11 -25.08 5.28
C ASN K 204 -31.71 -24.78 6.65
N PHE K 205 -30.89 -24.21 7.53
CA PHE K 205 -31.27 -23.86 8.90
C PHE K 205 -32.49 -22.92 8.94
N PRO K 206 -33.69 -23.45 9.27
CA PRO K 206 -34.89 -22.61 9.34
C PRO K 206 -34.65 -21.29 10.08
N MET K 207 -35.28 -20.22 9.58
CA MET K 207 -35.14 -18.90 10.16
C MET K 207 -35.47 -18.87 11.65
N ALA K 208 -36.51 -19.59 12.03
CA ALA K 208 -36.97 -19.67 13.41
C ALA K 208 -35.86 -19.94 14.42
N THR K 209 -34.88 -20.73 14.01
CA THR K 209 -33.77 -21.07 14.90
C THR K 209 -32.57 -20.14 14.69
N ILE K 210 -32.67 -19.26 13.71
CA ILE K 210 -31.57 -18.34 13.40
C ILE K 210 -31.63 -16.98 14.10
N ALA K 211 -32.77 -16.31 14.01
CA ALA K 211 -32.93 -14.98 14.60
C ALA K 211 -33.29 -14.99 16.07
N SER K 212 -33.47 -16.18 16.64
CA SER K 212 -33.86 -16.29 18.04
C SER K 212 -33.18 -17.42 18.82
N MET K 213 -33.66 -18.64 18.60
CA MET K 213 -33.14 -19.82 19.26
C MET K 213 -32.05 -20.49 18.45
N PRO K 214 -30.82 -19.97 18.55
CA PRO K 214 -29.76 -20.60 17.79
C PRO K 214 -29.55 -21.99 18.33
N ARG K 215 -29.12 -22.90 17.48
CA ARG K 215 -28.81 -24.21 17.99
C ARG K 215 -27.23 -24.17 17.97
N LEU K 216 -26.52 -24.38 16.84
CA LEU K 216 -25.00 -24.38 16.76
C LEU K 216 -24.17 -23.07 16.42
N PRO K 217 -22.78 -23.09 16.41
CA PRO K 217 -22.12 -21.81 16.09
C PRO K 217 -22.45 -21.26 14.70
N GLU K 218 -22.83 -22.16 13.80
CA GLU K 218 -23.20 -21.79 12.44
C GLU K 218 -24.39 -20.85 12.45
N HIS K 219 -25.42 -21.22 13.20
CA HIS K 219 -26.65 -20.45 13.30
C HIS K 219 -26.43 -18.96 13.60
N CYS K 220 -25.31 -18.63 14.21
CA CYS K 220 -24.98 -17.25 14.55
C CYS K 220 -24.20 -16.57 13.44
N ILE K 221 -23.90 -17.32 12.38
CA ILE K 221 -23.17 -16.79 11.25
C ILE K 221 -24.25 -16.48 10.22
N GLU K 222 -25.17 -17.42 10.05
CA GLU K 222 -26.28 -17.27 9.11
C GLU K 222 -27.03 -16.00 9.49
N TYR K 223 -27.00 -15.66 10.78
CA TYR K 223 -27.66 -14.44 11.26
C TYR K 223 -26.79 -13.25 10.91
N VAL K 224 -25.64 -13.13 11.58
CA VAL K 224 -24.71 -12.02 11.34
C VAL K 224 -24.46 -11.82 9.86
N ARG K 225 -24.95 -12.75 9.05
CA ARG K 225 -24.86 -12.68 7.60
C ARG K 225 -26.24 -12.35 7.04
N MET K 226 -27.13 -13.35 7.01
CA MET K 226 -28.47 -13.18 6.47
C MET K 226 -29.40 -12.19 7.17
N LEU K 227 -28.91 -11.50 8.21
CA LEU K 227 -29.75 -10.53 8.91
C LEU K 227 -29.01 -9.28 9.35
N GLN K 228 -28.07 -9.42 10.28
CA GLN K 228 -27.31 -8.28 10.80
C GLN K 228 -26.45 -7.56 9.74
N TRP K 229 -26.27 -8.15 8.56
CA TRP K 229 -25.48 -7.50 7.50
C TRP K 229 -26.31 -6.45 6.79
N PRO K 230 -27.56 -6.78 6.39
CA PRO K 230 -28.38 -5.78 5.72
C PRO K 230 -28.63 -4.69 6.78
N LYS K 231 -29.31 -5.03 7.86
CA LYS K 231 -29.60 -4.02 8.88
C LYS K 231 -28.56 -3.21 9.79
N GLU K 232 -27.26 -3.12 9.50
CA GLU K 232 -26.30 -2.25 10.22
C GLU K 232 -25.46 -2.17 8.98
N GLN K 233 -25.37 -1.09 8.25
CA GLN K 233 -24.61 -1.49 7.11
C GLN K 233 -23.17 -1.36 7.03
N PRO K 234 -22.50 -2.48 7.44
CA PRO K 234 -21.08 -2.67 7.52
C PRO K 234 -20.31 -1.60 6.79
N PHE K 235 -20.29 -1.69 5.46
CA PHE K 235 -19.56 -0.75 4.64
C PHE K 235 -20.47 -0.08 3.62
N GLY K 236 -21.00 1.09 3.99
CA GLY K 236 -21.88 1.83 3.10
C GLY K 236 -23.15 1.09 2.71
N GLU K 237 -24.28 1.79 2.74
CA GLU K 237 -25.57 1.18 2.37
C GLU K 237 -25.46 0.55 0.99
N GLY K 238 -26.42 -0.31 0.64
CA GLY K 238 -26.41 -0.95 -0.67
C GLY K 238 -25.28 -1.95 -0.86
N VAL K 239 -24.08 -1.59 -0.37
CA VAL K 239 -22.90 -2.45 -0.48
C VAL K 239 -23.16 -3.77 0.22
N PRO K 240 -23.28 -4.86 -0.57
CA PRO K 240 -23.53 -6.20 -0.04
C PRO K 240 -22.29 -6.87 0.55
N LEU K 241 -22.41 -8.17 0.81
CA LEU K 241 -21.32 -8.93 1.39
C LEU K 241 -20.49 -9.66 0.34
N ASP K 242 -19.18 -9.44 0.39
CA ASP K 242 -18.27 -10.08 -0.53
C ASP K 242 -17.65 -11.27 0.19
N GLY K 243 -18.06 -12.48 -0.20
CA GLY K 243 -17.55 -13.68 0.43
C GLY K 243 -16.05 -13.84 0.39
N ASP K 244 -15.37 -12.90 -0.27
CA ASP K 244 -13.92 -12.96 -0.38
C ASP K 244 -13.22 -11.71 0.15
N ASP K 245 -14.00 -10.81 0.74
CA ASP K 245 -13.45 -9.58 1.30
C ASP K 245 -12.99 -9.87 2.73
N PRO K 246 -11.69 -10.12 2.92
CA PRO K 246 -11.14 -10.42 4.24
C PRO K 246 -11.67 -9.56 5.37
N GLU K 247 -11.96 -8.30 5.06
CA GLU K 247 -12.48 -7.38 6.07
C GLU K 247 -14.00 -7.32 6.18
N HIS K 248 -14.69 -8.07 5.32
CA HIS K 248 -16.14 -8.18 5.36
C HIS K 248 -16.39 -9.38 6.28
N ILE K 249 -15.66 -10.44 5.99
CA ILE K 249 -15.73 -11.67 6.78
C ILE K 249 -15.35 -11.29 8.20
N GLN K 250 -14.26 -10.54 8.34
CA GLN K 250 -13.75 -10.11 9.64
C GLN K 250 -14.81 -9.47 10.52
N TRP K 251 -15.58 -8.57 9.92
CA TRP K 251 -16.65 -7.90 10.65
C TRP K 251 -17.68 -8.97 11.04
N ILE K 252 -18.21 -9.70 10.05
CA ILE K 252 -19.18 -10.75 10.35
C ILE K 252 -18.64 -11.61 11.49
N PHE K 253 -17.44 -12.13 11.30
CA PHE K 253 -16.80 -12.95 12.32
C PHE K 253 -16.98 -12.28 13.68
N GLN K 254 -16.23 -11.20 13.90
CA GLN K 254 -16.26 -10.47 15.17
C GLN K 254 -17.69 -10.11 15.62
N LYS K 255 -18.57 -9.89 14.65
CA LYS K 255 -19.96 -9.55 14.94
C LYS K 255 -20.80 -10.82 15.07
N SER K 256 -20.15 -11.98 14.90
CA SER K 256 -20.86 -13.24 15.00
C SER K 256 -20.52 -13.83 16.37
N LEU K 257 -19.32 -13.49 16.85
CA LEU K 257 -18.86 -13.95 18.16
C LEU K 257 -19.92 -13.49 19.16
N GLU K 258 -19.83 -12.20 19.49
CA GLU K 258 -20.72 -11.56 20.43
C GLU K 258 -22.16 -12.09 20.35
N ARG K 259 -22.67 -12.32 19.14
CA ARG K 259 -24.04 -12.81 18.98
C ARG K 259 -24.25 -14.26 19.45
N ALA K 260 -23.19 -15.06 19.40
CA ALA K 260 -23.27 -16.45 19.83
C ALA K 260 -22.75 -16.54 21.27
N SER K 261 -22.22 -15.42 21.77
CA SER K 261 -21.70 -15.35 23.13
C SER K 261 -22.87 -15.11 24.09
N GLN K 262 -23.94 -14.49 23.58
CA GLN K 262 -25.10 -14.17 24.39
C GLN K 262 -25.98 -15.38 24.64
N TYR K 263 -26.20 -16.21 23.60
CA TYR K 263 -27.02 -17.45 23.68
C TYR K 263 -25.73 -18.21 23.80
N ASN K 264 -25.41 -18.65 24.95
CA ASN K 264 -24.09 -19.12 25.04
C ASN K 264 -23.68 -20.40 24.37
N ILE K 265 -23.16 -20.20 23.14
CA ILE K 265 -22.67 -21.24 22.22
C ILE K 265 -21.16 -21.13 22.01
N ARG K 266 -20.43 -22.25 22.15
CA ARG K 266 -18.97 -22.21 21.95
C ARG K 266 -18.65 -22.67 20.52
N GLY K 267 -17.44 -22.38 20.04
CA GLY K 267 -17.06 -22.82 18.69
C GLY K 267 -17.11 -21.83 17.53
N VAL K 268 -16.88 -20.56 17.82
CA VAL K 268 -16.88 -19.59 16.75
C VAL K 268 -15.44 -19.27 16.41
N THR K 269 -15.10 -19.49 15.13
CA THR K 269 -13.76 -19.25 14.62
C THR K 269 -13.79 -18.58 13.25
N TYR K 270 -12.70 -17.89 12.90
CA TYR K 270 -12.63 -17.22 11.60
C TYR K 270 -12.86 -18.27 10.51
N ARG K 271 -12.25 -19.44 10.71
CA ARG K 271 -12.33 -20.58 9.78
C ARG K 271 -13.77 -20.93 9.44
N LEU K 272 -14.56 -21.17 10.48
CA LEU K 272 -15.95 -21.54 10.30
C LEU K 272 -16.77 -20.40 9.73
N THR K 273 -16.53 -19.20 10.23
CA THR K 273 -17.26 -18.02 9.77
C THR K 273 -17.17 -17.94 8.27
N GLN K 274 -16.03 -18.35 7.73
CA GLN K 274 -15.83 -18.34 6.29
C GLN K 274 -16.62 -19.46 5.61
N GLY K 275 -16.52 -20.65 6.19
CA GLY K 275 -17.20 -21.81 5.66
C GLY K 275 -18.68 -21.66 5.41
N VAL K 276 -19.40 -21.12 6.38
CA VAL K 276 -20.85 -20.91 6.27
C VAL K 276 -21.16 -19.82 5.27
N VAL K 277 -20.38 -18.73 5.36
CA VAL K 277 -20.52 -17.57 4.48
C VAL K 277 -20.25 -17.91 3.01
N LYS K 278 -19.42 -18.92 2.75
CA LYS K 278 -19.13 -19.30 1.37
C LYS K 278 -19.58 -20.73 1.08
N ARG K 279 -20.25 -21.36 2.03
CA ARG K 279 -20.69 -22.74 1.87
C ARG K 279 -19.50 -23.52 1.35
N ILE K 280 -18.39 -23.46 2.07
CA ILE K 280 -17.15 -24.11 1.67
C ILE K 280 -17.08 -25.64 1.77
N ILE K 281 -16.86 -26.28 0.63
CA ILE K 281 -16.71 -27.73 0.52
C ILE K 281 -15.21 -28.03 0.60
N PRO K 282 -14.76 -28.77 1.63
CA PRO K 282 -13.32 -29.07 1.75
C PRO K 282 -12.78 -29.82 0.53
N ALA K 283 -11.58 -29.47 0.07
CA ALA K 283 -11.01 -30.11 -1.11
C ALA K 283 -9.52 -30.43 -1.07
N VAL K 284 -9.13 -31.51 -1.73
CA VAL K 284 -7.73 -31.92 -1.76
C VAL K 284 -7.29 -32.38 -3.15
N ALA K 285 -6.00 -32.22 -3.43
CA ALA K 285 -5.46 -32.61 -4.73
C ALA K 285 -5.81 -34.04 -5.12
N SER K 286 -5.53 -34.98 -4.23
CA SER K 286 -5.76 -36.41 -4.43
C SER K 286 -7.09 -36.87 -5.01
N THR K 287 -8.17 -36.51 -4.33
CA THR K 287 -9.51 -36.89 -4.73
C THR K 287 -9.83 -36.35 -6.12
N ASN K 288 -9.45 -35.10 -6.36
CA ASN K 288 -9.69 -34.52 -7.67
C ASN K 288 -8.94 -35.30 -8.73
N ALA K 289 -7.73 -35.72 -8.40
CA ALA K 289 -6.91 -36.48 -9.33
C ALA K 289 -7.53 -37.82 -9.67
N VAL K 290 -8.14 -38.45 -8.67
CA VAL K 290 -8.74 -39.76 -8.88
C VAL K 290 -9.90 -39.71 -9.89
N ILE K 291 -10.89 -38.88 -9.62
CA ILE K 291 -12.05 -38.74 -10.49
C ILE K 291 -11.62 -38.24 -11.86
N ALA K 292 -10.81 -37.20 -11.87
CA ALA K 292 -10.34 -36.62 -13.13
C ALA K 292 -9.66 -37.68 -13.98
N ALA K 293 -8.95 -38.59 -13.31
CA ALA K 293 -8.24 -39.65 -13.99
C ALA K 293 -9.23 -40.65 -14.60
N VAL K 294 -10.34 -40.84 -13.90
CA VAL K 294 -11.37 -41.77 -14.37
C VAL K 294 -12.08 -41.19 -15.58
N CYS K 295 -12.63 -39.98 -15.39
CA CYS K 295 -13.36 -39.31 -16.44
C CYS K 295 -12.54 -39.18 -17.72
N ALA K 296 -11.23 -38.99 -17.54
CA ALA K 296 -10.29 -38.85 -18.65
C ALA K 296 -10.08 -40.18 -19.38
N THR K 297 -9.98 -41.26 -18.63
CA THR K 297 -9.81 -42.57 -19.27
C THR K 297 -11.05 -42.86 -20.12
N GLU K 298 -12.22 -42.39 -19.66
CA GLU K 298 -13.46 -42.58 -20.39
C GLU K 298 -13.48 -41.77 -21.67
N VAL K 299 -13.30 -40.46 -21.55
CA VAL K 299 -13.25 -39.61 -22.72
C VAL K 299 -12.40 -40.35 -23.76
N PHE K 300 -11.19 -40.74 -23.36
CA PHE K 300 -10.30 -41.46 -24.26
C PHE K 300 -10.92 -42.70 -24.90
N LYS K 301 -11.62 -43.51 -24.12
CA LYS K 301 -12.27 -44.73 -24.65
C LYS K 301 -13.24 -44.38 -25.77
N ILE K 302 -14.16 -43.46 -25.46
CA ILE K 302 -15.19 -43.01 -26.38
C ILE K 302 -14.68 -42.49 -27.70
N ALA K 303 -13.42 -42.08 -27.73
CA ALA K 303 -12.82 -41.54 -28.94
C ALA K 303 -12.12 -42.59 -29.77
N THR K 304 -11.48 -43.54 -29.09
CA THR K 304 -10.71 -44.59 -29.75
C THR K 304 -11.44 -45.93 -29.88
N SER K 305 -12.41 -46.15 -29.00
CA SER K 305 -13.13 -47.41 -28.99
C SER K 305 -12.07 -48.48 -28.74
N ALA K 306 -11.19 -48.22 -27.77
CA ALA K 306 -10.15 -49.16 -27.44
C ALA K 306 -10.75 -50.10 -26.42
N TYR K 307 -11.81 -49.62 -25.75
CA TYR K 307 -12.53 -50.39 -24.75
C TYR K 307 -13.97 -49.93 -24.66
N ILE K 308 -14.74 -50.63 -23.86
CA ILE K 308 -16.13 -50.28 -23.68
C ILE K 308 -16.23 -49.29 -22.49
N PRO K 309 -16.83 -48.12 -22.74
CA PRO K 309 -17.06 -47.00 -21.80
C PRO K 309 -17.90 -47.37 -20.57
N LEU K 310 -17.53 -46.94 -19.37
CA LEU K 310 -18.28 -47.31 -18.18
C LEU K 310 -19.78 -47.25 -18.37
N ASN K 311 -20.46 -48.42 -18.30
CA ASN K 311 -21.89 -48.32 -18.46
C ASN K 311 -22.19 -47.35 -17.30
N ASN K 312 -23.39 -47.09 -16.82
CA ASN K 312 -23.28 -45.90 -15.98
C ASN K 312 -22.45 -45.21 -14.92
N TYR K 313 -22.71 -45.42 -13.68
CA TYR K 313 -22.11 -44.61 -12.66
C TYR K 313 -20.91 -45.11 -11.79
N LEU K 314 -20.18 -44.20 -11.11
CA LEU K 314 -19.06 -44.64 -10.25
C LEU K 314 -18.71 -43.79 -9.02
N VAL K 315 -18.91 -44.33 -7.81
CA VAL K 315 -18.54 -43.59 -6.60
C VAL K 315 -17.16 -43.96 -6.11
N PHE K 316 -16.68 -43.20 -5.14
CA PHE K 316 -15.37 -43.41 -4.61
C PHE K 316 -15.22 -42.78 -3.25
N ASN K 317 -14.84 -43.59 -2.27
CA ASN K 317 -14.64 -43.08 -0.93
C ASN K 317 -13.21 -43.46 -0.52
N ASP K 318 -12.53 -42.51 0.10
CA ASP K 318 -11.16 -42.66 0.51
C ASP K 318 -11.06 -42.79 2.03
N VAL K 319 -12.02 -42.17 2.73
CA VAL K 319 -12.06 -42.14 4.18
C VAL K 319 -11.69 -43.41 4.94
N ASP K 320 -12.29 -44.53 4.54
CA ASP K 320 -12.00 -45.79 5.21
C ASP K 320 -11.48 -46.82 4.23
N GLY K 321 -10.21 -46.69 3.86
CA GLY K 321 -9.62 -47.61 2.91
C GLY K 321 -9.69 -47.05 1.51
N LEU K 322 -10.28 -47.80 0.58
CA LEU K 322 -10.42 -47.39 -0.80
C LEU K 322 -11.61 -48.11 -1.38
N TYR K 323 -12.74 -47.43 -1.43
CA TYR K 323 -13.93 -48.06 -1.94
C TYR K 323 -14.46 -47.39 -3.20
N THR K 324 -14.80 -48.21 -4.19
CA THR K 324 -15.39 -47.69 -5.42
C THR K 324 -16.52 -48.60 -5.84
N TYR K 325 -17.62 -48.00 -6.28
CA TYR K 325 -18.71 -48.80 -6.74
C TYR K 325 -19.16 -48.33 -8.09
N THR K 326 -19.06 -49.23 -9.05
CA THR K 326 -19.49 -48.95 -10.37
C THR K 326 -20.87 -49.55 -10.46
N PHE K 327 -21.73 -49.01 -11.31
CA PHE K 327 -23.06 -49.54 -11.51
C PHE K 327 -23.69 -48.90 -12.73
N GLU K 328 -24.94 -49.20 -13.04
CA GLU K 328 -25.53 -48.65 -14.25
C GLU K 328 -26.88 -47.98 -14.07
N ALA K 329 -26.84 -46.71 -13.68
CA ALA K 329 -28.04 -45.90 -13.45
C ALA K 329 -29.09 -46.13 -14.51
N GLU K 330 -30.34 -46.21 -14.07
CA GLU K 330 -31.47 -46.44 -14.96
C GLU K 330 -31.97 -45.16 -15.59
N ARG K 331 -32.22 -45.21 -16.90
CA ARG K 331 -32.73 -44.04 -17.63
C ARG K 331 -34.24 -43.93 -17.50
N LYS K 332 -34.68 -43.08 -16.57
CA LYS K 332 -36.10 -42.84 -16.33
C LYS K 332 -36.81 -42.45 -17.61
N GLU K 333 -37.60 -43.37 -18.18
CA GLU K 333 -38.32 -43.10 -19.41
C GLU K 333 -39.28 -41.92 -19.33
N ASN K 334 -39.56 -41.47 -18.10
CA ASN K 334 -40.45 -40.34 -17.86
C ASN K 334 -39.67 -39.11 -17.35
N CYS K 335 -38.46 -38.90 -17.88
CA CYS K 335 -37.63 -37.78 -17.46
C CYS K 335 -37.88 -36.54 -18.30
N PRO K 336 -38.09 -35.38 -17.63
CA PRO K 336 -38.35 -34.11 -18.33
C PRO K 336 -37.01 -33.62 -18.89
N ALA K 337 -36.38 -34.46 -19.72
CA ALA K 337 -35.10 -34.17 -20.31
C ALA K 337 -34.77 -35.21 -21.36
N CYS K 338 -34.66 -36.49 -20.96
CA CYS K 338 -34.36 -37.54 -21.92
C CYS K 338 -35.59 -37.80 -22.78
N SER K 339 -36.75 -37.77 -22.12
CA SER K 339 -38.06 -38.03 -22.71
C SER K 339 -38.27 -37.61 -24.15
N GLN K 340 -38.61 -38.60 -24.97
CA GLN K 340 -38.87 -38.40 -26.37
C GLN K 340 -40.02 -37.43 -26.55
N LEU K 341 -41.09 -37.61 -25.77
CA LEU K 341 -42.26 -36.75 -25.85
C LEU K 341 -42.68 -36.15 -24.51
N PRO K 342 -43.64 -35.20 -24.52
CA PRO K 342 -44.13 -34.53 -23.32
C PRO K 342 -44.31 -35.42 -22.11
N GLN K 343 -44.66 -34.79 -20.99
CA GLN K 343 -44.87 -35.52 -19.75
C GLN K 343 -46.31 -35.32 -19.32
N ASN K 344 -47.04 -36.42 -19.19
CA ASN K 344 -48.42 -36.34 -18.78
C ASN K 344 -48.48 -35.99 -17.31
N ILE K 345 -49.25 -34.95 -17.00
CA ILE K 345 -49.42 -34.53 -15.61
C ILE K 345 -50.91 -34.67 -15.33
N GLN K 346 -51.25 -35.19 -14.16
CA GLN K 346 -52.65 -35.38 -13.81
C GLN K 346 -53.19 -34.35 -12.84
N PHE K 347 -53.98 -33.42 -13.39
CA PHE K 347 -54.59 -32.36 -12.60
C PHE K 347 -56.09 -32.29 -12.87
N SER K 348 -56.89 -32.36 -11.80
CA SER K 348 -58.33 -32.27 -11.96
C SER K 348 -58.58 -30.80 -12.28
N PRO K 349 -59.45 -30.51 -13.26
CA PRO K 349 -59.79 -29.16 -13.69
C PRO K 349 -59.73 -28.19 -12.54
N SER K 350 -59.84 -28.76 -11.35
CA SER K 350 -59.81 -28.01 -10.13
C SER K 350 -58.61 -27.11 -9.85
N ALA K 351 -57.39 -27.60 -10.00
CA ALA K 351 -56.25 -26.80 -9.60
C ALA K 351 -55.97 -25.36 -10.00
N LYS K 352 -55.74 -24.62 -8.93
CA LYS K 352 -55.40 -23.22 -8.89
C LYS K 352 -54.00 -23.09 -9.54
N LEU K 353 -53.64 -21.90 -10.01
CA LEU K 353 -52.34 -21.73 -10.64
C LEU K 353 -51.25 -22.26 -9.73
N GLN K 354 -51.09 -21.63 -8.58
CA GLN K 354 -50.11 -21.97 -7.54
C GLN K 354 -49.93 -23.46 -7.23
N GLU K 355 -50.82 -24.30 -7.74
CA GLU K 355 -50.73 -25.73 -7.47
C GLU K 355 -49.85 -26.46 -8.46
N VAL K 356 -49.39 -25.76 -9.48
CA VAL K 356 -48.51 -26.37 -10.47
C VAL K 356 -47.19 -25.65 -10.33
N LEU K 357 -47.26 -24.44 -9.80
CA LEU K 357 -46.07 -23.65 -9.57
C LEU K 357 -45.33 -24.27 -8.39
N ASP K 358 -46.00 -25.18 -7.67
CA ASP K 358 -45.39 -25.85 -6.52
C ASP K 358 -45.14 -27.32 -6.81
N TYR K 359 -45.61 -27.78 -7.98
CA TYR K 359 -45.42 -29.16 -8.40
C TYR K 359 -44.08 -29.24 -9.09
N LEU K 360 -43.91 -28.36 -10.08
CA LEU K 360 -42.65 -28.32 -10.81
C LEU K 360 -41.57 -27.91 -9.81
N THR K 361 -41.88 -26.88 -9.03
CA THR K 361 -40.95 -26.35 -8.04
C THR K 361 -40.52 -27.27 -6.89
N ASN K 362 -41.48 -27.96 -6.26
CA ASN K 362 -41.15 -28.80 -5.11
C ASN K 362 -41.11 -30.32 -5.30
N SER K 363 -41.61 -30.85 -6.40
CA SER K 363 -41.59 -32.30 -6.60
C SER K 363 -40.17 -32.79 -6.86
N ALA K 364 -39.63 -33.55 -5.91
CA ALA K 364 -38.28 -34.10 -6.01
C ALA K 364 -37.98 -34.74 -7.36
N SER K 365 -39.02 -35.24 -8.03
CA SER K 365 -38.87 -35.89 -9.33
C SER K 365 -38.02 -35.07 -10.30
N LEU K 366 -38.09 -33.74 -10.17
CA LEU K 366 -37.35 -32.82 -11.02
C LEU K 366 -37.57 -31.42 -10.49
N GLN K 367 -36.88 -31.09 -9.41
CA GLN K 367 -37.01 -29.77 -8.81
C GLN K 367 -36.65 -28.73 -9.84
N MET K 368 -37.23 -27.55 -9.71
CA MET K 368 -36.97 -26.45 -10.62
C MET K 368 -36.85 -25.20 -9.79
N LYS K 369 -35.90 -24.34 -10.15
CA LYS K 369 -35.71 -23.10 -9.41
C LYS K 369 -36.95 -22.25 -9.67
N SER K 370 -36.84 -21.22 -10.50
CA SER K 370 -37.99 -20.36 -10.79
C SER K 370 -38.57 -20.62 -12.17
N PRO K 371 -39.45 -21.62 -12.30
CA PRO K 371 -40.10 -22.01 -13.56
C PRO K 371 -41.12 -21.01 -14.07
N ALA K 372 -41.40 -21.12 -15.36
CA ALA K 372 -42.35 -20.26 -16.01
C ALA K 372 -43.18 -21.11 -16.96
N ILE K 373 -44.49 -21.08 -16.79
CA ILE K 373 -45.38 -21.86 -17.64
C ILE K 373 -46.01 -20.93 -18.66
N THR K 374 -46.20 -21.44 -19.87
CA THR K 374 -46.81 -20.69 -20.97
C THR K 374 -47.60 -21.67 -21.81
N ALA K 375 -48.66 -21.19 -22.44
CA ALA K 375 -49.49 -22.06 -23.25
C ALA K 375 -50.12 -21.35 -24.45
N THR K 376 -51.11 -22.01 -25.06
CA THR K 376 -51.83 -21.48 -26.22
C THR K 376 -53.32 -21.21 -25.96
N LEU K 377 -53.72 -19.97 -26.20
CA LEU K 377 -55.10 -19.51 -26.04
C LEU K 377 -55.54 -18.86 -27.36
N GLU K 378 -55.83 -19.70 -28.34
CA GLU K 378 -56.26 -19.26 -29.67
C GLU K 378 -55.19 -18.41 -30.36
N GLY K 379 -54.12 -19.07 -30.79
CA GLY K 379 -53.01 -18.40 -31.46
C GLY K 379 -52.08 -17.64 -30.52
N LYS K 380 -52.63 -16.60 -29.87
CA LYS K 380 -51.89 -15.75 -28.94
C LYS K 380 -51.36 -16.48 -27.72
N ASN K 381 -50.13 -16.99 -27.83
CA ASN K 381 -49.46 -17.73 -26.74
C ASN K 381 -49.33 -16.86 -25.49
N ARG K 382 -50.16 -17.14 -24.49
CA ARG K 382 -50.17 -16.38 -23.26
C ARG K 382 -49.23 -16.97 -22.21
N THR K 383 -48.40 -16.11 -21.63
CA THR K 383 -47.47 -16.49 -20.59
C THR K 383 -48.28 -16.70 -19.30
N LEU K 384 -48.89 -17.88 -19.18
CA LEU K 384 -49.70 -18.20 -18.01
C LEU K 384 -49.13 -17.53 -16.76
N TYR K 385 -47.81 -17.62 -16.60
CA TYR K 385 -47.10 -17.01 -15.48
C TYR K 385 -45.60 -17.01 -15.76
N LEU K 386 -44.85 -16.23 -14.98
CA LEU K 386 -43.40 -16.16 -15.16
C LEU K 386 -42.73 -15.66 -13.89
N GLN K 387 -41.49 -16.12 -13.67
CA GLN K 387 -40.73 -15.74 -12.48
C GLN K 387 -39.42 -15.00 -12.77
N SER K 388 -39.10 -14.77 -14.05
CA SER K 388 -37.88 -14.06 -14.41
C SER K 388 -37.88 -12.60 -13.96
N VAL K 389 -38.07 -11.68 -14.90
CA VAL K 389 -38.10 -10.25 -14.60
C VAL K 389 -39.35 -9.79 -13.86
N THR K 390 -39.16 -8.94 -12.86
CA THR K 390 -40.28 -8.41 -12.05
C THR K 390 -41.44 -7.98 -12.94
N SER K 391 -41.10 -7.48 -14.13
CA SER K 391 -42.09 -7.00 -15.10
C SER K 391 -43.25 -7.97 -15.30
N ILE K 392 -43.03 -9.00 -16.10
CA ILE K 392 -44.07 -9.99 -16.38
C ILE K 392 -44.53 -10.69 -15.11
N GLU K 393 -43.68 -10.68 -14.08
CA GLU K 393 -44.01 -11.32 -12.80
C GLU K 393 -45.28 -10.72 -12.25
N GLU K 394 -45.20 -9.46 -11.82
CA GLU K 394 -46.35 -8.75 -11.29
C GLU K 394 -47.45 -8.94 -12.33
N ARG K 395 -47.05 -8.87 -13.60
CA ARG K 395 -48.14 -9.07 -14.57
C ARG K 395 -48.41 -10.51 -14.81
N THR K 396 -47.79 -11.48 -14.23
CA THR K 396 -48.63 -12.53 -14.58
C THR K 396 -49.24 -13.05 -13.33
N ARG K 397 -48.53 -12.75 -12.23
CA ARG K 397 -48.83 -13.17 -10.86
C ARG K 397 -50.21 -13.59 -10.38
N PRO K 398 -51.19 -12.70 -10.39
CA PRO K 398 -52.51 -13.13 -9.92
C PRO K 398 -52.97 -14.47 -10.51
N ASN K 399 -52.64 -14.73 -11.78
CA ASN K 399 -52.99 -15.97 -12.48
C ASN K 399 -52.85 -17.24 -11.64
N LEU K 400 -52.04 -17.15 -10.59
CA LEU K 400 -51.81 -18.27 -9.69
C LEU K 400 -53.04 -18.47 -8.80
N SER K 401 -54.20 -18.10 -9.33
CA SER K 401 -55.46 -18.22 -8.62
C SER K 401 -56.50 -18.79 -9.59
N LYS K 402 -56.51 -18.29 -10.82
CA LYS K 402 -57.45 -18.77 -11.82
C LYS K 402 -57.18 -20.24 -12.13
N THR K 403 -58.16 -21.09 -11.87
CA THR K 403 -57.99 -22.52 -12.11
C THR K 403 -57.59 -22.76 -13.56
N LEU K 404 -57.29 -24.01 -13.89
CA LEU K 404 -56.87 -24.37 -15.23
C LEU K 404 -57.89 -23.98 -16.29
N LYS K 405 -58.99 -24.74 -16.36
CA LYS K 405 -60.05 -24.49 -17.32
C LYS K 405 -60.46 -23.01 -17.36
N GLU K 406 -60.46 -22.36 -16.19
CA GLU K 406 -60.83 -20.96 -16.09
C GLU K 406 -59.87 -20.04 -16.86
N LEU K 407 -58.82 -20.62 -17.40
CA LEU K 407 -57.83 -19.85 -18.16
C LEU K 407 -57.65 -20.38 -19.58
N GLY K 408 -58.76 -20.73 -20.23
CA GLY K 408 -58.71 -21.23 -21.59
C GLY K 408 -57.94 -22.53 -21.74
N LEU K 409 -57.65 -23.17 -20.60
CA LEU K 409 -56.91 -24.44 -20.59
C LEU K 409 -57.76 -25.64 -20.96
N VAL K 410 -57.78 -25.98 -22.24
CA VAL K 410 -58.54 -27.14 -22.68
C VAL K 410 -57.82 -28.33 -22.07
N ASP K 411 -58.35 -29.53 -22.30
CA ASP K 411 -57.70 -30.71 -21.77
C ASP K 411 -57.00 -31.41 -22.95
N GLY K 412 -55.77 -31.85 -22.73
CA GLY K 412 -55.02 -32.51 -23.79
C GLY K 412 -53.92 -31.65 -24.38
N GLN K 413 -54.13 -30.34 -24.41
CA GLN K 413 -53.13 -29.40 -24.94
C GLN K 413 -51.86 -29.43 -24.08
N GLU K 414 -50.72 -29.10 -24.70
CA GLU K 414 -49.43 -29.11 -24.02
C GLU K 414 -49.11 -27.80 -23.29
N LEU K 415 -47.88 -27.73 -22.78
CA LEU K 415 -47.43 -26.54 -22.08
C LEU K 415 -45.93 -26.35 -22.23
N ALA K 416 -45.49 -25.10 -22.21
CA ALA K 416 -44.09 -24.79 -22.33
C ALA K 416 -43.62 -24.30 -20.98
N VAL K 417 -42.61 -24.95 -20.42
CA VAL K 417 -42.06 -24.53 -19.14
C VAL K 417 -40.58 -24.34 -19.38
N ALA K 418 -40.07 -23.22 -18.90
CA ALA K 418 -38.67 -22.92 -19.07
C ALA K 418 -38.15 -22.57 -17.70
N ASP K 419 -36.93 -23.00 -17.43
CA ASP K 419 -36.35 -22.69 -16.15
C ASP K 419 -34.91 -22.27 -16.37
N VAL K 420 -34.33 -21.65 -15.34
CA VAL K 420 -32.95 -21.18 -15.35
C VAL K 420 -31.98 -22.35 -15.20
N THR K 421 -32.53 -23.53 -14.94
CA THR K 421 -31.75 -24.74 -14.76
C THR K 421 -31.45 -25.44 -16.07
N THR K 422 -32.12 -25.05 -17.13
CA THR K 422 -31.88 -25.67 -18.43
C THR K 422 -32.26 -24.74 -19.56
N PRO K 423 -31.52 -24.81 -20.68
CA PRO K 423 -31.72 -24.00 -21.88
C PRO K 423 -32.91 -24.40 -22.76
N GLN K 424 -33.21 -25.68 -22.78
CA GLN K 424 -34.30 -26.19 -23.60
C GLN K 424 -35.64 -26.07 -22.89
N THR K 425 -36.70 -25.80 -23.66
CA THR K 425 -38.02 -25.67 -23.08
C THR K 425 -38.63 -27.05 -22.94
N VAL K 426 -39.03 -27.37 -21.72
CA VAL K 426 -39.60 -28.67 -21.42
C VAL K 426 -41.11 -28.70 -21.66
N LEU K 427 -41.55 -29.77 -22.33
CA LEU K 427 -42.97 -29.94 -22.66
C LEU K 427 -43.71 -30.92 -21.73
N PHE K 428 -45.04 -30.92 -21.86
CA PHE K 428 -45.90 -31.79 -21.07
C PHE K 428 -47.19 -32.03 -21.86
N LYS K 429 -48.21 -32.56 -21.18
CA LYS K 429 -49.54 -32.82 -21.77
C LYS K 429 -50.52 -32.80 -20.62
N LEU K 430 -51.24 -31.68 -20.48
CA LEU K 430 -52.19 -31.52 -19.40
C LEU K 430 -53.34 -32.53 -19.45
N HIS K 431 -53.56 -33.20 -18.32
CA HIS K 431 -54.65 -34.17 -18.22
C HIS K 431 -55.53 -33.94 -17.00
N PHE K 432 -56.80 -33.68 -17.29
CA PHE K 432 -57.82 -33.44 -16.28
C PHE K 432 -58.44 -34.76 -15.88
N THR K 433 -58.53 -34.97 -14.57
CA THR K 433 -59.11 -36.17 -14.02
C THR K 433 -59.63 -35.81 -12.63
N GLY L 11 -38.32 -60.81 11.54
CA GLY L 11 -39.18 -60.78 10.27
C GLY L 11 -38.28 -61.42 9.27
N SER L 12 -38.85 -62.31 8.45
CA SER L 12 -37.88 -62.88 7.62
C SER L 12 -37.76 -63.19 6.21
N MET L 13 -36.62 -62.60 5.89
CA MET L 13 -35.92 -62.56 4.65
C MET L 13 -34.78 -61.71 5.23
N LEU L 14 -33.58 -62.16 4.93
CA LEU L 14 -32.36 -61.53 5.36
C LEU L 14 -31.58 -61.08 4.14
N ILE L 15 -31.14 -59.82 4.15
CA ILE L 15 -30.37 -59.28 3.05
C ILE L 15 -29.21 -58.39 3.49
N LYS L 16 -28.18 -58.35 2.64
CA LYS L 16 -26.99 -57.55 2.90
C LYS L 16 -27.15 -56.20 2.20
N VAL L 17 -26.44 -55.19 2.68
CA VAL L 17 -26.46 -53.86 2.08
C VAL L 17 -25.09 -53.22 2.34
N LYS L 18 -24.32 -53.02 1.28
CA LYS L 18 -22.98 -52.42 1.40
C LYS L 18 -23.00 -50.92 1.65
N THR L 19 -22.40 -50.53 2.76
CA THR L 19 -22.32 -49.12 3.15
C THR L 19 -21.49 -48.35 2.14
N LEU L 20 -21.30 -47.07 2.40
CA LEU L 20 -20.54 -46.24 1.50
C LEU L 20 -19.03 -46.49 1.57
N THR L 21 -18.63 -47.44 2.41
CA THR L 21 -17.22 -47.73 2.56
C THR L 21 -16.92 -49.20 2.30
N GLY L 22 -17.88 -49.89 1.69
CA GLY L 22 -17.70 -51.30 1.39
C GLY L 22 -18.13 -52.24 2.49
N LYS L 23 -18.38 -51.71 3.68
CA LYS L 23 -18.82 -52.50 4.84
C LYS L 23 -20.18 -53.11 4.61
N GLU L 24 -20.28 -54.42 4.74
CA GLU L 24 -21.54 -55.12 4.54
C GLU L 24 -22.24 -55.31 5.87
N ILE L 25 -23.57 -55.21 5.86
CA ILE L 25 -24.38 -55.40 7.05
C ILE L 25 -25.71 -56.04 6.66
N GLU L 26 -26.11 -57.08 7.38
CA GLU L 26 -27.38 -57.76 7.09
C GLU L 26 -28.53 -57.19 7.92
N ILE L 27 -29.74 -57.34 7.42
CA ILE L 27 -30.94 -56.89 8.11
C ILE L 27 -32.09 -57.85 7.77
N ASP L 28 -33.19 -57.76 8.50
CA ASP L 28 -34.33 -58.63 8.26
C ASP L 28 -35.55 -57.85 7.82
N ILE L 29 -35.98 -58.12 6.59
CA ILE L 29 -37.12 -57.43 6.02
C ILE L 29 -38.05 -58.31 5.22
N GLU L 30 -39.24 -58.56 5.78
CA GLU L 30 -40.11 -59.38 5.09
C GLU L 30 -40.60 -58.54 3.91
N PRO L 31 -40.76 -59.19 2.75
CA PRO L 31 -41.16 -58.55 1.53
C PRO L 31 -41.69 -57.19 1.51
N THR L 32 -42.88 -56.89 1.99
CA THR L 32 -43.16 -55.52 1.81
C THR L 32 -42.82 -54.43 2.79
N ASP L 33 -41.68 -54.45 3.42
CA ASP L 33 -41.45 -53.27 4.26
C ASP L 33 -41.02 -52.24 3.22
N LYS L 34 -41.63 -51.06 3.25
CA LYS L 34 -41.26 -50.06 2.29
C LYS L 34 -39.73 -49.90 2.40
N VAL L 35 -39.11 -49.42 1.34
CA VAL L 35 -37.67 -49.20 1.36
C VAL L 35 -37.43 -48.22 2.49
N GLU L 36 -38.36 -47.28 2.62
CA GLU L 36 -38.33 -46.25 3.64
C GLU L 36 -37.90 -46.81 4.99
N ARG L 37 -38.20 -48.09 5.21
CA ARG L 37 -37.87 -48.76 6.47
C ARG L 37 -36.54 -49.50 6.36
N ILE L 38 -36.28 -50.04 5.16
CA ILE L 38 -35.04 -50.74 4.91
C ILE L 38 -33.97 -49.74 5.29
N LYS L 39 -34.32 -48.46 5.17
CA LYS L 39 -33.44 -47.35 5.50
C LYS L 39 -33.51 -47.00 6.97
N GLU L 40 -34.28 -47.76 7.74
CA GLU L 40 -34.39 -47.49 9.16
C GLU L 40 -33.62 -48.56 9.88
N ARG L 41 -33.64 -49.76 9.31
CA ARG L 41 -32.93 -50.90 9.88
C ARG L 41 -31.45 -50.58 9.70
N VAL L 42 -31.16 -49.85 8.63
CA VAL L 42 -29.81 -49.44 8.28
C VAL L 42 -29.33 -48.29 9.17
N GLU L 43 -30.24 -47.37 9.49
CA GLU L 43 -29.89 -46.25 10.35
C GLU L 43 -29.68 -46.77 11.77
N GLU L 44 -30.30 -47.92 12.06
CA GLU L 44 -30.22 -48.51 13.38
C GLU L 44 -28.88 -49.15 13.73
N LYS L 45 -28.14 -49.60 12.72
CA LYS L 45 -26.84 -50.22 12.97
C LYS L 45 -25.66 -49.31 12.70
N GLU L 46 -25.83 -48.37 11.77
CA GLU L 46 -24.72 -47.49 11.41
C GLU L 46 -24.88 -46.03 11.77
N GLY L 47 -26.12 -45.61 12.03
CA GLY L 47 -26.35 -44.22 12.37
C GLY L 47 -26.34 -43.32 11.14
N ILE L 48 -26.68 -43.89 9.99
CA ILE L 48 -26.73 -43.15 8.73
C ILE L 48 -28.12 -42.52 8.53
N PRO L 49 -28.27 -41.21 8.80
CA PRO L 49 -29.57 -40.57 8.62
C PRO L 49 -30.21 -40.96 7.27
N PRO L 50 -31.44 -41.51 7.29
CA PRO L 50 -32.14 -41.93 6.06
C PRO L 50 -32.21 -40.89 4.95
N GLN L 51 -32.37 -39.63 5.33
CA GLN L 51 -32.45 -38.53 4.37
C GLN L 51 -31.34 -38.65 3.33
N GLN L 52 -30.14 -39.01 3.77
CA GLN L 52 -29.01 -39.12 2.86
C GLN L 52 -28.67 -40.53 2.39
N GLN L 53 -29.64 -41.44 2.47
CA GLN L 53 -29.38 -42.80 2.03
C GLN L 53 -29.93 -43.04 0.63
N ARG L 54 -29.04 -43.45 -0.28
CA ARG L 54 -29.44 -43.75 -1.65
C ARG L 54 -29.15 -45.22 -1.87
N LEU L 55 -30.20 -46.04 -1.85
CA LEU L 55 -30.04 -47.47 -2.03
C LEU L 55 -30.21 -47.92 -3.48
N ILE L 56 -29.21 -48.63 -3.98
CA ILE L 56 -29.25 -49.10 -5.35
C ILE L 56 -29.20 -50.61 -5.48
N TYR L 57 -30.26 -51.17 -6.07
CA TYR L 57 -30.31 -52.60 -6.32
C TYR L 57 -30.55 -52.76 -7.82
N SER L 58 -29.81 -53.68 -8.43
CA SER L 58 -29.94 -53.96 -9.85
C SER L 58 -30.02 -52.70 -10.73
N GLY L 59 -29.36 -51.61 -10.31
CA GLY L 59 -29.37 -50.40 -11.11
C GLY L 59 -30.42 -49.39 -10.70
N LYS L 60 -31.64 -49.86 -10.48
CA LYS L 60 -32.73 -48.98 -10.06
C LYS L 60 -32.36 -48.47 -8.68
N GLN L 61 -32.78 -47.26 -8.37
CA GLN L 61 -32.48 -46.72 -7.06
C GLN L 61 -33.72 -46.71 -6.17
N MET L 62 -33.70 -47.56 -5.14
CA MET L 62 -34.80 -47.68 -4.19
C MET L 62 -35.58 -46.42 -3.88
N ASN L 63 -36.88 -46.48 -4.14
CA ASN L 63 -37.79 -45.38 -3.88
C ASN L 63 -38.39 -45.63 -2.51
N ASP L 64 -38.16 -44.70 -1.58
CA ASP L 64 -38.66 -44.82 -0.22
C ASP L 64 -40.12 -45.21 -0.11
N GLU L 65 -40.83 -45.25 -1.23
CA GLU L 65 -42.24 -45.59 -1.22
C GLU L 65 -42.59 -47.01 -1.62
N LYS L 66 -41.85 -47.57 -2.56
CA LYS L 66 -42.09 -48.93 -3.03
C LYS L 66 -41.58 -49.98 -2.05
N THR L 67 -42.26 -51.12 -2.01
CA THR L 67 -41.89 -52.18 -1.11
C THR L 67 -40.69 -52.99 -1.58
N ALA L 68 -39.89 -53.46 -0.63
CA ALA L 68 -38.72 -54.25 -0.94
C ALA L 68 -39.03 -55.34 -1.97
N ALA L 69 -40.28 -55.77 -2.00
CA ALA L 69 -40.70 -56.80 -2.94
C ALA L 69 -40.75 -56.21 -4.33
N ASP L 70 -41.21 -54.97 -4.41
CA ASP L 70 -41.31 -54.27 -5.69
C ASP L 70 -40.04 -54.45 -6.52
N TYR L 71 -38.88 -54.28 -5.90
CA TYR L 71 -37.62 -54.37 -6.61
C TYR L 71 -37.03 -55.77 -6.77
N LYS L 72 -37.80 -56.79 -6.43
CA LYS L 72 -37.33 -58.17 -6.55
C LYS L 72 -36.20 -58.52 -5.59
N ILE L 73 -36.23 -57.91 -4.40
CA ILE L 73 -35.23 -58.16 -3.38
C ILE L 73 -35.55 -59.48 -2.71
N LEU L 74 -34.64 -60.45 -2.81
CA LEU L 74 -34.87 -61.77 -2.22
C LEU L 74 -33.67 -62.32 -1.44
N GLY L 75 -33.83 -62.41 -0.12
CA GLY L 75 -32.79 -62.94 0.75
C GLY L 75 -31.33 -62.81 0.35
N GLY L 76 -30.89 -63.62 -0.61
CA GLY L 76 -29.51 -63.57 -1.05
C GLY L 76 -29.12 -62.41 -1.95
N SER L 77 -29.79 -61.27 -1.78
CA SER L 77 -29.52 -60.08 -2.59
C SER L 77 -28.84 -58.99 -1.76
N VAL L 78 -27.89 -58.29 -2.38
CA VAL L 78 -27.15 -57.23 -1.72
C VAL L 78 -27.48 -55.85 -2.28
N LEU L 79 -27.66 -54.88 -1.39
CA LEU L 79 -27.98 -53.52 -1.80
C LEU L 79 -26.75 -52.63 -1.60
N HIS L 80 -26.56 -51.66 -2.48
CA HIS L 80 -25.41 -50.75 -2.40
C HIS L 80 -25.78 -49.28 -2.21
N LEU L 81 -25.34 -48.69 -1.11
CA LEU L 81 -25.60 -47.27 -0.87
C LEU L 81 -24.63 -46.48 -1.73
N VAL L 82 -25.14 -45.53 -2.49
CA VAL L 82 -24.29 -44.74 -3.37
C VAL L 82 -24.43 -43.26 -3.00
N LEU L 83 -23.79 -42.39 -3.79
CA LEU L 83 -23.85 -40.95 -3.52
C LEU L 83 -23.35 -40.12 -4.71
N ARG L 84 -23.82 -38.89 -4.83
CA ARG L 84 -23.37 -38.02 -5.93
C ARG L 84 -22.93 -36.74 -5.30
N LEU L 85 -21.75 -36.25 -5.66
CA LEU L 85 -21.21 -35.02 -5.08
C LEU L 85 -21.17 -33.81 -6.02
N ARG L 86 -21.25 -32.62 -5.42
CA ARG L 86 -21.30 -31.38 -6.18
C ARG L 86 -20.02 -30.67 -6.56
N GLY L 87 -19.15 -30.40 -5.59
CA GLY L 87 -17.91 -29.70 -5.86
C GLY L 87 -17.02 -30.23 -6.97
N GLY L 88 -15.92 -29.54 -7.25
CA GLY L 88 -15.01 -30.00 -8.30
C GLY L 88 -13.85 -29.10 -8.70
ZN ZN M . 30.49 39.11 17.43
ZN ZN N . -5.05 32.76 39.34
ZN ZN O . -34.60 -0.90 -38.66
ZN ZN P . -33.38 -37.93 -18.59
#